data_9AU2
#
_entry.id   9AU2
#
loop_
_entity.id
_entity.type
_entity.pdbx_description
1 polymer 'VIR-7229 Fab heavy chain'
2 polymer 'VIR-7229 Fab light chain'
3 polymer 'Spike glycoprotein'
4 branched 2-acetamido-2-deoxy-beta-D-glucopyranose-(1-4)-2-acetamido-2-deoxy-beta-D-glucopyranose
5 non-polymer 2-acetamido-2-deoxy-beta-D-glucopyranose
#
loop_
_entity_poly.entity_id
_entity_poly.type
_entity_poly.pdbx_seq_one_letter_code
_entity_poly.pdbx_strand_id
1 'polypeptide(L)'
;EVQLVESGGSVVQPGRALRLSCAASGITFSSFGMYWVRQAPGKGLEWLGYIAYDGSDTYYADSVKGRFTISRDNSKNTLY
LQMNSLRIEDTAVYYCAKDYYPLLSYYYGLDVWGQGTTVTVSSASTKGPSVFPLAPSSKSTSGGTAALGCLVKDYFPEPV
TVSWNSGALTSGVHTFPAVLQSSGLYSLSSVVTVPSSSLGTQTYICNVNHKPSNTKVDKKVEPKSC
;
D,F
2 'polypeptide(L)'
;QSVLTQPRSVSGSPGQSVTISCTGTSSDVGAYNYVSWYQQHPGKAPKFMIYDVDQRPSGVPDRFSGSKSGNTASLIISGL
QAEDEADYYCSSYAGSYIWVFGGGTQLTVLGQPKAAPSVTLFPPSSEELQANKATLVCLISDFYPGAVTVAWKADSSPVK
AGVETTTPSKQSNNKYAASSYLSLTPEQWKSHRSYSCQVTHEGSTVEKTVAPTECS
;
I,J
3 'polypeptide(L)'
;MFVFLVLLPLVSSQCVMPLFNLITTTQSYTNSFTRGVYYPDKVFRSSVLHLTQDLFLPFFSNVTWFHAISGTNGTKRFDN
PVLPFNDGVYFASTEKSNIIRGWIFGTTLDSKTQSLLIVNNATNVFIKVCEFQFCNDPFLDVYHKNNKSWMESESGVYSS
ANNCTFEYVSQPFLMDLEGKQGNFKNLREFVFKNIDGYFKIYSKHTPIIGRDFPQGFSALEPLVDLPIGINITRFQTLLA
LNRSYLTPGDSSSGWTAGAADYYVGYLQPRTFLLKYNENGTITDAVDCALDPLSETKCTLKSFTVEKGIYQTSNFRVQPT
ESIVRFPNVTNLCPFHEVFNATRFASVYAWNRTRISNCVADYSVLYNFAPFFAFKCYGVSPTKLNDLCFTNVYADSFVIK
GNEVSQIAPGQTGNIADYNYKLPDDFTGCVIAWNSNKLDSKHSGNYDYWYRLFRKSKLKPFERDISTEIYQAGNKPCKGK
GPNCYFPLQSYGFRPTYGVGHQPYRVVVLSFELLHAPATVCGPKKSTNLVKNKCVNFNFNGLTGTGVLTKSNKKFLPFQQ
FGRDIVDTTDAVRDPQTLEILDITPCSFGGVSVITPGTNTSNQVAVLYQGVNCTEVSVAIHADQLTPTWRVYSTGSNVFQ
TRAGCLIGAEYVNNSYECDIPIGAGVCASYQTQTKSRGSASSVASQSIIAYTMSLGAENSVAYSNNSIAIPTNFTISVTT
EILPVSMTKTSVDCTMYICGDSTECSNLLLQYGSFCTQLKRALTGIAVEQDKNTQEVFAQVKQIYKTPPIKYFGGFNFSQ
ILPDPSKPSKRSPIEDLLFNKVTLADAGFIKQYGDCLGDIAARDLICAQKFNGLTVLPPLLTDEMIAQYTSALLAGTITS
GWTFGAGPALQIPFPMQMAYRFNGIGVTQNVLYENQKLIANQFNSAIGKIQDSLFSTPSALGKLQDVVNHNAQALNTLVK
QLSSKFGAISSVLNDILSRLDPPEAEVQIDRLITGRLQSLQTYVTQQLIRAAEIRASANLAATKMSECVLGQSKRVDFCG
KGYHLMSFPQSAPHGVVFLHVTYVPAQEKNFTTAPAICHDGKAHFPREGVFVSNGTHWFVTQRNFYEPQIITTDNTFVSG
NCDVVIGIVNNTVYDPLQLELDSFKEELDKYFKNHTSPDVDLGDISGINASVVNIQKEIDRLNEVAKNLNESLIDLQELG
KYEQGSGYIPEAPRDGQAYVRKDGEWVLLSTFLGRSLEVLFQGPGSGGLNDIFEAQKIEWHEGSGHHHHHHHH
;
A,B,C
#
# COMPACT_ATOMS: atom_id res chain seq x y z
N VAL A 2 22.69 58.51 70.58
CA VAL A 2 22.68 57.22 71.26
C VAL A 2 24.10 56.81 71.62
N GLN A 3 24.55 57.22 72.81
CA GLN A 3 25.89 56.89 73.26
C GLN A 3 26.02 55.40 73.53
N LEU A 4 27.18 54.85 73.17
CA LEU A 4 27.47 53.43 73.36
C LEU A 4 28.59 53.28 74.38
N VAL A 5 28.35 52.47 75.40
CA VAL A 5 29.34 52.19 76.45
C VAL A 5 29.72 50.72 76.35
N GLU A 6 30.99 50.47 76.05
CA GLU A 6 31.51 49.13 75.86
C GLU A 6 32.33 48.73 77.08
N SER A 7 32.09 47.52 77.59
CA SER A 7 32.79 46.99 78.75
C SER A 7 33.11 45.53 78.49
N GLY A 8 33.57 44.85 79.54
CA GLY A 8 33.91 43.44 79.45
C GLY A 8 35.35 43.15 79.05
N GLY A 9 36.12 44.18 78.70
CA GLY A 9 37.51 43.95 78.34
C GLY A 9 38.32 43.47 79.53
N SER A 10 39.10 42.42 79.31
CA SER A 10 39.92 41.84 80.38
C SER A 10 41.04 41.03 79.74
N VAL A 11 42.01 40.66 80.57
CA VAL A 11 43.16 39.88 80.13
C VAL A 11 42.93 38.42 80.48
N VAL A 12 43.04 37.55 79.48
CA VAL A 12 42.82 36.11 79.65
C VAL A 12 43.91 35.35 78.91
N GLN A 13 44.05 34.08 79.26
CA GLN A 13 45.01 33.21 78.58
C GLN A 13 44.54 32.92 77.16
N PRO A 14 45.47 32.66 76.24
CA PRO A 14 45.08 32.34 74.86
C PRO A 14 44.28 31.05 74.81
N GLY A 15 43.34 30.99 73.87
CA GLY A 15 42.45 29.87 73.73
C GLY A 15 41.18 29.96 74.55
N ARG A 16 41.02 30.99 75.37
CA ARG A 16 39.83 31.17 76.19
C ARG A 16 38.76 31.92 75.40
N ALA A 17 37.53 31.84 75.91
CA ALA A 17 36.39 32.51 75.29
C ALA A 17 36.05 33.76 76.08
N LEU A 18 35.99 34.90 75.38
CA LEU A 18 35.69 36.19 75.97
C LEU A 18 34.52 36.83 75.25
N ARG A 19 33.61 37.42 76.02
CA ARG A 19 32.44 38.09 75.49
C ARG A 19 32.56 39.60 75.70
N LEU A 20 32.36 40.36 74.63
CA LEU A 20 32.42 41.81 74.68
C LEU A 20 31.00 42.35 74.50
N SER A 21 30.53 43.11 75.50
CA SER A 21 29.18 43.65 75.50
C SER A 21 29.23 45.16 75.53
N CYS A 22 28.43 45.80 74.68
CA CYS A 22 28.32 47.25 74.61
C CYS A 22 26.87 47.65 74.80
N ALA A 23 26.63 48.63 75.67
CA ALA A 23 25.29 49.06 76.03
C ALA A 23 24.98 50.39 75.36
N ALA A 24 23.80 50.48 74.74
CA ALA A 24 23.35 51.67 74.06
C ALA A 24 22.62 52.61 75.03
N SER A 25 22.39 53.83 74.58
CA SER A 25 21.68 54.83 75.36
C SER A 25 20.27 54.99 74.82
N GLY A 26 19.28 54.86 75.69
CA GLY A 26 17.90 55.02 75.28
C GLY A 26 17.24 53.70 74.92
N ILE A 27 16.32 53.74 73.96
CA ILE A 27 15.62 52.55 73.49
C ILE A 27 15.72 52.48 71.98
N THR A 28 16.70 53.16 71.41
CA THR A 28 16.88 53.24 69.96
C THR A 28 17.80 52.17 69.42
N PHE A 29 18.31 51.26 70.27
CA PHE A 29 19.18 50.19 69.78
C PHE A 29 18.42 49.26 68.84
N SER A 30 17.16 48.95 69.17
CA SER A 30 16.35 48.09 68.32
C SER A 30 15.90 48.77 67.04
N SER A 31 16.04 50.09 66.95
CA SER A 31 15.62 50.86 65.78
C SER A 31 16.73 51.04 64.75
N PHE A 32 17.93 50.55 65.03
CA PHE A 32 19.06 50.70 64.11
C PHE A 32 19.96 49.49 64.23
N GLY A 33 20.76 49.26 63.19
CA GLY A 33 21.67 48.13 63.18
C GLY A 33 22.88 48.33 64.08
N MET A 34 23.64 47.26 64.23
CA MET A 34 24.85 47.27 65.05
C MET A 34 26.00 46.62 64.29
N TYR A 35 27.21 47.13 64.52
CA TYR A 35 28.40 46.61 63.88
C TYR A 35 29.54 46.55 64.89
N TRP A 36 30.48 45.65 64.65
CA TRP A 36 31.63 45.45 65.53
C TRP A 36 32.91 45.77 64.77
N VAL A 37 33.80 46.51 65.41
CA VAL A 37 35.08 46.88 64.82
C VAL A 37 36.18 46.72 65.87
N ARG A 38 37.31 46.19 65.46
CA ARG A 38 38.46 45.98 66.34
C ARG A 38 39.64 46.81 65.85
N GLN A 39 40.49 47.22 66.78
CA GLN A 39 41.65 48.06 66.49
C GLN A 39 42.87 47.46 67.18
N ALA A 40 43.72 46.79 66.39
CA ALA A 40 44.96 46.25 66.91
C ALA A 40 45.94 47.38 67.22
N PRO A 41 46.77 47.23 68.25
CA PRO A 41 47.76 48.27 68.57
C PRO A 41 48.79 48.40 67.46
N GLY A 42 49.04 49.63 67.03
CA GLY A 42 49.99 49.91 65.97
C GLY A 42 49.46 49.74 64.57
N LYS A 43 48.17 49.43 64.41
CA LYS A 43 47.55 49.24 63.10
C LYS A 43 46.26 50.04 63.04
N GLY A 44 45.56 49.90 61.92
CA GLY A 44 44.30 50.58 61.70
C GLY A 44 43.12 49.81 62.26
N LEU A 45 41.92 50.28 61.90
CA LEU A 45 40.69 49.65 62.34
C LEU A 45 40.31 48.50 61.42
N GLU A 46 39.81 47.42 62.01
CA GLU A 46 39.39 46.23 61.28
C GLU A 46 37.93 45.94 61.58
N TRP A 47 37.16 45.67 60.53
CA TRP A 47 35.75 45.35 60.68
C TRP A 47 35.59 43.91 61.17
N LEU A 48 34.76 43.72 62.19
CA LEU A 48 34.54 42.42 62.79
C LEU A 48 33.23 41.78 62.37
N GLY A 49 32.16 42.56 62.25
CA GLY A 49 30.87 42.01 61.88
C GLY A 49 29.79 43.06 62.01
N TYR A 50 28.58 42.64 61.64
CA TYR A 50 27.41 43.51 61.69
C TYR A 50 26.19 42.68 62.04
N ILE A 51 25.18 43.37 62.58
CA ILE A 51 23.92 42.75 62.96
C ILE A 51 22.77 43.61 62.45
N ALA A 52 21.74 42.95 61.92
CA ALA A 52 20.60 43.68 61.39
C ALA A 52 19.77 44.28 62.52
N TYR A 53 18.87 45.20 62.15
CA TYR A 53 18.00 45.83 63.13
C TYR A 53 17.08 44.82 63.80
N ASP A 54 16.58 43.85 63.03
CA ASP A 54 15.71 42.82 63.58
C ASP A 54 16.48 41.71 64.28
N GLY A 55 17.81 41.71 64.18
CA GLY A 55 18.62 40.68 64.83
C GLY A 55 18.64 39.35 64.11
N SER A 56 18.07 39.26 62.91
CA SER A 56 18.03 38.01 62.16
C SER A 56 19.20 37.89 61.19
N ASP A 57 19.48 38.95 60.43
CA ASP A 57 20.55 38.92 59.43
C ASP A 57 21.88 39.24 60.13
N THR A 58 22.76 38.25 60.18
CA THR A 58 24.07 38.39 60.81
C THR A 58 25.15 38.18 59.77
N TYR A 59 26.11 39.10 59.72
CA TYR A 59 27.23 39.01 58.80
C TYR A 59 28.54 39.28 59.54
N TYR A 60 29.59 38.61 59.09
CA TYR A 60 30.91 38.77 59.70
C TYR A 60 31.97 38.50 58.64
N ALA A 61 33.17 39.02 58.89
CA ALA A 61 34.28 38.81 57.97
C ALA A 61 34.72 37.35 57.98
N ASP A 62 35.40 36.96 56.90
CA ASP A 62 35.89 35.60 56.78
C ASP A 62 36.94 35.28 57.85
N SER A 63 37.78 36.26 58.19
CA SER A 63 38.80 36.05 59.20
C SER A 63 38.21 35.82 60.59
N VAL A 64 36.97 36.26 60.82
CA VAL A 64 36.29 36.05 62.08
C VAL A 64 35.13 35.08 61.96
N LYS A 65 35.06 34.34 60.85
CA LYS A 65 33.97 33.40 60.63
C LYS A 65 34.18 32.14 61.47
N GLY A 66 33.13 31.71 62.16
CA GLY A 66 33.16 30.50 62.94
C GLY A 66 33.79 30.62 64.31
N ARG A 67 34.27 31.79 64.69
CA ARG A 67 34.87 31.97 66.01
C ARG A 67 34.24 33.09 66.82
N PHE A 68 33.86 34.19 66.18
CA PHE A 68 33.26 35.34 66.86
C PHE A 68 31.77 35.38 66.54
N THR A 69 30.95 35.52 67.59
CA THR A 69 29.51 35.59 67.45
C THR A 69 29.00 36.89 68.06
N ILE A 70 28.16 37.60 67.31
CA ILE A 70 27.60 38.88 67.75
C ILE A 70 26.12 38.68 68.01
N SER A 71 25.68 39.03 69.22
CA SER A 71 24.29 38.89 69.62
C SER A 71 23.82 40.21 70.23
N ARG A 72 22.52 40.47 70.09
CA ARG A 72 21.91 41.69 70.60
C ARG A 72 20.61 41.36 71.32
N ASP A 73 20.31 42.15 72.34
CA ASP A 73 19.09 42.01 73.12
C ASP A 73 18.13 43.12 72.71
N ASN A 74 16.97 42.74 72.18
CA ASN A 74 16.01 43.73 71.71
C ASN A 74 15.29 44.41 72.87
N SER A 75 15.13 43.71 73.99
CA SER A 75 14.42 44.30 75.13
C SER A 75 15.33 45.19 75.96
N LYS A 76 16.56 44.76 76.21
CA LYS A 76 17.49 45.51 77.04
C LYS A 76 18.36 46.48 76.24
N ASN A 77 18.17 46.54 74.92
CA ASN A 77 18.92 47.46 74.05
C ASN A 77 20.43 47.24 74.14
N THR A 78 20.86 46.03 74.51
CA THR A 78 22.26 45.70 74.66
C THR A 78 22.68 44.68 73.61
N LEU A 79 23.98 44.67 73.31
CA LEU A 79 24.55 43.76 72.35
C LEU A 79 25.74 43.03 72.99
N TYR A 80 26.08 41.88 72.42
CA TYR A 80 27.17 41.06 72.90
C TYR A 80 28.00 40.58 71.72
N LEU A 81 29.28 40.28 71.99
CA LEU A 81 30.21 39.78 70.98
C LEU A 81 30.95 38.60 71.60
N GLN A 82 30.49 37.38 71.28
CA GLN A 82 31.07 36.17 71.85
C GLN A 82 32.22 35.71 70.97
N MET A 83 33.45 35.96 71.43
CA MET A 83 34.66 35.56 70.73
C MET A 83 35.18 34.26 71.35
N ASN A 84 35.34 33.23 70.52
CA ASN A 84 35.78 31.92 70.97
C ASN A 84 37.13 31.59 70.37
N SER A 85 37.91 30.79 71.11
CA SER A 85 39.25 30.37 70.70
C SER A 85 40.14 31.58 70.41
N LEU A 86 40.10 32.58 71.27
CA LEU A 86 40.92 33.77 71.10
C LEU A 86 42.40 33.40 71.18
N ARG A 87 43.17 33.90 70.23
CA ARG A 87 44.59 33.60 70.13
C ARG A 87 45.41 34.70 70.80
N ILE A 88 46.72 34.49 70.87
CA ILE A 88 47.62 35.49 71.44
C ILE A 88 47.58 36.77 70.60
N GLU A 89 47.62 36.62 69.28
CA GLU A 89 47.57 37.77 68.38
C GLU A 89 46.21 38.45 68.38
N ASP A 90 45.17 37.82 68.92
CA ASP A 90 43.84 38.41 68.94
C ASP A 90 43.68 39.34 70.14
N THR A 91 44.60 40.29 70.29
CA THR A 91 44.56 41.30 71.35
C THR A 91 44.38 42.66 70.70
N ALA A 92 43.21 43.26 70.91
CA ALA A 92 42.89 44.53 70.27
C ALA A 92 41.79 45.21 71.08
N VAL A 93 41.56 46.48 70.76
CA VAL A 93 40.50 47.26 71.37
C VAL A 93 39.22 47.06 70.56
N TYR A 94 38.16 46.63 71.22
CA TYR A 94 36.89 46.33 70.58
C TYR A 94 35.89 47.44 70.88
N TYR A 95 35.26 47.96 69.81
CA TYR A 95 34.28 49.01 69.93
C TYR A 95 33.07 48.67 69.06
N CYS A 96 31.91 49.20 69.44
CA CYS A 96 30.68 48.98 68.71
C CYS A 96 30.31 50.24 67.93
N ALA A 97 29.75 50.04 66.74
CA ALA A 97 29.37 51.13 65.86
C ALA A 97 27.91 50.99 65.49
N LYS A 98 27.20 52.13 65.46
CA LYS A 98 25.79 52.17 65.11
C LYS A 98 25.62 52.67 63.68
N ASP A 99 24.76 51.99 62.93
CA ASP A 99 24.53 52.35 61.54
C ASP A 99 23.92 53.75 61.45
N TYR A 100 24.36 54.51 60.44
CA TYR A 100 23.86 55.86 60.25
C TYR A 100 22.36 55.86 59.95
N TYR A 101 21.92 54.92 59.10
CA TYR A 101 20.52 54.84 58.74
C TYR A 101 19.81 53.75 59.54
N PRO A 102 18.55 53.97 59.90
CA PRO A 102 17.81 52.94 60.65
C PRO A 102 17.39 51.76 59.80
N LEU A 103 16.78 50.76 60.41
CA LEU A 103 16.28 49.55 59.74
C LEU A 103 17.48 48.85 59.07
N LEU A 104 17.25 48.23 57.92
CA LEU A 104 18.29 47.48 57.21
C LEU A 104 18.66 48.26 55.96
N SER A 105 19.76 49.01 56.02
CA SER A 105 20.28 49.77 54.89
C SER A 105 21.63 49.25 54.40
N TYR A 106 22.61 49.15 55.30
CA TYR A 106 23.95 48.65 54.99
C TYR A 106 24.65 49.45 53.90
N TYR A 107 24.14 50.64 53.59
CA TYR A 107 24.73 51.51 52.57
C TYR A 107 25.08 52.87 53.17
N TYR A 108 25.61 52.86 54.39
CA TYR A 108 25.96 54.10 55.08
C TYR A 108 27.07 53.81 56.08
N GLY A 109 27.72 54.88 56.53
CA GLY A 109 28.79 54.76 57.51
C GLY A 109 28.26 54.60 58.92
N LEU A 110 29.19 54.62 59.87
CA LEU A 110 28.86 54.50 61.28
C LEU A 110 28.64 55.89 61.86
N ASP A 111 27.46 56.11 62.45
CA ASP A 111 27.12 57.41 63.02
C ASP A 111 27.59 57.54 64.46
N VAL A 112 27.33 56.53 65.28
CA VAL A 112 27.68 56.53 66.69
C VAL A 112 28.67 55.41 66.96
N TRP A 113 29.76 55.74 67.65
CA TRP A 113 30.78 54.78 68.02
C TRP A 113 30.98 54.78 69.52
N GLY A 114 31.25 53.61 70.07
CA GLY A 114 31.43 53.46 71.51
C GLY A 114 32.82 53.89 71.97
N GLN A 115 33.00 53.86 73.29
CA GLN A 115 34.29 54.24 73.86
C GLN A 115 35.38 53.24 73.47
N GLY A 116 35.05 51.95 73.47
CA GLY A 116 36.03 50.94 73.10
C GLY A 116 36.56 50.16 74.29
N THR A 117 36.54 48.83 74.19
CA THR A 117 37.02 47.96 75.25
C THR A 117 38.29 47.27 74.78
N THR A 118 39.36 47.40 75.58
CA THR A 118 40.65 46.83 75.24
C THR A 118 40.71 45.38 75.71
N VAL A 119 41.13 44.49 74.81
CA VAL A 119 41.28 43.07 75.10
C VAL A 119 42.72 42.67 74.86
N THR A 120 43.33 41.99 75.83
CA THR A 120 44.71 41.56 75.75
C THR A 120 44.81 40.10 76.17
N VAL A 121 45.81 39.41 75.62
CA VAL A 121 46.00 37.99 75.93
C VAL A 121 47.48 37.69 76.12
N VAL B 2 37.85 15.16 72.55
CA VAL B 2 36.67 15.25 71.71
C VAL B 2 35.46 14.70 72.46
N GLN B 3 35.38 15.03 73.75
CA GLN B 3 34.27 14.56 74.57
C GLN B 3 32.95 15.20 74.13
N LEU B 4 31.87 14.44 74.21
CA LEU B 4 30.54 14.91 73.84
C LEU B 4 29.75 15.17 75.11
N VAL B 5 29.28 16.40 75.27
CA VAL B 5 28.48 16.81 76.41
C VAL B 5 27.06 17.06 75.94
N GLU B 6 26.12 16.26 76.43
CA GLU B 6 24.72 16.38 76.03
C GLU B 6 24.00 17.38 76.92
N SER B 7 22.97 18.01 76.36
CA SER B 7 22.19 19.01 77.07
C SER B 7 20.81 19.09 76.45
N GLY B 8 19.89 19.72 77.19
CA GLY B 8 18.53 19.88 76.75
C GLY B 8 17.54 18.90 77.35
N GLY B 9 17.98 18.03 78.26
CA GLY B 9 17.07 17.09 78.88
C GLY B 9 16.15 17.78 79.86
N SER B 10 14.85 17.47 79.76
CA SER B 10 13.85 18.07 80.62
C SER B 10 12.61 17.19 80.62
N VAL B 11 11.73 17.43 81.59
CA VAL B 11 10.46 16.71 81.70
C VAL B 11 9.37 17.64 81.19
N VAL B 12 8.64 17.19 80.17
CA VAL B 12 7.60 17.98 79.54
C VAL B 12 6.32 17.15 79.44
N GLN B 13 5.20 17.86 79.32
CA GLN B 13 3.91 17.19 79.19
C GLN B 13 3.81 16.46 77.85
N PRO B 14 3.05 15.37 77.80
CA PRO B 14 2.86 14.67 76.52
C PRO B 14 2.16 15.54 75.50
N GLY B 15 2.51 15.33 74.24
CA GLY B 15 1.98 16.12 73.15
C GLY B 15 2.83 17.32 72.74
N ARG B 16 3.88 17.63 73.51
CA ARG B 16 4.78 18.72 73.18
C ARG B 16 6.02 18.17 72.47
N ALA B 17 6.78 19.09 71.87
CA ALA B 17 7.99 18.75 71.13
C ALA B 17 9.21 19.23 71.91
N LEU B 18 10.18 18.34 72.09
CA LEU B 18 11.41 18.65 72.78
C LEU B 18 12.60 18.27 71.92
N ARG B 19 13.62 19.13 71.92
CA ARG B 19 14.82 18.93 71.12
C ARG B 19 16.02 18.71 72.05
N LEU B 20 16.81 17.69 71.75
CA LEU B 20 17.99 17.35 72.52
C LEU B 20 19.23 17.54 71.65
N SER B 21 20.31 18.02 72.26
CA SER B 21 21.54 18.30 71.55
C SER B 21 22.73 17.93 72.43
N CYS B 22 23.86 17.67 71.78
CA CYS B 22 25.11 17.39 72.48
C CYS B 22 26.24 18.18 71.84
N ALA B 23 27.15 18.67 72.67
CA ALA B 23 28.27 19.47 72.21
C ALA B 23 29.54 18.62 72.18
N ALA B 24 30.18 18.58 71.03
CA ALA B 24 31.38 17.78 70.82
C ALA B 24 32.61 18.68 70.85
N SER B 25 33.62 18.27 71.60
CA SER B 25 34.85 19.05 71.70
C SER B 25 35.65 18.96 70.39
N GLY B 26 36.60 19.87 70.24
CA GLY B 26 37.39 19.92 69.04
C GLY B 26 36.64 20.53 67.87
N ILE B 27 37.15 20.26 66.67
CA ILE B 27 36.55 20.77 65.44
C ILE B 27 36.32 19.62 64.48
N THR B 28 36.21 18.40 65.01
CA THR B 28 36.03 17.20 64.21
C THR B 28 34.57 16.75 64.13
N PHE B 29 33.63 17.58 64.58
CA PHE B 29 32.22 17.20 64.54
C PHE B 29 31.74 17.00 63.11
N SER B 30 32.11 17.91 62.20
CA SER B 30 31.67 17.83 60.82
C SER B 30 32.36 16.70 60.05
N SER B 31 33.49 16.21 60.55
CA SER B 31 34.24 15.15 59.88
C SER B 31 33.86 13.76 60.36
N PHE B 32 32.93 13.64 61.30
CA PHE B 32 32.51 12.36 61.84
C PHE B 32 30.98 12.29 61.87
N GLY B 33 30.43 11.11 61.60
CA GLY B 33 29.00 10.95 61.61
C GLY B 33 28.42 10.98 63.01
N MET B 34 27.12 11.17 63.08
CA MET B 34 26.39 11.28 64.33
C MET B 34 25.32 10.19 64.40
N TYR B 35 25.22 9.56 65.58
CA TYR B 35 24.23 8.52 65.82
C TYR B 35 23.49 8.81 67.12
N TRP B 36 22.20 8.49 67.15
CA TRP B 36 21.36 8.72 68.32
C TRP B 36 20.88 7.39 68.86
N VAL B 37 21.01 7.21 70.18
CA VAL B 37 20.60 5.98 70.85
C VAL B 37 19.83 6.35 72.11
N ARG B 38 18.71 5.68 72.34
CA ARG B 38 17.88 5.90 73.52
C ARG B 38 17.90 4.65 74.39
N GLN B 39 17.86 4.85 75.71
CA GLN B 39 17.89 3.76 76.67
C GLN B 39 16.81 4.02 77.72
N ALA B 40 15.72 3.26 77.64
CA ALA B 40 14.66 3.39 78.62
C ALA B 40 15.11 2.86 79.98
N PRO B 41 14.61 3.43 81.08
CA PRO B 41 14.97 2.92 82.41
C PRO B 41 14.45 1.50 82.61
N GLY B 42 15.36 0.60 82.98
CA GLY B 42 15.00 -0.79 83.15
C GLY B 42 14.83 -1.57 81.86
N LYS B 43 15.19 -0.99 80.72
CA LYS B 43 15.06 -1.64 79.42
C LYS B 43 16.40 -1.58 78.69
N GLY B 44 16.45 -2.26 77.54
CA GLY B 44 17.66 -2.31 76.75
C GLY B 44 17.83 -1.08 75.87
N LEU B 45 18.99 -1.00 75.23
CA LEU B 45 19.29 0.12 74.35
C LEU B 45 18.41 0.07 73.11
N GLU B 46 17.90 1.23 72.72
CA GLU B 46 17.04 1.37 71.55
C GLU B 46 17.64 2.40 70.61
N TRP B 47 17.83 2.01 69.36
CA TRP B 47 18.37 2.93 68.36
C TRP B 47 17.32 3.95 67.95
N LEU B 48 17.78 5.18 67.69
CA LEU B 48 16.92 6.26 67.26
C LEU B 48 17.13 6.66 65.80
N GLY B 49 18.37 6.66 65.33
CA GLY B 49 18.64 7.02 63.95
C GLY B 49 20.11 7.31 63.77
N TYR B 50 20.47 7.54 62.50
CA TYR B 50 21.85 7.84 62.14
C TYR B 50 21.86 9.00 61.15
N ILE B 51 22.82 9.91 61.33
CA ILE B 51 22.99 11.07 60.47
C ILE B 51 24.44 11.11 59.99
N ALA B 52 24.62 11.40 58.71
CA ALA B 52 25.95 11.43 58.13
C ALA B 52 26.77 12.59 58.71
N TYR B 53 28.08 12.54 58.45
CA TYR B 53 28.95 13.61 58.92
C TYR B 53 28.58 14.94 58.28
N ASP B 54 28.29 14.92 56.97
CA ASP B 54 27.83 16.13 56.29
C ASP B 54 26.35 16.38 56.46
N GLY B 55 25.60 15.42 57.00
CA GLY B 55 24.18 15.58 57.20
C GLY B 55 23.33 15.37 55.97
N SER B 56 23.88 14.78 54.91
CA SER B 56 23.10 14.57 53.68
C SER B 56 22.17 13.36 53.82
N ASP B 57 22.74 12.18 54.04
CA ASP B 57 21.96 10.96 54.20
C ASP B 57 21.68 10.75 55.68
N THR B 58 20.40 10.86 56.06
CA THR B 58 19.98 10.71 57.44
C THR B 58 19.08 9.50 57.56
N TYR B 59 19.36 8.64 58.54
CA TYR B 59 18.58 7.44 58.79
C TYR B 59 17.85 7.57 60.12
N TYR B 60 16.69 6.90 60.21
CA TYR B 60 15.89 6.91 61.41
C TYR B 60 15.38 5.50 61.70
N ALA B 61 15.28 5.17 62.98
CA ALA B 61 14.75 3.88 63.37
C ALA B 61 13.25 3.82 63.12
N ASP B 62 12.74 2.58 62.98
CA ASP B 62 11.33 2.39 62.71
C ASP B 62 10.46 2.89 63.85
N SER B 63 10.88 2.63 65.10
CA SER B 63 10.10 3.03 66.25
C SER B 63 10.02 4.53 66.42
N VAL B 64 10.97 5.28 65.85
CA VAL B 64 11.01 6.73 65.98
C VAL B 64 10.92 7.42 64.63
N LYS B 65 10.51 6.69 63.59
CA LYS B 65 10.39 7.29 62.26
C LYS B 65 9.22 8.26 62.23
N GLY B 66 9.49 9.48 61.77
CA GLY B 66 8.48 10.51 61.69
C GLY B 66 8.21 11.25 62.99
N ARG B 67 8.91 10.91 64.07
CA ARG B 67 8.74 11.57 65.35
C ARG B 67 10.00 12.28 65.83
N PHE B 68 11.18 11.75 65.54
CA PHE B 68 12.45 12.36 65.90
C PHE B 68 13.18 12.79 64.66
N THR B 69 13.72 14.01 64.67
CA THR B 69 14.48 14.55 63.55
C THR B 69 15.95 14.66 63.93
N ILE B 70 16.82 14.24 63.02
CA ILE B 70 18.26 14.22 63.25
C ILE B 70 18.90 15.24 62.32
N SER B 71 19.62 16.19 62.90
CA SER B 71 20.33 17.20 62.13
C SER B 71 21.52 17.68 62.96
N ARG B 72 22.51 18.26 62.27
CA ARG B 72 23.72 18.73 62.91
C ARG B 72 24.06 20.12 62.42
N ASP B 73 24.64 20.93 63.31
CA ASP B 73 25.11 22.27 62.99
C ASP B 73 26.62 22.30 63.19
N ASN B 74 27.35 22.22 62.08
CA ASN B 74 28.81 22.15 62.14
C ASN B 74 29.43 23.46 62.61
N SER B 75 28.68 24.57 62.60
CA SER B 75 29.23 25.85 63.04
C SER B 75 29.62 25.82 64.51
N LYS B 76 28.74 25.26 65.36
CA LYS B 76 28.99 25.17 66.79
C LYS B 76 29.40 23.77 67.23
N ASN B 77 29.63 22.86 66.28
CA ASN B 77 30.03 21.48 66.57
C ASN B 77 29.03 20.80 67.49
N THR B 78 27.75 21.00 67.23
CA THR B 78 26.67 20.45 68.04
C THR B 78 25.73 19.64 67.15
N LEU B 79 25.42 18.42 67.58
CA LEU B 79 24.48 17.55 66.90
C LEU B 79 23.18 17.49 67.70
N TYR B 80 22.06 17.73 67.02
CA TYR B 80 20.76 17.86 67.67
C TYR B 80 19.82 16.75 67.23
N LEU B 81 18.91 16.38 68.12
CA LEU B 81 17.88 15.37 67.84
C LEU B 81 16.57 15.88 68.43
N GLN B 82 15.70 16.40 67.55
CA GLN B 82 14.44 17.00 67.97
C GLN B 82 13.32 15.96 67.84
N MET B 83 12.63 15.71 68.94
CA MET B 83 11.52 14.76 68.99
C MET B 83 10.22 15.50 69.22
N ASN B 84 9.20 15.16 68.41
CA ASN B 84 7.91 15.83 68.48
C ASN B 84 6.83 14.85 68.92
N SER B 85 5.85 15.38 69.65
CA SER B 85 4.70 14.61 70.13
C SER B 85 5.15 13.42 70.98
N LEU B 86 6.02 13.69 71.95
CA LEU B 86 6.53 12.64 72.82
C LEU B 86 5.41 12.08 73.69
N ARG B 87 5.41 10.76 73.85
CA ARG B 87 4.41 10.07 74.63
C ARG B 87 4.92 9.79 76.04
N ILE B 88 4.02 9.32 76.90
CA ILE B 88 4.39 8.99 78.26
C ILE B 88 5.40 7.85 78.28
N GLU B 89 5.16 6.82 77.47
CA GLU B 89 6.10 5.70 77.38
C GLU B 89 7.42 6.10 76.71
N ASP B 90 7.47 7.25 76.04
CA ASP B 90 8.70 7.71 75.41
C ASP B 90 9.56 8.46 76.42
N THR B 91 9.83 7.83 77.55
CA THR B 91 10.68 8.39 78.60
C THR B 91 11.94 7.53 78.68
N ALA B 92 13.08 8.13 78.32
CA ALA B 92 14.34 7.39 78.26
C ALA B 92 15.48 8.39 78.36
N VAL B 93 16.68 7.85 78.59
CA VAL B 93 17.90 8.65 78.63
C VAL B 93 18.48 8.67 77.22
N TYR B 94 18.49 9.85 76.60
CA TYR B 94 18.94 10.01 75.23
C TYR B 94 20.41 10.43 75.24
N TYR B 95 21.24 9.69 74.51
CA TYR B 95 22.66 9.97 74.40
C TYR B 95 23.07 9.94 72.94
N CYS B 96 23.93 10.87 72.56
CA CYS B 96 24.44 10.97 71.20
C CYS B 96 25.80 10.26 71.11
N ALA B 97 26.10 9.73 69.94
CA ALA B 97 27.33 9.00 69.72
C ALA B 97 27.94 9.43 68.39
N LYS B 98 29.26 9.27 68.29
CA LYS B 98 30.02 9.60 67.09
C LYS B 98 30.58 8.34 66.46
N ASP B 99 30.62 8.33 65.13
CA ASP B 99 31.14 7.18 64.41
C ASP B 99 32.62 7.00 64.67
N TYR B 100 33.05 5.74 64.75
CA TYR B 100 34.47 5.45 65.01
C TYR B 100 35.35 5.98 63.89
N TYR B 101 34.92 5.82 62.66
CA TYR B 101 35.71 6.25 61.53
C TYR B 101 35.24 7.62 61.06
N PRO B 102 36.12 8.43 60.49
CA PRO B 102 35.70 9.74 59.99
C PRO B 102 34.69 9.60 58.86
N LEU B 103 33.83 10.61 58.76
CA LEU B 103 32.73 10.67 57.79
C LEU B 103 31.80 9.48 58.06
N LEU B 104 31.17 8.96 57.01
CA LEU B 104 30.16 7.91 57.12
C LEU B 104 30.81 6.57 56.78
N SER B 105 31.03 5.75 57.81
CA SER B 105 31.48 4.38 57.64
C SER B 105 30.45 3.37 58.14
N TYR B 106 30.00 3.52 59.39
CA TYR B 106 28.95 2.71 60.00
C TYR B 106 29.35 1.26 60.21
N TYR B 107 30.53 0.85 59.73
CA TYR B 107 31.01 -0.51 59.91
C TYR B 107 31.94 -0.60 61.11
N TYR B 108 31.41 -0.18 62.26
CA TYR B 108 32.15 -0.17 63.52
C TYR B 108 31.16 0.14 64.64
N GLY B 109 31.70 0.26 65.85
CA GLY B 109 30.92 0.63 67.01
C GLY B 109 31.06 2.12 67.33
N LEU B 110 30.42 2.52 68.42
CA LEU B 110 30.43 3.92 68.84
C LEU B 110 31.66 4.16 69.73
N ASP B 111 32.57 5.00 69.26
CA ASP B 111 33.79 5.25 70.01
C ASP B 111 33.60 6.29 71.11
N VAL B 112 32.82 7.34 70.83
CA VAL B 112 32.60 8.43 71.77
C VAL B 112 31.10 8.55 72.02
N TRP B 113 30.71 8.54 73.29
CA TRP B 113 29.33 8.74 73.68
C TRP B 113 29.29 9.71 74.86
N GLY B 114 28.18 10.43 74.99
CA GLY B 114 28.03 11.40 76.04
C GLY B 114 27.62 10.78 77.37
N GLN B 115 27.43 11.65 78.35
CA GLN B 115 27.01 11.22 79.68
C GLN B 115 25.53 10.83 79.73
N GLY B 116 24.75 11.17 78.71
CA GLY B 116 23.35 10.81 78.66
C GLY B 116 22.43 11.90 79.18
N THR B 117 21.38 12.19 78.41
CA THR B 117 20.36 13.16 78.81
C THR B 117 19.04 12.44 78.99
N THR B 118 18.46 12.55 80.19
CA THR B 118 17.23 11.86 80.49
C THR B 118 16.03 12.64 79.98
N VAL B 119 15.01 11.91 79.52
CA VAL B 119 13.77 12.50 79.03
C VAL B 119 12.61 11.88 79.79
N THR B 120 11.68 12.71 80.24
CA THR B 120 10.51 12.26 80.98
C THR B 120 9.26 12.89 80.40
N VAL B 121 8.14 12.17 80.54
CA VAL B 121 6.86 12.65 80.04
C VAL B 121 5.71 12.02 80.82
N SER C 2 42.21 41.52 53.12
CA SER C 2 41.63 42.33 52.05
C SER C 2 41.47 43.77 52.50
N VAL C 3 42.56 44.38 52.96
CA VAL C 3 42.57 45.76 53.43
C VAL C 3 43.23 46.63 52.37
N LEU C 4 42.55 47.70 51.97
CA LEU C 4 43.09 48.60 50.96
C LEU C 4 44.32 49.31 51.50
N THR C 5 45.38 49.34 50.69
CA THR C 5 46.64 49.94 51.11
C THR C 5 46.58 51.46 51.00
N GLN C 6 47.14 52.13 52.00
CA GLN C 6 47.20 53.58 52.05
C GLN C 6 48.60 53.99 52.49
N PRO C 7 49.04 55.20 52.12
CA PRO C 7 50.35 55.68 52.59
C PRO C 7 50.40 55.77 54.10
N ARG C 8 51.59 55.51 54.65
CA ARG C 8 51.75 55.50 56.10
C ARG C 8 51.48 56.88 56.69
N SER C 9 51.95 57.94 56.04
CA SER C 9 51.74 59.29 56.53
C SER C 9 51.62 60.24 55.35
N VAL C 10 50.95 61.36 55.59
CA VAL C 10 50.79 62.42 54.59
C VAL C 10 51.18 63.74 55.24
N SER C 11 52.07 64.49 54.57
CA SER C 11 52.51 65.77 55.08
C SER C 11 51.44 66.83 54.90
N GLY C 12 51.61 67.94 55.59
CA GLY C 12 50.66 69.04 55.50
C GLY C 12 51.11 70.20 56.36
N SER C 13 50.39 71.30 56.23
CA SER C 13 50.68 72.52 56.97
C SER C 13 49.40 73.32 57.10
N PRO C 14 49.26 74.13 58.15
CA PRO C 14 48.06 74.97 58.29
C PRO C 14 47.95 75.96 57.14
N GLY C 15 46.71 76.19 56.70
CA GLY C 15 46.45 77.11 55.61
C GLY C 15 46.59 76.52 54.22
N GLN C 16 47.01 75.26 54.11
CA GLN C 16 47.18 74.58 52.84
C GLN C 16 46.19 73.42 52.74
N SER C 17 46.32 72.65 51.65
CA SER C 17 45.46 71.52 51.39
C SER C 17 46.31 70.30 51.07
N VAL C 18 45.86 69.13 51.55
CA VAL C 18 46.53 67.87 51.30
C VAL C 18 45.48 66.84 50.90
N THR C 19 45.93 65.82 50.18
CA THR C 19 45.06 64.75 49.69
C THR C 19 45.50 63.43 50.28
N ILE C 20 44.56 62.71 50.89
CA ILE C 20 44.81 61.39 51.47
C ILE C 20 43.98 60.39 50.69
N SER C 21 44.63 59.35 50.17
CA SER C 21 43.99 58.38 49.31
C SER C 21 44.27 56.97 49.79
N CYS C 22 43.32 56.08 49.52
CA CYS C 22 43.48 54.65 49.78
C CYS C 22 43.13 53.90 48.50
N THR C 23 43.90 52.87 48.18
CA THR C 23 43.75 52.15 46.93
C THR C 23 43.47 50.68 47.20
N GLY C 24 42.54 50.12 46.43
CA GLY C 24 42.18 48.71 46.53
C GLY C 24 42.19 48.04 45.17
N THR C 25 41.16 47.25 44.90
CA THR C 25 41.00 46.56 43.63
C THR C 25 39.61 46.84 43.08
N SER C 26 39.35 46.32 41.87
CA SER C 26 38.04 46.48 41.25
C SER C 26 36.95 45.67 41.93
N SER C 27 37.32 44.71 42.79
CA SER C 27 36.33 43.88 43.45
C SER C 27 35.44 44.71 44.38
N ASP C 28 36.03 45.64 45.12
CA ASP C 28 35.28 46.48 46.05
C ASP C 28 35.33 47.94 45.69
N VAL C 29 36.53 48.50 45.47
CA VAL C 29 36.63 49.93 45.18
C VAL C 29 36.04 50.25 43.81
N GLY C 30 36.36 49.44 42.81
CA GLY C 30 35.92 49.68 41.45
C GLY C 30 34.58 49.08 41.09
N ALA C 31 33.87 48.47 42.04
CA ALA C 31 32.58 47.85 41.78
C ALA C 31 31.42 48.64 42.37
N TYR C 32 31.53 49.06 43.63
CA TYR C 32 30.46 49.78 44.32
C TYR C 32 30.95 51.16 44.73
N ASN C 33 30.09 52.16 44.57
CA ASN C 33 30.41 53.54 44.95
C ASN C 33 29.91 53.79 46.37
N TYR C 34 30.54 53.09 47.32
CA TYR C 34 30.19 53.17 48.73
C TYR C 34 31.44 53.42 49.56
N VAL C 35 32.27 54.36 49.11
CA VAL C 35 33.50 54.71 49.81
C VAL C 35 33.16 55.62 50.99
N SER C 36 33.69 55.28 52.16
CA SER C 36 33.46 56.07 53.36
C SER C 36 34.80 56.33 54.05
N TRP C 37 34.92 57.51 54.65
CA TRP C 37 36.13 57.93 55.34
C TRP C 37 35.79 58.38 56.75
N TYR C 38 36.68 58.07 57.69
CA TYR C 38 36.50 58.43 59.09
C TYR C 38 37.78 59.03 59.64
N GLN C 39 37.64 59.91 60.63
CA GLN C 39 38.75 60.56 61.29
C GLN C 39 38.88 60.02 62.71
N GLN C 40 40.06 59.54 63.07
CA GLN C 40 40.31 58.92 64.35
C GLN C 40 41.37 59.69 65.11
N HIS C 41 41.07 60.03 66.37
CA HIS C 41 42.00 60.68 67.28
C HIS C 41 42.58 59.66 68.25
N PRO C 42 43.84 59.85 68.68
CA PRO C 42 44.46 58.88 69.60
C PRO C 42 43.66 58.74 70.89
N GLY C 43 43.45 57.49 71.30
CA GLY C 43 42.70 57.21 72.50
C GLY C 43 41.19 57.31 72.37
N LYS C 44 40.69 57.58 71.17
CA LYS C 44 39.26 57.77 70.96
C LYS C 44 38.83 57.01 69.71
N ALA C 45 37.54 56.69 69.66
CA ALA C 45 36.99 55.98 68.51
C ALA C 45 36.99 56.88 67.28
N PRO C 46 37.15 56.30 66.08
CA PRO C 46 37.08 57.11 64.86
C PRO C 46 35.71 57.77 64.70
N LYS C 47 35.72 58.98 64.15
CA LYS C 47 34.51 59.75 63.90
C LYS C 47 34.28 59.86 62.40
N PHE C 48 33.07 59.54 61.96
CA PHE C 48 32.76 59.59 60.54
C PHE C 48 32.69 61.02 60.05
N MET C 49 33.38 61.30 58.95
CA MET C 49 33.38 62.62 58.34
C MET C 49 32.86 62.60 56.91
N ILE C 50 33.33 61.67 56.09
CA ILE C 50 32.96 61.59 54.68
C ILE C 50 32.35 60.22 54.42
N TYR C 51 31.18 60.21 53.78
CA TYR C 51 30.51 58.97 53.42
C TYR C 51 29.96 59.09 52.00
N ASP C 52 29.75 57.94 51.37
CA ASP C 52 29.22 57.88 50.00
C ASP C 52 30.08 58.70 49.04
N VAL C 53 31.40 58.59 49.19
CA VAL C 53 32.38 59.21 48.30
C VAL C 53 32.35 60.73 48.40
N ASP C 54 31.20 61.34 48.10
CA ASP C 54 31.10 62.80 48.03
C ASP C 54 29.95 63.31 48.89
N GLN C 55 29.77 62.76 50.08
CA GLN C 55 28.77 63.24 51.02
C GLN C 55 29.38 63.31 52.41
N ARG C 56 28.83 64.18 53.24
CA ARG C 56 29.30 64.35 54.61
C ARG C 56 28.13 64.36 55.57
N PRO C 57 28.31 63.85 56.78
CA PRO C 57 27.22 63.83 57.77
C PRO C 57 27.04 65.20 58.42
N SER C 58 25.91 65.35 59.10
CA SER C 58 25.62 66.60 59.79
C SER C 58 26.61 66.84 60.92
N GLY C 59 27.01 68.10 61.08
CA GLY C 59 27.97 68.47 62.09
C GLY C 59 29.42 68.39 61.67
N VAL C 60 29.70 67.84 60.49
CA VAL C 60 31.06 67.74 59.97
C VAL C 60 31.37 68.96 59.12
N PRO C 61 32.49 69.65 59.35
CA PRO C 61 32.83 70.80 58.51
C PRO C 61 32.99 70.40 57.05
N ASP C 62 32.60 71.32 56.16
CA ASP C 62 32.60 71.08 54.73
C ASP C 62 34.00 70.95 54.15
N ARG C 63 35.05 71.29 54.91
CA ARG C 63 36.40 71.17 54.41
C ARG C 63 36.77 69.73 54.10
N PHE C 64 36.13 68.76 54.74
CA PHE C 64 36.41 67.35 54.53
C PHE C 64 35.58 66.86 53.34
N SER C 65 36.25 66.56 52.23
CA SER C 65 35.59 66.06 51.04
C SER C 65 36.53 65.07 50.35
N GLY C 66 36.19 64.69 49.12
CA GLY C 66 37.01 63.77 48.38
C GLY C 66 36.35 63.38 47.08
N SER C 67 37.01 62.48 46.37
CA SER C 67 36.51 61.98 45.09
C SER C 67 37.05 60.58 44.86
N LYS C 68 36.38 59.84 43.98
CA LYS C 68 36.78 58.47 43.65
C LYS C 68 36.75 58.28 42.15
N SER C 69 37.73 57.53 41.64
CA SER C 69 37.83 57.23 40.22
C SER C 69 38.48 55.88 40.05
N GLY C 70 37.83 55.00 39.29
CA GLY C 70 38.35 53.65 39.08
C GLY C 70 38.35 52.84 40.35
N ASN C 71 39.52 52.32 40.73
CA ASN C 71 39.68 51.55 41.95
C ASN C 71 40.42 52.32 43.03
N THR C 72 40.62 53.61 42.85
CA THR C 72 41.34 54.45 43.80
C THR C 72 40.39 55.46 44.42
N ALA C 73 40.33 55.48 45.75
CA ALA C 73 39.51 56.43 46.49
C ALA C 73 40.41 57.41 47.21
N SER C 74 40.09 58.70 47.09
CA SER C 74 40.92 59.75 47.66
C SER C 74 40.04 60.73 48.45
N LEU C 75 40.58 61.20 49.57
CA LEU C 75 39.92 62.21 50.40
C LEU C 75 40.75 63.48 50.39
N ILE C 76 40.13 64.59 50.02
CA ILE C 76 40.80 65.88 49.88
C ILE C 76 40.31 66.80 50.98
N ILE C 77 41.23 67.35 51.75
CA ILE C 77 40.94 68.30 52.81
C ILE C 77 41.57 69.64 52.43
N SER C 78 40.75 70.67 52.35
CA SER C 78 41.20 72.01 52.00
C SER C 78 41.06 72.93 53.20
N GLY C 79 42.04 73.81 53.38
CA GLY C 79 42.06 74.68 54.54
C GLY C 79 42.23 73.93 55.85
N LEU C 80 43.14 72.97 55.90
CA LEU C 80 43.37 72.18 57.10
C LEU C 80 43.90 73.06 58.23
N GLN C 81 43.49 72.72 59.45
CA GLN C 81 43.90 73.45 60.64
C GLN C 81 44.83 72.58 61.49
N ALA C 82 45.37 73.19 62.54
CA ALA C 82 46.29 72.47 63.42
C ALA C 82 45.59 71.35 64.18
N GLU C 83 44.32 71.52 64.51
CA GLU C 83 43.59 70.53 65.28
C GLU C 83 43.09 69.37 64.42
N ASP C 84 43.20 69.46 63.10
CA ASP C 84 42.70 68.42 62.21
C ASP C 84 43.69 67.27 62.04
N GLU C 85 44.89 67.38 62.60
CA GLU C 85 45.89 66.32 62.47
C GLU C 85 45.41 65.08 63.21
N ALA C 86 45.11 64.02 62.45
CA ALA C 86 44.60 62.78 63.03
C ALA C 86 44.86 61.65 62.06
N ASP C 87 44.68 60.42 62.54
CA ASP C 87 44.86 59.24 61.73
C ASP C 87 43.56 58.96 60.96
N TYR C 88 43.62 59.12 59.64
CA TYR C 88 42.45 58.94 58.79
C TYR C 88 42.45 57.55 58.18
N TYR C 89 41.28 56.91 58.18
CA TYR C 89 41.10 55.59 57.59
C TYR C 89 39.89 55.61 56.69
N CYS C 90 39.97 54.86 55.59
CA CYS C 90 38.90 54.79 54.61
C CYS C 90 38.21 53.43 54.67
N SER C 91 36.99 53.38 54.14
CA SER C 91 36.20 52.16 54.12
C SER C 91 35.57 51.99 52.75
N SER C 92 35.36 50.72 52.37
CA SER C 92 34.72 50.39 51.10
C SER C 92 33.94 49.09 51.28
N TYR C 93 32.86 48.95 50.51
CA TYR C 93 32.00 47.78 50.60
C TYR C 93 32.63 46.63 49.84
N ALA C 94 33.00 45.56 50.56
CA ALA C 94 33.61 44.40 49.96
C ALA C 94 32.60 43.41 49.41
N GLY C 95 31.31 43.67 49.58
CA GLY C 95 30.27 42.78 49.08
C GLY C 95 29.83 41.76 50.13
N SER C 96 28.70 41.11 49.82
CA SER C 96 28.11 40.10 50.69
C SER C 96 27.84 40.66 52.09
N TYR C 97 27.42 41.93 52.15
CA TYR C 97 27.15 42.63 53.40
C TYR C 97 28.37 42.65 54.32
N ILE C 98 29.57 42.70 53.73
CA ILE C 98 30.82 42.73 54.47
C ILE C 98 31.60 43.96 54.03
N TRP C 99 32.09 44.72 55.00
CA TRP C 99 32.85 45.94 54.74
C TRP C 99 34.29 45.77 55.21
N VAL C 100 35.20 46.50 54.56
CA VAL C 100 36.62 46.47 54.90
C VAL C 100 37.10 47.90 55.08
N PHE C 101 38.21 48.04 55.80
CA PHE C 101 38.80 49.32 56.11
C PHE C 101 40.26 49.35 55.68
N GLY C 102 40.74 50.54 55.32
CA GLY C 102 42.10 50.69 54.87
C GLY C 102 43.11 50.59 56.01
N GLY C 103 44.39 50.56 55.62
CA GLY C 103 45.45 50.44 56.60
C GLY C 103 45.50 51.61 57.56
N GLY C 104 45.20 52.81 57.08
CA GLY C 104 45.20 53.98 57.92
C GLY C 104 46.34 54.94 57.60
N THR C 105 45.99 56.15 57.17
CA THR C 105 46.97 57.16 56.79
C THR C 105 46.99 58.25 57.85
N GLN C 106 48.20 58.61 58.29
CA GLN C 106 48.37 59.65 59.30
C GLN C 106 48.47 61.02 58.64
N LEU C 107 47.67 61.96 59.11
CA LEU C 107 47.67 63.33 58.61
C LEU C 107 48.51 64.20 59.53
N THR C 108 49.43 64.96 58.95
CA THR C 108 50.33 65.82 59.69
C THR C 108 49.91 67.28 59.55
N VAL C 109 50.49 68.12 60.41
CA VAL C 109 50.20 69.55 60.40
C VAL C 109 51.50 70.35 60.34
N SER D 2 12.08 -5.74 66.09
CA SER D 2 13.24 -6.55 65.70
C SER D 2 14.35 -6.42 66.74
N VAL D 3 14.10 -6.96 67.93
CA VAL D 3 15.06 -6.90 69.03
C VAL D 3 15.70 -8.27 69.19
N LEU D 4 17.03 -8.29 69.28
CA LEU D 4 17.77 -9.54 69.41
C LEU D 4 17.68 -10.01 70.87
N THR D 5 17.02 -11.14 71.09
CA THR D 5 16.79 -11.63 72.44
C THR D 5 18.08 -12.17 73.04
N GLN D 6 18.34 -11.78 74.29
CA GLN D 6 19.48 -12.26 75.06
C GLN D 6 19.01 -12.60 76.46
N PRO D 7 19.68 -13.55 77.12
CA PRO D 7 19.31 -13.87 78.50
C PRO D 7 19.47 -12.67 79.43
N ARG D 8 18.63 -12.63 80.46
CA ARG D 8 18.62 -11.50 81.37
C ARG D 8 19.96 -11.37 82.10
N SER D 9 20.52 -12.49 82.55
CA SER D 9 21.80 -12.46 83.25
C SER D 9 22.54 -13.76 82.97
N VAL D 10 23.86 -13.69 83.06
CA VAL D 10 24.74 -14.85 82.87
C VAL D 10 25.59 -14.99 84.12
N SER D 11 25.53 -16.17 84.73
CA SER D 11 26.28 -16.41 85.95
C SER D 11 27.78 -16.50 85.66
N GLY D 12 28.58 -16.23 86.68
CA GLY D 12 30.02 -16.27 86.52
C GLY D 12 30.71 -16.09 87.86
N SER D 13 32.03 -16.23 87.83
CA SER D 13 32.86 -16.11 89.02
C SER D 13 34.25 -15.70 88.59
N PRO D 14 35.02 -15.06 89.47
CA PRO D 14 36.40 -14.70 89.12
C PRO D 14 37.24 -15.91 88.78
N GLY D 15 38.10 -15.76 87.78
CA GLY D 15 38.96 -16.84 87.33
C GLY D 15 38.31 -17.81 86.37
N GLN D 16 37.04 -17.64 86.03
CA GLN D 16 36.32 -18.51 85.12
C GLN D 16 36.01 -17.77 83.83
N SER D 17 35.33 -18.47 82.92
CA SER D 17 34.95 -17.92 81.63
C SER D 17 33.45 -18.04 81.44
N VAL D 18 32.85 -16.99 80.86
CA VAL D 18 31.42 -16.97 80.59
C VAL D 18 31.20 -16.49 79.16
N THR D 19 30.07 -16.89 78.58
CA THR D 19 29.71 -16.52 77.21
C THR D 19 28.33 -15.90 77.20
N ILE D 20 28.24 -14.69 76.65
CA ILE D 20 26.97 -13.97 76.52
C ILE D 20 26.56 -14.00 75.06
N SER D 21 25.42 -14.61 74.78
CA SER D 21 24.94 -14.80 73.43
C SER D 21 23.57 -14.16 73.26
N CYS D 22 23.32 -13.65 72.06
CA CYS D 22 22.02 -13.11 71.69
C CYS D 22 21.59 -13.75 70.38
N THR D 23 20.29 -13.99 70.25
CA THR D 23 19.75 -14.71 69.09
C THR D 23 18.92 -13.76 68.23
N GLY D 24 19.11 -13.86 66.92
CA GLY D 24 18.35 -13.05 65.98
C GLY D 24 17.73 -13.88 64.87
N THR D 25 17.99 -13.50 63.62
CA THR D 25 17.48 -14.24 62.48
C THR D 25 18.51 -14.17 61.36
N SER D 26 18.28 -15.00 60.33
CA SER D 26 19.16 -14.99 59.16
C SER D 26 19.01 -13.71 58.34
N SER D 27 17.92 -12.97 58.52
CA SER D 27 17.72 -11.74 57.77
C SER D 27 18.61 -10.62 58.29
N ASP D 28 18.93 -10.62 59.59
CA ASP D 28 19.79 -9.60 60.18
C ASP D 28 21.10 -10.15 60.67
N VAL D 29 21.08 -11.16 61.56
CA VAL D 29 22.32 -11.69 62.13
C VAL D 29 23.10 -12.46 61.08
N GLY D 30 22.41 -13.31 60.32
CA GLY D 30 23.04 -14.18 59.35
C GLY D 30 23.20 -13.60 57.96
N ALA D 31 22.88 -12.32 57.76
CA ALA D 31 22.99 -11.68 56.46
C ALA D 31 24.23 -10.81 56.32
N TYR D 32 24.51 -9.96 57.30
CA TYR D 32 25.68 -9.10 57.29
C TYR D 32 26.60 -9.49 58.43
N ASN D 33 27.90 -9.58 58.14
CA ASN D 33 28.90 -9.92 59.15
C ASN D 33 29.41 -8.66 59.84
N TYR D 34 28.47 -7.92 60.42
CA TYR D 34 28.73 -6.67 61.10
C TYR D 34 28.16 -6.70 62.51
N VAL D 35 28.41 -7.80 63.22
CA VAL D 35 27.93 -7.95 64.58
C VAL D 35 28.87 -7.22 65.53
N SER D 36 28.30 -6.39 66.40
CA SER D 36 29.06 -5.61 67.36
C SER D 36 28.46 -5.79 68.75
N TRP D 37 29.34 -5.80 69.76
CA TRP D 37 28.95 -5.97 71.14
C TRP D 37 29.58 -4.89 71.99
N TYR D 38 28.85 -4.42 73.00
CA TYR D 38 29.32 -3.38 73.89
C TYR D 38 28.99 -3.75 75.33
N GLN D 39 29.81 -3.27 76.26
CA GLN D 39 29.61 -3.48 77.68
C GLN D 39 29.14 -2.17 78.31
N GLN D 40 28.03 -2.23 79.04
CA GLN D 40 27.42 -1.04 79.64
C GLN D 40 27.48 -1.14 81.15
N HIS D 41 27.96 -0.07 81.78
CA HIS D 41 27.95 0.03 83.23
C HIS D 41 26.81 0.93 83.69
N PRO D 42 26.20 0.63 84.83
CA PRO D 42 25.08 1.45 85.32
C PRO D 42 25.52 2.89 85.54
N GLY D 43 24.66 3.83 85.14
CA GLY D 43 24.93 5.24 85.28
C GLY D 43 25.83 5.83 84.21
N LYS D 44 26.31 5.04 83.27
CA LYS D 44 27.19 5.52 82.21
C LYS D 44 26.79 4.90 80.89
N ALA D 45 27.14 5.59 79.81
CA ALA D 45 26.82 5.09 78.48
C ALA D 45 27.63 3.83 78.18
N PRO D 46 27.08 2.91 77.37
CA PRO D 46 27.82 1.71 77.02
C PRO D 46 29.09 2.04 76.25
N LYS D 47 30.13 1.22 76.46
CA LYS D 47 31.41 1.37 75.80
C LYS D 47 31.58 0.27 74.77
N PHE D 48 31.99 0.66 73.56
CA PHE D 48 32.17 -0.30 72.48
C PHE D 48 33.35 -1.21 72.79
N MET D 49 33.11 -2.52 72.80
CA MET D 49 34.14 -3.50 73.14
C MET D 49 34.47 -4.45 72.00
N ILE D 50 33.46 -4.97 71.31
CA ILE D 50 33.65 -5.93 70.24
C ILE D 50 32.93 -5.42 69.00
N TYR D 51 33.61 -5.48 67.85
CA TYR D 51 33.02 -5.08 66.58
C TYR D 51 33.44 -6.08 65.52
N ASP D 52 32.73 -6.06 64.40
CA ASP D 52 33.02 -6.94 63.25
C ASP D 52 33.07 -8.40 63.68
N VAL D 53 32.13 -8.79 64.53
CA VAL D 53 31.96 -10.16 65.01
C VAL D 53 33.13 -10.61 65.87
N ASP D 54 34.36 -10.55 65.33
CA ASP D 54 35.52 -11.10 66.01
C ASP D 54 36.67 -10.10 66.07
N GLN D 55 36.37 -8.80 66.15
CA GLN D 55 37.39 -7.77 66.25
C GLN D 55 37.10 -6.87 67.44
N ARG D 56 38.15 -6.23 67.95
CA ARG D 56 38.03 -5.32 69.07
C ARG D 56 38.86 -4.08 68.80
N PRO D 57 38.38 -2.90 69.18
CA PRO D 57 39.16 -1.68 69.00
C PRO D 57 40.28 -1.58 70.02
N SER D 58 41.21 -0.67 69.74
CA SER D 58 42.32 -0.44 70.66
C SER D 58 41.79 0.02 72.02
N GLY D 59 42.40 -0.50 73.09
CA GLY D 59 41.94 -0.24 74.44
C GLY D 59 41.00 -1.29 74.99
N VAL D 60 40.51 -2.20 74.16
CA VAL D 60 39.65 -3.30 74.61
C VAL D 60 40.54 -4.45 75.08
N PRO D 61 40.37 -4.93 76.31
CA PRO D 61 41.19 -6.06 76.78
C PRO D 61 40.97 -7.30 75.94
N ASP D 62 42.03 -8.08 75.79
CA ASP D 62 41.99 -9.31 74.99
C ASP D 62 41.11 -10.38 75.62
N ARG D 63 40.71 -10.22 76.88
CA ARG D 63 39.87 -11.23 77.53
C ARG D 63 38.48 -11.29 76.95
N PHE D 64 38.00 -10.22 76.32
CA PHE D 64 36.66 -10.16 75.74
C PHE D 64 36.74 -10.45 74.25
N SER D 65 36.00 -11.46 73.80
CA SER D 65 35.99 -11.85 72.40
C SER D 65 34.58 -12.32 72.05
N GLY D 66 34.45 -12.96 70.89
CA GLY D 66 33.16 -13.47 70.48
C GLY D 66 33.29 -14.20 69.15
N SER D 67 32.16 -14.76 68.72
CA SER D 67 32.10 -15.50 67.46
C SER D 67 30.69 -15.42 66.90
N LYS D 68 30.58 -15.64 65.59
CA LYS D 68 29.30 -15.64 64.91
C LYS D 68 29.13 -16.97 64.17
N SER D 69 27.99 -17.61 64.39
CA SER D 69 27.67 -18.88 63.73
C SER D 69 26.19 -18.87 63.35
N GLY D 70 25.92 -18.87 62.05
CA GLY D 70 24.54 -18.81 61.59
C GLY D 70 23.88 -17.51 62.01
N ASN D 71 22.68 -17.63 62.59
CA ASN D 71 21.90 -16.49 63.03
C ASN D 71 22.11 -16.17 64.51
N THR D 72 23.06 -16.84 65.16
CA THR D 72 23.34 -16.65 66.58
C THR D 72 24.71 -16.02 66.75
N ALA D 73 24.79 -14.96 67.54
CA ALA D 73 26.04 -14.28 67.85
C ALA D 73 26.27 -14.30 69.35
N SER D 74 27.51 -14.51 69.75
CA SER D 74 27.87 -14.64 71.16
C SER D 74 29.13 -13.82 71.46
N LEU D 75 29.25 -13.43 72.72
CA LEU D 75 30.44 -12.75 73.22
C LEU D 75 31.16 -13.68 74.19
N ILE D 76 32.45 -13.88 73.97
CA ILE D 76 33.26 -14.80 74.76
C ILE D 76 34.14 -13.98 75.69
N ILE D 77 33.97 -14.19 77.00
CA ILE D 77 34.76 -13.52 78.03
C ILE D 77 35.41 -14.57 78.90
N SER D 78 36.73 -14.47 79.07
CA SER D 78 37.48 -15.42 79.88
C SER D 78 38.35 -14.66 80.87
N GLY D 79 38.60 -15.28 82.01
CA GLY D 79 39.39 -14.65 83.06
C GLY D 79 38.74 -13.40 83.62
N LEU D 80 37.44 -13.44 83.86
CA LEU D 80 36.73 -12.27 84.37
C LEU D 80 37.19 -11.92 85.78
N GLN D 81 37.25 -10.63 86.06
CA GLN D 81 37.65 -10.11 87.36
C GLN D 81 36.44 -9.54 88.07
N ALA D 82 36.67 -9.03 89.30
CA ALA D 82 35.60 -8.47 90.10
C ALA D 82 35.04 -7.19 89.50
N GLU D 83 35.80 -6.48 88.67
CA GLU D 83 35.36 -5.25 88.05
C GLU D 83 34.76 -5.46 86.66
N ASP D 84 34.64 -6.71 86.21
CA ASP D 84 34.10 -7.01 84.89
C ASP D 84 32.59 -7.09 84.87
N GLU D 85 31.92 -6.90 86.01
CA GLU D 85 30.47 -6.96 86.06
C GLU D 85 29.88 -5.77 85.28
N ALA D 86 29.16 -6.08 84.21
CA ALA D 86 28.56 -5.04 83.38
C ALA D 86 27.42 -5.64 82.57
N ASP D 87 26.57 -4.78 82.02
CA ASP D 87 25.49 -5.18 81.14
C ASP D 87 26.01 -5.16 79.70
N TYR D 88 25.88 -6.29 79.01
CA TYR D 88 26.42 -6.44 77.66
C TYR D 88 25.29 -6.40 76.66
N TYR D 89 25.44 -5.56 75.63
CA TYR D 89 24.49 -5.47 74.53
C TYR D 89 25.13 -5.98 73.26
N CYS D 90 24.31 -6.54 72.38
CA CYS D 90 24.74 -6.99 71.07
C CYS D 90 24.03 -6.17 70.00
N SER D 91 24.78 -5.78 68.97
CA SER D 91 24.25 -4.97 67.89
C SER D 91 24.63 -5.58 66.55
N SER D 92 23.72 -5.50 65.58
CA SER D 92 23.96 -6.05 64.26
C SER D 92 23.23 -5.19 63.24
N TYR D 93 23.70 -5.25 61.99
CA TYR D 93 23.09 -4.49 60.91
C TYR D 93 21.85 -5.24 60.41
N ALA D 94 20.70 -4.58 60.51
CA ALA D 94 19.44 -5.17 60.09
C ALA D 94 19.13 -4.94 58.61
N GLY D 95 20.02 -4.29 57.88
CA GLY D 95 19.81 -4.02 56.47
C GLY D 95 19.18 -2.65 56.24
N SER D 96 19.32 -2.17 55.01
CA SER D 96 18.82 -0.86 54.59
C SER D 96 19.37 0.25 55.48
N TYR D 97 20.65 0.12 55.85
CA TYR D 97 21.35 1.10 56.70
C TYR D 97 20.61 1.33 58.02
N ILE D 98 20.07 0.27 58.59
CA ILE D 98 19.34 0.32 59.85
C ILE D 98 20.07 -0.54 60.87
N TRP D 99 20.35 0.03 62.04
CA TRP D 99 21.05 -0.67 63.10
C TRP D 99 20.07 -0.99 64.22
N VAL D 100 20.07 -2.25 64.66
CA VAL D 100 19.19 -2.72 65.72
C VAL D 100 20.04 -3.28 66.85
N PHE D 101 19.76 -2.85 68.07
CA PHE D 101 20.49 -3.29 69.25
C PHE D 101 19.74 -4.41 69.95
N GLY D 102 20.49 -5.26 70.66
CA GLY D 102 19.90 -6.37 71.38
C GLY D 102 19.30 -5.95 72.70
N GLY D 103 18.66 -6.92 73.36
CA GLY D 103 18.02 -6.64 74.64
C GLY D 103 19.02 -6.31 75.74
N GLY D 104 20.11 -7.07 75.82
CA GLY D 104 21.12 -6.81 76.83
C GLY D 104 21.20 -7.92 77.85
N THR D 105 22.42 -8.30 78.21
CA THR D 105 22.68 -9.34 79.19
C THR D 105 23.59 -8.79 80.29
N GLN D 106 23.28 -9.13 81.54
CA GLN D 106 24.06 -8.69 82.68
C GLN D 106 25.03 -9.79 83.10
N LEU D 107 26.30 -9.43 83.23
CA LEU D 107 27.34 -10.36 83.64
C LEU D 107 27.57 -10.19 85.14
N THR D 108 27.40 -11.27 85.89
CA THR D 108 27.55 -11.25 87.34
C THR D 108 28.74 -12.10 87.74
N VAL D 109 29.58 -11.57 88.63
CA VAL D 109 30.77 -12.27 89.07
C VAL D 109 30.66 -12.61 90.55
N GLN E 27 -47.06 32.66 17.51
CA GLN E 27 -46.37 31.78 16.58
C GLN E 27 -47.28 31.36 15.44
N SER E 28 -46.69 30.80 14.39
CA SER E 28 -47.41 30.33 13.22
C SER E 28 -46.48 29.38 12.46
N TYR E 29 -46.88 29.01 11.25
CA TYR E 29 -46.04 28.18 10.40
C TYR E 29 -46.12 28.67 8.96
N THR E 30 -44.96 28.69 8.29
CA THR E 30 -44.88 29.15 6.91
C THR E 30 -43.87 28.29 6.17
N ASN E 31 -44.00 28.26 4.84
CA ASN E 31 -43.11 27.48 4.00
C ASN E 31 -41.81 28.24 3.76
N SER E 32 -40.68 27.53 3.83
CA SER E 32 -39.37 28.15 3.67
C SER E 32 -38.94 28.28 2.22
N PHE E 33 -39.57 27.54 1.31
CA PHE E 33 -39.28 27.60 -0.13
C PHE E 33 -37.82 27.22 -0.36
N THR E 34 -37.14 27.87 -1.32
CA THR E 34 -35.77 27.42 -1.71
C THR E 34 -34.62 28.32 -1.25
N ARG E 35 -34.77 28.93 -0.07
CA ARG E 35 -33.76 29.91 0.43
C ARG E 35 -32.98 29.41 1.65
N GLY E 36 -32.09 30.25 2.20
CA GLY E 36 -31.22 29.87 3.28
C GLY E 36 -29.92 29.27 2.84
N VAL E 37 -29.54 29.45 1.58
CA VAL E 37 -28.31 28.90 1.04
C VAL E 37 -27.19 29.90 1.27
N TYR E 38 -26.07 29.42 1.79
CA TYR E 38 -24.92 30.26 2.08
C TYR E 38 -23.69 29.68 1.38
N TYR E 39 -22.59 30.44 1.43
CA TYR E 39 -21.35 29.96 0.85
C TYR E 39 -20.66 29.03 1.83
N PRO E 40 -20.53 27.75 1.52
CA PRO E 40 -19.98 26.80 2.49
C PRO E 40 -18.52 27.03 2.82
N ASP E 41 -17.78 27.77 1.99
CA ASP E 41 -16.35 28.00 2.22
C ASP E 41 -15.95 29.31 1.56
N LYS E 42 -14.66 29.61 1.60
CA LYS E 42 -14.10 30.82 1.02
C LYS E 42 -13.26 30.51 -0.22
N VAL E 43 -13.76 29.59 -1.05
CA VAL E 43 -13.04 29.11 -2.23
C VAL E 43 -13.76 29.62 -3.47
N PHE E 44 -13.01 30.17 -4.40
CA PHE E 44 -13.57 30.60 -5.68
C PHE E 44 -13.79 29.41 -6.60
N ARG E 45 -14.93 29.40 -7.28
CA ARG E 45 -15.21 28.41 -8.30
C ARG E 45 -15.97 29.08 -9.43
N SER E 46 -15.62 28.74 -10.66
CA SER E 46 -16.17 29.40 -11.84
C SER E 46 -16.79 28.37 -12.77
N SER E 47 -18.07 28.56 -13.10
CA SER E 47 -18.77 27.72 -14.07
C SER E 47 -18.66 26.25 -13.71
N VAL E 48 -19.02 25.93 -12.47
CA VAL E 48 -18.93 24.57 -11.96
C VAL E 48 -20.27 24.20 -11.31
N LEU E 49 -20.48 22.89 -11.18
CA LEU E 49 -21.59 22.33 -10.42
C LEU E 49 -20.99 21.53 -9.27
N HIS E 50 -21.08 22.08 -8.06
CA HIS E 50 -20.38 21.54 -6.91
C HIS E 50 -21.36 20.82 -6.00
N LEU E 51 -20.95 19.67 -5.49
CA LEU E 51 -21.79 18.84 -4.63
C LEU E 51 -21.25 18.93 -3.20
N THR E 52 -21.96 19.68 -2.36
CA THR E 52 -21.52 19.96 -1.00
C THR E 52 -22.39 19.22 0.00
N GLN E 53 -21.81 18.91 1.15
CA GLN E 53 -22.53 18.26 2.26
C GLN E 53 -22.22 19.03 3.54
N ASP E 54 -23.21 19.76 4.03
CA ASP E 54 -22.99 20.60 5.23
C ASP E 54 -24.33 20.78 5.91
N LEU E 55 -24.44 21.74 6.81
CA LEU E 55 -25.68 22.07 7.49
C LEU E 55 -26.43 23.12 6.68
N PHE E 56 -27.50 22.70 6.00
CA PHE E 56 -28.31 23.59 5.20
C PHE E 56 -29.76 23.52 5.67
N LEU E 57 -30.49 24.59 5.40
CA LEU E 57 -31.93 24.60 5.65
C LEU E 57 -32.64 23.83 4.55
N PRO E 58 -33.40 22.79 4.88
CA PRO E 58 -34.02 21.97 3.83
C PRO E 58 -34.96 22.77 2.95
N PHE E 59 -34.98 22.43 1.67
CA PHE E 59 -35.90 23.07 0.74
C PHE E 59 -37.34 22.71 1.09
N PHE E 60 -38.21 23.71 1.01
CA PHE E 60 -39.63 23.54 1.30
C PHE E 60 -39.85 22.91 2.67
N SER E 61 -39.12 23.43 3.65
CA SER E 61 -39.26 23.00 5.03
C SER E 61 -40.33 23.85 5.72
N ASN E 62 -40.47 23.67 7.02
CA ASN E 62 -41.42 24.43 7.82
C ASN E 62 -40.64 25.37 8.74
N VAL E 63 -40.72 26.66 8.45
CA VAL E 63 -40.04 27.69 9.23
C VAL E 63 -41.06 28.39 10.11
N THR E 64 -40.80 28.44 11.41
CA THR E 64 -41.70 29.10 12.34
C THR E 64 -41.77 30.59 12.03
N TRP E 65 -42.92 31.18 12.33
CA TRP E 65 -43.15 32.60 12.12
C TRP E 65 -43.58 33.21 13.45
N PHE E 66 -42.81 34.20 13.89
CA PHE E 66 -43.12 34.83 15.20
C PHE E 66 -43.35 36.31 14.97
N HIS E 67 -44.52 36.82 15.35
CA HIS E 67 -44.75 38.28 15.30
C HIS E 67 -44.98 38.67 16.77
N ALA E 68 -44.24 39.66 17.27
CA ALA E 68 -44.36 40.00 18.71
C ALA E 68 -44.83 41.45 18.87
N ILE E 69 -45.86 41.67 19.69
CA ILE E 69 -46.42 43.04 19.88
C ILE E 69 -46.74 43.24 21.37
N ASN E 80 -41.61 37.09 24.14
CA ASN E 80 -40.24 36.82 23.74
C ASN E 80 -39.79 35.45 24.22
N PRO E 81 -40.10 34.41 23.45
CA PRO E 81 -39.74 33.05 23.85
C PRO E 81 -38.26 32.75 23.64
N VAL E 82 -37.80 31.73 24.35
CA VAL E 82 -36.44 31.22 24.20
C VAL E 82 -36.49 29.99 23.30
N LEU E 83 -35.80 30.05 22.17
CA LEU E 83 -35.91 29.03 21.14
C LEU E 83 -34.73 28.07 21.20
N PRO E 84 -34.93 26.81 20.80
CA PRO E 84 -33.81 25.87 20.76
C PRO E 84 -32.86 26.18 19.61
N PHE E 85 -31.63 25.71 19.77
CA PHE E 85 -30.57 25.97 18.80
C PHE E 85 -30.24 24.76 17.93
N ASN E 86 -30.34 23.54 18.47
CA ASN E 86 -30.04 22.31 17.75
C ASN E 86 -28.63 22.37 17.15
N ASP E 87 -28.54 22.34 15.82
CA ASP E 87 -27.25 22.43 15.13
C ASP E 87 -27.06 23.75 14.40
N GLY E 88 -28.10 24.57 14.29
CA GLY E 88 -27.97 25.85 13.61
C GLY E 88 -29.31 26.56 13.64
N VAL E 89 -29.32 27.77 13.09
CA VAL E 89 -30.55 28.55 13.03
C VAL E 89 -30.50 29.46 11.82
N TYR E 90 -31.56 29.44 11.02
CA TYR E 90 -31.76 30.41 9.97
C TYR E 90 -32.72 31.47 10.48
N PHE E 91 -32.33 32.73 10.37
CA PHE E 91 -33.08 33.83 10.94
C PHE E 91 -33.35 34.86 9.84
N ALA E 92 -34.57 35.37 9.82
CA ALA E 92 -34.93 36.46 8.92
C ALA E 92 -35.73 37.48 9.72
N SER E 93 -35.75 38.72 9.22
CA SER E 93 -36.51 39.76 9.88
C SER E 93 -36.84 40.83 8.84
N THR E 94 -38.08 40.81 8.33
CA THR E 94 -38.52 41.76 7.33
C THR E 94 -39.27 42.94 7.96
N GLU E 95 -38.91 43.29 9.19
CA GLU E 95 -39.61 44.33 9.92
C GLU E 95 -39.28 45.71 9.37
N LYS E 96 -40.30 46.53 9.20
CA LYS E 96 -40.08 47.94 8.95
C LYS E 96 -39.56 48.62 10.22
N SER E 97 -38.77 49.67 10.05
CA SER E 97 -38.12 50.37 11.16
C SER E 97 -37.18 49.42 11.90
N ASN E 98 -36.64 49.86 13.03
CA ASN E 98 -35.68 49.09 13.81
C ASN E 98 -36.34 48.63 15.10
N ILE E 99 -36.66 47.35 15.19
CA ILE E 99 -37.23 46.78 16.41
C ILE E 99 -36.37 45.62 16.89
N ILE E 100 -36.29 44.56 16.09
CA ILE E 100 -35.50 43.39 16.44
C ILE E 100 -34.05 43.67 16.01
N ARG E 101 -33.21 44.03 16.97
CA ARG E 101 -31.85 44.47 16.69
C ARG E 101 -30.85 43.83 17.65
N GLY E 102 -30.96 42.52 17.86
CA GLY E 102 -30.00 41.87 18.74
C GLY E 102 -30.36 40.43 18.99
N TRP E 103 -29.42 39.72 19.60
CA TRP E 103 -29.53 38.31 19.87
C TRP E 103 -28.72 37.98 21.12
N ILE E 104 -29.06 36.86 21.75
CA ILE E 104 -28.36 36.40 22.95
C ILE E 104 -28.28 34.89 22.90
N PHE E 105 -27.07 34.35 22.93
CA PHE E 105 -26.83 32.91 22.81
C PHE E 105 -26.17 32.38 24.08
N GLY E 106 -26.72 31.31 24.65
CA GLY E 106 -26.04 30.72 25.82
C GLY E 106 -26.92 29.72 26.55
N THR E 107 -26.43 28.49 26.73
CA THR E 107 -27.19 27.48 27.49
C THR E 107 -27.33 27.97 28.92
N THR E 108 -26.26 28.56 29.47
CA THR E 108 -26.29 29.06 30.87
C THR E 108 -27.33 30.16 30.96
N LEU E 109 -27.40 31.05 29.95
CA LEU E 109 -28.36 32.18 29.97
C LEU E 109 -28.38 32.82 31.37
N ASP E 110 -27.32 32.65 32.15
CA ASP E 110 -27.25 33.21 33.49
C ASP E 110 -25.78 33.35 33.88
N SER E 111 -25.53 33.68 35.15
CA SER E 111 -24.17 33.85 35.64
C SER E 111 -23.43 32.53 35.81
N LYS E 112 -24.12 31.39 35.69
CA LYS E 112 -23.49 30.09 35.86
C LYS E 112 -22.44 29.84 34.79
N GLN E 114 -20.71 30.32 30.11
CA GLN E 114 -20.82 31.68 29.61
C GLN E 114 -21.89 31.78 28.53
N SER E 115 -22.21 33.01 28.13
CA SER E 115 -23.21 33.27 27.12
C SER E 115 -22.70 34.34 26.16
N LEU E 116 -23.20 34.31 24.92
CA LEU E 116 -22.76 35.31 23.90
C LEU E 116 -23.93 36.26 23.58
N LEU E 117 -23.73 37.57 23.77
CA LEU E 117 -24.78 38.56 23.43
C LEU E 117 -24.30 39.40 22.24
N ILE E 118 -25.12 39.49 21.19
CA ILE E 118 -24.74 40.28 19.99
C ILE E 118 -25.75 41.42 19.86
N VAL E 119 -25.33 42.66 20.10
CA VAL E 119 -26.29 43.79 20.08
C VAL E 119 -25.89 44.72 18.94
N ASN E 120 -26.85 45.08 18.09
CA ASN E 120 -26.51 45.91 16.90
C ASN E 120 -27.11 47.30 17.11
N ASN E 121 -26.27 48.34 17.09
CA ASN E 121 -26.76 49.73 17.22
C ASN E 121 -26.64 50.43 15.87
N ALA E 122 -27.24 51.62 15.74
CA ALA E 122 -27.21 52.37 14.46
C ALA E 122 -25.76 52.63 14.05
N THR E 123 -24.90 53.00 15.00
CA THR E 123 -23.53 53.36 14.65
C THR E 123 -22.69 52.13 14.34
N ASN E 124 -22.79 51.08 15.16
CA ASN E 124 -21.91 49.93 15.03
C ASN E 124 -22.55 48.75 15.74
N VAL E 125 -21.90 47.59 15.63
CA VAL E 125 -22.37 46.34 16.21
C VAL E 125 -21.38 45.92 17.29
N PHE E 126 -21.90 45.63 18.47
CA PHE E 126 -21.09 45.27 19.63
C PHE E 126 -21.33 43.82 19.99
N ILE E 127 -20.28 43.00 19.91
CA ILE E 127 -20.35 41.58 20.26
C ILE E 127 -19.51 41.38 21.51
N LYS E 128 -20.08 40.72 22.51
CA LYS E 128 -19.41 40.48 23.78
C LYS E 128 -19.73 39.08 24.26
N VAL E 129 -18.74 38.40 24.83
CA VAL E 129 -18.91 37.03 25.33
C VAL E 129 -18.47 37.04 26.79
N CYS E 130 -19.42 37.26 27.70
CA CYS E 130 -19.18 37.28 29.13
C CYS E 130 -20.09 36.25 29.80
N GLU E 131 -20.12 36.27 31.13
CA GLU E 131 -20.98 35.40 31.92
C GLU E 131 -22.21 36.14 32.46
N PHE E 132 -22.73 37.10 31.70
CA PHE E 132 -23.88 37.89 32.14
C PHE E 132 -25.13 37.03 32.28
N SER E 159 -27.00 42.24 33.72
CA SER E 159 -25.95 43.24 33.87
C SER E 159 -24.82 42.74 34.74
N SER E 160 -23.98 41.87 34.17
CA SER E 160 -22.83 41.32 34.90
C SER E 160 -21.72 41.08 33.88
N ALA E 161 -20.81 42.04 33.74
CA ALA E 161 -19.70 41.93 32.80
C ALA E 161 -18.54 41.18 33.47
N ASN E 162 -18.72 39.87 33.59
CA ASN E 162 -17.76 38.99 34.22
C ASN E 162 -16.93 38.26 33.17
N ASN E 163 -15.67 38.01 33.51
CA ASN E 163 -14.75 37.25 32.67
C ASN E 163 -14.51 37.94 31.33
N CYS E 164 -15.44 37.76 30.40
CA CYS E 164 -15.39 38.40 29.08
C CYS E 164 -14.12 38.02 28.32
N THR E 165 -14.00 36.72 28.03
CA THR E 165 -12.82 36.22 27.33
C THR E 165 -12.73 36.71 25.89
N PHE E 166 -13.82 37.23 25.33
CA PHE E 166 -13.81 37.73 23.97
C PHE E 166 -14.65 39.00 23.88
N GLU E 167 -14.25 39.89 22.98
CA GLU E 167 -14.97 41.14 22.77
C GLU E 167 -14.57 41.70 21.42
N TYR E 168 -15.54 41.96 20.54
CA TYR E 168 -15.27 42.43 19.21
C TYR E 168 -16.34 43.41 18.76
N VAL E 169 -15.94 44.41 17.99
CA VAL E 169 -16.85 45.39 17.41
C VAL E 169 -16.54 45.51 15.93
N SER E 170 -17.57 45.86 15.16
CA SER E 170 -17.43 45.96 13.71
C SER E 170 -18.56 46.85 13.18
N GLN E 171 -18.69 46.92 11.87
CA GLN E 171 -19.83 47.72 11.39
C GLN E 171 -21.12 46.94 11.64
N PRO E 172 -22.30 47.57 11.56
CA PRO E 172 -23.58 46.97 11.94
C PRO E 172 -23.99 45.84 11.01
N PHE E 173 -24.73 44.88 11.56
CA PHE E 173 -25.30 43.79 10.77
C PHE E 173 -26.67 44.16 10.21
N LEU E 174 -27.60 44.52 11.09
CA LEU E 174 -28.97 44.83 10.70
C LEU E 174 -29.17 46.29 10.32
N MET E 175 -28.09 47.06 10.25
CA MET E 175 -28.12 48.46 9.81
C MET E 175 -29.08 49.30 10.65
N ASN E 186 -36.77 46.15 4.45
CA ASN E 186 -36.06 45.12 3.70
C ASN E 186 -36.06 43.81 4.46
N LEU E 187 -35.41 42.80 3.89
CA LEU E 187 -35.28 41.48 4.50
C LEU E 187 -33.83 41.26 4.89
N ARG E 188 -33.62 40.81 6.12
CA ARG E 188 -32.28 40.61 6.68
C ARG E 188 -32.10 39.15 7.06
N GLU E 189 -31.68 38.35 6.09
CA GLU E 189 -31.50 36.92 6.32
C GLU E 189 -30.19 36.67 7.07
N PHE E 190 -30.20 35.66 7.93
CA PHE E 190 -29.04 35.34 8.76
C PHE E 190 -28.94 33.84 8.93
N VAL E 191 -27.72 33.36 9.18
CA VAL E 191 -27.46 31.98 9.56
C VAL E 191 -26.43 31.99 10.67
N PHE E 192 -26.71 31.25 11.74
CA PHE E 192 -25.82 31.20 12.90
C PHE E 192 -25.38 29.76 13.12
N LYS E 193 -24.20 29.41 12.64
CA LYS E 193 -23.63 28.09 12.90
C LYS E 193 -22.75 28.15 14.15
N ASN E 194 -22.09 27.05 14.46
CA ASN E 194 -21.22 27.00 15.64
C ASN E 194 -20.33 25.78 15.51
N TYR E 198 -16.02 28.62 17.19
CA TYR E 198 -16.21 29.33 15.93
C TYR E 198 -17.68 29.58 15.64
N PHE E 199 -18.15 30.78 15.97
CA PHE E 199 -19.55 31.16 15.73
C PHE E 199 -19.60 31.87 14.39
N LYS E 200 -20.06 31.17 13.36
CA LYS E 200 -20.10 31.70 12.01
C LYS E 200 -21.42 32.42 11.75
N ILE E 201 -21.33 33.63 11.24
CA ILE E 201 -22.50 34.45 10.93
C ILE E 201 -22.49 34.76 9.44
N TYR E 202 -23.60 34.48 8.78
CA TYR E 202 -23.81 34.85 7.39
C TYR E 202 -24.92 35.90 7.31
N SER E 203 -25.04 36.55 6.16
CA SER E 203 -26.06 37.57 6.00
C SER E 203 -26.23 37.90 4.54
N LYS E 204 -27.41 38.40 4.21
CA LYS E 204 -27.71 38.89 2.86
C LYS E 204 -28.94 39.77 2.96
N HIS E 205 -28.78 41.07 2.68
CA HIS E 205 -29.88 42.01 2.74
C HIS E 205 -30.55 42.12 1.38
N THR E 206 -31.88 42.14 1.40
CA THR E 206 -32.66 42.14 0.17
C THR E 206 -33.99 42.82 0.44
N PRO E 207 -34.63 43.42 -0.58
CA PRO E 207 -35.94 44.05 -0.44
C PRO E 207 -37.01 43.09 0.07
N PHE E 213 -40.89 37.70 3.13
CA PHE E 213 -40.49 36.33 2.84
C PHE E 213 -41.02 35.88 1.47
N PRO E 214 -40.41 36.39 0.40
CA PRO E 214 -40.91 36.07 -0.94
C PRO E 214 -40.37 34.76 -1.47
N GLN E 215 -40.69 34.45 -2.72
CA GLN E 215 -40.12 33.30 -3.41
C GLN E 215 -38.96 33.78 -4.28
N GLY E 216 -37.86 33.05 -4.23
CA GLY E 216 -36.68 33.42 -4.99
C GLY E 216 -35.45 32.78 -4.39
N PHE E 217 -34.30 33.11 -4.99
CA PHE E 217 -33.03 32.54 -4.61
C PHE E 217 -32.02 33.65 -4.35
N SER E 218 -31.38 33.60 -3.19
CA SER E 218 -30.32 34.55 -2.86
C SER E 218 -29.38 33.89 -1.87
N ALA E 219 -28.08 33.95 -2.15
CA ALA E 219 -27.08 33.29 -1.33
C ALA E 219 -26.62 34.21 -0.20
N LEU E 220 -26.12 33.60 0.86
CA LEU E 220 -25.68 34.31 2.06
C LEU E 220 -24.15 34.31 2.10
N GLU E 221 -23.56 35.49 2.31
CA GLU E 221 -22.12 35.67 2.30
C GLU E 221 -21.61 35.91 3.70
N PRO E 222 -20.57 35.20 4.14
CA PRO E 222 -20.18 35.22 5.56
C PRO E 222 -19.75 36.60 6.03
N LEU E 223 -19.88 36.82 7.33
CA LEU E 223 -19.49 38.07 7.97
C LEU E 223 -18.33 37.90 8.93
N VAL E 224 -18.42 36.91 9.82
CA VAL E 224 -17.34 36.78 10.85
C VAL E 224 -17.38 35.43 11.56
N ASP E 225 -16.23 34.79 11.73
CA ASP E 225 -16.18 33.54 12.55
C ASP E 225 -15.34 33.85 13.78
N LEU E 226 -15.88 33.64 14.98
CA LEU E 226 -15.16 34.02 16.22
C LEU E 226 -14.98 32.78 17.08
N PRO E 227 -13.78 32.46 17.61
CA PRO E 227 -13.56 31.20 18.36
C PRO E 227 -13.99 31.35 19.81
N ILE E 228 -15.31 31.42 20.04
CA ILE E 228 -15.84 31.49 21.44
C ILE E 228 -15.47 30.19 22.15
N GLY E 229 -15.58 29.06 21.44
CA GLY E 229 -15.31 27.75 22.08
C GLY E 229 -16.23 27.52 23.26
N ILE E 230 -17.49 27.95 23.15
CA ILE E 230 -18.48 27.76 24.26
C ILE E 230 -19.62 26.88 23.75
N ASN E 231 -20.43 26.36 24.67
CA ASN E 231 -21.59 25.57 24.28
C ASN E 231 -22.76 26.50 23.95
N ILE E 232 -23.38 26.28 22.81
CA ILE E 232 -24.57 27.01 22.41
C ILE E 232 -25.71 26.00 22.31
N THR E 233 -26.68 26.12 23.21
CA THR E 233 -27.82 25.21 23.23
C THR E 233 -29.17 25.91 23.10
N ARG E 234 -29.21 27.23 23.23
CA ARG E 234 -30.46 27.97 23.09
C ARG E 234 -30.12 29.41 22.75
N PHE E 235 -31.13 30.13 22.26
CA PHE E 235 -30.96 31.55 21.94
C PHE E 235 -32.31 32.24 22.04
N GLN E 236 -32.27 33.57 22.13
CA GLN E 236 -33.48 34.37 22.21
C GLN E 236 -33.21 35.74 21.60
N THR E 237 -34.09 36.17 20.70
CA THR E 237 -33.95 37.48 20.09
C THR E 237 -34.31 38.58 21.08
N LEU E 238 -33.51 39.63 21.07
CA LEU E 238 -33.74 40.80 21.93
C LEU E 238 -34.07 42.00 21.07
N LEU E 239 -35.21 42.62 21.34
CA LEU E 239 -35.67 43.76 20.55
C LEU E 239 -35.81 45.00 21.40
N ASP E 261 -41.61 40.50 13.16
CA ASP E 261 -41.80 39.58 12.02
C ASP E 261 -40.55 38.72 11.85
N TYR E 262 -40.21 37.91 12.86
CA TYR E 262 -38.93 37.15 12.79
C TYR E 262 -39.21 35.66 12.63
N TYR E 263 -38.58 35.06 11.63
CA TYR E 263 -38.73 33.60 11.40
C TYR E 263 -37.53 32.92 12.00
N VAL E 264 -37.66 31.64 12.29
CA VAL E 264 -36.54 30.86 12.82
C VAL E 264 -36.56 29.46 12.24
N GLY E 265 -35.73 29.21 11.24
CA GLY E 265 -35.55 27.88 10.70
C GLY E 265 -34.53 27.09 11.51
N TYR E 266 -34.17 25.93 10.98
CA TYR E 266 -33.13 25.12 11.60
C TYR E 266 -32.34 24.42 10.50
N LEU E 267 -31.02 24.34 10.69
CA LEU E 267 -30.14 23.72 9.72
C LEU E 267 -30.00 22.24 10.02
N GLN E 268 -29.93 21.44 8.96
CA GLN E 268 -29.80 19.99 9.09
C GLN E 268 -28.70 19.50 8.15
N PRO E 269 -28.06 18.37 8.47
CA PRO E 269 -26.95 17.88 7.64
C PRO E 269 -27.40 17.23 6.33
N ARG E 270 -27.62 18.08 5.32
CA ARG E 270 -28.12 17.64 4.03
C ARG E 270 -27.12 17.96 2.93
N THR E 271 -27.34 17.33 1.77
CA THR E 271 -26.44 17.44 0.62
C THR E 271 -27.10 18.30 -0.45
N PHE E 272 -26.35 19.26 -0.99
CA PHE E 272 -26.84 20.18 -2.00
C PHE E 272 -25.96 20.10 -3.23
N LEU E 273 -26.48 20.57 -4.36
CA LEU E 273 -25.75 20.67 -5.61
C LEU E 273 -25.67 22.14 -5.98
N LEU E 274 -24.65 22.82 -5.47
CA LEU E 274 -24.52 24.26 -5.67
C LEU E 274 -23.99 24.55 -7.07
N LYS E 275 -24.53 25.60 -7.68
CA LYS E 275 -24.12 26.03 -9.01
C LYS E 275 -23.44 27.39 -8.93
N TYR E 276 -22.23 27.49 -9.47
CA TYR E 276 -21.45 28.71 -9.49
C TYR E 276 -21.43 29.26 -10.91
N ASN E 277 -21.72 30.55 -11.06
CA ASN E 277 -21.66 31.17 -12.37
C ASN E 277 -20.22 31.50 -12.73
N GLU E 278 -20.02 32.20 -13.86
CA GLU E 278 -18.67 32.50 -14.32
C GLU E 278 -17.95 33.48 -13.40
N ASN E 279 -18.66 34.19 -12.53
CA ASN E 279 -18.06 35.17 -11.64
C ASN E 279 -17.93 34.67 -10.21
N GLY E 280 -18.18 33.38 -9.97
CA GLY E 280 -17.97 32.81 -8.67
C GLY E 280 -19.12 32.92 -7.70
N THR E 281 -20.28 33.40 -8.13
CA THR E 281 -21.43 33.56 -7.27
C THR E 281 -22.39 32.39 -7.45
N ILE E 282 -22.98 31.93 -6.35
CA ILE E 282 -23.93 30.82 -6.41
C ILE E 282 -25.21 31.31 -7.06
N THR E 283 -25.55 30.75 -8.22
CA THR E 283 -26.75 31.14 -8.93
C THR E 283 -27.93 30.21 -8.69
N ASP E 284 -27.68 28.97 -8.28
CA ASP E 284 -28.76 28.00 -8.08
C ASP E 284 -28.27 26.89 -7.17
N ALA E 285 -29.21 26.11 -6.66
CA ALA E 285 -28.90 24.97 -5.81
C ALA E 285 -30.02 23.95 -5.90
N VAL E 286 -29.67 22.68 -5.68
CA VAL E 286 -30.61 21.57 -5.75
C VAL E 286 -30.47 20.72 -4.50
N ASP E 287 -31.58 20.44 -3.83
CA ASP E 287 -31.59 19.62 -2.64
C ASP E 287 -31.75 18.15 -3.03
N CYS E 288 -30.72 17.34 -2.76
CA CYS E 288 -30.68 15.99 -3.28
C CYS E 288 -31.66 15.04 -2.60
N ALA E 289 -32.29 15.43 -1.51
CA ALA E 289 -33.20 14.56 -0.77
C ALA E 289 -34.61 15.14 -0.71
N LEU E 290 -34.96 15.97 -1.68
CA LEU E 290 -36.29 16.59 -1.71
C LEU E 290 -37.31 15.71 -2.41
N ASP E 291 -37.07 15.40 -3.68
CA ASP E 291 -37.96 14.58 -4.49
C ASP E 291 -37.12 13.70 -5.38
N PRO E 292 -37.69 12.67 -6.03
CA PRO E 292 -36.86 11.78 -6.86
C PRO E 292 -36.12 12.49 -7.98
N LEU E 293 -36.70 13.52 -8.59
CA LEU E 293 -36.04 14.19 -9.70
C LEU E 293 -34.78 14.89 -9.25
N SER E 294 -34.81 15.56 -8.09
CA SER E 294 -33.63 16.25 -7.59
C SER E 294 -32.50 15.28 -7.29
N GLU E 295 -32.84 14.08 -6.77
CA GLU E 295 -31.82 13.08 -6.51
C GLU E 295 -31.19 12.57 -7.80
N THR E 296 -31.92 12.61 -8.91
CA THR E 296 -31.34 12.25 -10.20
C THR E 296 -30.36 13.31 -10.68
N LYS E 297 -30.66 14.59 -10.43
CA LYS E 297 -29.75 15.66 -10.81
C LYS E 297 -28.43 15.56 -10.05
N CYS E 298 -28.49 15.21 -8.76
CA CYS E 298 -27.26 15.08 -7.99
C CYS E 298 -26.47 13.85 -8.41
N THR E 299 -27.15 12.80 -8.88
CA THR E 299 -26.45 11.62 -9.39
C THR E 299 -25.64 11.95 -10.64
N LEU E 300 -26.23 12.73 -11.55
CA LEU E 300 -25.56 13.14 -12.77
C LEU E 300 -24.75 14.43 -12.61
N LYS E 301 -24.91 15.12 -11.49
CA LYS E 301 -24.29 16.43 -11.28
C LYS E 301 -24.59 17.37 -12.44
N SER E 302 -25.87 17.46 -12.79
CA SER E 302 -26.32 18.35 -13.85
C SER E 302 -27.74 18.79 -13.55
N PHE E 303 -28.01 20.06 -13.79
CA PHE E 303 -29.35 20.61 -13.58
C PHE E 303 -30.32 20.26 -14.69
N THR E 304 -29.84 19.65 -15.77
CA THR E 304 -30.68 19.21 -16.87
C THR E 304 -30.54 17.71 -17.03
N VAL E 305 -31.66 17.00 -17.00
CA VAL E 305 -31.69 15.55 -17.05
C VAL E 305 -32.30 15.13 -18.38
N GLU E 306 -31.60 14.26 -19.10
CA GLU E 306 -32.10 13.76 -20.37
C GLU E 306 -33.06 12.59 -20.12
N LYS E 307 -33.78 12.20 -21.17
CA LYS E 307 -34.74 11.12 -21.07
C LYS E 307 -34.04 9.80 -20.79
N GLY E 308 -34.62 9.01 -19.90
CA GLY E 308 -34.08 7.71 -19.60
C GLY E 308 -34.49 7.29 -18.20
N ILE E 309 -33.97 6.13 -17.81
CA ILE E 309 -34.19 5.57 -16.47
C ILE E 309 -32.84 5.53 -15.76
N TYR E 310 -32.76 6.16 -14.60
CA TYR E 310 -31.50 6.38 -13.91
C TYR E 310 -31.50 5.68 -12.57
N GLN E 311 -30.43 4.94 -12.29
CA GLN E 311 -30.29 4.24 -11.02
C GLN E 311 -29.80 5.22 -9.96
N THR E 312 -30.65 5.54 -8.99
CA THR E 312 -30.27 6.65 -8.08
C THR E 312 -29.95 6.21 -6.68
N SER E 313 -30.85 5.49 -6.03
CA SER E 313 -30.67 5.19 -4.58
C SER E 313 -31.04 3.75 -4.24
N ASN E 314 -30.60 3.28 -3.08
CA ASN E 314 -31.06 1.95 -2.63
C ASN E 314 -32.02 2.18 -1.47
N PHE E 315 -33.21 1.58 -1.54
CA PHE E 315 -34.21 1.77 -0.46
C PHE E 315 -33.93 0.77 0.65
N ARG E 316 -34.55 0.98 1.81
CA ARG E 316 -34.31 0.10 2.94
C ARG E 316 -35.46 0.25 3.92
N VAL E 317 -36.19 -0.84 4.15
CA VAL E 317 -37.21 -0.84 5.20
C VAL E 317 -36.51 -0.88 6.55
N GLN E 318 -36.85 0.04 7.40
CA GLN E 318 -36.04 0.26 8.59
C GLN E 318 -36.71 -0.31 9.83
N PRO E 319 -35.91 -0.66 10.84
CA PRO E 319 -36.49 -1.24 12.06
C PRO E 319 -37.43 -0.29 12.77
N THR E 320 -38.44 -0.85 13.41
CA THR E 320 -39.42 -0.09 14.17
C THR E 320 -39.17 -0.12 15.67
N GLU E 321 -38.73 -1.25 16.21
CA GLU E 321 -38.49 -1.41 17.64
C GLU E 321 -37.09 -1.98 17.85
N SER E 322 -36.70 -2.09 19.12
CA SER E 322 -35.43 -2.68 19.50
C SER E 322 -35.68 -3.81 20.48
N ILE E 323 -35.03 -4.94 20.24
CA ILE E 323 -35.19 -6.15 21.04
C ILE E 323 -33.86 -6.48 21.69
N VAL E 324 -33.87 -6.66 23.01
CA VAL E 324 -32.69 -7.10 23.76
C VAL E 324 -33.11 -8.26 24.64
N ARG E 325 -32.39 -9.38 24.53
CA ARG E 325 -32.73 -10.58 25.29
C ARG E 325 -31.47 -11.19 25.85
N PHE E 326 -31.41 -11.32 27.17
CA PHE E 326 -30.29 -11.89 27.91
C PHE E 326 -30.81 -12.93 28.88
N PRO E 327 -29.99 -13.91 29.26
CA PRO E 327 -30.48 -14.99 30.13
C PRO E 327 -30.89 -14.48 31.50
N ASN E 328 -31.88 -15.16 32.08
CA ASN E 328 -32.39 -14.80 33.40
C ASN E 328 -31.39 -15.27 34.46
N VAL E 329 -30.69 -14.32 35.08
CA VAL E 329 -29.69 -14.65 36.10
C VAL E 329 -29.62 -13.50 37.09
N THR E 330 -29.30 -13.83 38.33
CA THR E 330 -29.25 -12.83 39.39
C THR E 330 -27.92 -12.80 40.10
N ASN E 331 -27.28 -13.94 40.32
CA ASN E 331 -26.05 -13.98 41.09
C ASN E 331 -24.92 -13.27 40.35
N LEU E 332 -24.15 -12.47 41.09
CA LEU E 332 -23.00 -11.81 40.52
C LEU E 332 -21.80 -12.74 40.50
N CYS E 333 -20.87 -12.47 39.58
CA CYS E 333 -19.65 -13.25 39.51
C CYS E 333 -18.70 -12.84 40.62
N PRO E 334 -17.90 -13.77 41.14
CA PRO E 334 -17.04 -13.48 42.30
C PRO E 334 -15.77 -12.72 41.93
N PHE E 335 -15.94 -11.56 41.30
CA PHE E 335 -14.80 -10.71 41.00
C PHE E 335 -14.15 -10.19 42.29
N HIS E 336 -14.97 -9.81 43.27
CA HIS E 336 -14.42 -9.31 44.53
C HIS E 336 -13.63 -10.39 45.25
N GLU E 337 -13.98 -11.66 45.06
CA GLU E 337 -13.30 -12.74 45.75
C GLU E 337 -11.84 -12.86 45.35
N VAL E 338 -11.47 -12.40 44.17
CA VAL E 338 -10.10 -12.48 43.69
C VAL E 338 -9.33 -11.19 43.94
N PHE E 339 -9.97 -10.04 43.75
CA PHE E 339 -9.30 -8.76 43.94
C PHE E 339 -9.18 -8.36 45.40
N ASN E 340 -9.86 -9.07 46.30
CA ASN E 340 -9.76 -8.81 47.74
C ASN E 340 -9.14 -9.99 48.47
N ALA E 341 -8.37 -10.81 47.77
CA ALA E 341 -7.73 -11.96 48.39
C ALA E 341 -6.51 -11.53 49.20
N THR E 342 -6.31 -12.17 50.34
CA THR E 342 -5.19 -11.82 51.21
C THR E 342 -3.86 -12.33 50.66
N ARG E 343 -3.86 -13.51 50.06
CA ARG E 343 -2.64 -14.14 49.56
C ARG E 343 -2.78 -14.46 48.07
N PHE E 344 -1.72 -14.19 47.33
CA PHE E 344 -1.64 -14.55 45.91
C PHE E 344 -0.55 -15.59 45.72
N ALA E 345 -0.78 -16.48 44.76
CA ALA E 345 0.18 -17.54 44.48
C ALA E 345 1.38 -16.98 43.71
N SER E 346 2.45 -17.77 43.70
CA SER E 346 3.64 -17.41 42.93
C SER E 346 3.35 -17.53 41.44
N VAL E 347 4.22 -16.91 40.64
CA VAL E 347 4.00 -16.86 39.20
C VAL E 347 4.11 -18.25 38.57
N TYR E 348 4.90 -19.15 39.17
CA TYR E 348 5.04 -20.49 38.63
C TYR E 348 3.91 -21.42 39.05
N ALA E 349 3.04 -20.99 39.95
CA ALA E 349 1.90 -21.77 40.41
C ALA E 349 0.64 -20.91 40.43
N TRP E 350 0.43 -20.18 39.34
CA TRP E 350 -0.69 -19.23 39.27
C TRP E 350 -2.02 -19.94 39.43
N ASN E 351 -2.95 -19.28 40.11
CA ASN E 351 -4.23 -19.88 40.47
C ASN E 351 -5.30 -19.41 39.49
N ARG E 352 -5.95 -20.36 38.82
CA ARG E 352 -7.00 -20.07 37.85
C ARG E 352 -8.35 -20.38 38.47
N THR E 353 -9.26 -19.41 38.42
CA THR E 353 -10.60 -19.54 38.97
C THR E 353 -11.62 -19.55 37.84
N ARG E 354 -12.51 -20.54 37.87
CA ARG E 354 -13.58 -20.63 36.89
C ARG E 354 -14.68 -19.63 37.23
N ILE E 355 -15.25 -19.02 36.20
CA ILE E 355 -16.34 -18.07 36.35
C ILE E 355 -17.41 -18.43 35.33
N SER E 356 -18.56 -18.90 35.80
CA SER E 356 -19.64 -19.31 34.91
C SER E 356 -20.97 -19.21 35.65
N ASN E 357 -22.03 -18.98 34.87
CA ASN E 357 -23.39 -18.91 35.38
C ASN E 357 -23.53 -17.83 36.46
N CYS E 358 -23.30 -16.59 36.04
CA CYS E 358 -23.40 -15.44 36.93
C CYS E 358 -23.61 -14.19 36.09
N VAL E 359 -23.68 -13.05 36.76
CA VAL E 359 -23.81 -11.74 36.13
C VAL E 359 -22.55 -10.95 36.44
N ALA E 360 -21.84 -10.54 35.40
CA ALA E 360 -20.52 -9.92 35.54
C ALA E 360 -20.68 -8.40 35.42
N ASP E 361 -20.90 -7.75 36.54
CA ASP E 361 -20.93 -6.28 36.60
C ASP E 361 -19.49 -5.81 36.79
N TYR E 362 -18.84 -5.44 35.69
CA TYR E 362 -17.43 -5.07 35.73
C TYR E 362 -17.18 -3.70 36.35
N SER E 363 -18.23 -2.94 36.67
CA SER E 363 -18.04 -1.68 37.39
C SER E 363 -17.42 -1.89 38.76
N VAL E 364 -17.56 -3.09 39.34
CA VAL E 364 -16.97 -3.38 40.63
C VAL E 364 -15.46 -3.46 40.56
N LEU E 365 -14.90 -3.68 39.35
CA LEU E 365 -13.45 -3.82 39.21
C LEU E 365 -12.71 -2.56 39.65
N TYR E 366 -13.34 -1.39 39.53
CA TYR E 366 -12.69 -0.13 39.85
C TYR E 366 -12.81 0.23 41.32
N ASN E 367 -13.35 -0.65 42.15
CA ASN E 367 -13.23 -0.47 43.59
C ASN E 367 -11.77 -0.46 44.02
N PHE E 368 -10.96 -1.34 43.43
CA PHE E 368 -9.51 -1.28 43.56
C PHE E 368 -9.01 -0.24 42.54
N ALA E 369 -9.22 1.03 42.90
CA ALA E 369 -8.94 2.12 41.97
C ALA E 369 -7.49 2.19 41.50
N PRO E 370 -6.47 2.08 42.36
CA PRO E 370 -5.09 2.30 41.88
C PRO E 370 -4.60 1.21 40.94
N PHE E 371 -5.04 1.24 39.69
CA PHE E 371 -4.63 0.28 38.68
C PHE E 371 -3.43 0.82 37.92
N PHE E 372 -2.32 0.08 37.97
CA PHE E 372 -1.13 0.49 37.22
C PHE E 372 -1.31 0.22 35.73
N ALA E 373 -1.90 -0.92 35.37
CA ALA E 373 -2.10 -1.29 33.98
C ALA E 373 -3.44 -1.97 33.82
N PHE E 374 -4.18 -1.57 32.78
CA PHE E 374 -5.47 -2.15 32.46
C PHE E 374 -5.56 -2.43 30.96
N LYS E 375 -4.51 -3.04 30.42
CA LYS E 375 -4.48 -3.34 28.99
C LYS E 375 -5.49 -4.44 28.67
N CYS E 376 -6.39 -4.15 27.74
CA CYS E 376 -7.42 -5.08 27.31
C CYS E 376 -7.19 -5.46 25.85
N TYR E 377 -7.27 -6.76 25.56
CA TYR E 377 -6.98 -7.27 24.23
C TYR E 377 -8.26 -7.89 23.67
N GLY E 378 -8.66 -7.43 22.48
CA GLY E 378 -9.83 -7.94 21.81
C GLY E 378 -11.13 -7.26 22.22
N VAL E 379 -11.23 -6.83 23.48
CA VAL E 379 -12.43 -6.19 24.02
C VAL E 379 -12.03 -4.85 24.60
N SER E 380 -12.80 -3.81 24.28
CA SER E 380 -12.58 -2.53 24.94
C SER E 380 -13.08 -2.60 26.38
N PRO E 381 -12.35 -2.01 27.34
CA PRO E 381 -12.78 -2.10 28.73
C PRO E 381 -14.09 -1.43 29.03
N THR E 382 -14.56 -0.51 28.17
CA THR E 382 -15.82 0.17 28.41
C THR E 382 -17.03 -0.63 27.95
N LYS E 383 -16.84 -1.61 27.07
CA LYS E 383 -17.94 -2.39 26.51
C LYS E 383 -18.10 -3.74 27.18
N LEU E 384 -17.36 -4.02 28.25
CA LEU E 384 -17.43 -5.32 28.91
C LEU E 384 -18.77 -5.57 29.57
N ASN E 385 -19.61 -4.55 29.75
CA ASN E 385 -20.89 -4.69 30.42
C ASN E 385 -22.03 -5.00 29.45
N ASP E 386 -21.74 -5.16 28.16
CA ASP E 386 -22.78 -5.41 27.16
C ASP E 386 -22.48 -6.65 26.33
N LEU E 387 -21.70 -7.58 26.85
CA LEU E 387 -21.30 -8.77 26.11
C LEU E 387 -21.53 -10.01 26.94
N CYS E 388 -21.83 -11.11 26.26
CA CYS E 388 -21.93 -12.42 26.87
C CYS E 388 -20.69 -13.24 26.54
N PHE E 389 -20.15 -13.92 27.55
CA PHE E 389 -18.92 -14.69 27.42
C PHE E 389 -19.21 -16.17 27.61
N THR E 390 -18.59 -17.00 26.76
CA THR E 390 -18.77 -18.44 26.89
C THR E 390 -18.15 -18.96 28.18
N ASN E 391 -16.90 -18.62 28.44
CA ASN E 391 -16.22 -19.02 29.67
C ASN E 391 -15.23 -17.92 30.05
N VAL E 392 -15.08 -17.71 31.36
CA VAL E 392 -14.22 -16.67 31.89
C VAL E 392 -13.29 -17.30 32.93
N TYR E 393 -11.99 -17.05 32.79
CA TYR E 393 -11.00 -17.46 33.78
C TYR E 393 -10.47 -16.23 34.50
N ALA E 394 -9.73 -16.47 35.58
CA ALA E 394 -9.12 -15.39 36.35
C ALA E 394 -7.83 -15.93 36.96
N ASP E 395 -6.71 -15.68 36.29
CA ASP E 395 -5.41 -16.14 36.75
C ASP E 395 -4.79 -15.03 37.58
N SER E 396 -4.49 -15.32 38.84
CA SER E 396 -3.93 -14.34 39.76
C SER E 396 -2.55 -14.85 40.18
N PHE E 397 -1.53 -14.00 40.02
CA PHE E 397 -0.18 -14.35 40.41
C PHE E 397 0.55 -13.05 40.63
N VAL E 398 1.71 -13.14 41.28
CA VAL E 398 2.54 -12.00 41.64
C VAL E 398 3.82 -12.04 40.81
N ILE E 399 4.14 -10.93 40.16
CA ILE E 399 5.35 -10.79 39.37
C ILE E 399 6.04 -9.48 39.76
N LYS E 400 7.32 -9.36 39.40
CA LYS E 400 8.07 -8.16 39.67
C LYS E 400 7.55 -7.00 38.82
N GLY E 401 7.82 -5.78 39.29
CA GLY E 401 7.30 -4.61 38.59
C GLY E 401 7.84 -4.46 37.19
N ASN E 402 9.14 -4.67 37.01
CA ASN E 402 9.76 -4.56 35.69
C ASN E 402 9.36 -5.68 34.75
N GLU E 403 8.76 -6.75 35.27
CA GLU E 403 8.33 -7.88 34.46
C GLU E 403 6.85 -7.86 34.12
N VAL E 404 6.13 -6.81 34.54
CA VAL E 404 4.71 -6.71 34.22
C VAL E 404 4.51 -6.54 32.72
N SER E 405 5.44 -5.83 32.07
CA SER E 405 5.35 -5.64 30.62
C SER E 405 5.41 -6.97 29.89
N GLN E 406 6.10 -7.97 30.46
CA GLN E 406 6.18 -9.28 29.83
C GLN E 406 4.89 -10.07 29.90
N ILE E 407 3.91 -9.63 30.68
CA ILE E 407 2.61 -10.31 30.74
C ILE E 407 1.76 -9.70 29.63
N ALA E 408 1.96 -10.23 28.42
CA ALA E 408 1.29 -9.76 27.22
C ALA E 408 1.51 -10.78 26.11
N PRO E 409 0.59 -10.90 25.16
CA PRO E 409 0.76 -11.89 24.09
C PRO E 409 2.00 -11.61 23.24
N GLY E 410 2.72 -12.68 22.92
CA GLY E 410 3.82 -12.60 21.98
C GLY E 410 5.15 -12.14 22.55
N GLN E 411 5.24 -11.91 23.85
CA GLN E 411 6.48 -11.45 24.45
C GLN E 411 7.33 -12.62 24.94
N THR E 412 8.61 -12.33 25.19
CA THR E 412 9.56 -13.34 25.63
C THR E 412 10.32 -12.83 26.85
N GLY E 413 10.75 -13.76 27.68
CA GLY E 413 11.46 -13.43 28.90
C GLY E 413 11.40 -14.58 29.87
N ASN E 414 11.98 -14.34 31.05
CA ASN E 414 11.96 -15.37 32.10
C ASN E 414 10.55 -15.66 32.55
N ILE E 415 9.74 -14.62 32.78
CA ILE E 415 8.36 -14.83 33.22
C ILE E 415 7.51 -15.31 32.05
N ALA E 416 7.71 -14.74 30.87
CA ALA E 416 6.82 -15.03 29.74
C ALA E 416 7.04 -16.42 29.17
N ASP E 417 8.29 -16.86 29.07
CA ASP E 417 8.59 -18.10 28.36
C ASP E 417 8.65 -19.33 29.26
N TYR E 418 8.91 -19.16 30.56
CA TYR E 418 9.04 -20.30 31.45
C TYR E 418 8.05 -20.32 32.61
N ASN E 419 7.26 -19.26 32.79
CA ASN E 419 6.34 -19.19 33.92
C ASN E 419 4.90 -18.98 33.51
N TYR E 420 4.63 -18.15 32.50
CA TYR E 420 3.27 -17.87 32.09
C TYR E 420 3.30 -17.34 30.66
N LYS E 421 2.81 -18.14 29.72
CA LYS E 421 2.81 -17.80 28.31
C LYS E 421 1.38 -17.55 27.85
N LEU E 422 1.11 -16.32 27.41
CA LEU E 422 -0.18 -15.99 26.82
C LEU E 422 -0.20 -16.39 25.34
N PRO E 423 -1.36 -16.77 24.82
CA PRO E 423 -1.47 -17.09 23.40
C PRO E 423 -1.26 -15.85 22.53
N ASP E 424 -0.67 -16.07 21.36
CA ASP E 424 -0.40 -14.98 20.43
C ASP E 424 -1.65 -14.62 19.64
N PHE E 426 -5.15 -13.74 21.66
CA PHE E 426 -5.59 -13.63 23.05
C PHE E 426 -6.68 -12.58 23.23
N THR E 427 -7.84 -13.02 23.69
CA THR E 427 -8.94 -12.13 24.02
C THR E 427 -9.08 -12.06 25.53
N GLY E 428 -8.97 -10.86 26.08
CA GLY E 428 -9.07 -10.70 27.52
C GLY E 428 -8.48 -9.37 27.95
N CYS E 429 -8.51 -9.15 29.26
CA CYS E 429 -7.98 -7.94 29.88
C CYS E 429 -6.94 -8.32 30.91
N VAL E 430 -5.79 -7.65 30.85
CA VAL E 430 -4.70 -7.85 31.81
C VAL E 430 -4.74 -6.69 32.80
N ILE E 431 -4.83 -7.01 34.08
CA ILE E 431 -4.90 -6.02 35.15
C ILE E 431 -3.71 -6.24 36.07
N ALA E 432 -3.01 -5.15 36.39
CA ALA E 432 -1.84 -5.20 37.27
C ALA E 432 -1.79 -3.95 38.11
N TRP E 433 -1.86 -4.11 39.43
CA TRP E 433 -1.72 -3.01 40.37
C TRP E 433 -0.55 -3.31 41.30
N ASN E 434 0.34 -2.33 41.46
CA ASN E 434 1.49 -2.51 42.33
C ASN E 434 1.06 -2.72 43.76
N SER E 435 1.62 -3.74 44.42
CA SER E 435 1.27 -4.08 45.80
C SER E 435 2.56 -4.35 46.57
N ASN E 436 3.11 -3.29 47.17
CA ASN E 436 4.29 -3.41 48.02
C ASN E 436 3.96 -3.32 49.51
N LYS E 437 2.79 -2.81 49.86
CA LYS E 437 2.41 -2.72 51.27
C LYS E 437 2.09 -4.10 51.84
N LEU E 438 1.53 -4.99 51.03
CA LEU E 438 1.12 -6.31 51.50
C LEU E 438 2.15 -7.41 51.25
N ASP E 439 3.12 -7.18 50.37
CA ASP E 439 4.10 -8.19 50.02
C ASP E 439 5.51 -7.85 50.49
N SER E 440 6.00 -6.65 50.16
CA SER E 440 7.36 -6.28 50.52
C SER E 440 7.52 -6.18 52.03
N LYS E 441 8.66 -6.64 52.53
CA LYS E 441 8.94 -6.65 53.95
C LYS E 441 10.42 -6.40 54.17
N HIS E 442 10.75 -5.98 55.40
CA HIS E 442 12.14 -5.66 55.72
C HIS E 442 13.04 -6.87 55.59
N SER E 443 12.60 -8.03 56.08
CA SER E 443 13.41 -9.24 55.96
C SER E 443 13.53 -9.67 54.50
N GLY E 444 12.44 -9.62 53.74
CA GLY E 444 12.44 -10.06 52.36
C GLY E 444 11.52 -11.23 52.13
N ASN E 445 10.54 -11.06 51.25
CA ASN E 445 9.55 -12.10 51.00
C ASN E 445 10.14 -13.15 50.07
N TYR E 446 10.23 -14.39 50.55
CA TYR E 446 10.73 -15.51 49.76
C TYR E 446 9.65 -16.48 49.35
N ASP E 447 8.41 -16.27 49.78
CA ASP E 447 7.31 -17.17 49.42
C ASP E 447 6.96 -17.09 47.94
N TYR E 448 7.35 -16.02 47.26
CA TYR E 448 7.03 -15.82 45.84
C TYR E 448 8.20 -16.31 45.00
N TRP E 449 8.01 -17.45 44.33
CA TRP E 449 9.04 -18.06 43.52
C TRP E 449 8.81 -17.79 42.04
N TYR E 450 9.77 -18.21 41.22
CA TYR E 450 9.62 -18.20 39.78
C TYR E 450 10.54 -19.26 39.19
N ARG E 451 10.17 -19.73 38.00
CA ARG E 451 10.93 -20.76 37.30
C ARG E 451 12.00 -20.10 36.44
N LEU E 452 13.25 -20.52 36.62
CA LEU E 452 14.37 -19.96 35.87
C LEU E 452 14.96 -20.92 34.84
N PHE E 453 14.85 -22.24 35.06
CA PHE E 453 15.43 -23.22 34.17
C PHE E 453 14.37 -24.22 33.73
N ARG E 454 14.47 -24.66 32.48
CA ARG E 454 13.58 -25.70 31.95
C ARG E 454 14.34 -26.62 31.00
N SER E 456 11.92 -27.22 28.03
CA SER E 456 12.63 -26.16 27.31
C SER E 456 11.88 -24.84 27.38
N LYS E 457 10.62 -24.87 26.94
CA LYS E 457 9.78 -23.69 26.94
C LYS E 457 8.39 -24.08 27.43
N LEU E 458 7.65 -23.09 27.93
CA LEU E 458 6.31 -23.31 28.44
C LEU E 458 5.28 -23.04 27.35
N LYS E 459 4.43 -24.04 27.10
CA LYS E 459 3.34 -23.87 26.15
C LYS E 459 2.33 -22.87 26.69
N PRO E 460 1.54 -22.24 25.83
CA PRO E 460 0.56 -21.27 26.30
C PRO E 460 -0.41 -21.88 27.31
N PHE E 461 -0.68 -21.12 28.37
CA PHE E 461 -1.61 -21.53 29.43
C PHE E 461 -1.25 -22.89 30.01
N GLU E 462 0.04 -23.08 30.28
CA GLU E 462 0.54 -24.31 30.89
C GLU E 462 1.20 -23.96 32.22
N ARG E 463 0.92 -24.78 33.23
CA ARG E 463 1.47 -24.59 34.57
C ARG E 463 2.56 -25.63 34.80
N ASP E 464 3.71 -25.17 35.30
CA ASP E 464 4.86 -26.04 35.54
C ASP E 464 5.06 -26.17 37.04
N ILE E 465 4.35 -27.10 37.65
CA ILE E 465 4.57 -27.45 39.07
C ILE E 465 5.58 -28.57 39.07
N SER E 466 6.86 -28.20 39.00
CA SER E 466 7.94 -29.18 38.93
C SER E 466 9.21 -28.54 39.46
N THR E 467 9.70 -29.02 40.59
CA THR E 467 10.91 -28.49 41.19
C THR E 467 12.02 -29.54 41.21
N TYR E 485 21.10 -27.26 38.54
CA TYR E 485 20.83 -26.41 39.70
C TYR E 485 19.37 -26.52 40.13
N PHE E 486 18.93 -25.58 40.95
CA PHE E 486 17.54 -25.52 41.38
C PHE E 486 16.79 -24.60 40.43
N PRO E 487 15.87 -25.11 39.61
CA PRO E 487 15.17 -24.21 38.66
C PRO E 487 14.36 -23.11 39.33
N LEU E 488 13.81 -23.36 40.51
CA LEU E 488 13.00 -22.36 41.20
C LEU E 488 13.88 -21.51 42.10
N GLN E 489 13.83 -20.19 41.90
CA GLN E 489 14.56 -19.24 42.71
C GLN E 489 13.59 -18.24 43.32
N SER E 490 13.78 -17.95 44.60
CA SER E 490 12.91 -17.03 45.32
C SER E 490 13.58 -15.66 45.37
N TYR E 491 12.91 -14.66 44.83
CA TYR E 491 13.41 -13.29 44.82
C TYR E 491 12.81 -12.53 46.00
N GLY E 492 13.68 -12.08 46.90
CA GLY E 492 13.22 -11.32 48.05
C GLY E 492 12.66 -9.97 47.65
N PHE E 493 11.67 -9.51 48.41
CA PHE E 493 11.03 -8.22 48.16
C PHE E 493 11.16 -7.36 49.40
N ARG E 494 11.77 -6.19 49.23
CA ARG E 494 11.94 -5.23 50.31
C ARG E 494 11.52 -3.86 49.85
N PRO E 495 10.98 -3.04 50.75
CA PRO E 495 10.58 -1.68 50.35
C PRO E 495 11.74 -0.80 49.92
N THR E 496 12.98 -1.15 50.27
CA THR E 496 14.13 -0.39 49.85
C THR E 496 14.37 -0.46 48.34
N TYR E 497 13.73 -1.40 47.65
CA TYR E 497 13.89 -1.52 46.22
C TYR E 497 13.09 -0.44 45.49
N GLY E 498 13.42 -0.25 44.22
CA GLY E 498 12.78 0.77 43.41
C GLY E 498 11.45 0.31 42.83
N VAL E 499 10.93 1.13 41.93
CA VAL E 499 9.65 0.84 41.28
C VAL E 499 9.75 -0.43 40.43
N GLY E 500 10.93 -0.74 39.92
CA GLY E 500 11.11 -1.90 39.08
C GLY E 500 11.33 -3.20 39.81
N HIS E 501 11.31 -3.19 41.14
CA HIS E 501 11.50 -4.39 41.92
C HIS E 501 10.43 -4.62 42.99
N GLN E 502 9.55 -3.65 43.23
CA GLN E 502 8.45 -3.85 44.16
C GLN E 502 7.47 -4.87 43.58
N PRO E 503 6.86 -5.70 44.43
CA PRO E 503 5.92 -6.72 43.93
C PRO E 503 4.70 -6.09 43.29
N TYR E 504 4.20 -6.75 42.24
CA TYR E 504 2.98 -6.34 41.55
C TYR E 504 1.96 -7.46 41.60
N ARG E 505 0.70 -7.09 41.79
CA ARG E 505 -0.40 -8.05 41.82
C ARG E 505 -1.10 -8.02 40.47
N VAL E 506 -1.11 -9.17 39.78
CA VAL E 506 -1.63 -9.27 38.43
C VAL E 506 -2.79 -10.27 38.41
N VAL E 507 -3.91 -9.87 37.83
CA VAL E 507 -5.05 -10.75 37.59
C VAL E 507 -5.40 -10.67 36.12
N VAL E 508 -5.39 -11.81 35.43
CA VAL E 508 -5.63 -11.87 34.00
C VAL E 508 -6.97 -12.53 33.76
N LEU E 509 -7.90 -11.78 33.18
CA LEU E 509 -9.18 -12.32 32.75
C LEU E 509 -9.06 -12.82 31.33
N SER E 510 -9.65 -13.99 31.07
CA SER E 510 -9.53 -14.66 29.77
C SER E 510 -10.92 -15.05 29.30
N PHE E 511 -11.54 -14.18 28.51
CA PHE E 511 -12.87 -14.45 27.96
C PHE E 511 -12.76 -15.33 26.71
N GLU E 512 -13.91 -15.85 26.29
CA GLU E 512 -14.01 -16.61 25.04
C GLU E 512 -15.28 -16.16 24.34
N LEU E 513 -15.11 -15.38 23.28
CA LEU E 513 -16.25 -14.78 22.57
C LEU E 513 -16.55 -15.57 21.31
N LEU E 514 -17.79 -16.00 21.18
CA LEU E 514 -18.23 -16.79 20.02
C LEU E 514 -19.74 -16.80 19.93
N ALA E 516 -21.69 -20.24 20.39
CA ALA E 516 -21.52 -20.99 21.62
C ALA E 516 -22.47 -20.49 22.70
N PRO E 517 -23.02 -21.41 23.48
CA PRO E 517 -23.88 -20.99 24.61
C PRO E 517 -23.11 -20.15 25.60
N ALA E 518 -23.78 -19.14 26.14
CA ALA E 518 -23.16 -18.15 27.01
C ALA E 518 -23.67 -18.30 28.43
N THR E 519 -22.74 -18.38 29.39
CA THR E 519 -23.09 -18.50 30.79
C THR E 519 -22.84 -17.21 31.59
N VAL E 520 -21.90 -16.38 31.18
CA VAL E 520 -21.58 -15.13 31.84
C VAL E 520 -21.98 -14.00 30.92
N CYS E 521 -22.84 -13.10 31.41
CA CYS E 521 -23.31 -11.96 30.64
C CYS E 521 -23.28 -10.71 31.50
N GLY E 522 -23.26 -9.57 30.83
CA GLY E 522 -23.32 -8.29 31.52
C GLY E 522 -24.72 -7.96 31.97
N PRO E 523 -24.83 -6.94 32.81
CA PRO E 523 -26.15 -6.51 33.30
C PRO E 523 -26.91 -5.73 32.25
N LYS E 524 -27.94 -6.37 31.67
CA LYS E 524 -28.75 -5.75 30.63
C LYS E 524 -30.19 -6.19 30.81
N LYS E 525 -31.11 -5.24 30.61
CA LYS E 525 -32.54 -5.57 30.66
C LYS E 525 -32.92 -6.42 29.45
N SER E 526 -33.90 -7.29 29.66
CA SER E 526 -34.37 -8.20 28.62
C SER E 526 -35.81 -7.81 28.27
N THR E 527 -35.97 -7.15 27.13
CA THR E 527 -37.27 -6.69 26.69
C THR E 527 -38.08 -7.84 26.11
N ASN E 528 -39.34 -7.55 25.81
CA ASN E 528 -40.23 -8.56 25.25
C ASN E 528 -39.82 -8.90 23.82
N LEU E 529 -40.33 -10.01 23.33
CA LEU E 529 -40.00 -10.52 22.00
C LEU E 529 -41.09 -10.10 21.02
N VAL E 530 -40.69 -9.42 19.95
CA VAL E 530 -41.59 -8.95 18.91
C VAL E 530 -41.25 -9.67 17.62
N LYS E 531 -42.22 -10.38 17.07
CA LYS E 531 -42.01 -11.17 15.86
C LYS E 531 -42.75 -10.55 14.68
N ASN E 532 -42.27 -10.90 13.48
CA ASN E 532 -42.85 -10.44 12.22
C ASN E 532 -42.76 -8.92 12.06
N LYS E 533 -41.75 -8.31 12.68
CA LYS E 533 -41.47 -6.89 12.50
C LYS E 533 -39.97 -6.70 12.33
N CYS E 534 -39.59 -5.82 11.41
CA CYS E 534 -38.19 -5.44 11.27
C CYS E 534 -37.73 -4.76 12.55
N VAL E 535 -36.82 -5.39 13.29
CA VAL E 535 -36.38 -4.89 14.59
C VAL E 535 -34.88 -5.10 14.72
N ASN E 536 -34.28 -4.32 15.63
CA ASN E 536 -32.88 -4.49 16.02
C ASN E 536 -32.84 -5.43 17.22
N PHE E 537 -32.43 -6.68 16.98
CA PHE E 537 -32.41 -7.67 18.04
C PHE E 537 -31.02 -7.76 18.67
N ASN E 538 -30.97 -8.33 19.86
CA ASN E 538 -29.72 -8.55 20.59
C ASN E 538 -29.88 -9.82 21.41
N PHE E 539 -29.44 -10.94 20.84
CA PHE E 539 -29.51 -12.25 21.50
C PHE E 539 -28.11 -12.62 21.99
N ASN E 540 -27.89 -12.47 23.29
CA ASN E 540 -26.61 -12.82 23.91
C ASN E 540 -25.45 -12.08 23.26
N GLY E 541 -25.69 -10.87 22.78
CA GLY E 541 -24.68 -10.09 22.10
C GLY E 541 -24.72 -10.18 20.59
N LEU E 542 -25.43 -11.15 20.03
CA LEU E 542 -25.61 -11.25 18.58
C LEU E 542 -26.50 -10.10 18.13
N THR E 543 -25.91 -9.08 17.53
CA THR E 543 -26.62 -7.89 17.11
C THR E 543 -26.94 -7.97 15.62
N GLY E 544 -28.07 -7.39 15.24
CA GLY E 544 -28.47 -7.39 13.85
C GLY E 544 -29.78 -6.67 13.68
N THR E 545 -30.32 -6.77 12.46
CA THR E 545 -31.62 -6.23 12.13
C THR E 545 -32.31 -7.20 11.18
N GLY E 546 -33.52 -7.61 11.52
CA GLY E 546 -34.20 -8.61 10.71
C GLY E 546 -35.58 -8.88 11.25
N VAL E 547 -36.25 -9.82 10.58
CA VAL E 547 -37.64 -10.16 10.87
C VAL E 547 -37.65 -11.53 11.53
N LEU E 548 -37.80 -11.55 12.84
CA LEU E 548 -37.84 -12.79 13.60
C LEU E 548 -39.18 -13.49 13.39
N THR E 549 -39.13 -14.79 13.07
CA THR E 549 -40.34 -15.60 12.96
C THR E 549 -40.17 -16.86 13.79
N LYS E 550 -41.09 -17.81 13.65
CA LYS E 550 -40.95 -19.12 14.27
C LYS E 550 -40.27 -20.06 13.27
N SER E 551 -39.06 -20.50 13.60
CA SER E 551 -38.26 -21.28 12.67
C SER E 551 -38.70 -22.73 12.64
N ASN E 552 -38.75 -23.30 11.45
CA ASN E 552 -39.14 -24.69 11.23
C ASN E 552 -37.96 -25.64 11.26
N LYS E 553 -36.74 -25.13 11.44
CA LYS E 553 -35.55 -25.96 11.40
C LYS E 553 -35.51 -26.91 12.59
N LYS E 554 -35.06 -28.15 12.34
CA LYS E 554 -35.01 -29.18 13.37
C LYS E 554 -33.72 -29.06 14.17
N PHE E 555 -33.68 -28.03 15.02
CA PHE E 555 -32.56 -27.85 15.92
C PHE E 555 -32.48 -29.00 16.90
N LEU E 556 -31.24 -29.36 17.27
CA LEU E 556 -30.97 -30.42 18.23
C LEU E 556 -30.40 -29.81 19.51
N PRO E 557 -30.63 -30.46 20.66
CA PRO E 557 -30.37 -29.80 21.96
C PRO E 557 -29.00 -29.18 22.13
N PHE E 558 -28.01 -29.63 21.36
CA PHE E 558 -26.68 -29.05 21.45
C PHE E 558 -26.47 -27.88 20.50
N GLN E 559 -27.43 -27.60 19.63
CA GLN E 559 -27.27 -26.58 18.58
C GLN E 559 -27.92 -25.29 19.02
N GLN E 560 -27.15 -24.20 19.04
CA GLN E 560 -27.64 -22.89 19.45
C GLN E 560 -28.05 -22.03 18.26
N PHE E 561 -27.14 -21.81 17.31
CA PHE E 561 -27.39 -20.96 16.16
C PHE E 561 -27.55 -21.81 14.91
N GLY E 562 -27.91 -21.15 13.82
CA GLY E 562 -27.97 -21.80 12.52
C GLY E 562 -27.32 -20.91 11.47
N ARG E 563 -26.84 -21.54 10.41
CA ARG E 563 -26.13 -20.82 9.37
C ARG E 563 -26.51 -21.37 8.01
N ASP E 564 -26.56 -20.48 7.02
CA ASP E 564 -26.97 -20.81 5.66
C ASP E 564 -25.76 -21.30 4.86
N ILE E 565 -25.92 -21.38 3.54
CA ILE E 565 -24.83 -21.84 2.67
C ILE E 565 -23.69 -20.84 2.59
N VAL E 566 -23.88 -19.62 3.05
CA VAL E 566 -22.88 -18.57 2.95
C VAL E 566 -22.32 -18.20 4.32
N ASP E 567 -22.46 -19.08 5.31
CA ASP E 567 -21.91 -18.88 6.65
C ASP E 567 -22.38 -17.57 7.26
N THR E 568 -23.68 -17.32 7.18
CA THR E 568 -24.32 -16.18 7.81
C THR E 568 -25.40 -16.68 8.75
N THR E 569 -25.48 -16.07 9.93
CA THR E 569 -26.45 -16.47 10.95
C THR E 569 -27.86 -16.44 10.39
N ASP E 570 -28.48 -17.61 10.28
CA ASP E 570 -29.79 -17.75 9.67
C ASP E 570 -30.88 -18.09 10.67
N ALA E 571 -30.53 -18.41 11.92
CA ALA E 571 -31.50 -18.70 12.96
C ALA E 571 -30.85 -18.42 14.30
N VAL E 572 -31.67 -18.38 15.34
CA VAL E 572 -31.21 -18.09 16.70
C VAL E 572 -32.04 -18.91 17.67
N ARG E 573 -31.62 -18.87 18.94
CA ARG E 573 -32.32 -19.55 20.02
C ARG E 573 -32.59 -18.54 21.12
N ASP E 574 -33.84 -18.45 21.55
CA ASP E 574 -34.21 -17.47 22.55
C ASP E 574 -33.54 -17.81 23.87
N PRO E 575 -32.80 -16.87 24.47
CA PRO E 575 -32.10 -17.18 25.73
C PRO E 575 -33.02 -17.60 26.86
N GLN E 576 -34.25 -17.07 26.91
CA GLN E 576 -35.13 -17.29 28.05
C GLN E 576 -36.31 -18.21 27.75
N THR E 577 -36.61 -18.46 26.47
CA THR E 577 -37.74 -19.30 26.10
C THR E 577 -37.36 -20.55 25.34
N LEU E 578 -36.11 -20.68 24.91
CA LEU E 578 -35.62 -21.85 24.16
C LEU E 578 -36.46 -22.10 22.90
N GLU E 579 -36.82 -21.03 22.21
CA GLU E 579 -37.56 -21.11 20.96
C GLU E 579 -36.66 -20.71 19.81
N ILE E 580 -36.76 -21.44 18.70
CA ILE E 580 -35.87 -21.24 17.55
C ILE E 580 -36.54 -20.26 16.61
N LEU E 581 -35.85 -19.14 16.34
CA LEU E 581 -36.37 -18.06 15.53
C LEU E 581 -35.61 -17.99 14.21
N ASP E 582 -36.33 -17.86 13.11
CA ASP E 582 -35.72 -17.71 11.80
C ASP E 582 -35.55 -16.23 11.49
N ILE E 583 -34.34 -15.83 11.12
CA ILE E 583 -34.00 -14.43 10.89
C ILE E 583 -33.94 -14.18 9.39
N THR E 584 -34.66 -13.14 8.94
CA THR E 584 -34.67 -12.75 7.54
C THR E 584 -34.42 -11.25 7.47
N PRO E 585 -33.52 -10.78 6.60
CA PRO E 585 -33.23 -9.35 6.54
C PRO E 585 -34.41 -8.54 6.03
N CYS E 586 -34.47 -7.29 6.48
CA CYS E 586 -35.54 -6.39 6.05
C CYS E 586 -35.33 -6.00 4.60
N SER E 587 -36.44 -5.74 3.91
CA SER E 587 -36.41 -5.59 2.46
C SER E 587 -35.56 -4.40 2.04
N PHE E 588 -34.83 -4.57 0.94
CA PHE E 588 -34.04 -3.52 0.34
C PHE E 588 -33.96 -3.77 -1.16
N GLY E 589 -33.20 -2.94 -1.84
CA GLY E 589 -33.04 -3.07 -3.27
C GLY E 589 -32.74 -1.72 -3.88
N GLY E 590 -32.59 -1.72 -5.19
CA GLY E 590 -32.32 -0.49 -5.90
C GLY E 590 -33.55 0.36 -6.11
N VAL E 591 -33.32 1.60 -6.50
CA VAL E 591 -34.37 2.53 -6.88
C VAL E 591 -33.97 3.18 -8.19
N SER E 592 -34.86 3.15 -9.17
CA SER E 592 -34.64 3.76 -10.46
C SER E 592 -35.65 4.87 -10.68
N VAL E 593 -35.25 5.88 -11.43
CA VAL E 593 -36.08 7.05 -11.70
C VAL E 593 -36.26 7.19 -13.20
N ILE E 594 -37.51 7.11 -13.64
CA ILE E 594 -37.84 7.25 -15.05
C ILE E 594 -38.17 8.72 -15.33
N THR E 595 -37.43 9.34 -16.24
CA THR E 595 -37.57 10.75 -16.51
C THR E 595 -37.97 10.97 -17.96
N PRO E 596 -39.03 11.73 -18.22
CA PRO E 596 -39.30 12.16 -19.61
C PRO E 596 -38.25 13.11 -20.14
N GLY E 597 -37.42 13.67 -19.28
CA GLY E 597 -36.48 14.70 -19.66
C GLY E 597 -36.94 16.03 -19.11
N THR E 598 -36.10 16.73 -18.34
CA THR E 598 -36.50 18.02 -17.81
C THR E 598 -36.74 19.04 -18.91
N ASN E 599 -36.23 18.76 -20.12
CA ASN E 599 -36.57 19.57 -21.29
C ASN E 599 -38.05 19.48 -21.62
N THR E 600 -38.68 18.32 -21.36
CA THR E 600 -40.09 18.12 -21.67
C THR E 600 -40.99 18.37 -20.47
N SER E 601 -40.75 17.68 -19.37
CA SER E 601 -41.58 17.85 -18.18
C SER E 601 -40.78 17.49 -16.94
N ASN E 602 -41.30 17.95 -15.79
CA ASN E 602 -40.71 17.65 -14.49
C ASN E 602 -41.35 16.45 -13.81
N GLN E 603 -42.24 15.75 -14.50
CA GLN E 603 -42.82 14.53 -13.93
C GLN E 603 -41.77 13.44 -13.83
N VAL E 604 -42.09 12.40 -13.07
CA VAL E 604 -41.16 11.33 -12.73
C VAL E 604 -41.96 10.12 -12.24
N ALA E 605 -41.47 8.94 -12.61
CA ALA E 605 -41.95 7.66 -12.08
C ALA E 605 -40.78 6.98 -11.38
N VAL E 606 -41.08 6.20 -10.35
CA VAL E 606 -40.06 5.58 -9.51
C VAL E 606 -40.26 4.07 -9.51
N LEU E 607 -39.20 3.33 -9.82
CA LEU E 607 -39.23 1.87 -9.83
C LEU E 607 -38.46 1.36 -8.61
N TYR E 608 -39.15 0.65 -7.74
CA TYR E 608 -38.53 -0.02 -6.60
C TYR E 608 -38.20 -1.44 -7.04
N GLN E 609 -36.92 -1.70 -7.34
CA GLN E 609 -36.53 -2.93 -8.00
C GLN E 609 -36.55 -4.11 -7.05
N GLY E 610 -37.12 -5.23 -7.51
CA GLY E 610 -37.05 -6.48 -6.77
C GLY E 610 -37.91 -6.58 -5.55
N VAL E 611 -39.01 -5.83 -5.48
CA VAL E 611 -39.92 -5.91 -4.34
C VAL E 611 -41.36 -5.93 -4.84
N ASN E 612 -42.20 -6.65 -4.10
CA ASN E 612 -43.63 -6.67 -4.38
C ASN E 612 -44.25 -5.35 -3.98
N CYS E 613 -45.23 -4.90 -4.78
CA CYS E 613 -45.84 -3.60 -4.51
C CYS E 613 -46.52 -3.57 -3.15
N THR E 614 -47.07 -4.69 -2.70
CA THR E 614 -47.74 -4.72 -1.40
C THR E 614 -46.77 -4.43 -0.27
N GLU E 615 -45.53 -4.92 -0.38
CA GLU E 615 -44.54 -4.65 0.67
C GLU E 615 -44.07 -3.21 0.64
N VAL E 616 -44.05 -2.57 -0.53
CA VAL E 616 -43.64 -1.18 -0.62
C VAL E 616 -44.66 -0.27 0.05
N SER E 617 -45.95 -0.47 -0.27
CA SER E 617 -46.98 0.41 0.26
C SER E 617 -47.13 0.27 1.77
N VAL E 618 -46.90 -0.92 2.31
CA VAL E 618 -46.96 -1.10 3.76
C VAL E 618 -45.88 -0.29 4.45
N ALA E 619 -44.66 -0.33 3.91
CA ALA E 619 -43.57 0.45 4.49
C ALA E 619 -43.81 1.96 4.32
N ILE E 620 -44.35 2.37 3.18
CA ILE E 620 -44.66 3.77 2.95
C ILE E 620 -45.71 4.25 3.93
N HIS E 621 -46.75 3.44 4.14
CA HIS E 621 -47.84 3.83 5.04
C HIS E 621 -47.34 4.00 6.47
N ALA E 622 -46.47 3.11 6.92
CA ALA E 622 -45.95 3.16 8.28
C ALA E 622 -44.67 3.98 8.40
N ASP E 623 -44.22 4.60 7.30
CA ASP E 623 -43.02 5.44 7.29
C ASP E 623 -41.79 4.64 7.74
N GLN E 624 -41.45 3.63 6.94
CA GLN E 624 -40.28 2.81 7.18
C GLN E 624 -39.21 2.93 6.11
N LEU E 625 -39.56 3.34 4.90
CA LEU E 625 -38.60 3.37 3.80
C LEU E 625 -37.48 4.37 4.06
N THR E 626 -36.27 3.99 3.67
CA THR E 626 -35.12 4.89 3.84
C THR E 626 -35.23 6.15 3.01
N PRO E 627 -35.58 6.12 1.70
CA PRO E 627 -35.75 7.39 0.97
C PRO E 627 -36.94 8.17 1.50
N THR E 628 -36.66 9.30 2.16
CA THR E 628 -37.72 10.05 2.84
C THR E 628 -38.75 10.59 1.86
N TRP E 629 -38.34 10.96 0.65
CA TRP E 629 -39.29 11.47 -0.32
C TRP E 629 -40.24 10.37 -0.77
N ARG E 630 -41.44 10.78 -1.17
CA ARG E 630 -42.46 9.85 -1.62
C ARG E 630 -43.09 10.36 -2.90
N VAL E 631 -43.59 9.44 -3.70
CA VAL E 631 -44.27 9.75 -4.95
C VAL E 631 -45.77 9.59 -4.73
N TYR E 632 -46.55 10.55 -5.23
CA TYR E 632 -47.99 10.53 -5.07
C TYR E 632 -48.58 9.26 -5.67
N SER E 633 -49.14 8.40 -4.83
CA SER E 633 -49.65 7.10 -5.26
C SER E 633 -51.17 7.12 -5.23
N THR E 634 -51.78 6.77 -6.36
CA THR E 634 -53.22 6.63 -6.50
C THR E 634 -53.54 5.21 -6.93
N GLY E 635 -54.82 4.97 -7.25
CA GLY E 635 -55.23 3.65 -7.68
C GLY E 635 -54.79 3.28 -9.07
N SER E 636 -54.47 4.25 -9.91
CA SER E 636 -54.15 4.02 -11.31
C SER E 636 -52.70 4.33 -11.66
N ASN E 637 -51.81 4.41 -10.66
CA ASN E 637 -50.41 4.72 -10.94
C ASN E 637 -49.44 3.83 -10.18
N VAL E 638 -49.91 2.74 -9.59
CA VAL E 638 -49.05 1.74 -8.96
C VAL E 638 -49.21 0.44 -9.72
N PHE E 639 -48.12 -0.06 -10.28
CA PHE E 639 -48.14 -1.23 -11.14
C PHE E 639 -47.02 -2.16 -10.72
N GLN E 640 -47.27 -3.47 -10.80
CA GLN E 640 -46.32 -4.48 -10.38
C GLN E 640 -45.76 -5.16 -11.63
N THR E 641 -44.49 -4.89 -11.92
CA THR E 641 -43.78 -5.51 -13.02
C THR E 641 -42.87 -6.61 -12.49
N ARG E 642 -42.24 -7.34 -13.42
CA ARG E 642 -41.25 -8.33 -13.00
C ARG E 642 -39.97 -7.68 -12.53
N ALA E 643 -39.70 -6.44 -12.96
CA ALA E 643 -38.51 -5.73 -12.52
C ALA E 643 -38.66 -5.14 -11.13
N GLY E 644 -39.87 -4.94 -10.65
CA GLY E 644 -40.12 -4.35 -9.34
C GLY E 644 -41.50 -3.74 -9.28
N CYS E 645 -41.61 -2.67 -8.50
CA CYS E 645 -42.86 -1.93 -8.33
C CYS E 645 -42.69 -0.55 -8.96
N LEU E 646 -43.57 -0.21 -9.89
CA LEU E 646 -43.48 1.03 -10.64
C LEU E 646 -44.56 1.98 -10.16
N ILE E 647 -44.16 3.05 -9.47
CA ILE E 647 -45.08 4.03 -8.91
C ILE E 647 -44.93 5.33 -9.68
N GLY E 648 -46.03 5.83 -10.21
CA GLY E 648 -46.03 7.09 -10.93
C GLY E 648 -46.34 7.00 -12.41
N ALA E 649 -46.55 5.80 -12.95
CA ALA E 649 -46.85 5.63 -14.36
C ALA E 649 -48.08 4.76 -14.51
N GLU E 650 -49.04 5.22 -15.30
CA GLU E 650 -50.30 4.51 -15.49
C GLU E 650 -50.14 3.45 -16.58
N TYR E 651 -50.43 2.20 -16.25
CA TYR E 651 -50.30 1.13 -17.22
C TYR E 651 -51.40 1.20 -18.27
N VAL E 652 -51.00 1.03 -19.53
CA VAL E 652 -51.91 1.10 -20.66
C VAL E 652 -51.71 -0.17 -21.48
N ASN E 653 -52.78 -0.94 -21.69
CA ASN E 653 -52.68 -2.15 -22.50
C ASN E 653 -52.90 -1.82 -23.98
N ASN E 654 -51.99 -0.99 -24.48
CA ASN E 654 -51.93 -0.63 -25.91
C ASN E 654 -50.46 -0.56 -26.26
N SER E 655 -49.96 -1.58 -26.95
CA SER E 655 -48.54 -1.72 -27.19
C SER E 655 -48.03 -0.64 -28.14
N TYR E 656 -46.91 -0.03 -27.80
CA TYR E 656 -46.20 0.92 -28.65
C TYR E 656 -44.73 0.53 -28.70
N GLU E 657 -43.95 1.28 -29.47
CA GLU E 657 -42.51 1.09 -29.47
C GLU E 657 -41.91 1.50 -28.12
N CYS E 658 -40.68 1.06 -27.87
CA CYS E 658 -40.04 1.34 -26.59
C CYS E 658 -39.42 2.72 -26.59
N ASP E 659 -39.71 3.50 -25.55
CA ASP E 659 -39.09 4.79 -25.32
C ASP E 659 -38.11 4.73 -24.16
N ILE E 660 -38.54 4.24 -23.00
CA ILE E 660 -37.68 4.08 -21.84
C ILE E 660 -37.76 2.63 -21.39
N PRO E 661 -36.79 1.79 -21.74
CA PRO E 661 -36.84 0.37 -21.36
C PRO E 661 -36.75 0.20 -19.85
N ILE E 662 -37.82 -0.33 -19.27
CA ILE E 662 -37.84 -0.60 -17.83
C ILE E 662 -37.37 -2.02 -17.52
N GLY E 663 -37.83 -3.00 -18.27
CA GLY E 663 -37.40 -4.38 -18.09
C GLY E 663 -38.54 -5.39 -18.18
N ALA E 664 -38.18 -6.60 -18.59
CA ALA E 664 -39.12 -7.71 -18.72
C ALA E 664 -40.25 -7.40 -19.71
N GLY E 665 -39.90 -6.72 -20.79
CA GLY E 665 -40.86 -6.39 -21.83
C GLY E 665 -41.69 -5.16 -21.59
N VAL E 666 -41.47 -4.45 -20.49
CA VAL E 666 -42.24 -3.27 -20.12
C VAL E 666 -41.42 -2.03 -20.46
N CYS E 667 -42.06 -1.05 -21.09
CA CYS E 667 -41.42 0.19 -21.47
C CYS E 667 -42.31 1.35 -21.06
N ALA E 668 -41.72 2.53 -20.88
CA ALA E 668 -42.44 3.70 -20.42
C ALA E 668 -42.22 4.85 -21.38
N SER E 669 -43.24 5.70 -21.52
CA SER E 669 -43.16 6.84 -22.41
C SER E 669 -44.05 7.95 -21.90
N TYR E 670 -43.79 9.16 -22.36
CA TYR E 670 -44.53 10.35 -21.95
C TYR E 670 -45.53 10.69 -23.06
N GLN E 671 -46.74 10.17 -22.93
CA GLN E 671 -47.77 10.30 -23.95
C GLN E 671 -48.95 11.06 -23.37
N THR E 672 -50.02 11.16 -24.16
CA THR E 672 -51.23 11.86 -23.74
C THR E 672 -52.39 10.89 -23.59
N GLN E 686 -51.00 15.30 -20.43
CA GLN E 686 -49.97 14.29 -20.68
C GLN E 686 -49.44 13.72 -19.36
N SER E 687 -49.05 12.45 -19.39
CA SER E 687 -48.51 11.77 -18.22
C SER E 687 -47.65 10.62 -18.70
N ILE E 688 -46.86 10.09 -17.78
CA ILE E 688 -46.00 8.95 -18.08
C ILE E 688 -46.85 7.68 -18.07
N ILE E 689 -46.77 6.92 -19.16
CA ILE E 689 -47.51 5.66 -19.29
C ILE E 689 -46.51 4.53 -19.40
N ALA E 690 -46.91 3.36 -18.90
CA ALA E 690 -46.13 2.14 -19.01
C ALA E 690 -46.94 1.11 -19.78
N TYR E 691 -46.29 0.41 -20.69
CA TYR E 691 -46.99 -0.53 -21.57
C TYR E 691 -46.06 -1.70 -21.85
N THR E 692 -46.58 -2.67 -22.61
CA THR E 692 -45.79 -3.80 -23.09
C THR E 692 -45.39 -3.54 -24.53
N MET E 693 -44.09 -3.60 -24.81
CA MET E 693 -43.57 -3.13 -26.09
C MET E 693 -44.09 -3.99 -27.25
N SER E 694 -44.21 -3.35 -28.41
CA SER E 694 -44.56 -4.01 -29.65
C SER E 694 -43.30 -4.22 -30.47
N LEU E 695 -43.15 -5.43 -31.01
CA LEU E 695 -41.95 -5.82 -31.73
C LEU E 695 -41.98 -5.42 -33.19
N GLY E 696 -43.07 -4.82 -33.67
CA GLY E 696 -43.15 -4.41 -35.05
C GLY E 696 -44.54 -4.58 -35.63
N ALA E 697 -44.75 -4.05 -36.82
CA ALA E 697 -46.06 -4.17 -37.46
C ALA E 697 -46.27 -5.60 -37.93
N GLU E 698 -47.43 -6.16 -37.60
CA GLU E 698 -47.75 -7.51 -38.03
C GLU E 698 -47.88 -7.54 -39.55
N ASN E 699 -47.45 -8.65 -40.15
CA ASN E 699 -47.44 -8.78 -41.60
C ASN E 699 -47.57 -10.26 -41.95
N SER E 700 -48.05 -10.51 -43.15
CA SER E 700 -48.17 -11.88 -43.64
C SER E 700 -47.96 -11.85 -45.15
N VAL E 701 -46.98 -12.62 -45.61
CA VAL E 701 -46.70 -12.69 -47.04
C VAL E 701 -47.72 -13.61 -47.69
N ALA E 702 -48.25 -13.18 -48.84
CA ALA E 702 -49.29 -13.94 -49.52
C ALA E 702 -48.72 -15.17 -50.22
N TYR E 703 -48.21 -16.13 -49.45
CA TYR E 703 -47.61 -17.32 -50.03
C TYR E 703 -48.66 -18.15 -50.75
N SER E 704 -48.27 -18.68 -51.91
CA SER E 704 -49.15 -19.54 -52.70
C SER E 704 -48.29 -20.50 -53.49
N ASN E 705 -48.93 -21.53 -54.04
CA ASN E 705 -48.20 -22.56 -54.78
C ASN E 705 -47.54 -22.00 -56.02
N ASN E 706 -48.22 -21.10 -56.72
CA ASN E 706 -47.76 -20.60 -58.02
C ASN E 706 -47.90 -19.09 -58.11
N SER E 707 -47.47 -18.38 -57.08
CA SER E 707 -47.52 -16.93 -57.07
C SER E 707 -46.17 -16.37 -56.71
N ILE E 708 -45.65 -15.46 -57.54
CA ILE E 708 -44.37 -14.82 -57.31
C ILE E 708 -44.54 -13.31 -57.51
N ALA E 709 -43.80 -12.54 -56.72
CA ALA E 709 -43.82 -11.09 -56.79
C ALA E 709 -42.45 -10.59 -57.23
N ILE E 710 -42.42 -9.80 -58.30
CA ILE E 710 -41.19 -9.34 -58.93
C ILE E 710 -41.18 -7.82 -58.91
N PRO E 711 -40.08 -7.18 -58.50
CA PRO E 711 -40.03 -5.72 -58.50
C PRO E 711 -40.11 -5.17 -59.92
N THR E 712 -40.78 -4.03 -60.05
CA THR E 712 -40.89 -3.34 -61.33
C THR E 712 -40.14 -2.02 -61.34
N ASN E 713 -39.43 -1.68 -60.26
CA ASN E 713 -38.70 -0.43 -60.15
C ASN E 713 -37.61 -0.64 -59.10
N PHE E 714 -36.98 0.45 -58.67
CA PHE E 714 -35.96 0.36 -57.65
C PHE E 714 -35.71 1.73 -57.04
N THR E 715 -35.04 1.73 -55.90
CA THR E 715 -34.60 2.96 -55.25
C THR E 715 -33.14 2.80 -54.85
N ILE E 716 -32.36 3.86 -55.03
CA ILE E 716 -30.96 3.89 -54.63
C ILE E 716 -30.88 4.53 -53.25
N SER E 717 -30.32 3.80 -52.28
CA SER E 717 -30.28 4.24 -50.90
C SER E 717 -28.84 4.42 -50.45
N VAL E 718 -28.59 5.48 -49.69
CA VAL E 718 -27.28 5.75 -49.12
C VAL E 718 -27.41 5.73 -47.61
N THR E 719 -26.76 4.77 -46.97
CA THR E 719 -26.76 4.61 -45.53
C THR E 719 -25.47 5.19 -44.94
N THR E 720 -25.26 4.99 -43.64
CA THR E 720 -24.11 5.56 -42.97
C THR E 720 -23.68 4.64 -41.83
N GLU E 721 -22.38 4.42 -41.71
CA GLU E 721 -21.80 3.63 -40.63
C GLU E 721 -20.71 4.43 -39.95
N ILE E 722 -20.78 4.54 -38.62
CA ILE E 722 -19.76 5.19 -37.82
C ILE E 722 -19.06 4.12 -37.00
N LEU E 723 -17.73 4.09 -37.07
CA LEU E 723 -16.93 3.08 -36.40
C LEU E 723 -15.76 3.75 -35.70
N PRO E 724 -15.63 3.62 -34.39
CA PRO E 724 -14.41 4.09 -33.72
C PRO E 724 -13.20 3.34 -34.23
N VAL E 725 -12.09 4.06 -34.39
CA VAL E 725 -10.87 3.50 -34.95
C VAL E 725 -9.71 3.57 -33.97
N SER E 726 -9.56 4.69 -33.26
CA SER E 726 -8.42 4.86 -32.36
C SER E 726 -8.87 5.58 -31.10
N MET E 727 -8.05 5.46 -30.07
CA MET E 727 -8.26 6.07 -28.77
C MET E 727 -7.33 7.28 -28.59
N THR E 728 -7.35 7.84 -27.39
CA THR E 728 -6.41 8.88 -27.02
C THR E 728 -5.20 8.26 -26.34
N LYS E 729 -4.02 8.58 -26.86
CA LYS E 729 -2.78 8.03 -26.32
C LYS E 729 -2.36 8.83 -25.11
N THR E 730 -2.09 8.13 -24.00
CA THR E 730 -1.70 8.79 -22.75
C THR E 730 -0.45 8.13 -22.21
N SER E 731 0.28 8.91 -21.42
CA SER E 731 1.44 8.42 -20.68
C SER E 731 1.39 9.00 -19.29
N VAL E 732 1.73 8.19 -18.30
CA VAL E 732 1.62 8.57 -16.89
C VAL E 732 2.97 8.36 -16.23
N ASP E 733 3.42 9.38 -15.49
CA ASP E 733 4.64 9.28 -14.70
C ASP E 733 4.29 8.65 -13.36
N CYS E 734 4.80 7.44 -13.12
CA CYS E 734 4.46 6.73 -11.90
C CYS E 734 4.95 7.47 -10.67
N THR E 735 6.17 8.00 -10.72
CA THR E 735 6.73 8.69 -9.56
C THR E 735 6.04 10.02 -9.30
N MET E 736 5.78 10.79 -10.35
CA MET E 736 5.20 12.13 -10.16
C MET E 736 3.76 12.05 -9.70
N TYR E 737 3.02 11.02 -10.14
CA TYR E 737 1.63 10.89 -9.72
C TYR E 737 1.54 10.41 -8.27
N ILE E 738 2.24 9.33 -7.94
CA ILE E 738 2.12 8.74 -6.61
C ILE E 738 2.73 9.65 -5.56
N CYS E 739 3.94 10.15 -5.81
CA CYS E 739 4.68 10.95 -4.83
C CYS E 739 4.65 12.43 -5.14
N GLY E 740 5.11 12.82 -6.32
CA GLY E 740 5.22 14.23 -6.68
C GLY E 740 6.62 14.75 -6.45
N ASP E 741 6.73 15.91 -5.83
CA ASP E 741 8.02 16.48 -5.44
C ASP E 741 8.26 16.12 -3.97
N SER E 742 8.68 14.88 -3.75
CA SER E 742 8.88 14.37 -2.41
C SER E 742 9.96 13.30 -2.45
N THR E 743 11.09 13.57 -1.78
CA THR E 743 12.16 12.58 -1.71
C THR E 743 11.86 11.48 -0.69
N GLU E 744 11.12 11.80 0.38
CA GLU E 744 10.76 10.79 1.36
C GLU E 744 9.85 9.73 0.76
N CYS E 745 8.90 10.16 -0.08
CA CYS E 745 7.98 9.21 -0.70
C CYS E 745 8.68 8.41 -1.80
N SER E 746 9.59 9.04 -2.54
CA SER E 746 10.23 8.36 -3.66
C SER E 746 11.06 7.17 -3.19
N ASN E 747 11.74 7.32 -2.06
CA ASN E 747 12.53 6.20 -1.53
C ASN E 747 11.65 5.03 -1.12
N LEU E 748 10.49 5.31 -0.55
CA LEU E 748 9.58 4.24 -0.16
C LEU E 748 8.98 3.54 -1.38
N LEU E 749 8.78 4.27 -2.47
CA LEU E 749 8.19 3.70 -3.67
C LEU E 749 9.14 2.74 -4.38
N LEU E 750 10.45 2.91 -4.18
CA LEU E 750 11.41 2.03 -4.85
C LEU E 750 11.30 0.59 -4.36
N GLN E 751 10.94 0.40 -3.09
CA GLN E 751 10.83 -0.94 -2.52
C GLN E 751 9.49 -1.57 -2.86
N TYR E 752 9.13 -1.58 -4.14
CA TYR E 752 7.89 -2.18 -4.59
C TYR E 752 8.09 -2.98 -5.87
N GLY E 753 9.33 -3.18 -6.31
CA GLY E 753 9.57 -3.93 -7.52
C GLY E 753 9.29 -3.13 -8.77
N SER E 754 8.78 -3.81 -9.80
CA SER E 754 8.54 -3.21 -11.10
C SER E 754 7.06 -2.92 -11.32
N PHE E 755 6.35 -2.52 -10.27
CA PHE E 755 4.96 -2.15 -10.44
C PHE E 755 4.83 -0.92 -11.33
N CYS E 756 5.73 0.05 -11.16
CA CYS E 756 5.72 1.21 -12.03
C CYS E 756 6.13 0.86 -13.46
N THR E 757 7.11 -0.03 -13.61
CA THR E 757 7.59 -0.37 -14.95
C THR E 757 6.52 -1.11 -15.74
N GLN E 758 5.75 -1.97 -15.08
CA GLN E 758 4.68 -2.69 -15.77
C GLN E 758 3.63 -1.72 -16.29
N LEU E 759 3.28 -0.70 -15.51
CA LEU E 759 2.30 0.28 -15.95
C LEU E 759 2.82 1.08 -17.14
N LYS E 760 4.10 1.44 -17.12
CA LYS E 760 4.67 2.19 -18.23
C LYS E 760 4.71 1.36 -19.50
N ARG E 761 5.02 0.07 -19.39
CA ARG E 761 4.99 -0.80 -20.57
C ARG E 761 3.57 -0.95 -21.10
N ALA E 762 2.59 -1.05 -20.20
CA ALA E 762 1.22 -1.26 -20.63
C ALA E 762 0.68 -0.08 -21.40
N LEU E 763 0.96 1.14 -20.94
CA LEU E 763 0.45 2.33 -21.62
C LEU E 763 1.21 2.60 -22.91
N THR E 764 2.46 2.16 -23.01
CA THR E 764 3.21 2.32 -24.25
C THR E 764 2.75 1.33 -25.31
N GLY E 765 2.36 0.13 -24.91
CA GLY E 765 1.82 -0.83 -25.86
C GLY E 765 0.50 -0.37 -26.44
N ILE E 766 -0.32 0.30 -25.63
CA ILE E 766 -1.58 0.86 -26.12
C ILE E 766 -1.31 2.00 -27.09
N ALA E 767 -0.38 2.89 -26.74
CA ALA E 767 -0.16 4.09 -27.54
C ALA E 767 0.31 3.74 -28.94
N VAL E 768 1.28 2.83 -29.06
CA VAL E 768 1.75 2.43 -30.37
C VAL E 768 0.77 1.54 -31.11
N GLU E 769 -0.22 0.99 -30.39
CA GLU E 769 -1.28 0.23 -31.04
C GLU E 769 -2.28 1.16 -31.71
N GLN E 770 -2.56 2.32 -31.11
CA GLN E 770 -3.50 3.26 -31.68
C GLN E 770 -3.02 3.83 -33.00
N ASP E 771 -1.71 3.82 -33.24
CA ASP E 771 -1.17 4.26 -34.52
C ASP E 771 -1.17 3.14 -35.55
N LYS E 772 -1.35 1.89 -35.14
CA LYS E 772 -1.54 0.80 -36.08
C LYS E 772 -3.00 0.63 -36.47
N ASN E 773 -3.93 0.98 -35.57
CA ASN E 773 -5.34 0.97 -35.93
C ASN E 773 -5.63 1.99 -37.01
N THR E 774 -5.09 3.19 -36.88
CA THR E 774 -5.33 4.23 -37.87
C THR E 774 -4.66 3.92 -39.20
N GLN E 775 -3.51 3.25 -39.18
CA GLN E 775 -2.80 2.94 -40.40
C GLN E 775 -3.43 1.79 -41.17
N GLU E 776 -3.97 0.80 -40.47
CA GLU E 776 -4.59 -0.34 -41.15
C GLU E 776 -5.87 0.07 -41.86
N VAL E 777 -6.65 0.97 -41.27
CA VAL E 777 -7.91 1.37 -41.87
C VAL E 777 -7.69 2.19 -43.12
N PHE E 778 -6.81 3.20 -43.04
CA PHE E 778 -6.68 4.19 -44.09
C PHE E 778 -5.53 3.91 -45.05
N ALA E 779 -4.34 3.59 -44.52
CA ALA E 779 -3.15 3.42 -45.36
C ALA E 779 -3.22 2.07 -46.09
N GLN E 780 -4.17 1.99 -47.01
CA GLN E 780 -4.36 0.80 -47.83
C GLN E 780 -3.93 0.98 -49.27
N VAL E 781 -3.90 2.20 -49.77
CA VAL E 781 -3.51 2.49 -51.14
C VAL E 781 -1.99 2.66 -51.21
N LYS E 782 -1.40 2.12 -52.28
CA LYS E 782 0.02 2.32 -52.51
C LYS E 782 0.32 3.76 -52.92
N GLN E 783 -0.51 4.32 -53.79
CA GLN E 783 -0.28 5.64 -54.36
C GLN E 783 -1.42 6.58 -54.01
N ILE E 784 -1.18 7.86 -54.19
CA ILE E 784 -2.15 8.91 -53.87
C ILE E 784 -2.81 9.30 -55.17
N TYR E 785 -4.04 8.84 -55.37
CA TYR E 785 -4.77 9.11 -56.59
C TYR E 785 -5.47 10.46 -56.50
N LYS E 786 -5.67 11.09 -57.66
CA LYS E 786 -6.32 12.38 -57.74
C LYS E 786 -7.40 12.34 -58.79
N THR E 787 -8.52 13.01 -58.50
CA THR E 787 -9.59 13.12 -59.47
C THR E 787 -9.21 14.08 -60.59
N PRO E 788 -9.79 13.93 -61.77
CA PRO E 788 -9.47 14.83 -62.88
C PRO E 788 -9.97 16.24 -62.59
N PRO E 789 -9.40 17.25 -63.25
CA PRO E 789 -9.90 18.62 -63.04
C PRO E 789 -11.35 18.79 -63.42
N ILE E 790 -11.85 18.07 -64.42
CA ILE E 790 -13.25 18.10 -64.80
C ILE E 790 -14.00 17.07 -63.97
N LYS E 791 -15.08 17.51 -63.33
CA LYS E 791 -15.80 16.68 -62.36
C LYS E 791 -17.10 16.14 -62.94
N TYR E 792 -17.13 15.77 -64.22
CA TYR E 792 -18.30 15.17 -64.82
C TYR E 792 -18.10 13.67 -64.86
N PHE E 793 -18.88 12.95 -64.06
CA PHE E 793 -18.79 11.49 -63.94
C PHE E 793 -20.08 10.84 -64.41
N GLY E 794 -20.62 11.31 -65.53
CA GLY E 794 -21.81 10.71 -66.10
C GLY E 794 -23.11 11.20 -65.53
N GLY E 795 -23.12 12.36 -64.89
CA GLY E 795 -24.30 12.86 -64.21
C GLY E 795 -24.30 12.67 -62.72
N PHE E 796 -23.39 11.86 -62.20
CA PHE E 796 -23.27 11.68 -60.76
C PHE E 796 -22.46 12.83 -60.18
N ASN E 797 -22.90 13.32 -59.03
CA ASN E 797 -22.39 14.55 -58.44
C ASN E 797 -21.76 14.22 -57.09
N PHE E 798 -20.44 14.10 -57.07
CA PHE E 798 -19.69 13.80 -55.85
C PHE E 798 -19.13 15.06 -55.21
N SER E 799 -19.81 16.19 -55.35
CA SER E 799 -19.27 17.45 -54.83
C SER E 799 -19.17 17.43 -53.30
N GLN E 800 -20.15 16.85 -52.63
CA GLN E 800 -20.15 16.78 -51.17
C GLN E 800 -19.31 15.63 -50.64
N ILE E 801 -18.60 14.94 -51.51
CA ILE E 801 -17.74 13.82 -51.13
C ILE E 801 -16.28 14.11 -51.42
N LEU E 802 -16.00 14.72 -52.57
CA LEU E 802 -14.64 15.04 -52.95
C LEU E 802 -14.12 16.23 -52.13
N PRO E 803 -12.80 16.36 -52.01
CA PRO E 803 -12.24 17.45 -51.19
C PRO E 803 -12.64 18.82 -51.71
N ASP E 804 -12.79 19.77 -50.78
CA ASP E 804 -13.17 21.13 -51.12
C ASP E 804 -11.89 21.95 -51.28
N PRO E 805 -11.59 22.46 -52.48
CA PRO E 805 -10.35 23.23 -52.64
C PRO E 805 -10.39 24.59 -51.97
N SER E 806 -11.57 25.17 -51.77
CA SER E 806 -11.66 26.50 -51.18
C SER E 806 -11.26 26.51 -49.71
N LYS E 807 -11.54 25.44 -48.98
CA LYS E 807 -11.16 25.45 -47.58
C LYS E 807 -9.67 25.13 -47.44
N PRO E 808 -9.01 25.72 -46.44
CA PRO E 808 -7.59 25.42 -46.23
C PRO E 808 -7.31 23.98 -45.85
N SER E 809 -8.24 23.33 -45.15
CA SER E 809 -8.04 21.97 -44.66
C SER E 809 -8.24 20.91 -45.75
N LYS E 810 -8.84 21.28 -46.88
CA LYS E 810 -9.09 20.35 -47.99
C LYS E 810 -9.94 19.17 -47.55
N ARG E 811 -10.92 19.43 -46.70
CA ARG E 811 -11.89 18.43 -46.28
C ARG E 811 -13.16 18.57 -47.11
N SER E 812 -13.81 17.45 -47.37
CA SER E 812 -15.05 17.46 -48.10
C SER E 812 -16.13 18.14 -47.28
N PRO E 813 -17.19 18.63 -47.92
CA PRO E 813 -18.28 19.27 -47.16
C PRO E 813 -18.91 18.37 -46.11
N ILE E 814 -19.01 17.06 -46.36
CA ILE E 814 -19.51 16.16 -45.33
C ILE E 814 -18.48 16.01 -44.21
N GLU E 815 -17.21 15.86 -44.58
CA GLU E 815 -16.16 15.76 -43.56
C GLU E 815 -16.05 17.04 -42.74
N ASP E 816 -16.35 18.19 -43.34
CA ASP E 816 -16.24 19.44 -42.61
C ASP E 816 -17.23 19.50 -41.46
N LEU E 817 -18.45 19.02 -41.65
CA LEU E 817 -19.43 19.03 -40.59
C LEU E 817 -19.37 17.80 -39.71
N LEU E 818 -18.57 16.80 -40.05
CA LEU E 818 -18.30 15.71 -39.13
C LEU E 818 -17.31 16.12 -38.05
N PHE E 819 -16.43 17.08 -38.36
CA PHE E 819 -15.44 17.54 -37.41
C PHE E 819 -15.95 18.65 -36.50
N ASN E 820 -17.12 19.21 -36.79
CA ASN E 820 -17.73 20.22 -35.94
C ASN E 820 -18.79 19.63 -35.02
N LYS E 821 -19.02 18.32 -35.06
CA LYS E 821 -19.97 17.67 -34.17
C LYS E 821 -19.30 16.92 -33.03
N VAL E 822 -18.01 16.63 -33.13
CA VAL E 822 -17.29 15.95 -32.07
C VAL E 822 -16.11 16.80 -31.62
N PHE E 851 -3.18 17.13 -14.70
CA PHE E 851 -1.78 17.17 -15.09
C PHE E 851 -0.85 16.84 -13.92
N ASN E 852 -1.16 15.77 -13.20
CA ASN E 852 -0.27 15.26 -12.16
C ASN E 852 0.59 14.12 -12.71
N GLY E 853 1.42 14.45 -13.68
CA GLY E 853 2.20 13.45 -14.37
C GLY E 853 1.51 12.78 -15.53
N LEU E 854 0.27 13.16 -15.82
CA LEU E 854 -0.51 12.56 -16.89
C LEU E 854 -0.38 13.40 -18.15
N THR E 855 0.11 12.78 -19.22
CA THR E 855 0.35 13.46 -20.48
C THR E 855 -0.43 12.79 -21.59
N VAL E 856 -0.78 13.57 -22.62
CA VAL E 856 -1.51 13.09 -23.78
C VAL E 856 -0.61 13.24 -25.00
N LEU E 857 -0.39 12.13 -25.72
CA LEU E 857 0.50 12.15 -26.87
C LEU E 857 -0.28 12.38 -28.15
N PRO E 858 0.27 13.11 -29.11
CA PRO E 858 -0.44 13.36 -30.35
C PRO E 858 -0.34 12.17 -31.31
N PRO E 859 -1.36 11.95 -32.13
CA PRO E 859 -1.30 10.84 -33.08
C PRO E 859 -0.25 11.06 -34.15
N LEU E 860 0.26 9.95 -34.68
CA LEU E 860 1.30 10.02 -35.72
C LEU E 860 0.78 10.68 -36.99
N LEU E 861 -0.46 10.37 -37.38
CA LEU E 861 -1.04 10.90 -38.61
C LEU E 861 -1.93 12.09 -38.27
N THR E 862 -1.55 13.26 -38.76
CA THR E 862 -2.36 14.46 -38.55
C THR E 862 -3.68 14.31 -39.28
N ASP E 863 -4.70 15.02 -38.79
CA ASP E 863 -6.01 14.96 -39.41
C ASP E 863 -6.00 15.50 -40.83
N GLU E 864 -4.95 16.22 -41.21
CA GLU E 864 -4.79 16.65 -42.59
C GLU E 864 -4.09 15.61 -43.45
N MET E 865 -3.55 14.55 -42.84
CA MET E 865 -2.97 13.44 -43.60
C MET E 865 -3.92 12.26 -43.69
N ILE E 866 -4.82 12.09 -42.73
CA ILE E 866 -5.89 11.10 -42.86
C ILE E 866 -6.85 11.52 -43.96
N ALA E 867 -7.09 12.82 -44.11
CA ALA E 867 -7.97 13.30 -45.16
C ALA E 867 -7.38 13.10 -46.54
N GLN E 868 -6.04 13.08 -46.66
CA GLN E 868 -5.43 12.76 -47.93
C GLN E 868 -5.53 11.28 -48.25
N TYR E 869 -5.47 10.42 -47.22
CA TYR E 869 -5.66 9.00 -47.43
C TYR E 869 -7.09 8.71 -47.86
N THR E 870 -8.07 9.39 -47.27
CA THR E 870 -9.45 9.22 -47.68
C THR E 870 -9.70 9.76 -49.08
N SER E 871 -9.13 10.93 -49.39
CA SER E 871 -9.28 11.50 -50.72
C SER E 871 -8.65 10.61 -51.79
N ALA E 872 -7.60 9.87 -51.45
CA ALA E 872 -6.99 8.96 -52.40
C ALA E 872 -7.85 7.73 -52.64
N LEU E 873 -8.63 7.33 -51.63
CA LEU E 873 -9.53 6.19 -51.79
C LEU E 873 -10.76 6.58 -52.59
N LEU E 874 -11.25 7.80 -52.42
CA LEU E 874 -12.39 8.27 -53.22
C LEU E 874 -11.99 8.50 -54.66
N ALA E 875 -10.82 9.07 -54.89
CA ALA E 875 -10.41 9.39 -56.25
C ALA E 875 -10.10 8.14 -57.06
N GLY E 876 -9.64 7.08 -56.39
CA GLY E 876 -9.35 5.85 -57.09
C GLY E 876 -10.56 4.95 -57.29
N THR E 877 -11.58 5.12 -56.45
CA THR E 877 -12.80 4.34 -56.61
C THR E 877 -13.67 4.90 -57.72
N ILE E 878 -13.82 6.21 -57.78
CA ILE E 878 -14.63 6.85 -58.82
C ILE E 878 -14.00 6.61 -60.19
N THR E 879 -12.67 6.60 -60.26
CA THR E 879 -11.97 6.49 -61.52
C THR E 879 -11.74 5.04 -61.93
N SER E 880 -11.08 4.27 -61.08
CA SER E 880 -10.70 2.90 -61.42
C SER E 880 -11.76 1.88 -61.08
N GLY E 881 -12.53 2.09 -60.03
CA GLY E 881 -13.49 1.11 -59.57
C GLY E 881 -12.90 0.24 -58.47
N TRP E 882 -12.96 -1.06 -58.66
CA TRP E 882 -12.32 -2.00 -57.74
C TRP E 882 -10.95 -2.46 -58.24
N THR E 883 -10.49 -1.96 -59.38
CA THR E 883 -9.25 -2.46 -59.96
C THR E 883 -8.03 -1.97 -59.21
N PHE E 884 -8.13 -0.83 -58.53
CA PHE E 884 -6.97 -0.28 -57.85
C PHE E 884 -6.66 -1.00 -56.55
N GLY E 885 -7.56 -1.83 -56.04
CA GLY E 885 -7.31 -2.62 -54.86
C GLY E 885 -6.74 -3.99 -55.12
N ALA E 886 -6.45 -4.31 -56.38
CA ALA E 886 -5.95 -5.63 -56.74
C ALA E 886 -4.80 -5.55 -57.72
N GLY E 887 -4.10 -4.43 -57.79
CA GLY E 887 -3.02 -4.26 -58.73
C GLY E 887 -2.97 -2.85 -59.29
N PRO E 888 -2.65 -2.73 -60.58
CA PRO E 888 -2.62 -1.42 -61.22
C PRO E 888 -4.02 -0.83 -61.30
N ALA E 889 -4.10 0.50 -61.23
CA ALA E 889 -5.37 1.19 -61.35
C ALA E 889 -5.70 1.36 -62.82
N LEU E 890 -6.76 0.69 -63.28
CA LEU E 890 -7.19 0.74 -64.67
C LEU E 890 -8.45 1.59 -64.75
N GLN E 891 -8.39 2.66 -65.52
CA GLN E 891 -9.50 3.59 -65.58
C GLN E 891 -10.69 2.97 -66.33
N ILE E 892 -11.89 3.43 -65.97
CA ILE E 892 -13.14 2.95 -66.54
C ILE E 892 -14.20 4.03 -66.37
N PRO E 893 -14.97 4.37 -67.41
CA PRO E 893 -16.00 5.40 -67.25
C PRO E 893 -16.99 5.02 -66.17
N PHE E 894 -17.40 6.00 -65.38
CA PHE E 894 -18.30 5.72 -64.26
C PHE E 894 -19.63 5.10 -64.68
N PRO E 895 -20.31 5.56 -65.74
CA PRO E 895 -21.50 4.82 -66.19
C PRO E 895 -21.21 3.38 -66.58
N MET E 896 -20.01 3.05 -67.02
CA MET E 896 -19.65 1.66 -67.27
C MET E 896 -19.15 0.95 -66.04
N GLN E 897 -18.75 1.68 -65.01
CA GLN E 897 -18.37 1.03 -63.72
C GLN E 897 -19.65 0.66 -62.99
N MET E 898 -20.66 1.53 -63.02
CA MET E 898 -21.93 1.21 -62.38
C MET E 898 -22.72 0.15 -63.13
N ALA E 899 -22.41 -0.08 -64.41
CA ALA E 899 -23.05 -1.18 -65.12
C ALA E 899 -22.45 -2.51 -64.72
N TYR E 900 -21.19 -2.53 -64.29
CA TYR E 900 -20.60 -3.74 -63.76
C TYR E 900 -21.14 -4.06 -62.38
N ARG E 901 -21.45 -3.04 -61.59
CA ARG E 901 -21.97 -3.24 -60.25
C ARG E 901 -23.44 -3.62 -60.24
N PHE E 902 -24.15 -3.37 -61.33
CA PHE E 902 -25.49 -3.91 -61.49
C PHE E 902 -25.46 -5.39 -61.86
N ASN E 903 -24.49 -5.80 -62.69
CA ASN E 903 -24.31 -7.21 -62.98
C ASN E 903 -23.85 -7.99 -61.76
N GLY E 904 -23.30 -7.31 -60.74
CA GLY E 904 -22.91 -7.99 -59.53
C GLY E 904 -24.07 -8.34 -58.62
N ILE E 905 -25.19 -7.65 -58.74
CA ILE E 905 -26.36 -7.91 -57.91
C ILE E 905 -27.45 -8.63 -58.69
N GLY E 906 -27.16 -9.09 -59.91
CA GLY E 906 -28.08 -9.89 -60.67
C GLY E 906 -28.97 -9.14 -61.62
N VAL E 907 -28.74 -7.85 -61.83
CA VAL E 907 -29.53 -7.04 -62.76
C VAL E 907 -28.69 -6.80 -64.00
N THR E 908 -29.29 -6.97 -65.16
CA THR E 908 -28.55 -6.81 -66.41
C THR E 908 -28.09 -5.36 -66.56
N GLN E 909 -27.08 -5.16 -67.39
CA GLN E 909 -26.47 -3.85 -67.56
C GLN E 909 -27.28 -2.92 -68.46
N ASN E 910 -28.25 -3.45 -69.20
CA ASN E 910 -29.13 -2.57 -69.96
C ASN E 910 -30.10 -1.83 -69.07
N VAL E 911 -30.26 -2.26 -67.83
CA VAL E 911 -31.13 -1.57 -66.88
C VAL E 911 -30.54 -0.22 -66.49
N LEU E 912 -29.22 -0.16 -66.32
CA LEU E 912 -28.58 1.10 -65.96
C LEU E 912 -28.58 2.07 -67.14
N TYR E 913 -28.17 1.60 -68.32
CA TYR E 913 -28.01 2.49 -69.45
C TYR E 913 -29.34 3.12 -69.87
N GLU E 914 -30.44 2.41 -69.69
CA GLU E 914 -31.75 2.95 -70.01
C GLU E 914 -32.37 3.75 -68.87
N ASN E 915 -31.80 3.67 -67.67
CA ASN E 915 -32.24 4.46 -66.52
C ASN E 915 -31.10 5.28 -65.94
N GLN E 916 -30.10 5.61 -66.76
CA GLN E 916 -28.90 6.28 -66.23
C GLN E 916 -29.24 7.65 -65.67
N LYS E 917 -30.10 8.41 -66.37
CA LYS E 917 -30.48 9.72 -65.87
C LYS E 917 -31.33 9.61 -64.61
N LEU E 918 -32.22 8.63 -64.55
CA LEU E 918 -33.01 8.40 -63.34
C LEU E 918 -32.14 7.95 -62.18
N ILE E 919 -31.21 7.04 -62.43
CA ILE E 919 -30.35 6.52 -61.37
C ILE E 919 -29.41 7.60 -60.88
N ALA E 920 -28.93 8.47 -61.77
CA ALA E 920 -28.04 9.54 -61.36
C ALA E 920 -28.72 10.50 -60.41
N ASN E 921 -30.00 10.81 -60.66
CA ASN E 921 -30.72 11.75 -59.80
C ASN E 921 -31.00 11.14 -58.42
N GLN E 922 -31.27 9.84 -58.37
CA GLN E 922 -31.52 9.20 -57.09
C GLN E 922 -30.28 9.17 -56.22
N PHE E 923 -29.10 9.11 -56.82
CA PHE E 923 -27.87 9.18 -56.04
C PHE E 923 -27.58 10.60 -55.56
N ASN E 924 -27.81 11.60 -56.41
CA ASN E 924 -27.57 12.98 -56.01
C ASN E 924 -28.49 13.38 -54.86
N SER E 925 -29.75 12.97 -54.91
CA SER E 925 -30.69 13.32 -53.86
C SER E 925 -30.37 12.59 -52.57
N ALA E 926 -29.90 11.34 -52.67
CA ALA E 926 -29.58 10.57 -51.48
C ALA E 926 -28.37 11.16 -50.75
N ILE E 927 -27.38 11.66 -51.49
CA ILE E 927 -26.24 12.33 -50.88
C ILE E 927 -26.68 13.62 -50.20
N GLY E 928 -27.64 14.32 -50.79
CA GLY E 928 -28.12 15.56 -50.20
C GLY E 928 -28.76 15.34 -48.83
N LYS E 929 -29.55 14.28 -48.69
CA LYS E 929 -30.19 13.99 -47.41
C LYS E 929 -29.19 13.52 -46.36
N ILE E 930 -27.97 13.13 -46.76
CA ILE E 930 -27.00 12.67 -45.78
C ILE E 930 -26.59 13.82 -44.86
N GLN E 931 -26.35 15.01 -45.41
CA GLN E 931 -26.04 16.16 -44.58
C GLN E 931 -27.21 16.50 -43.67
N ASP E 932 -28.43 16.52 -44.21
CA ASP E 932 -29.60 16.85 -43.42
C ASP E 932 -29.81 15.85 -42.28
N SER E 933 -29.27 14.65 -42.39
CA SER E 933 -29.36 13.69 -41.29
C SER E 933 -28.31 13.99 -40.22
N LEU E 934 -27.07 14.23 -40.64
CA LEU E 934 -26.01 14.52 -39.67
C LEU E 934 -26.10 15.96 -39.15
N PHE E 935 -26.45 16.92 -40.02
CA PHE E 935 -26.49 18.31 -39.61
C PHE E 935 -27.62 18.56 -38.61
N SER E 936 -28.78 17.96 -38.82
CA SER E 936 -29.95 18.22 -37.98
C SER E 936 -30.06 17.26 -36.81
N THR E 937 -30.13 15.96 -37.10
CA THR E 937 -30.34 14.97 -36.05
C THR E 937 -29.10 14.84 -35.19
N PRO E 938 -29.18 15.05 -33.89
CA PRO E 938 -28.04 14.81 -33.00
C PRO E 938 -27.92 13.33 -32.66
N SER E 939 -26.89 13.01 -31.90
CA SER E 939 -26.58 11.64 -31.46
C SER E 939 -26.28 10.70 -32.61
N ALA E 940 -26.08 11.23 -33.82
CA ALA E 940 -25.66 10.38 -34.93
C ALA E 940 -24.25 9.86 -34.72
N LEU E 941 -23.34 10.73 -34.27
CA LEU E 941 -21.96 10.37 -33.99
C LEU E 941 -21.74 9.99 -32.52
N GLY E 942 -22.77 9.48 -31.85
CA GLY E 942 -22.63 9.10 -30.46
C GLY E 942 -21.64 7.98 -30.21
N LYS E 943 -21.34 7.18 -31.24
CA LYS E 943 -20.32 6.15 -31.10
C LYS E 943 -18.94 6.77 -30.90
N LEU E 944 -18.62 7.82 -31.67
CA LEU E 944 -17.34 8.48 -31.51
C LEU E 944 -17.28 9.31 -30.24
N GLN E 945 -18.38 10.02 -29.93
CA GLN E 945 -18.39 10.85 -28.73
C GLN E 945 -18.33 10.01 -27.45
N ASP E 946 -18.81 8.78 -27.51
CA ASP E 946 -18.75 7.91 -26.33
C ASP E 946 -17.32 7.53 -26.00
N VAL E 947 -16.49 7.31 -27.02
CA VAL E 947 -15.09 6.95 -26.77
C VAL E 947 -14.26 8.16 -26.39
N VAL E 948 -14.80 9.37 -26.52
CA VAL E 948 -14.13 10.56 -26.01
C VAL E 948 -14.56 10.86 -24.58
N ASN E 949 -15.83 10.57 -24.24
CA ASN E 949 -16.30 10.79 -22.89
C ASN E 949 -15.68 9.80 -21.91
N HIS E 950 -15.53 8.53 -22.32
CA HIS E 950 -14.97 7.53 -21.42
C HIS E 950 -13.50 7.79 -21.13
N ASN E 951 -12.78 8.43 -22.05
CA ASN E 951 -11.40 8.78 -21.78
C ASN E 951 -11.28 9.97 -20.85
N ALA E 952 -12.20 10.93 -20.93
CA ALA E 952 -12.14 12.09 -20.05
C ALA E 952 -12.57 11.73 -18.64
N GLN E 953 -13.54 10.83 -18.50
CA GLN E 953 -13.93 10.37 -17.17
C GLN E 953 -12.81 9.61 -16.49
N ALA E 954 -12.09 8.78 -17.23
CA ALA E 954 -11.01 7.98 -16.65
C ALA E 954 -9.88 8.87 -16.15
N LEU E 955 -9.56 9.94 -16.88
CA LEU E 955 -8.49 10.83 -16.45
C LEU E 955 -8.94 11.73 -15.29
N ASN E 956 -10.18 12.21 -15.32
CA ASN E 956 -10.67 13.04 -14.23
C ASN E 956 -10.83 12.23 -12.95
N THR E 957 -11.22 10.96 -13.06
CA THR E 957 -11.28 10.11 -11.89
C THR E 957 -9.89 9.81 -11.34
N LEU E 958 -8.89 9.72 -12.22
CA LEU E 958 -7.53 9.46 -11.76
C LEU E 958 -6.97 10.65 -11.00
N VAL E 959 -7.34 11.86 -11.39
CA VAL E 959 -6.87 13.06 -10.68
C VAL E 959 -7.56 13.20 -9.35
N LYS E 960 -8.87 12.98 -9.30
CA LYS E 960 -9.64 13.22 -8.09
C LYS E 960 -9.26 12.28 -6.95
N GLN E 961 -8.53 11.20 -7.23
CA GLN E 961 -8.12 10.27 -6.19
C GLN E 961 -6.81 10.65 -5.55
N LEU E 962 -6.25 11.80 -5.93
CA LEU E 962 -5.13 12.38 -5.18
C LEU E 962 -5.62 13.19 -3.99
N SER E 963 -6.91 13.45 -3.89
CA SER E 963 -7.50 14.11 -2.74
C SER E 963 -8.00 13.14 -1.68
N SER E 964 -7.96 11.84 -1.94
CA SER E 964 -8.42 10.85 -0.99
C SER E 964 -7.34 10.56 0.04
N LYS E 965 -7.76 10.08 1.20
CA LYS E 965 -6.85 9.76 2.29
C LYS E 965 -6.44 8.30 2.31
N PHE E 966 -7.35 7.40 1.95
CA PHE E 966 -7.12 5.95 2.00
C PHE E 966 -6.77 5.48 3.40
N GLY E 967 -7.23 6.20 4.41
CA GLY E 967 -6.98 5.86 5.80
C GLY E 967 -5.81 6.57 6.43
N ALA E 968 -5.10 7.42 5.70
CA ALA E 968 -3.97 8.14 6.25
C ALA E 968 -4.44 9.34 7.06
N ILE E 969 -3.49 10.02 7.71
CA ILE E 969 -3.84 11.19 8.51
C ILE E 969 -4.37 12.31 7.64
N SER E 970 -3.76 12.53 6.47
CA SER E 970 -4.23 13.52 5.53
C SER E 970 -3.83 13.10 4.12
N SER E 971 -4.38 13.80 3.14
CA SER E 971 -4.19 13.48 1.73
C SER E 971 -3.01 14.20 1.10
N VAL E 972 -2.25 14.98 1.88
CA VAL E 972 -1.13 15.75 1.36
C VAL E 972 0.15 15.20 1.99
N LEU E 973 1.13 14.89 1.14
CA LEU E 973 2.39 14.33 1.64
C LEU E 973 3.14 15.32 2.51
N ASN E 974 3.15 16.59 2.13
CA ASN E 974 3.85 17.59 2.94
C ASN E 974 3.24 17.72 4.32
N ASP E 975 1.91 17.62 4.42
CA ASP E 975 1.23 17.70 5.71
C ASP E 975 1.45 16.46 6.57
N ILE E 976 2.03 15.41 6.02
CA ILE E 976 2.33 14.21 6.80
C ILE E 976 3.76 14.24 7.34
N LEU E 977 4.71 14.69 6.51
CA LEU E 977 6.11 14.71 6.91
C LEU E 977 6.36 15.67 8.07
N SER E 978 5.61 16.78 8.13
CA SER E 978 5.80 17.75 9.19
C SER E 978 4.98 17.42 10.44
N ARG E 979 3.73 17.00 10.26
CA ARG E 979 2.83 16.78 11.39
C ARG E 979 3.08 15.46 12.10
N LEU E 980 3.88 14.57 11.54
CA LEU E 980 4.15 13.28 12.14
C LEU E 980 5.66 13.04 12.20
N ASP E 981 6.07 12.23 13.17
CA ASP E 981 7.48 11.91 13.32
C ASP E 981 7.96 11.09 12.12
N PRO E 982 9.19 11.31 11.65
CA PRO E 982 9.70 10.57 10.49
C PRO E 982 9.68 9.06 10.72
N PRO E 983 9.96 8.56 11.92
CA PRO E 983 9.76 7.10 12.13
C PRO E 983 8.34 6.65 11.93
N GLU E 984 7.36 7.49 12.28
CA GLU E 984 5.95 7.12 12.15
C GLU E 984 5.28 7.68 10.91
N ALA E 985 5.85 8.71 10.30
CA ALA E 985 5.27 9.25 9.07
C ALA E 985 5.45 8.29 7.90
N GLU E 986 6.40 7.36 7.99
CA GLU E 986 6.58 6.39 6.92
C GLU E 986 5.37 5.49 6.76
N VAL E 987 4.72 5.14 7.86
CA VAL E 987 3.53 4.28 7.79
C VAL E 987 2.39 5.01 7.10
N GLN E 988 2.19 6.29 7.41
CA GLN E 988 1.11 7.05 6.80
C GLN E 988 1.35 7.25 5.31
N ILE E 989 2.60 7.43 4.90
CA ILE E 989 2.92 7.52 3.48
C ILE E 989 2.61 6.20 2.78
N ASP E 990 2.96 5.08 3.44
CA ASP E 990 2.71 3.78 2.84
C ASP E 990 1.23 3.52 2.61
N ARG E 991 0.35 4.16 3.37
CA ARG E 991 -1.08 4.06 3.08
C ARG E 991 -1.44 4.83 1.82
N LEU E 992 -0.80 5.98 1.60
CA LEU E 992 -1.05 6.73 0.37
C LEU E 992 -0.43 6.06 -0.84
N ILE E 993 0.79 5.53 -0.68
CA ILE E 993 1.44 4.85 -1.80
C ILE E 993 0.65 3.63 -2.21
N THR E 994 0.16 2.85 -1.23
CA THR E 994 -0.66 1.69 -1.56
C THR E 994 -1.96 2.12 -2.22
N GLY E 995 -2.60 3.17 -1.71
CA GLY E 995 -3.85 3.60 -2.30
C GLY E 995 -3.71 4.18 -3.68
N ARG E 996 -2.68 5.00 -3.90
CA ARG E 996 -2.50 5.63 -5.20
C ARG E 996 -1.94 4.68 -6.23
N LEU E 997 -1.15 3.70 -5.81
CA LEU E 997 -0.66 2.71 -6.76
C LEU E 997 -1.79 1.82 -7.26
N GLN E 998 -2.80 1.56 -6.42
CA GLN E 998 -3.94 0.78 -6.85
C GLN E 998 -4.88 1.58 -7.74
N SER E 999 -5.09 2.85 -7.42
CA SER E 999 -5.94 3.69 -8.26
C SER E 999 -5.30 4.00 -9.60
N LEU E 1000 -4.00 3.76 -9.74
CA LEU E 1000 -3.33 3.89 -11.02
C LEU E 1000 -3.32 2.59 -11.80
N GLN E 1001 -3.26 1.44 -11.11
CA GLN E 1001 -3.42 0.16 -11.79
C GLN E 1001 -4.83 -0.03 -12.30
N THR E 1002 -5.83 0.49 -11.57
CA THR E 1002 -7.20 0.42 -12.04
C THR E 1002 -7.36 1.18 -13.36
N TYR E 1003 -6.75 2.37 -13.45
CA TYR E 1003 -6.82 3.14 -14.68
C TYR E 1003 -6.20 2.37 -15.84
N VAL E 1004 -5.02 1.79 -15.61
CA VAL E 1004 -4.33 1.08 -16.69
C VAL E 1004 -5.13 -0.13 -17.14
N THR E 1005 -5.68 -0.90 -16.18
CA THR E 1005 -6.40 -2.12 -16.54
C THR E 1005 -7.62 -1.81 -17.39
N GLN E 1006 -8.35 -0.74 -17.06
CA GLN E 1006 -9.51 -0.37 -17.86
C GLN E 1006 -9.12 0.09 -19.26
N GLN E 1007 -7.95 0.70 -19.40
CA GLN E 1007 -7.47 1.09 -20.73
C GLN E 1007 -7.16 -0.13 -21.58
N LEU E 1008 -6.59 -1.17 -20.97
CA LEU E 1008 -6.30 -2.39 -21.72
C LEU E 1008 -7.58 -3.09 -22.18
N ILE E 1009 -8.65 -2.98 -21.39
CA ILE E 1009 -9.93 -3.55 -21.80
C ILE E 1009 -10.59 -2.70 -22.88
N ARG E 1010 -10.54 -1.38 -22.74
CA ARG E 1010 -11.12 -0.50 -23.75
C ARG E 1010 -10.35 -0.55 -25.06
N ALA E 1011 -9.02 -0.61 -24.98
CA ALA E 1011 -8.21 -0.68 -26.18
C ALA E 1011 -8.45 -1.96 -26.96
N ALA E 1012 -8.98 -3.00 -26.31
CA ALA E 1012 -9.36 -4.22 -27.01
C ALA E 1012 -10.72 -4.11 -27.68
N GLU E 1013 -11.60 -3.24 -27.16
CA GLU E 1013 -12.84 -2.93 -27.87
C GLU E 1013 -12.57 -2.10 -29.11
N ILE E 1014 -11.64 -1.15 -29.02
CA ILE E 1014 -11.30 -0.31 -30.16
C ILE E 1014 -10.59 -1.11 -31.22
N ARG E 1015 -9.66 -1.97 -30.82
CA ARG E 1015 -8.95 -2.80 -31.80
C ARG E 1015 -9.89 -3.77 -32.49
N ALA E 1016 -10.92 -4.24 -31.78
CA ALA E 1016 -11.91 -5.09 -32.42
C ALA E 1016 -12.75 -4.31 -33.42
N SER E 1017 -12.99 -3.02 -33.17
CA SER E 1017 -13.72 -2.18 -34.11
C SER E 1017 -12.82 -1.49 -35.12
N ALA E 1018 -11.51 -1.46 -34.88
CA ALA E 1018 -10.58 -0.99 -35.90
C ALA E 1018 -10.25 -2.08 -36.90
N ASN E 1019 -10.42 -3.35 -36.53
CA ASN E 1019 -10.27 -4.45 -37.47
C ASN E 1019 -11.51 -4.60 -38.34
N LEU E 1020 -12.69 -4.27 -37.82
CA LEU E 1020 -13.90 -4.30 -38.62
C LEU E 1020 -13.90 -3.15 -39.62
N ALA E 1021 -13.41 -1.98 -39.22
CA ALA E 1021 -13.33 -0.85 -40.14
C ALA E 1021 -12.30 -1.08 -41.22
N ALA E 1022 -11.26 -1.87 -40.94
CA ALA E 1022 -10.31 -2.25 -41.98
C ALA E 1022 -10.88 -3.33 -42.89
N THR E 1023 -11.81 -4.14 -42.39
CA THR E 1023 -12.47 -5.13 -43.22
C THR E 1023 -13.50 -4.49 -44.14
N LYS E 1024 -14.21 -3.48 -43.66
CA LYS E 1024 -15.18 -2.79 -44.50
C LYS E 1024 -14.51 -1.94 -45.56
N MET E 1025 -13.33 -1.39 -45.26
CA MET E 1025 -12.60 -0.65 -46.29
C MET E 1025 -12.13 -1.57 -47.40
N SER E 1026 -11.65 -2.76 -47.04
CA SER E 1026 -11.15 -3.69 -48.05
C SER E 1026 -12.26 -4.21 -48.94
N GLU E 1027 -13.41 -4.52 -48.35
CA GLU E 1027 -14.46 -5.24 -49.07
C GLU E 1027 -15.58 -4.35 -49.56
N CYS E 1028 -16.10 -3.45 -48.72
CA CYS E 1028 -17.15 -2.55 -49.18
C CYS E 1028 -16.59 -1.49 -50.12
N VAL E 1029 -15.46 -0.89 -49.77
CA VAL E 1029 -14.94 0.26 -50.52
C VAL E 1029 -14.08 -0.19 -51.69
N LEU E 1030 -13.08 -1.03 -51.46
CA LEU E 1030 -12.18 -1.47 -52.51
C LEU E 1030 -12.75 -2.61 -53.34
N GLY E 1031 -14.05 -2.83 -53.28
CA GLY E 1031 -14.67 -3.90 -54.05
C GLY E 1031 -16.18 -3.83 -53.88
N GLN E 1032 -16.85 -4.86 -54.37
CA GLN E 1032 -18.28 -4.99 -54.18
C GLN E 1032 -18.55 -6.24 -53.36
N SER E 1033 -19.36 -6.09 -52.32
CA SER E 1033 -19.57 -7.13 -51.34
C SER E 1033 -20.84 -7.91 -51.62
N LYS E 1034 -20.75 -9.24 -51.53
CA LYS E 1034 -21.92 -10.10 -51.64
C LYS E 1034 -22.43 -10.57 -50.28
N ARG E 1035 -21.70 -10.30 -49.21
CA ARG E 1035 -22.18 -10.62 -47.87
C ARG E 1035 -23.39 -9.77 -47.54
N VAL E 1036 -24.40 -10.39 -46.96
CA VAL E 1036 -25.69 -9.74 -46.74
C VAL E 1036 -25.60 -8.82 -45.53
N ASP E 1037 -26.07 -7.58 -45.71
CA ASP E 1037 -26.13 -6.57 -44.66
C ASP E 1037 -24.77 -6.23 -44.08
N PHE E 1038 -23.69 -6.61 -44.75
CA PHE E 1038 -22.37 -6.21 -44.30
C PHE E 1038 -22.09 -4.75 -44.63
N CYS E 1039 -22.54 -4.29 -45.79
CA CYS E 1039 -22.34 -2.91 -46.21
C CYS E 1039 -23.68 -2.23 -46.42
N GLY E 1040 -24.59 -2.38 -45.46
CA GLY E 1040 -25.85 -1.67 -45.49
C GLY E 1040 -27.01 -2.55 -45.97
N LYS E 1041 -28.21 -2.13 -45.63
CA LYS E 1041 -29.41 -2.87 -46.01
C LYS E 1041 -29.73 -2.65 -47.48
N GLY E 1042 -29.87 -3.73 -48.23
CA GLY E 1042 -30.06 -3.70 -49.66
C GLY E 1042 -28.95 -4.46 -50.36
N TYR E 1043 -28.94 -4.36 -51.68
CA TYR E 1043 -27.90 -4.97 -52.49
C TYR E 1043 -26.80 -3.96 -52.71
N HIS E 1044 -25.62 -4.24 -52.17
CA HIS E 1044 -24.50 -3.30 -52.20
C HIS E 1044 -24.03 -2.95 -53.60
N LEU E 1045 -23.84 -1.68 -53.85
CA LEU E 1045 -23.23 -1.20 -55.08
C LEU E 1045 -21.88 -0.55 -54.82
N MET E 1046 -21.81 0.47 -53.98
CA MET E 1046 -20.57 1.20 -53.72
C MET E 1046 -20.50 1.55 -52.23
N SER E 1047 -19.37 2.14 -51.84
CA SER E 1047 -19.22 2.73 -50.51
C SER E 1047 -18.15 3.79 -50.60
N PHE E 1048 -18.28 4.82 -49.76
CA PHE E 1048 -17.39 5.98 -49.78
C PHE E 1048 -16.93 6.26 -48.36
N PRO E 1049 -15.62 6.29 -48.10
CA PRO E 1049 -15.15 6.62 -46.75
C PRO E 1049 -15.14 8.12 -46.49
N GLN E 1050 -15.44 8.49 -45.25
CA GLN E 1050 -15.32 9.87 -44.79
C GLN E 1050 -14.69 9.84 -43.42
N SER E 1051 -13.56 10.52 -43.26
CA SER E 1051 -12.87 10.51 -41.99
C SER E 1051 -13.65 11.30 -40.96
N ALA E 1052 -13.38 11.01 -39.70
CA ALA E 1052 -14.03 11.66 -38.57
C ALA E 1052 -13.06 11.63 -37.39
N PRO E 1053 -13.25 12.48 -36.39
CA PRO E 1053 -12.34 12.47 -35.25
C PRO E 1053 -12.33 11.14 -34.51
N HIS E 1054 -11.20 10.44 -34.57
CA HIS E 1054 -11.02 9.13 -33.94
C HIS E 1054 -11.94 8.07 -34.53
N GLY E 1055 -12.22 8.15 -35.82
CA GLY E 1055 -13.14 7.20 -36.41
C GLY E 1055 -13.18 7.31 -37.92
N VAL E 1056 -14.14 6.58 -38.50
CA VAL E 1056 -14.33 6.58 -39.94
C VAL E 1056 -15.82 6.43 -40.21
N VAL E 1057 -16.28 7.02 -41.31
CA VAL E 1057 -17.68 6.98 -41.71
C VAL E 1057 -17.76 6.43 -43.12
N PHE E 1058 -18.63 5.44 -43.31
CA PHE E 1058 -18.87 4.84 -44.62
C PHE E 1058 -20.24 5.24 -45.11
N LEU E 1059 -20.33 5.63 -46.37
CA LEU E 1059 -21.61 5.97 -47.00
C LEU E 1059 -21.92 4.84 -47.99
N HIS E 1060 -22.76 3.90 -47.56
CA HIS E 1060 -23.03 2.70 -48.32
C HIS E 1060 -24.14 2.96 -49.33
N VAL E 1061 -23.82 2.87 -50.61
CA VAL E 1061 -24.80 3.00 -51.68
C VAL E 1061 -25.34 1.62 -51.99
N THR E 1062 -26.66 1.45 -51.88
CA THR E 1062 -27.30 0.15 -52.02
C THR E 1062 -28.48 0.25 -52.98
N TYR E 1063 -28.83 -0.90 -53.54
CA TYR E 1063 -29.94 -1.03 -54.48
C TYR E 1063 -31.12 -1.67 -53.77
N VAL E 1064 -32.23 -0.96 -53.68
CA VAL E 1064 -33.41 -1.43 -52.98
C VAL E 1064 -34.55 -1.57 -53.98
N PRO E 1065 -35.14 -2.75 -54.15
CA PRO E 1065 -36.27 -2.90 -55.07
C PRO E 1065 -37.52 -2.21 -54.53
N ALA E 1066 -38.43 -1.91 -55.45
CA ALA E 1066 -39.67 -1.24 -55.08
C ALA E 1066 -40.72 -1.54 -56.13
N GLN E 1067 -41.97 -1.25 -55.78
CA GLN E 1067 -43.12 -1.39 -56.68
C GLN E 1067 -43.25 -2.82 -57.19
N GLU E 1068 -43.48 -3.73 -56.25
CA GLU E 1068 -43.65 -5.13 -56.58
C GLU E 1068 -44.97 -5.35 -57.33
N LYS E 1069 -45.08 -6.51 -57.97
CA LYS E 1069 -46.32 -6.88 -58.64
C LYS E 1069 -46.46 -8.40 -58.62
N ASN E 1070 -47.70 -8.86 -58.48
CA ASN E 1070 -47.98 -10.29 -58.42
C ASN E 1070 -48.00 -10.89 -59.82
N PHE E 1071 -47.49 -12.12 -59.94
CA PHE E 1071 -47.53 -12.86 -61.19
C PHE E 1071 -47.80 -14.33 -60.87
N THR E 1072 -48.13 -15.08 -61.91
CA THR E 1072 -48.28 -16.52 -61.83
C THR E 1072 -47.05 -17.17 -62.45
N THR E 1073 -46.44 -18.09 -61.72
CA THR E 1073 -45.17 -18.66 -62.13
C THR E 1073 -45.27 -20.17 -62.25
N ALA E 1074 -44.39 -20.73 -63.07
CA ALA E 1074 -44.26 -22.16 -63.27
C ALA E 1074 -42.81 -22.57 -63.17
N PRO E 1075 -42.53 -23.79 -62.71
CA PRO E 1075 -41.13 -24.24 -62.66
C PRO E 1075 -40.56 -24.55 -64.02
N ALA E 1076 -41.32 -25.24 -64.88
CA ALA E 1076 -40.88 -25.56 -66.23
C ALA E 1076 -42.05 -25.33 -67.17
N ILE E 1077 -41.80 -25.56 -68.46
CA ILE E 1077 -42.79 -25.38 -69.51
C ILE E 1077 -42.67 -26.53 -70.49
N CYS E 1078 -43.76 -27.25 -70.70
CA CYS E 1078 -43.76 -28.45 -71.53
C CYS E 1078 -44.11 -28.07 -72.96
N HIS E 1079 -43.16 -28.25 -73.89
CA HIS E 1079 -43.40 -28.02 -75.30
C HIS E 1079 -42.86 -29.21 -76.09
N ASP E 1080 -43.72 -29.84 -76.88
CA ASP E 1080 -43.36 -30.99 -77.71
C ASP E 1080 -42.81 -32.15 -76.87
N GLY E 1081 -43.32 -32.31 -75.66
CA GLY E 1081 -42.93 -33.40 -74.80
C GLY E 1081 -41.67 -33.19 -74.00
N LYS E 1082 -41.06 -32.01 -74.07
CA LYS E 1082 -39.82 -31.72 -73.37
C LYS E 1082 -40.04 -30.60 -72.36
N ALA E 1083 -39.35 -30.69 -71.22
CA ALA E 1083 -39.48 -29.72 -70.15
C ALA E 1083 -38.38 -28.67 -70.28
N HIS E 1084 -38.78 -27.40 -70.31
CA HIS E 1084 -37.85 -26.29 -70.52
C HIS E 1084 -37.76 -25.48 -69.25
N PHE E 1085 -36.53 -25.32 -68.75
CA PHE E 1085 -36.25 -24.49 -67.60
C PHE E 1085 -35.52 -23.22 -68.05
N PRO E 1086 -35.72 -22.11 -67.37
CA PRO E 1086 -35.04 -20.88 -67.78
C PRO E 1086 -33.54 -20.96 -67.51
N ARG E 1087 -32.75 -20.44 -68.46
CA ARG E 1087 -31.31 -20.39 -68.25
C ARG E 1087 -30.96 -19.47 -67.08
N GLU E 1088 -31.59 -18.31 -67.02
CA GLU E 1088 -31.41 -17.39 -65.91
C GLU E 1088 -32.67 -16.54 -65.81
N GLY E 1089 -33.47 -16.77 -64.78
CA GLY E 1089 -34.67 -16.00 -64.59
C GLY E 1089 -35.81 -16.90 -64.19
N VAL E 1090 -37.03 -16.37 -64.34
CA VAL E 1090 -38.24 -17.08 -63.97
C VAL E 1090 -39.24 -16.99 -65.12
N PHE E 1091 -40.15 -17.96 -65.14
CA PHE E 1091 -41.31 -17.90 -66.01
C PHE E 1091 -42.43 -17.19 -65.27
N VAL E 1092 -43.02 -16.18 -65.90
CA VAL E 1092 -44.10 -15.43 -65.29
C VAL E 1092 -45.24 -15.30 -66.28
N SER E 1093 -46.44 -15.12 -65.77
CA SER E 1093 -47.64 -14.93 -66.56
C SER E 1093 -48.36 -13.68 -66.10
N ASN E 1094 -48.85 -12.90 -67.05
CA ASN E 1094 -49.64 -11.71 -66.75
C ASN E 1094 -51.12 -11.98 -66.87
N GLY E 1095 -51.54 -13.19 -66.48
CA GLY E 1095 -52.91 -13.63 -66.64
C GLY E 1095 -53.12 -14.48 -67.88
N THR E 1096 -52.60 -14.03 -69.02
CA THR E 1096 -52.82 -14.72 -70.29
C THR E 1096 -51.54 -15.30 -70.87
N HIS E 1097 -50.52 -14.47 -71.09
CA HIS E 1097 -49.32 -14.88 -71.81
C HIS E 1097 -48.21 -15.25 -70.84
N TRP E 1098 -47.30 -16.10 -71.31
CA TRP E 1098 -46.17 -16.56 -70.52
C TRP E 1098 -44.88 -15.94 -71.05
N PHE E 1099 -44.09 -15.38 -70.15
CA PHE E 1099 -42.81 -14.77 -70.48
C PHE E 1099 -41.71 -15.39 -69.65
N VAL E 1100 -40.49 -14.94 -69.87
CA VAL E 1100 -39.35 -15.30 -69.03
C VAL E 1100 -38.62 -14.01 -68.69
N THR E 1101 -38.47 -13.73 -67.40
CA THR E 1101 -37.92 -12.46 -66.94
C THR E 1101 -36.77 -12.73 -65.98
N GLN E 1102 -35.92 -11.72 -65.80
CA GLN E 1102 -34.91 -11.79 -64.77
C GLN E 1102 -35.56 -11.62 -63.40
N ARG E 1103 -34.88 -12.15 -62.38
CA ARG E 1103 -35.51 -12.31 -61.08
C ARG E 1103 -35.63 -11.00 -60.30
N ASN E 1104 -34.69 -10.07 -60.47
CA ASN E 1104 -34.63 -8.88 -59.64
C ASN E 1104 -35.22 -7.63 -60.29
N PHE E 1105 -35.82 -7.77 -61.47
CA PHE E 1105 -36.37 -6.62 -62.18
C PHE E 1105 -37.29 -7.13 -63.26
N TYR E 1106 -38.50 -6.58 -63.34
CA TYR E 1106 -39.49 -7.10 -64.29
C TYR E 1106 -39.17 -6.57 -65.68
N GLU E 1107 -38.55 -7.42 -66.50
CA GLU E 1107 -38.34 -7.16 -67.92
C GLU E 1107 -38.78 -8.39 -68.70
N PRO E 1108 -40.07 -8.48 -69.05
CA PRO E 1108 -40.56 -9.70 -69.69
C PRO E 1108 -39.98 -9.88 -71.08
N GLN E 1109 -39.78 -11.14 -71.44
CA GLN E 1109 -39.28 -11.50 -72.76
C GLN E 1109 -40.02 -12.73 -73.27
N ILE E 1110 -40.11 -12.83 -74.59
CA ILE E 1110 -40.74 -14.00 -75.20
C ILE E 1110 -39.89 -15.23 -74.94
N ILE E 1111 -40.54 -16.34 -74.65
CA ILE E 1111 -39.85 -17.60 -74.37
C ILE E 1111 -39.39 -18.20 -75.69
N THR E 1112 -38.08 -18.27 -75.89
CA THR E 1112 -37.49 -18.89 -77.07
C THR E 1112 -36.61 -20.04 -76.61
N THR E 1113 -35.89 -20.64 -77.56
CA THR E 1113 -34.94 -21.69 -77.22
C THR E 1113 -33.60 -21.13 -76.76
N ASP E 1114 -33.40 -19.82 -76.83
CA ASP E 1114 -32.21 -19.19 -76.28
C ASP E 1114 -32.39 -18.75 -74.84
N ASN E 1115 -33.64 -18.57 -74.40
CA ASN E 1115 -33.90 -18.23 -73.00
C ASN E 1115 -33.92 -19.45 -72.10
N THR E 1116 -34.20 -20.63 -72.64
CA THR E 1116 -34.45 -21.82 -71.85
C THR E 1116 -33.49 -22.94 -72.26
N PHE E 1117 -33.42 -23.96 -71.41
CA PHE E 1117 -32.70 -25.18 -71.72
C PHE E 1117 -33.59 -26.38 -71.42
N VAL E 1118 -33.41 -27.44 -72.19
CA VAL E 1118 -34.24 -28.64 -72.10
C VAL E 1118 -33.61 -29.61 -71.12
N SER E 1119 -34.46 -30.32 -70.36
CA SER E 1119 -33.98 -31.35 -69.45
C SER E 1119 -35.12 -32.35 -69.23
N GLY E 1120 -35.04 -33.49 -69.90
CA GLY E 1120 -35.97 -34.58 -69.65
C GLY E 1120 -37.34 -34.36 -70.26
N ASN E 1121 -38.30 -35.14 -69.76
CA ASN E 1121 -39.67 -35.10 -70.24
C ASN E 1121 -40.55 -34.35 -69.24
N CYS E 1122 -41.85 -34.30 -69.54
CA CYS E 1122 -42.80 -33.51 -68.78
C CYS E 1122 -43.50 -34.27 -67.67
N ASP E 1123 -43.21 -35.56 -67.51
CA ASP E 1123 -43.92 -36.40 -66.56
C ASP E 1123 -43.24 -36.47 -65.20
N VAL E 1124 -42.19 -35.68 -64.98
CA VAL E 1124 -41.41 -35.77 -63.74
C VAL E 1124 -41.46 -34.49 -62.92
N VAL E 1125 -41.78 -33.35 -63.50
CA VAL E 1125 -41.77 -32.07 -62.80
C VAL E 1125 -43.16 -31.77 -62.28
N ILE E 1126 -43.24 -31.37 -61.01
CA ILE E 1126 -44.51 -31.09 -60.35
C ILE E 1126 -44.81 -29.61 -60.51
N GLY E 1127 -45.80 -29.29 -61.34
CA GLY E 1127 -46.16 -27.92 -61.63
C GLY E 1127 -45.86 -27.45 -63.03
N ILE E 1128 -45.47 -28.36 -63.93
CA ILE E 1128 -45.17 -27.98 -65.31
C ILE E 1128 -46.46 -27.56 -66.02
N VAL E 1129 -46.32 -26.63 -66.97
CA VAL E 1129 -47.46 -26.08 -67.70
C VAL E 1129 -47.19 -26.19 -69.20
N ASN E 1130 -48.24 -26.46 -69.97
CA ASN E 1130 -48.10 -26.44 -71.42
C ASN E 1130 -47.99 -25.01 -71.92
N ASN E 1131 -47.05 -24.79 -72.83
CA ASN E 1131 -46.90 -23.48 -73.46
C ASN E 1131 -46.03 -23.65 -74.70
N THR E 1132 -45.94 -22.58 -75.49
CA THR E 1132 -45.21 -22.59 -76.74
C THR E 1132 -43.84 -21.95 -76.56
N VAL E 1133 -42.81 -22.68 -76.94
CA VAL E 1133 -41.43 -22.20 -76.89
C VAL E 1133 -40.97 -22.01 -78.33
N TYR E 1134 -40.74 -20.75 -78.72
CA TYR E 1134 -40.48 -20.42 -80.11
C TYR E 1134 -39.05 -20.77 -80.50
N ASP E 1135 -38.89 -21.41 -81.65
CA ASP E 1135 -37.58 -21.80 -82.14
C ASP E 1135 -37.16 -20.81 -83.22
N PRO E 1136 -36.13 -19.98 -83.00
CA PRO E 1136 -35.71 -19.05 -84.05
C PRO E 1136 -35.28 -19.73 -85.35
N LEU E 1137 -34.61 -20.88 -85.26
CA LEU E 1137 -34.14 -21.55 -86.47
C LEU E 1137 -35.29 -22.15 -87.25
N GLN E 1138 -36.20 -22.85 -86.58
CA GLN E 1138 -37.32 -23.46 -87.27
C GLN E 1138 -38.31 -22.44 -87.81
N LEU E 1139 -38.24 -21.20 -87.33
CA LEU E 1139 -39.10 -20.14 -87.85
C LEU E 1139 -38.55 -19.52 -89.14
N GLU E 1140 -37.33 -19.87 -89.52
CA GLU E 1140 -36.73 -19.39 -90.77
C GLU E 1140 -36.49 -20.50 -91.78
N LEU E 1141 -36.08 -21.68 -91.32
CA LEU E 1141 -35.80 -22.79 -92.22
C LEU E 1141 -37.01 -23.71 -92.35
N THR F 26 -5.41 -59.71 25.73
CA THR F 26 -5.56 -60.14 24.34
C THR F 26 -5.85 -58.96 23.42
N GLN F 27 -4.94 -58.72 22.48
CA GLN F 27 -5.04 -57.62 21.53
C GLN F 27 -5.01 -58.16 20.11
N SER F 28 -5.50 -57.34 19.18
CA SER F 28 -5.56 -57.73 17.77
C SER F 28 -5.43 -56.46 16.93
N TYR F 29 -5.75 -56.59 15.65
CA TYR F 29 -5.78 -55.46 14.74
C TYR F 29 -6.92 -55.64 13.75
N THR F 30 -7.46 -54.53 13.27
CA THR F 30 -8.59 -54.55 12.35
C THR F 30 -8.63 -53.23 11.60
N ASN F 31 -9.65 -53.08 10.75
CA ASN F 31 -9.86 -51.88 9.97
C ASN F 31 -11.05 -51.11 10.54
N SER F 32 -10.87 -49.81 10.74
CA SER F 32 -11.91 -49.00 11.36
C SER F 32 -13.05 -48.63 10.43
N PHE F 33 -12.89 -48.84 9.13
CA PHE F 33 -13.86 -48.39 8.11
C PHE F 33 -14.16 -46.88 8.20
N THR F 34 -15.44 -46.54 8.10
CA THR F 34 -15.84 -45.12 8.12
C THR F 34 -16.58 -44.84 9.42
N ARG F 35 -15.86 -44.76 10.53
CA ARG F 35 -16.49 -44.58 11.86
C ARG F 35 -15.75 -43.48 12.62
N GLY F 36 -16.43 -42.79 13.55
CA GLY F 36 -15.74 -41.78 14.37
C GLY F 36 -15.96 -40.39 13.83
N VAL F 37 -17.07 -40.17 13.13
CA VAL F 37 -17.38 -38.85 12.62
C VAL F 37 -18.37 -38.19 13.57
N TYR F 38 -17.97 -37.08 14.18
CA TYR F 38 -18.77 -36.37 15.16
C TYR F 38 -19.16 -34.99 14.61
N TYR F 39 -19.84 -34.22 15.45
CA TYR F 39 -20.25 -32.87 15.09
C TYR F 39 -19.19 -31.90 15.57
N PRO F 40 -18.41 -31.27 14.68
CA PRO F 40 -17.31 -30.42 15.15
C PRO F 40 -17.76 -29.19 15.92
N ASP F 41 -18.86 -28.57 15.50
CA ASP F 41 -19.32 -27.35 16.13
C ASP F 41 -20.82 -27.44 16.40
N LYS F 42 -21.27 -26.63 17.35
CA LYS F 42 -22.65 -26.64 17.80
C LYS F 42 -23.55 -25.74 16.95
N VAL F 43 -23.14 -25.44 15.71
CA VAL F 43 -23.89 -24.60 14.81
C VAL F 43 -24.73 -25.48 13.90
N PHE F 44 -26.03 -25.23 13.87
CA PHE F 44 -26.91 -25.99 12.99
C PHE F 44 -26.59 -25.71 11.54
N ARG F 45 -26.57 -26.76 10.72
CA ARG F 45 -26.43 -26.64 9.28
C ARG F 45 -27.30 -27.69 8.63
N SER F 46 -27.79 -27.40 7.43
CA SER F 46 -28.70 -28.31 6.75
C SER F 46 -28.54 -28.17 5.24
N SER F 47 -28.51 -29.30 4.56
CA SER F 47 -28.36 -29.34 3.10
C SER F 47 -27.14 -28.55 2.65
N VAL F 48 -26.00 -28.83 3.28
CA VAL F 48 -24.75 -28.16 2.97
C VAL F 48 -23.62 -29.17 3.10
N LEU F 49 -22.59 -28.99 2.27
CA LEU F 49 -21.37 -29.79 2.33
C LEU F 49 -20.29 -28.92 2.98
N HIS F 50 -19.94 -29.25 4.21
CA HIS F 50 -19.02 -28.44 5.01
C HIS F 50 -17.63 -29.07 4.97
N LEU F 51 -16.62 -28.24 4.74
CA LEU F 51 -15.23 -28.69 4.68
C LEU F 51 -14.57 -28.36 6.02
N THR F 52 -14.68 -29.29 6.96
CA THR F 52 -14.17 -29.09 8.31
C THR F 52 -12.80 -29.75 8.46
N GLN F 53 -11.87 -29.03 9.08
CA GLN F 53 -10.51 -29.51 9.29
C GLN F 53 -10.20 -29.49 10.79
N ASP F 54 -10.26 -30.66 11.43
CA ASP F 54 -10.00 -30.78 12.85
C ASP F 54 -9.52 -32.20 13.13
N LEU F 55 -9.43 -32.56 14.40
CA LEU F 55 -8.98 -33.90 14.78
C LEU F 55 -10.09 -34.91 14.54
N PHE F 56 -9.86 -35.84 13.61
CA PHE F 56 -10.80 -36.90 13.30
C PHE F 56 -10.05 -38.23 13.31
N LEU F 57 -10.83 -39.31 13.35
CA LEU F 57 -10.27 -40.65 13.18
C LEU F 57 -10.19 -40.94 11.69
N PRO F 58 -9.00 -41.08 11.11
CA PRO F 58 -8.89 -41.26 9.66
C PRO F 58 -9.61 -42.50 9.19
N PHE F 59 -10.17 -42.42 7.98
CA PHE F 59 -10.86 -43.56 7.40
C PHE F 59 -9.87 -44.70 7.16
N PHE F 60 -10.34 -45.92 7.42
CA PHE F 60 -9.55 -47.13 7.18
C PHE F 60 -8.22 -47.09 7.93
N SER F 61 -8.29 -46.80 9.22
CA SER F 61 -7.13 -46.77 10.07
C SER F 61 -7.02 -48.10 10.82
N ASN F 62 -6.06 -48.18 11.75
CA ASN F 62 -5.84 -49.38 12.54
C ASN F 62 -6.45 -49.18 13.93
N VAL F 63 -7.44 -50.00 14.26
CA VAL F 63 -8.10 -49.97 15.55
C VAL F 63 -7.75 -51.25 16.29
N THR F 64 -7.07 -51.10 17.43
CA THR F 64 -6.56 -52.24 18.19
C THR F 64 -7.72 -52.87 18.96
N TRP F 65 -8.28 -53.94 18.40
CA TRP F 65 -9.43 -54.60 19.02
C TRP F 65 -8.99 -55.37 20.25
N PHE F 66 -9.09 -54.75 21.43
CA PHE F 66 -8.77 -55.43 22.66
C PHE F 66 -9.85 -56.44 23.02
N HIS F 67 -9.57 -57.33 23.98
CA HIS F 67 -10.59 -58.32 24.46
C HIS F 67 -10.04 -58.70 25.84
N ALA F 68 -10.69 -58.29 26.91
CA ALA F 68 -10.24 -58.46 28.28
C ALA F 68 -11.19 -59.51 28.86
N ILE F 69 -10.64 -60.34 29.74
CA ILE F 69 -11.42 -61.39 30.39
C ILE F 69 -11.17 -61.38 31.90
N PRO F 81 -4.45 -52.47 31.06
CA PRO F 81 -3.30 -51.87 30.40
C PRO F 81 -3.38 -50.35 30.31
N VAL F 82 -2.25 -49.71 30.04
CA VAL F 82 -2.18 -48.26 29.86
C VAL F 82 -1.84 -47.99 28.40
N LEU F 83 -2.72 -47.28 27.70
CA LEU F 83 -2.56 -46.99 26.28
C LEU F 83 -2.32 -45.50 26.09
N PRO F 84 -1.35 -45.11 25.26
CA PRO F 84 -1.06 -43.68 25.11
C PRO F 84 -2.25 -42.92 24.54
N PHE F 85 -2.38 -41.67 24.99
CA PHE F 85 -3.54 -40.86 24.61
C PHE F 85 -3.36 -40.21 23.25
N ASN F 86 -2.13 -39.80 22.92
CA ASN F 86 -1.83 -39.11 21.66
C ASN F 86 -2.74 -37.87 21.58
N ASP F 87 -3.44 -37.64 20.47
CA ASP F 87 -4.31 -36.48 20.33
C ASP F 87 -5.77 -36.78 20.64
N GLY F 88 -6.09 -38.00 21.06
CA GLY F 88 -7.46 -38.36 21.34
C GLY F 88 -7.65 -39.84 21.10
N VAL F 89 -8.85 -40.30 21.43
CA VAL F 89 -9.17 -41.72 21.25
C VAL F 89 -10.61 -41.90 20.81
N TYR F 90 -10.83 -42.87 19.93
CA TYR F 90 -12.16 -43.33 19.58
C TYR F 90 -12.37 -44.68 20.27
N PHE F 91 -13.19 -44.71 21.31
CA PHE F 91 -13.38 -45.96 22.08
C PHE F 91 -14.77 -46.47 21.84
N ALA F 92 -14.91 -47.60 21.16
CA ALA F 92 -16.25 -48.20 21.02
C ALA F 92 -16.26 -49.55 21.73
N SER F 93 -17.22 -49.78 22.61
CA SER F 93 -17.33 -51.11 23.26
C SER F 93 -18.64 -51.76 22.82
N THR F 94 -18.56 -52.96 22.22
CA THR F 94 -19.76 -53.67 21.77
C THR F 94 -19.90 -54.91 22.63
N GLU F 95 -20.35 -54.74 23.87
CA GLU F 95 -20.37 -55.90 24.80
C GLU F 95 -21.77 -56.14 25.35
N LYS F 96 -22.03 -57.36 25.85
CA LYS F 96 -23.30 -57.68 26.48
C LYS F 96 -23.13 -57.58 28.00
N SER F 97 -24.17 -57.07 28.66
CA SER F 97 -24.17 -56.82 30.10
C SER F 97 -23.24 -55.66 30.45
N ASN F 98 -22.99 -55.45 31.74
CA ASN F 98 -22.20 -54.32 32.21
C ASN F 98 -20.88 -54.89 32.71
N ILE F 99 -19.82 -54.70 31.94
CA ILE F 99 -18.48 -55.11 32.35
C ILE F 99 -17.54 -53.93 32.26
N ILE F 100 -17.56 -53.25 31.10
CA ILE F 100 -16.66 -52.08 30.82
C ILE F 100 -17.50 -50.82 30.87
N ARG F 101 -17.57 -50.19 32.03
CA ARG F 101 -18.42 -49.01 32.18
C ARG F 101 -17.68 -47.83 32.79
N GLY F 102 -16.36 -47.92 32.97
CA GLY F 102 -15.60 -46.85 33.55
C GLY F 102 -14.42 -46.48 32.68
N TRP F 103 -13.86 -45.31 32.97
CA TRP F 103 -12.72 -44.81 32.20
C TRP F 103 -11.82 -44.02 33.14
N ILE F 104 -10.54 -44.37 33.16
CA ILE F 104 -9.54 -43.67 33.97
C ILE F 104 -8.45 -43.16 33.05
N PHE F 105 -8.15 -41.87 33.13
CA PHE F 105 -7.20 -41.22 32.25
C PHE F 105 -6.05 -40.67 33.07
N GLY F 106 -4.83 -41.03 32.70
CA GLY F 106 -3.64 -40.55 33.39
C GLY F 106 -3.03 -39.32 32.73
N SER F 115 -6.20 -37.09 36.93
CA SER F 115 -6.60 -38.49 36.92
C SER F 115 -8.11 -38.64 36.90
N LEU F 116 -8.73 -38.21 35.80
CA LEU F 116 -10.17 -38.28 35.66
C LEU F 116 -10.64 -39.73 35.72
N LEU F 117 -11.70 -39.96 36.47
CA LEU F 117 -12.29 -41.30 36.61
C LEU F 117 -13.80 -41.18 36.37
N ILE F 118 -14.19 -41.25 35.11
CA ILE F 118 -15.61 -41.23 34.76
C ILE F 118 -16.18 -42.62 35.01
N VAL F 119 -17.23 -42.69 35.83
CA VAL F 119 -17.85 -43.95 36.21
C VAL F 119 -19.33 -43.86 35.90
N ASN F 120 -19.87 -44.90 35.26
CA ASN F 120 -21.27 -44.97 34.92
C ASN F 120 -21.93 -46.11 35.68
N ASN F 121 -23.20 -45.93 36.04
CA ASN F 121 -23.95 -46.93 36.78
C ASN F 121 -25.41 -46.83 36.34
N ALA F 122 -26.31 -47.40 37.17
CA ALA F 122 -27.71 -47.52 36.77
C ALA F 122 -28.35 -46.17 36.48
N THR F 123 -28.17 -45.20 37.38
CA THR F 123 -28.85 -43.92 37.24
C THR F 123 -27.95 -42.74 37.60
N ASN F 124 -26.64 -42.86 37.38
CA ASN F 124 -25.72 -41.78 37.71
C ASN F 124 -24.42 -41.97 36.95
N VAL F 125 -24.03 -40.97 36.18
CA VAL F 125 -22.72 -40.94 35.54
C VAL F 125 -21.80 -40.11 36.45
N PHE F 126 -21.25 -40.78 37.46
CA PHE F 126 -20.42 -40.11 38.47
C PHE F 126 -19.02 -39.90 37.91
N ILE F 127 -18.77 -38.68 37.43
CA ILE F 127 -17.48 -38.32 36.86
C ILE F 127 -16.74 -37.51 37.92
N LYS F 128 -15.54 -37.95 38.25
CA LYS F 128 -14.71 -37.26 39.22
C LYS F 128 -13.28 -37.15 38.73
N VAL F 129 -12.62 -36.10 39.21
CA VAL F 129 -11.23 -35.80 38.87
C VAL F 129 -10.55 -35.55 40.21
N CYS F 130 -9.93 -36.60 40.77
CA CYS F 130 -9.23 -36.49 42.04
C CYS F 130 -7.89 -37.18 41.92
N GLU F 131 -6.85 -36.53 42.46
CA GLU F 131 -5.49 -37.08 42.40
C GLU F 131 -5.37 -38.19 43.43
N PHE F 132 -5.42 -39.44 42.97
CA PHE F 132 -5.32 -40.58 43.87
C PHE F 132 -3.94 -41.24 43.75
N CYS F 164 -9.71 -32.48 45.07
CA CYS F 164 -10.63 -32.79 43.98
C CYS F 164 -11.12 -31.50 43.34
N THR F 165 -10.54 -31.17 42.19
CA THR F 165 -10.90 -29.95 41.47
C THR F 165 -12.17 -30.07 40.63
N PHE F 166 -12.73 -31.26 40.45
CA PHE F 166 -13.96 -31.36 39.68
C PHE F 166 -14.76 -32.59 40.08
N GLU F 167 -16.08 -32.48 39.97
CA GLU F 167 -17.00 -33.59 40.20
C GLU F 167 -18.33 -33.23 39.53
N TYR F 168 -18.96 -34.21 38.88
CA TYR F 168 -20.20 -33.95 38.16
C TYR F 168 -20.99 -35.24 38.04
N VAL F 169 -22.25 -35.20 38.47
CA VAL F 169 -23.18 -36.32 38.32
C VAL F 169 -24.26 -35.91 37.34
N SER F 170 -24.41 -36.67 36.26
CA SER F 170 -25.34 -36.34 35.19
C SER F 170 -26.02 -37.62 34.71
N GLN F 171 -26.65 -37.54 33.55
CA GLN F 171 -27.32 -38.71 32.98
C GLN F 171 -26.28 -39.80 32.65
N PRO F 172 -26.66 -41.06 32.79
CA PRO F 172 -25.68 -42.15 32.59
C PRO F 172 -25.24 -42.26 31.14
N PHE F 173 -24.15 -43.00 30.93
CA PHE F 173 -23.64 -43.22 29.55
C PHE F 173 -24.05 -44.62 29.09
N LEU F 187 -24.00 -51.79 19.31
CA LEU F 187 -22.71 -51.14 19.49
C LEU F 187 -22.87 -49.78 20.13
N ARG F 188 -21.95 -49.44 21.04
CA ARG F 188 -21.97 -48.17 21.76
C ARG F 188 -20.66 -47.45 21.44
N GLU F 189 -20.71 -46.49 20.52
CA GLU F 189 -19.54 -45.76 20.08
C GLU F 189 -19.35 -44.49 20.89
N PHE F 190 -18.09 -44.19 21.21
CA PHE F 190 -17.74 -43.00 21.99
C PHE F 190 -16.51 -42.36 21.37
N VAL F 191 -16.33 -41.08 21.64
CA VAL F 191 -15.14 -40.35 21.20
C VAL F 191 -14.72 -39.41 22.31
N PHE F 192 -13.42 -39.33 22.55
CA PHE F 192 -12.86 -38.46 23.59
C PHE F 192 -11.76 -37.61 22.97
N LYS F 193 -11.61 -36.45 23.54
CA LYS F 193 -10.63 -35.52 22.96
C LYS F 193 -10.01 -34.64 24.04
N ASN F 194 -8.89 -34.04 23.72
CA ASN F 194 -8.19 -33.20 24.69
C ASN F 194 -8.79 -31.80 24.74
N TYR F 198 -10.32 -29.16 28.55
CA TYR F 198 -11.67 -29.55 28.16
C TYR F 198 -11.72 -30.99 27.67
N PHE F 199 -12.36 -31.84 28.46
CA PHE F 199 -12.54 -33.25 28.09
C PHE F 199 -13.86 -33.39 27.35
N LYS F 200 -13.82 -33.09 26.06
CA LYS F 200 -15.02 -33.21 25.24
C LYS F 200 -15.30 -34.68 24.97
N ILE F 201 -16.51 -35.12 25.31
CA ILE F 201 -16.93 -36.50 25.15
C ILE F 201 -18.13 -36.53 24.21
N TYR F 202 -18.08 -37.40 23.22
CA TYR F 202 -19.15 -37.59 22.26
C TYR F 202 -19.62 -39.04 22.34
N SER F 203 -20.84 -39.29 21.89
CA SER F 203 -21.36 -40.64 22.01
C SER F 203 -22.42 -40.90 20.96
N LYS F 204 -22.63 -42.18 20.69
CA LYS F 204 -23.69 -42.62 19.78
C LYS F 204 -23.97 -44.08 20.11
N HIS F 205 -25.14 -44.36 20.64
CA HIS F 205 -25.47 -45.67 21.19
C HIS F 205 -26.43 -46.38 20.24
N THR F 206 -25.89 -47.06 19.24
CA THR F 206 -26.70 -47.84 18.34
C THR F 206 -27.20 -49.11 19.02
N PRO F 207 -28.33 -49.68 18.55
CA PRO F 207 -28.81 -50.93 19.14
C PRO F 207 -27.90 -52.12 18.86
N PHE F 213 -18.01 -53.58 15.74
CA PHE F 213 -17.86 -52.43 14.87
C PHE F 213 -18.06 -52.81 13.41
N PRO F 214 -19.32 -52.85 12.97
CA PRO F 214 -19.61 -53.22 11.58
C PRO F 214 -19.28 -52.10 10.61
N GLN F 215 -19.60 -52.30 9.34
CA GLN F 215 -19.34 -51.31 8.30
C GLN F 215 -20.58 -50.44 8.11
N GLY F 216 -20.49 -49.19 8.54
CA GLY F 216 -21.61 -48.27 8.43
C GLY F 216 -21.19 -46.91 8.94
N PHE F 217 -22.12 -45.95 8.81
CA PHE F 217 -21.87 -44.58 9.19
C PHE F 217 -22.77 -44.19 10.35
N SER F 218 -22.18 -43.61 11.39
CA SER F 218 -22.91 -43.16 12.57
C SER F 218 -22.28 -41.87 13.07
N ALA F 219 -23.07 -40.79 13.10
CA ALA F 219 -22.57 -39.51 13.57
C ALA F 219 -22.64 -39.44 15.09
N LEU F 220 -21.56 -38.97 15.70
CA LEU F 220 -21.42 -38.96 17.16
C LEU F 220 -21.85 -37.59 17.69
N GLU F 221 -23.13 -37.48 18.03
CA GLU F 221 -23.66 -36.25 18.59
C GLU F 221 -23.01 -35.98 19.94
N PRO F 222 -22.56 -34.75 20.22
CA PRO F 222 -21.86 -34.49 21.48
C PRO F 222 -22.74 -34.78 22.68
N LEU F 223 -22.12 -35.38 23.70
CA LEU F 223 -22.84 -35.81 24.90
C LEU F 223 -22.60 -34.90 26.09
N VAL F 224 -21.35 -34.50 26.32
CA VAL F 224 -21.02 -33.65 27.46
C VAL F 224 -19.71 -32.95 27.16
N ASP F 225 -19.46 -31.84 27.84
CA ASP F 225 -18.18 -31.13 27.77
C ASP F 225 -17.79 -30.72 29.17
N LEU F 226 -16.61 -31.15 29.61
CA LEU F 226 -16.20 -30.93 30.98
C LEU F 226 -15.04 -29.95 31.02
N PRO F 227 -15.12 -28.88 31.83
CA PRO F 227 -13.98 -27.98 32.03
C PRO F 227 -12.95 -28.55 33.00
N ILE F 228 -12.42 -29.73 32.64
CA ILE F 228 -11.53 -30.45 33.55
C ILE F 228 -10.24 -29.65 33.76
N GLY F 229 -9.65 -29.14 32.69
CA GLY F 229 -8.40 -28.42 32.79
C GLY F 229 -7.18 -29.30 32.91
N ILE F 230 -7.34 -30.63 32.85
CA ILE F 230 -6.22 -31.55 32.95
C ILE F 230 -5.49 -31.62 31.61
N ARG F 234 -1.61 -41.21 28.74
CA ARG F 234 -2.00 -42.61 28.85
C ARG F 234 -3.33 -42.75 29.58
N PHE F 235 -3.99 -43.88 29.42
CA PHE F 235 -5.27 -44.12 30.09
C PHE F 235 -5.55 -45.61 30.12
N GLN F 236 -6.53 -45.99 30.94
CA GLN F 236 -6.94 -47.37 31.09
C GLN F 236 -8.46 -47.47 30.99
N THR F 237 -8.93 -48.57 30.43
CA THR F 237 -10.35 -48.78 30.23
C THR F 237 -11.01 -49.37 31.47
N ASP F 261 -15.50 -56.41 25.44
CA ASP F 261 -14.35 -56.14 24.53
C ASP F 261 -14.37 -54.66 24.11
N TYR F 262 -13.22 -54.01 24.16
CA TYR F 262 -13.18 -52.55 23.82
C TYR F 262 -12.30 -52.33 22.61
N TYR F 263 -12.78 -51.57 21.62
CA TYR F 263 -11.98 -51.22 20.43
C TYR F 263 -11.49 -49.80 20.54
N VAL F 264 -10.18 -49.58 20.53
CA VAL F 264 -9.64 -48.21 20.73
C VAL F 264 -8.87 -47.76 19.47
N GLY F 265 -9.16 -46.58 18.95
CA GLY F 265 -8.45 -46.03 17.76
C GLY F 265 -8.06 -44.60 18.05
N TYR F 266 -6.97 -44.09 17.45
CA TYR F 266 -6.49 -42.73 17.82
C TYR F 266 -6.86 -41.68 16.77
N LEU F 267 -6.86 -40.40 17.16
CA LEU F 267 -7.25 -39.29 16.30
C LEU F 267 -6.02 -38.62 15.71
N GLN F 268 -6.24 -37.88 14.62
CA GLN F 268 -5.18 -37.17 13.92
C GLN F 268 -5.79 -36.02 13.16
N PRO F 269 -5.01 -34.98 12.85
CA PRO F 269 -5.56 -33.84 12.11
C PRO F 269 -5.91 -34.18 10.67
N ARG F 270 -7.19 -34.19 10.34
CA ARG F 270 -7.65 -34.56 9.01
C ARG F 270 -8.71 -33.59 8.54
N THR F 271 -8.81 -33.42 7.23
CA THR F 271 -9.81 -32.56 6.61
C THR F 271 -10.91 -33.43 6.02
N PHE F 272 -12.16 -33.15 6.40
CA PHE F 272 -13.30 -33.93 5.95
C PHE F 272 -14.26 -33.05 5.18
N LEU F 273 -15.04 -33.69 4.30
CA LEU F 273 -16.13 -33.01 3.56
C LEU F 273 -17.40 -33.59 4.18
N LEU F 274 -18.00 -32.89 5.13
CA LEU F 274 -19.09 -33.42 5.93
C LEU F 274 -20.32 -33.10 5.12
N LYS F 275 -21.28 -34.02 5.10
CA LYS F 275 -22.51 -33.87 4.35
C LYS F 275 -23.69 -33.83 5.32
N TYR F 276 -24.52 -32.81 5.20
CA TYR F 276 -25.77 -32.71 5.93
C TYR F 276 -26.94 -32.95 4.98
N ASN F 277 -28.06 -33.33 5.59
CA ASN F 277 -29.30 -33.57 4.82
C ASN F 277 -30.25 -32.44 5.19
N GLU F 278 -31.55 -32.67 5.07
CA GLU F 278 -32.54 -31.58 5.32
C GLU F 278 -32.74 -31.34 6.82
N ASN F 279 -32.10 -32.11 7.70
CA ASN F 279 -32.39 -31.95 9.15
C ASN F 279 -31.16 -31.60 9.96
N GLY F 280 -30.00 -31.63 9.32
CA GLY F 280 -28.76 -31.35 10.05
C GLY F 280 -28.05 -32.65 10.38
N THR F 281 -28.64 -33.77 9.98
CA THR F 281 -28.05 -35.08 10.27
C THR F 281 -26.85 -35.24 9.38
N ILE F 282 -25.66 -35.42 9.94
CA ILE F 282 -24.51 -35.68 9.09
C ILE F 282 -24.75 -37.05 8.44
N THR F 283 -25.13 -37.05 7.17
CA THR F 283 -25.48 -38.28 6.47
C THR F 283 -24.29 -38.97 5.83
N ASP F 284 -23.15 -38.30 5.70
CA ASP F 284 -21.99 -38.88 5.02
C ASP F 284 -20.79 -37.97 5.27
N ALA F 285 -19.61 -38.49 4.91
CA ALA F 285 -18.37 -37.72 5.04
C ALA F 285 -17.33 -38.30 4.10
N VAL F 286 -16.39 -37.46 3.67
CA VAL F 286 -15.32 -37.82 2.76
C VAL F 286 -13.99 -37.36 3.35
N ASP F 287 -13.00 -38.24 3.35
CA ASP F 287 -11.69 -37.93 3.89
C ASP F 287 -10.80 -37.43 2.77
N CYS F 288 -10.31 -36.20 2.89
CA CYS F 288 -9.62 -35.55 1.79
C CYS F 288 -8.18 -36.01 1.60
N ALA F 289 -7.64 -36.82 2.50
CA ALA F 289 -6.26 -37.26 2.40
C ALA F 289 -6.16 -38.78 2.47
N LEU F 290 -7.16 -39.48 1.95
CA LEU F 290 -7.17 -40.94 1.99
C LEU F 290 -6.59 -41.54 0.71
N ASP F 291 -7.22 -41.24 -0.42
CA ASP F 291 -6.83 -41.73 -1.73
C ASP F 291 -6.99 -40.59 -2.72
N PRO F 292 -6.38 -40.69 -3.91
CA PRO F 292 -6.48 -39.58 -4.86
C PRO F 292 -7.90 -39.25 -5.27
N LEU F 293 -8.80 -40.23 -5.30
CA LEU F 293 -10.18 -39.96 -5.70
C LEU F 293 -10.89 -39.07 -4.69
N SER F 294 -10.72 -39.34 -3.40
CA SER F 294 -11.40 -38.54 -2.39
C SER F 294 -10.87 -37.11 -2.36
N GLU F 295 -9.58 -36.92 -2.66
CA GLU F 295 -9.04 -35.58 -2.73
C GLU F 295 -9.66 -34.78 -3.86
N THR F 296 -10.06 -35.46 -4.94
CA THR F 296 -10.78 -34.77 -6.02
C THR F 296 -12.17 -34.34 -5.57
N LYS F 297 -12.84 -35.18 -4.78
CA LYS F 297 -14.17 -34.82 -4.28
C LYS F 297 -14.13 -33.58 -3.40
N CYS F 298 -13.11 -33.47 -2.55
CA CYS F 298 -13.00 -32.30 -1.70
C CYS F 298 -12.68 -31.04 -2.49
N THR F 299 -11.91 -31.18 -3.59
CA THR F 299 -11.60 -30.02 -4.42
C THR F 299 -12.86 -29.45 -5.05
N LEU F 300 -13.70 -30.32 -5.61
CA LEU F 300 -14.95 -29.88 -6.21
C LEU F 300 -16.06 -29.66 -5.20
N LYS F 301 -15.85 -30.08 -3.96
CA LYS F 301 -16.89 -30.05 -2.92
C LYS F 301 -18.14 -30.79 -3.39
N SER F 302 -17.94 -32.00 -3.90
CA SER F 302 -19.03 -32.85 -4.34
C SER F 302 -18.73 -34.28 -3.93
N PHE F 303 -19.80 -35.07 -3.82
CA PHE F 303 -19.67 -36.51 -3.59
C PHE F 303 -19.72 -37.32 -4.88
N THR F 304 -19.89 -36.65 -6.02
CA THR F 304 -19.87 -37.29 -7.32
C THR F 304 -18.97 -36.49 -8.24
N VAL F 305 -18.17 -37.19 -9.04
CA VAL F 305 -17.16 -36.57 -9.89
C VAL F 305 -17.45 -36.99 -11.33
N GLU F 306 -17.54 -36.00 -12.22
CA GLU F 306 -17.75 -36.26 -13.63
C GLU F 306 -16.43 -36.66 -14.30
N LYS F 307 -16.55 -37.25 -15.49
CA LYS F 307 -15.36 -37.70 -16.21
C LYS F 307 -14.49 -36.52 -16.59
N GLY F 308 -13.18 -36.71 -16.45
CA GLY F 308 -12.23 -35.68 -16.83
C GLY F 308 -10.95 -35.84 -16.04
N ILE F 309 -10.06 -34.86 -16.20
CA ILE F 309 -8.80 -34.81 -15.48
C ILE F 309 -8.78 -33.51 -14.68
N TYR F 310 -8.61 -33.63 -13.37
CA TYR F 310 -8.73 -32.51 -12.45
C TYR F 310 -7.40 -32.26 -11.76
N GLN F 311 -6.95 -31.01 -11.80
CA GLN F 311 -5.77 -30.59 -11.04
C GLN F 311 -6.17 -30.45 -9.57
N THR F 312 -5.66 -31.36 -8.74
CA THR F 312 -6.11 -31.44 -7.35
C THR F 312 -5.15 -30.75 -6.38
N SER F 313 -3.90 -31.17 -6.35
CA SER F 313 -2.94 -30.66 -5.38
C SER F 313 -1.58 -30.53 -6.04
N ASN F 314 -0.56 -30.24 -5.23
CA ASN F 314 0.81 -30.14 -5.68
C ASN F 314 1.69 -31.06 -4.83
N PHE F 315 2.59 -31.77 -5.47
CA PHE F 315 3.48 -32.68 -4.77
C PHE F 315 4.82 -32.01 -4.51
N ARG F 316 5.37 -32.24 -3.32
CA ARG F 316 6.64 -31.67 -2.91
C ARG F 316 7.50 -32.78 -2.34
N VAL F 317 8.78 -32.78 -2.72
CA VAL F 317 9.75 -33.70 -2.14
C VAL F 317 10.30 -33.07 -0.87
N GLN F 318 9.93 -33.62 0.28
CA GLN F 318 10.28 -33.01 1.55
C GLN F 318 11.77 -33.19 1.84
N PRO F 319 12.37 -32.26 2.58
CA PRO F 319 13.78 -32.39 2.94
C PRO F 319 14.01 -33.57 3.87
N THR F 320 15.22 -34.13 3.79
CA THR F 320 15.57 -35.32 4.55
C THR F 320 16.45 -35.05 5.77
N GLU F 321 17.12 -33.90 5.82
CA GLU F 321 18.02 -33.60 6.91
C GLU F 321 18.13 -32.09 7.08
N SER F 322 18.98 -31.66 8.00
CA SER F 322 19.26 -30.25 8.22
C SER F 322 20.77 -30.05 8.25
N ILE F 323 21.24 -29.08 7.46
CA ILE F 323 22.66 -28.78 7.32
C ILE F 323 22.91 -27.37 7.80
N VAL F 324 23.91 -27.21 8.67
CA VAL F 324 24.33 -25.90 9.15
C VAL F 324 25.84 -25.81 8.97
N ARG F 325 26.29 -24.84 8.20
CA ARG F 325 27.71 -24.66 7.92
C ARG F 325 28.11 -23.23 8.25
N PHE F 326 29.14 -23.08 9.06
CA PHE F 326 29.70 -21.81 9.47
C PHE F 326 31.21 -21.88 9.36
N PRO F 327 31.88 -20.73 9.26
CA PRO F 327 33.34 -20.74 9.15
C PRO F 327 34.01 -21.42 10.35
N ASN F 328 35.29 -21.73 10.16
CA ASN F 328 36.06 -22.38 11.21
C ASN F 328 36.08 -21.56 12.49
N VAL F 329 35.93 -22.24 13.62
CA VAL F 329 35.99 -21.59 14.93
C VAL F 329 37.46 -21.37 15.26
N THR F 330 37.83 -20.10 15.44
CA THR F 330 39.22 -19.72 15.70
C THR F 330 39.20 -18.43 16.51
N ASN F 331 40.36 -18.10 17.08
CA ASN F 331 40.50 -16.90 17.91
C ASN F 331 39.52 -16.94 19.08
N LEU F 332 39.72 -17.94 19.94
CA LEU F 332 38.93 -18.08 21.15
C LEU F 332 39.44 -17.08 22.18
N CYS F 333 38.50 -16.50 22.94
CA CYS F 333 38.86 -15.49 23.90
C CYS F 333 39.66 -16.10 25.06
N PRO F 334 40.73 -15.43 25.51
CA PRO F 334 41.52 -16.04 26.59
C PRO F 334 40.86 -15.86 27.96
N PHE F 335 39.70 -16.49 28.13
CA PHE F 335 39.02 -16.46 29.42
C PHE F 335 39.86 -17.15 30.50
N HIS F 336 40.48 -18.29 30.15
CA HIS F 336 41.26 -19.04 31.13
C HIS F 336 42.43 -18.23 31.66
N GLU F 337 42.97 -17.30 30.86
CA GLU F 337 44.06 -16.45 31.35
C GLU F 337 43.60 -15.58 32.52
N VAL F 338 42.41 -15.00 32.41
CA VAL F 338 41.87 -14.19 33.50
C VAL F 338 41.58 -15.06 34.72
N PHE F 339 41.06 -16.26 34.50
CA PHE F 339 40.76 -17.18 35.60
C PHE F 339 41.99 -17.86 36.16
N ASN F 340 42.97 -18.18 35.32
CA ASN F 340 44.23 -18.78 35.75
C ASN F 340 45.32 -17.72 35.61
N THR F 342 48.33 -15.08 38.04
CA THR F 342 49.27 -15.16 39.14
C THR F 342 48.66 -14.69 40.45
N ARG F 343 48.12 -13.48 40.46
CA ARG F 343 47.48 -12.94 41.66
C ARG F 343 46.50 -11.84 41.25
N PHE F 344 45.33 -11.84 41.86
CA PHE F 344 44.34 -10.81 41.62
C PHE F 344 44.65 -9.57 42.47
N ALA F 345 44.23 -8.41 41.96
CA ALA F 345 44.46 -7.17 42.67
C ALA F 345 43.52 -7.05 43.86
N SER F 346 43.82 -6.11 44.74
CA SER F 346 43.02 -5.89 45.94
C SER F 346 41.64 -5.34 45.59
N VAL F 347 40.76 -5.36 46.59
CA VAL F 347 39.39 -4.91 46.36
C VAL F 347 39.35 -3.42 46.06
N TYR F 348 40.23 -2.64 46.68
CA TYR F 348 40.23 -1.19 46.45
C TYR F 348 40.77 -0.83 45.08
N ALA F 349 41.64 -1.67 44.51
CA ALA F 349 42.34 -1.37 43.26
C ALA F 349 42.13 -2.50 42.26
N TRP F 350 40.88 -2.90 42.08
CA TRP F 350 40.56 -3.98 41.16
C TRP F 350 41.00 -3.65 39.74
N ASN F 351 41.44 -4.66 39.01
CA ASN F 351 41.89 -4.49 37.64
C ASN F 351 40.74 -4.73 36.66
N ARG F 352 40.88 -4.15 35.47
CA ARG F 352 39.84 -4.23 34.45
C ARG F 352 40.43 -4.74 33.15
N THR F 353 39.70 -5.64 32.49
CA THR F 353 40.08 -6.18 31.19
C THR F 353 38.90 -6.03 30.24
N ARG F 354 39.17 -5.49 29.06
CA ARG F 354 38.16 -5.27 28.03
C ARG F 354 38.38 -6.27 26.91
N ILE F 355 37.32 -7.00 26.56
CA ILE F 355 37.40 -8.04 25.54
C ILE F 355 36.42 -7.69 24.43
N SER F 356 36.92 -7.67 23.20
CA SER F 356 36.10 -7.39 22.02
C SER F 356 36.82 -7.98 20.81
N ASN F 357 36.12 -8.01 19.67
CA ASN F 357 36.68 -8.54 18.44
C ASN F 357 37.15 -9.97 18.64
N CYS F 358 36.36 -10.75 19.38
CA CYS F 358 36.68 -12.12 19.71
C CYS F 358 35.42 -12.98 19.73
N VAL F 359 35.63 -14.29 19.63
CA VAL F 359 34.55 -15.27 19.72
C VAL F 359 34.40 -15.69 21.18
N ALA F 360 33.31 -15.26 21.82
CA ALA F 360 33.15 -15.48 23.27
C ALA F 360 32.61 -16.88 23.49
N ASP F 361 33.48 -17.80 23.90
CA ASP F 361 33.08 -19.16 24.25
C ASP F 361 33.01 -19.27 25.77
N TYR F 362 31.80 -19.48 26.30
CA TYR F 362 31.60 -19.58 27.74
C TYR F 362 31.61 -21.01 28.23
N SER F 363 31.81 -21.99 27.35
CA SER F 363 31.86 -23.39 27.80
C SER F 363 33.08 -23.67 28.67
N VAL F 364 34.18 -22.96 28.43
CA VAL F 364 35.38 -23.15 29.24
C VAL F 364 35.16 -22.69 30.67
N LEU F 365 34.22 -21.76 30.89
CA LEU F 365 33.96 -21.28 32.24
C LEU F 365 33.43 -22.39 33.14
N TYR F 366 32.53 -23.22 32.63
CA TYR F 366 31.98 -24.32 33.40
C TYR F 366 32.81 -25.59 33.22
N PRO F 370 35.56 -25.37 39.49
CA PRO F 370 34.71 -25.57 40.66
C PRO F 370 34.30 -24.27 41.32
N PHE F 371 33.41 -23.53 40.66
CA PHE F 371 32.99 -22.22 41.15
C PHE F 371 32.22 -22.38 42.46
N PHE F 372 32.68 -21.70 43.52
CA PHE F 372 31.95 -21.72 44.78
C PHE F 372 30.61 -21.03 44.64
N ALA F 373 30.56 -19.90 43.94
CA ALA F 373 29.33 -19.18 43.67
C ALA F 373 29.31 -18.77 42.21
N PHE F 374 28.12 -18.81 41.61
CA PHE F 374 27.96 -18.43 40.20
C PHE F 374 26.53 -17.90 40.04
N LYS F 375 26.40 -16.58 39.99
CA LYS F 375 25.11 -15.93 39.83
C LYS F 375 25.18 -14.94 38.68
N CYS F 376 24.18 -14.96 37.81
CA CYS F 376 24.08 -14.05 36.69
C CYS F 376 22.86 -13.16 36.85
N TYR F 377 22.94 -11.94 36.31
CA TYR F 377 21.85 -10.98 36.39
C TYR F 377 21.49 -10.53 34.98
N GLY F 378 20.23 -10.74 34.58
CA GLY F 378 19.72 -10.27 33.32
C GLY F 378 19.94 -11.19 32.14
N VAL F 379 20.70 -12.28 32.31
CA VAL F 379 20.96 -13.23 31.24
C VAL F 379 20.86 -14.64 31.80
N SER F 380 20.55 -15.59 30.92
CA SER F 380 20.46 -16.98 31.32
C SER F 380 21.86 -17.56 31.48
N PRO F 381 22.22 -18.07 32.66
CA PRO F 381 23.56 -18.66 32.83
C PRO F 381 23.84 -19.82 31.89
N THR F 382 22.82 -20.60 31.54
CA THR F 382 23.00 -21.74 30.65
C THR F 382 22.81 -21.37 29.19
N LYS F 383 22.59 -20.09 28.87
CA LYS F 383 22.40 -19.67 27.49
C LYS F 383 23.18 -18.40 27.18
N LEU F 384 24.28 -18.16 27.90
CA LEU F 384 25.08 -16.97 27.66
C LEU F 384 25.88 -17.05 26.36
N ASN F 385 26.11 -18.25 25.84
CA ASN F 385 26.88 -18.41 24.62
C ASN F 385 26.11 -18.04 23.37
N ASP F 386 24.78 -18.00 23.44
CA ASP F 386 23.96 -17.71 22.27
C ASP F 386 23.70 -16.23 22.06
N LEU F 387 24.11 -15.38 22.99
CA LEU F 387 23.91 -13.94 22.90
C LEU F 387 25.21 -13.26 22.50
N CYS F 388 25.11 -12.22 21.67
CA CYS F 388 26.26 -11.49 21.18
C CYS F 388 26.21 -10.05 21.66
N PHE F 389 27.33 -9.57 22.20
CA PHE F 389 27.44 -8.23 22.75
C PHE F 389 28.54 -7.45 22.02
N THR F 390 28.41 -6.13 22.03
CA THR F 390 29.42 -5.29 21.39
C THR F 390 30.77 -5.42 22.07
N ASN F 391 30.79 -5.44 23.40
CA ASN F 391 32.04 -5.61 24.15
C ASN F 391 31.73 -6.28 25.48
N VAL F 392 32.73 -6.95 26.02
CA VAL F 392 32.62 -7.65 27.29
C VAL F 392 33.76 -7.20 28.20
N TYR F 393 33.41 -6.74 29.40
CA TYR F 393 34.40 -6.27 30.38
C TYR F 393 34.51 -7.28 31.51
N ALA F 394 35.75 -7.66 31.84
CA ALA F 394 36.03 -8.59 32.91
C ALA F 394 36.83 -7.87 33.99
N ASP F 395 36.29 -7.86 35.21
CA ASP F 395 36.94 -7.23 36.35
C ASP F 395 37.30 -8.31 37.37
N SER F 396 38.54 -8.28 37.85
CA SER F 396 39.03 -9.31 38.74
C SER F 396 39.59 -8.70 40.02
N PHE F 397 39.24 -9.29 41.16
CA PHE F 397 39.78 -8.90 42.44
C PHE F 397 39.63 -10.05 43.42
N VAL F 398 40.35 -9.96 44.53
CA VAL F 398 40.30 -10.94 45.60
C VAL F 398 39.60 -10.32 46.79
N ILE F 399 38.55 -10.99 47.27
CA ILE F 399 37.73 -10.48 48.37
C ILE F 399 37.50 -11.61 49.37
N LYS F 400 36.96 -11.26 50.52
CA LYS F 400 36.70 -12.24 51.57
C LYS F 400 35.53 -13.14 51.18
N GLY F 401 35.45 -14.27 51.88
CA GLY F 401 34.39 -15.23 51.58
C GLY F 401 33.00 -14.71 51.88
N ASN F 402 32.85 -13.97 52.98
CA ASN F 402 31.54 -13.46 53.36
C ASN F 402 31.07 -12.35 52.43
N GLU F 403 32.00 -11.62 51.80
CA GLU F 403 31.64 -10.47 50.98
C GLU F 403 31.23 -10.85 49.57
N VAL F 404 31.21 -12.14 49.23
CA VAL F 404 30.82 -12.54 47.88
C VAL F 404 29.37 -12.14 47.60
N SER F 405 28.49 -12.36 48.56
CA SER F 405 27.08 -11.98 48.40
C SER F 405 26.89 -10.48 48.36
N GLN F 406 27.83 -9.69 48.88
CA GLN F 406 27.70 -8.25 48.86
C GLN F 406 27.83 -7.68 47.45
N ILE F 407 28.68 -8.29 46.62
CA ILE F 407 28.90 -7.80 45.26
C ILE F 407 27.81 -8.37 44.36
N ALA F 408 26.69 -7.67 44.27
CA ALA F 408 25.55 -8.13 43.49
C ALA F 408 24.66 -6.93 43.20
N PRO F 409 23.83 -7.00 42.15
CA PRO F 409 22.90 -5.91 41.85
C PRO F 409 21.84 -5.73 42.94
N GLN F 411 22.21 -4.28 46.40
CA GLN F 411 22.96 -4.80 47.53
C GLN F 411 23.81 -3.71 48.18
N THR F 412 23.99 -3.81 49.50
CA THR F 412 24.78 -2.85 50.25
C THR F 412 25.63 -3.59 51.28
N GLY F 413 26.73 -2.96 51.66
CA GLY F 413 27.62 -3.56 52.64
C GLY F 413 28.94 -2.82 52.70
N ASN F 414 29.87 -3.40 53.45
CA ASN F 414 31.19 -2.79 53.62
C ASN F 414 32.01 -2.84 52.35
N ILE F 415 31.63 -3.67 51.38
CA ILE F 415 32.34 -3.77 50.11
C ILE F 415 31.49 -3.25 48.95
N ALA F 416 30.18 -3.50 49.00
CA ALA F 416 29.30 -3.08 47.92
C ALA F 416 29.23 -1.56 47.82
N ASP F 417 29.13 -0.87 48.95
CA ASP F 417 28.95 0.57 48.97
C ASP F 417 30.21 1.33 49.37
N TYR F 418 31.30 0.63 49.68
CA TYR F 418 32.52 1.33 50.11
C TYR F 418 33.73 0.94 49.28
N ASN F 419 33.73 -0.26 48.70
CA ASN F 419 34.87 -0.74 47.93
C ASN F 419 34.59 -0.84 46.45
N TYR F 420 33.54 -1.54 46.04
CA TYR F 420 33.19 -1.68 44.63
C TYR F 420 31.70 -1.92 44.52
N LYS F 421 31.07 -1.24 43.56
CA LYS F 421 29.62 -1.30 43.38
C LYS F 421 29.29 -1.83 41.99
N LEU F 422 28.17 -2.55 41.91
CA LEU F 422 27.65 -3.09 40.68
C LEU F 422 26.30 -2.45 40.37
N PRO F 423 25.95 -2.29 39.09
CA PRO F 423 24.68 -1.66 38.75
C PRO F 423 23.50 -2.46 39.28
N ASP F 424 22.44 -1.73 39.66
CA ASP F 424 21.24 -2.39 40.15
C ASP F 424 20.54 -3.20 39.07
N ASP F 425 20.71 -2.81 37.81
CA ASP F 425 20.13 -3.53 36.67
C ASP F 425 21.17 -3.55 35.56
N PHE F 426 21.76 -4.71 35.32
CA PHE F 426 22.81 -4.84 34.32
C PHE F 426 22.85 -6.29 33.85
N THR F 427 23.53 -6.50 32.72
CA THR F 427 23.69 -7.82 32.13
C THR F 427 25.11 -8.31 32.40
N GLY F 428 25.23 -9.40 33.14
CA GLY F 428 26.54 -9.95 33.45
C GLY F 428 26.43 -11.07 34.46
N CYS F 429 27.58 -11.70 34.69
CA CYS F 429 27.68 -12.80 35.64
C CYS F 429 28.80 -12.53 36.61
N VAL F 430 28.59 -12.93 37.87
CA VAL F 430 29.60 -12.81 38.92
C VAL F 430 30.04 -14.22 39.29
N ILE F 431 31.30 -14.54 39.02
CA ILE F 431 31.85 -15.87 39.26
C ILE F 431 32.88 -15.77 40.38
N ALA F 432 32.68 -16.57 41.42
CA ALA F 432 33.58 -16.59 42.57
C ALA F 432 33.84 -18.03 43.00
N TRP F 433 35.10 -18.33 43.32
CA TRP F 433 35.49 -19.64 43.80
C TRP F 433 36.48 -19.48 44.92
N ASN F 434 36.52 -20.46 45.83
CA ASN F 434 37.35 -20.41 47.01
C ASN F 434 38.74 -20.97 46.66
N SER F 435 39.63 -20.09 46.25
CA SER F 435 41.01 -20.45 45.96
C SER F 435 41.88 -20.17 47.19
N ASN F 436 41.49 -20.77 48.32
CA ASN F 436 42.20 -20.53 49.57
C ASN F 436 43.59 -21.14 49.56
N LYS F 437 43.78 -22.27 48.87
CA LYS F 437 45.09 -22.92 48.84
C LYS F 437 46.16 -22.07 48.15
N LEU F 438 45.75 -21.07 47.36
CA LEU F 438 46.69 -20.20 46.68
C LEU F 438 46.62 -18.75 47.10
N ASP F 439 45.49 -18.30 47.65
CA ASP F 439 45.33 -16.91 48.08
C ASP F 439 45.67 -16.71 49.55
N SER F 440 46.10 -17.74 50.25
CA SER F 440 46.43 -17.65 51.66
C SER F 440 47.90 -17.98 51.88
N LYS F 441 48.47 -17.42 52.94
CA LYS F 441 49.87 -17.62 53.30
C LYS F 441 49.96 -18.29 54.67
N HIS F 442 51.13 -18.83 54.96
CA HIS F 442 51.33 -19.52 56.24
C HIS F 442 51.14 -18.56 57.41
N SER F 443 51.72 -17.36 57.33
CA SER F 443 51.60 -16.36 58.37
C SER F 443 50.52 -15.33 58.07
N GLY F 444 49.75 -15.53 57.02
CA GLY F 444 48.72 -14.59 56.63
C GLY F 444 49.20 -13.64 55.54
N ASN F 445 48.24 -13.14 54.76
CA ASN F 445 48.54 -12.23 53.66
C ASN F 445 48.11 -10.83 54.05
N TYR F 446 49.00 -9.85 53.84
CA TYR F 446 48.72 -8.47 54.19
C TYR F 446 48.77 -7.53 52.99
N ASP F 447 48.84 -8.07 51.78
CA ASP F 447 48.93 -7.26 50.57
C ASP F 447 47.59 -7.11 49.86
N TYR F 448 46.51 -7.57 50.48
CA TYR F 448 45.16 -7.45 49.93
C TYR F 448 44.40 -6.43 50.75
N TRP F 449 44.21 -5.23 50.20
CA TRP F 449 43.65 -4.11 50.93
C TRP F 449 42.16 -3.96 50.63
N TYR F 450 41.43 -3.51 51.64
CA TYR F 450 40.01 -3.21 51.52
C TYR F 450 39.76 -1.83 52.13
N ARG F 451 38.75 -1.14 51.60
CA ARG F 451 38.48 0.22 52.05
C ARG F 451 37.60 0.23 53.29
N LEU F 452 38.07 0.91 54.32
CA LEU F 452 37.34 1.12 55.56
C LEU F 452 36.71 2.49 55.64
N PHE F 453 37.09 3.39 54.73
CA PHE F 453 36.55 4.75 54.65
C PHE F 453 35.96 5.00 53.27
N ARG F 454 34.81 5.67 53.25
CA ARG F 454 34.13 6.03 52.02
C ARG F 454 33.83 7.52 52.07
N LYS F 455 34.41 8.29 51.14
CA LYS F 455 34.08 9.70 51.08
C LYS F 455 32.65 9.91 50.59
N SER F 456 32.19 9.07 49.67
CA SER F 456 30.85 9.14 49.13
C SER F 456 30.49 7.76 48.59
N LYS F 457 29.20 7.56 48.34
CA LYS F 457 28.73 6.30 47.78
C LYS F 457 29.31 6.12 46.39
N LEU F 458 29.79 4.90 46.10
CA LEU F 458 30.44 4.64 44.83
C LEU F 458 29.43 4.34 43.74
N LYS F 459 29.62 4.96 42.58
CA LYS F 459 28.84 4.65 41.40
C LYS F 459 29.25 3.29 40.85
N PRO F 460 28.40 2.65 40.04
CA PRO F 460 28.80 1.37 39.45
C PRO F 460 30.05 1.50 38.60
N PHE F 461 30.92 0.49 38.70
CA PHE F 461 32.19 0.45 37.96
C PHE F 461 33.08 1.66 38.26
N GLU F 462 33.03 2.14 39.50
CA GLU F 462 33.88 3.24 39.94
C GLU F 462 35.09 2.71 40.68
N ARG F 463 36.27 3.21 40.32
CA ARG F 463 37.52 2.77 40.92
C ARG F 463 38.17 3.93 41.66
N ASP F 464 38.69 3.64 42.86
CA ASP F 464 39.38 4.63 43.68
C ASP F 464 40.71 4.04 44.11
N ILE F 465 41.80 4.55 43.55
CA ILE F 465 43.14 4.07 43.85
C ILE F 465 43.92 5.06 44.71
N SER F 466 43.24 6.06 45.28
CA SER F 466 43.91 7.06 46.09
C SER F 466 44.41 6.45 47.39
N THR F 467 45.63 6.82 47.78
CA THR F 467 46.27 6.35 49.01
C THR F 467 46.73 7.59 49.79
N GLU F 468 45.87 8.10 50.66
CA GLU F 468 46.17 9.28 51.46
C GLU F 468 45.59 9.12 52.85
N ILE F 469 46.17 9.84 53.80
CA ILE F 469 45.72 9.82 55.19
C ILE F 469 44.84 11.05 55.42
N TYR F 470 43.60 10.82 55.82
CA TYR F 470 42.68 11.92 56.07
C TYR F 470 43.06 12.66 57.34
N GLN F 471 42.65 13.92 57.42
CA GLN F 471 42.93 14.79 58.57
C GLN F 471 41.61 15.42 59.02
N ALA F 472 40.94 14.75 59.97
CA ALA F 472 39.68 15.28 60.48
C ALA F 472 39.88 16.60 61.22
N GLY F 473 40.98 16.71 61.97
CA GLY F 473 41.32 17.91 62.71
C GLY F 473 42.29 18.79 61.95
N ASN F 474 43.07 19.58 62.69
CA ASN F 474 44.04 20.50 62.11
C ASN F 474 45.46 20.13 62.51
N LYS F 475 45.71 18.84 62.80
CA LYS F 475 47.03 18.38 63.17
C LYS F 475 47.65 17.55 62.04
N PRO F 476 48.98 17.59 61.90
CA PRO F 476 49.63 16.80 60.85
C PRO F 476 49.40 15.30 61.04
N CYS F 477 49.31 14.59 59.93
CA CYS F 477 49.11 13.15 59.94
C CYS F 477 50.38 12.41 59.51
N LYS F 480 50.49 7.96 62.28
CA LYS F 480 49.22 8.66 62.30
C LYS F 480 48.33 8.14 63.42
N GLY F 481 47.92 9.03 64.31
CA GLY F 481 47.08 8.67 65.43
C GLY F 481 45.72 9.30 65.37
N PRO F 482 45.43 10.21 66.31
CA PRO F 482 44.12 10.85 66.35
C PRO F 482 43.90 11.74 65.14
N ASN F 483 42.63 11.86 64.73
CA ASN F 483 42.19 12.68 63.62
C ASN F 483 42.85 12.27 62.29
N CYS F 484 43.45 11.09 62.23
CA CYS F 484 44.11 10.60 61.03
C CYS F 484 43.73 9.14 60.83
N TYR F 485 43.09 8.83 59.70
CA TYR F 485 42.63 7.49 59.41
C TYR F 485 43.13 7.06 58.03
N PHE F 486 43.59 5.82 57.93
CA PHE F 486 43.99 5.25 56.65
C PHE F 486 42.85 4.42 56.09
N PRO F 487 42.27 4.79 54.95
CA PRO F 487 41.13 4.04 54.42
C PRO F 487 41.46 2.61 54.04
N LEU F 488 42.73 2.29 53.77
CA LEU F 488 43.12 0.97 53.29
C LEU F 488 43.68 0.15 54.44
N GLN F 489 43.11 -1.03 54.65
CA GLN F 489 43.59 -1.98 55.65
C GLN F 489 43.64 -3.36 55.04
N SER F 490 44.64 -4.14 55.43
CA SER F 490 44.83 -5.47 54.88
C SER F 490 43.68 -6.39 55.27
N TYR F 491 43.38 -7.34 54.39
CA TYR F 491 42.33 -8.31 54.64
C TYR F 491 42.86 -9.44 55.52
N GLY F 492 41.95 -10.03 56.29
CA GLY F 492 42.32 -11.13 57.16
C GLY F 492 42.48 -12.45 56.43
N PHE F 493 43.51 -12.56 55.60
CA PHE F 493 43.76 -13.79 54.85
C PHE F 493 44.61 -14.76 55.67
N ARG F 494 44.02 -15.19 56.79
CA ARG F 494 44.66 -16.14 57.69
C ARG F 494 44.22 -17.56 57.35
N PRO F 495 45.14 -18.51 57.24
CA PRO F 495 44.75 -19.88 56.88
C PRO F 495 43.86 -20.55 57.91
N THR F 496 43.87 -20.08 59.15
CA THR F 496 43.04 -20.65 60.20
C THR F 496 41.66 -20.01 60.29
N TYR F 497 41.34 -19.10 59.38
CA TYR F 497 40.03 -18.45 59.39
C TYR F 497 38.96 -19.44 58.93
N GLY F 498 37.71 -19.09 59.22
CA GLY F 498 36.59 -19.91 58.84
C GLY F 498 36.27 -19.83 57.36
N VAL F 499 35.30 -20.65 56.95
CA VAL F 499 34.92 -20.71 55.55
C VAL F 499 34.40 -19.36 55.07
N GLY F 500 33.67 -18.65 55.93
CA GLY F 500 33.16 -17.34 55.56
C GLY F 500 34.18 -16.23 55.59
N HIS F 501 35.39 -16.50 56.09
CA HIS F 501 36.43 -15.49 56.18
C HIS F 501 37.61 -15.74 55.27
N GLN F 502 37.75 -16.95 54.72
CA GLN F 502 38.86 -17.23 53.83
C GLN F 502 38.74 -16.42 52.55
N PRO F 503 39.84 -15.87 52.04
CA PRO F 503 39.78 -15.09 50.79
C PRO F 503 39.37 -15.96 49.62
N TYR F 504 38.61 -15.37 48.71
CA TYR F 504 38.13 -16.08 47.53
C TYR F 504 38.29 -15.19 46.30
N ARG F 505 38.68 -15.80 45.18
CA ARG F 505 38.82 -15.08 43.93
C ARG F 505 37.45 -14.91 43.29
N VAL F 506 37.14 -13.67 42.88
CA VAL F 506 35.87 -13.36 42.22
C VAL F 506 36.18 -12.55 40.97
N VAL F 507 35.61 -12.97 39.84
CA VAL F 507 35.76 -12.27 38.57
C VAL F 507 34.38 -11.88 38.09
N VAL F 508 34.20 -10.60 37.77
CA VAL F 508 32.93 -10.04 37.34
C VAL F 508 32.98 -9.80 35.85
N LEU F 509 31.98 -10.32 35.13
CA LEU F 509 31.86 -10.12 33.69
C LEU F 509 30.75 -9.11 33.42
N SER F 510 31.04 -8.11 32.61
CA SER F 510 30.08 -7.08 32.23
C SER F 510 29.79 -7.20 30.74
N PHE F 511 28.51 -7.27 30.40
CA PHE F 511 28.06 -7.38 29.01
C PHE F 511 27.49 -6.04 28.58
N GLU F 512 28.18 -5.36 27.67
CA GLU F 512 27.80 -4.03 27.22
C GLU F 512 27.33 -4.10 25.77
N LEU F 513 26.15 -3.55 25.51
CA LEU F 513 25.59 -3.46 24.17
C LEU F 513 25.58 -2.00 23.74
N LEU F 514 26.27 -1.69 22.65
CA LEU F 514 26.41 -0.33 22.17
C LEU F 514 25.88 -0.22 20.75
N HIS F 515 25.76 1.02 20.27
CA HIS F 515 25.28 1.26 18.92
C HIS F 515 26.26 0.76 17.87
N ALA F 516 27.53 0.60 18.22
CA ALA F 516 28.51 0.06 17.29
C ALA F 516 28.19 -1.41 16.99
N PRO F 517 28.65 -1.92 15.84
CA PRO F 517 28.40 -3.33 15.51
C PRO F 517 28.97 -4.26 16.57
N ALA F 518 28.23 -5.33 16.86
CA ALA F 518 28.69 -6.31 17.83
C ALA F 518 29.88 -7.09 17.29
N THR F 519 30.85 -7.34 18.16
CA THR F 519 32.08 -8.01 17.77
C THR F 519 32.43 -9.21 18.64
N VAL F 520 31.65 -9.50 19.67
CA VAL F 520 31.92 -10.62 20.57
C VAL F 520 30.67 -11.50 20.56
N CYS F 521 30.63 -12.46 19.64
CA CYS F 521 29.53 -13.42 19.55
C CYS F 521 30.02 -14.81 19.97
N GLY F 522 29.08 -15.65 20.37
CA GLY F 522 29.40 -17.00 20.76
C GLY F 522 29.74 -17.87 19.58
N PRO F 523 30.41 -19.00 19.83
CA PRO F 523 30.78 -19.89 18.73
C PRO F 523 29.55 -20.50 18.07
N LYS F 524 29.69 -20.79 16.79
CA LYS F 524 28.63 -21.36 15.98
C LYS F 524 28.92 -22.84 15.70
N LYS F 525 27.95 -23.70 15.98
CA LYS F 525 28.10 -25.12 15.73
C LYS F 525 27.75 -25.44 14.28
N SER F 526 28.52 -26.34 13.69
CA SER F 526 28.33 -26.74 12.30
C SER F 526 28.20 -28.25 12.22
N THR F 527 27.54 -28.70 11.16
CA THR F 527 27.30 -30.11 10.92
C THR F 527 28.11 -30.58 9.71
N ASN F 528 27.90 -31.84 9.34
CA ASN F 528 28.55 -32.39 8.17
C ASN F 528 27.90 -31.85 6.89
N LEU F 529 28.44 -32.24 5.75
CA LEU F 529 27.97 -31.78 4.45
C LEU F 529 27.36 -32.96 3.70
N VAL F 530 26.12 -32.82 3.28
CA VAL F 530 25.38 -33.86 2.57
C VAL F 530 25.11 -33.38 1.16
N LYS F 531 25.56 -34.14 0.16
CA LYS F 531 25.41 -33.77 -1.24
C LYS F 531 24.45 -34.71 -1.94
N ASN F 532 23.85 -34.20 -3.02
CA ASN F 532 22.98 -34.98 -3.89
C ASN F 532 21.74 -35.49 -3.17
N LYS F 533 21.27 -34.74 -2.18
CA LYS F 533 20.05 -35.05 -1.46
C LYS F 533 19.29 -33.77 -1.19
N CYS F 534 17.96 -33.87 -1.12
CA CYS F 534 17.12 -32.73 -0.78
C CYS F 534 17.24 -32.45 0.71
N VAL F 535 18.04 -31.44 1.06
CA VAL F 535 18.37 -31.13 2.44
C VAL F 535 18.02 -29.68 2.72
N ASN F 536 17.66 -29.40 3.97
CA ASN F 536 17.47 -28.03 4.44
C ASN F 536 18.83 -27.50 4.91
N PHE F 537 19.33 -26.47 4.25
CA PHE F 537 20.70 -26.03 4.45
C PHE F 537 20.74 -24.62 5.02
N ASN F 538 21.90 -24.25 5.55
CA ASN F 538 22.14 -22.91 6.09
C ASN F 538 23.64 -22.65 6.01
N PHE F 539 24.07 -21.88 5.01
CA PHE F 539 25.48 -21.56 4.80
C PHE F 539 25.74 -20.15 5.30
N ASN F 540 26.17 -20.05 6.55
CA ASN F 540 26.62 -18.77 7.13
C ASN F 540 25.55 -17.69 6.99
N GLY F 541 24.30 -18.06 7.23
CA GLY F 541 23.19 -17.14 7.16
C GLY F 541 22.35 -17.24 5.91
N LEU F 542 22.83 -17.94 4.88
CA LEU F 542 22.07 -18.11 3.64
C LEU F 542 21.23 -19.38 3.78
N THR F 543 20.02 -19.22 4.32
CA THR F 543 19.13 -20.35 4.53
C THR F 543 18.35 -20.65 3.26
N GLY F 544 17.81 -21.87 3.20
CA GLY F 544 17.08 -22.30 2.03
C GLY F 544 16.86 -23.80 2.05
N THR F 545 16.48 -24.34 0.90
CA THR F 545 16.26 -25.77 0.76
C THR F 545 16.53 -26.17 -0.68
N GLY F 546 17.22 -27.29 -0.85
CA GLY F 546 17.50 -27.77 -2.20
C GLY F 546 18.55 -28.86 -2.17
N VAL F 547 18.88 -29.33 -3.37
CA VAL F 547 19.89 -30.37 -3.56
C VAL F 547 21.23 -29.69 -3.82
N LEU F 548 22.22 -30.04 -3.01
CA LEU F 548 23.54 -29.41 -3.08
C LEU F 548 24.49 -30.31 -3.87
N THR F 549 24.74 -29.97 -5.11
CA THR F 549 25.66 -30.70 -5.96
C THR F 549 26.85 -29.83 -6.31
N LYS F 550 27.96 -30.48 -6.64
CA LYS F 550 29.16 -29.77 -7.04
C LYS F 550 28.95 -29.09 -8.39
N SER F 551 29.51 -27.89 -8.54
CA SER F 551 29.34 -27.10 -9.75
C SER F 551 30.71 -26.67 -10.27
N ASN F 552 30.72 -26.27 -11.54
CA ASN F 552 31.93 -25.83 -12.22
C ASN F 552 32.08 -24.32 -12.24
N LYS F 553 31.19 -23.58 -11.59
CA LYS F 553 31.28 -22.13 -11.58
C LYS F 553 32.55 -21.68 -10.86
N LYS F 554 33.16 -20.62 -11.38
CA LYS F 554 34.44 -20.12 -10.88
C LYS F 554 34.20 -18.79 -10.18
N PHE F 555 34.06 -18.83 -8.86
CA PHE F 555 33.87 -17.61 -8.09
C PHE F 555 35.18 -16.84 -8.00
N LEU F 556 35.07 -15.53 -7.86
CA LEU F 556 36.21 -14.74 -7.45
C LEU F 556 36.46 -14.94 -5.95
N PRO F 557 37.69 -14.75 -5.49
CA PRO F 557 38.03 -15.17 -4.11
C PRO F 557 37.21 -14.48 -3.03
N PHE F 558 36.59 -13.33 -3.30
CA PHE F 558 35.81 -12.63 -2.30
C PHE F 558 34.32 -12.92 -2.39
N GLN F 559 33.87 -13.65 -3.41
CA GLN F 559 32.45 -13.87 -3.65
C GLN F 559 31.98 -15.09 -2.88
N GLN F 560 30.83 -14.95 -2.20
CA GLN F 560 30.35 -15.97 -1.29
C GLN F 560 29.21 -16.81 -1.85
N PHE F 561 28.42 -16.27 -2.79
CA PHE F 561 27.37 -17.07 -3.40
C PHE F 561 27.03 -16.45 -4.76
N GLY F 562 26.04 -17.03 -5.42
CA GLY F 562 25.70 -16.64 -6.77
C GLY F 562 24.21 -16.42 -6.93
N ARG F 563 23.87 -15.59 -7.91
CA ARG F 563 22.48 -15.29 -8.24
C ARG F 563 22.31 -15.28 -9.75
N ASP F 564 21.16 -15.72 -10.20
CA ASP F 564 20.87 -15.76 -11.63
C ASP F 564 20.19 -14.44 -12.05
N ILE F 565 19.63 -14.42 -13.27
CA ILE F 565 19.08 -13.20 -13.82
C ILE F 565 17.87 -12.70 -13.04
N VAL F 566 17.20 -13.57 -12.30
CA VAL F 566 15.99 -13.20 -11.57
C VAL F 566 16.25 -13.04 -10.07
N ASP F 567 17.53 -12.91 -9.68
CA ASP F 567 17.92 -12.72 -8.29
C ASP F 567 17.47 -13.88 -7.41
N THR F 568 17.78 -15.10 -7.86
CA THR F 568 17.57 -16.31 -7.09
C THR F 568 18.90 -16.98 -6.86
N THR F 569 19.17 -17.38 -5.61
CA THR F 569 20.44 -18.03 -5.30
C THR F 569 20.50 -19.41 -5.95
N ASP F 570 21.58 -19.67 -6.68
CA ASP F 570 21.74 -20.95 -7.36
C ASP F 570 23.13 -21.52 -7.20
N ALA F 571 23.96 -20.96 -6.33
CA ALA F 571 25.28 -21.48 -6.02
C ALA F 571 25.72 -20.86 -4.72
N VAL F 572 26.60 -21.56 -4.02
CA VAL F 572 27.07 -21.12 -2.71
C VAL F 572 28.45 -21.71 -2.46
N ARG F 573 29.26 -20.98 -1.72
CA ARG F 573 30.60 -21.44 -1.35
C ARG F 573 30.56 -22.04 0.05
N ASP F 574 31.08 -23.24 0.18
CA ASP F 574 31.19 -23.88 1.49
C ASP F 574 32.15 -23.08 2.35
N PRO F 575 31.73 -22.57 3.51
CA PRO F 575 32.61 -21.68 4.29
C PRO F 575 33.83 -22.36 4.88
N GLN F 576 33.92 -23.69 4.82
CA GLN F 576 35.07 -24.41 5.38
C GLN F 576 35.93 -25.06 4.30
N THR F 577 35.34 -25.80 3.38
CA THR F 577 36.11 -26.39 2.29
C THR F 577 36.36 -25.39 1.15
N LEU F 578 35.68 -24.25 1.16
CA LEU F 578 35.84 -23.22 0.13
C LEU F 578 35.61 -23.78 -1.27
N GLU F 579 34.63 -24.66 -1.39
CA GLU F 579 34.20 -25.17 -2.69
C GLU F 579 32.83 -24.62 -3.03
N ILE F 580 32.52 -24.59 -4.32
CA ILE F 580 31.29 -24.02 -4.83
C ILE F 580 30.29 -25.15 -5.03
N LEU F 581 29.12 -25.03 -4.39
CA LEU F 581 28.07 -26.03 -4.45
C LEU F 581 26.87 -25.44 -5.16
N ASP F 582 26.40 -26.13 -6.21
CA ASP F 582 25.21 -25.69 -6.92
C ASP F 582 23.96 -26.10 -6.15
N ILE F 583 23.00 -25.18 -6.06
CA ILE F 583 21.76 -25.39 -5.33
C ILE F 583 20.65 -25.63 -6.33
N THR F 584 20.07 -26.82 -6.31
CA THR F 584 18.94 -27.15 -7.15
C THR F 584 17.72 -27.39 -6.28
N PRO F 585 16.59 -26.72 -6.56
CA PRO F 585 15.41 -26.88 -5.70
C PRO F 585 14.91 -28.32 -5.73
N CYS F 586 14.33 -28.74 -4.61
CA CYS F 586 13.77 -30.08 -4.52
C CYS F 586 12.56 -30.19 -5.43
N SER F 587 12.37 -31.37 -6.01
CA SER F 587 11.40 -31.54 -7.07
C SER F 587 9.99 -31.22 -6.58
N PHE F 588 9.23 -30.53 -7.42
CA PHE F 588 7.86 -30.16 -7.13
C PHE F 588 7.10 -30.06 -8.44
N GLY F 589 5.80 -29.86 -8.34
CA GLY F 589 4.98 -29.79 -9.53
C GLY F 589 3.51 -29.91 -9.17
N GLY F 590 2.71 -30.20 -10.19
CA GLY F 590 1.29 -30.38 -10.01
C GLY F 590 0.88 -31.83 -10.04
N VAL F 591 -0.25 -32.12 -9.41
CA VAL F 591 -0.85 -33.44 -9.39
C VAL F 591 -2.25 -33.29 -9.98
N SER F 592 -2.54 -34.10 -11.00
CA SER F 592 -3.84 -34.08 -11.65
C SER F 592 -4.34 -35.51 -11.74
N VAL F 593 -5.60 -35.71 -11.39
CA VAL F 593 -6.21 -37.02 -11.36
C VAL F 593 -7.12 -37.24 -12.56
N ILE F 594 -7.08 -38.46 -13.10
CA ILE F 594 -7.87 -38.84 -14.26
C ILE F 594 -9.03 -39.69 -13.78
N THR F 595 -10.26 -39.20 -13.91
CA THR F 595 -11.40 -39.90 -13.38
C THR F 595 -12.31 -40.32 -14.53
N PRO F 596 -12.67 -41.60 -14.63
CA PRO F 596 -13.68 -42.01 -15.61
C PRO F 596 -15.11 -41.73 -15.19
N GLY F 597 -15.31 -41.00 -14.09
CA GLY F 597 -16.63 -40.70 -13.58
C GLY F 597 -17.01 -41.62 -12.43
N THR F 598 -17.41 -41.06 -11.30
CA THR F 598 -17.81 -41.91 -10.18
C THR F 598 -19.12 -42.65 -10.45
N ASN F 599 -19.84 -42.29 -11.51
CA ASN F 599 -21.01 -43.04 -11.93
C ASN F 599 -20.64 -44.31 -12.69
N THR F 600 -19.39 -44.46 -13.12
CA THR F 600 -18.93 -45.63 -13.85
C THR F 600 -18.03 -46.52 -13.01
N SER F 601 -17.01 -45.97 -12.38
CA SER F 601 -16.10 -46.76 -11.56
C SER F 601 -15.36 -45.84 -10.60
N ASN F 602 -14.59 -46.46 -9.71
CA ASN F 602 -13.78 -45.74 -8.72
C ASN F 602 -12.28 -45.88 -8.97
N GLN F 603 -11.88 -46.47 -10.10
CA GLN F 603 -10.47 -46.57 -10.42
C GLN F 603 -9.93 -45.20 -10.81
N VAL F 604 -8.69 -44.92 -10.40
CA VAL F 604 -8.09 -43.62 -10.59
C VAL F 604 -6.64 -43.75 -11.05
N ALA F 605 -6.27 -42.95 -12.05
CA ALA F 605 -4.90 -42.80 -12.50
C ALA F 605 -4.39 -41.42 -12.12
N VAL F 606 -3.12 -41.33 -11.72
CA VAL F 606 -2.54 -40.12 -11.15
C VAL F 606 -1.42 -39.66 -12.07
N LEU F 607 -1.41 -38.38 -12.41
CA LEU F 607 -0.34 -37.78 -13.21
C LEU F 607 0.46 -36.83 -12.34
N TYR F 608 1.75 -37.11 -12.18
CA TYR F 608 2.67 -36.22 -11.51
C TYR F 608 3.31 -35.32 -12.57
N GLN F 609 2.87 -34.08 -12.66
CA GLN F 609 3.17 -33.24 -13.81
C GLN F 609 4.62 -32.78 -13.79
N GLY F 610 5.31 -32.95 -14.92
CA GLY F 610 6.64 -32.41 -15.10
C GLY F 610 7.71 -33.02 -14.22
N VAL F 611 7.68 -34.33 -14.03
CA VAL F 611 8.65 -35.02 -13.18
C VAL F 611 9.03 -36.33 -13.85
N ASN F 612 10.19 -36.85 -13.46
CA ASN F 612 10.67 -38.12 -13.99
C ASN F 612 10.19 -39.26 -13.11
N CYS F 613 9.82 -40.38 -13.75
CA CYS F 613 9.26 -41.50 -13.01
C CYS F 613 10.25 -42.09 -12.01
N THR F 614 11.55 -42.01 -12.29
CA THR F 614 12.53 -42.49 -11.34
C THR F 614 12.65 -41.59 -10.12
N GLU F 615 12.31 -40.31 -10.27
CA GLU F 615 12.35 -39.39 -9.13
C GLU F 615 11.17 -39.61 -8.19
N VAL F 616 9.99 -39.92 -8.73
CA VAL F 616 8.84 -40.20 -7.90
C VAL F 616 9.01 -41.52 -7.18
N SER F 617 9.53 -42.54 -7.88
CA SER F 617 9.73 -43.84 -7.25
C SER F 617 10.70 -43.75 -6.09
N VAL F 618 11.79 -43.02 -6.26
CA VAL F 618 12.75 -42.85 -5.17
C VAL F 618 12.12 -42.10 -4.01
N ALA F 619 11.37 -41.03 -4.30
CA ALA F 619 10.74 -40.25 -3.23
C ALA F 619 9.70 -41.08 -2.47
N ILE F 620 8.91 -41.86 -3.19
CA ILE F 620 7.95 -42.75 -2.53
C ILE F 620 8.69 -43.80 -1.71
N HIS F 621 9.77 -44.36 -2.27
CA HIS F 621 10.53 -45.39 -1.58
C HIS F 621 11.11 -44.90 -0.26
N ALA F 622 11.47 -43.61 -0.19
CA ALA F 622 12.07 -43.03 0.99
C ALA F 622 11.10 -42.20 1.81
N ASP F 623 9.81 -42.22 1.46
CA ASP F 623 8.76 -41.53 2.21
C ASP F 623 9.05 -40.02 2.30
N GLN F 624 9.04 -39.37 1.14
CA GLN F 624 9.33 -37.95 1.05
C GLN F 624 8.24 -37.12 0.36
N LEU F 625 7.33 -37.73 -0.39
CA LEU F 625 6.36 -36.97 -1.14
C LEU F 625 5.32 -36.32 -0.21
N THR F 626 4.94 -35.09 -0.55
CA THR F 626 3.97 -34.37 0.27
C THR F 626 2.59 -35.02 0.26
N PRO F 627 1.99 -35.41 -0.90
CA PRO F 627 0.70 -36.10 -0.83
C PRO F 627 0.85 -37.48 -0.21
N THR F 628 0.26 -37.67 0.96
CA THR F 628 0.51 -38.86 1.76
C THR F 628 0.03 -40.14 1.06
N TRP F 629 -1.08 -40.06 0.33
CA TRP F 629 -1.60 -41.25 -0.32
C TRP F 629 -0.65 -41.73 -1.41
N ARG F 630 -0.78 -43.02 -1.73
CA ARG F 630 0.05 -43.66 -2.74
C ARG F 630 -0.83 -44.48 -3.68
N VAL F 631 -0.34 -44.66 -4.89
CA VAL F 631 -1.01 -45.50 -5.87
C VAL F 631 -0.35 -46.88 -5.84
N TYR F 632 -0.96 -47.84 -6.53
CA TYR F 632 -0.46 -49.22 -6.50
C TYR F 632 0.98 -49.30 -6.99
N SER F 633 1.30 -48.58 -8.07
CA SER F 633 2.65 -48.50 -8.60
C SER F 633 3.23 -49.88 -8.90
N THR F 634 2.42 -50.71 -9.54
CA THR F 634 2.87 -52.05 -9.93
C THR F 634 3.69 -51.94 -11.22
N GLY F 635 3.99 -53.08 -11.84
CA GLY F 635 4.78 -53.07 -13.06
C GLY F 635 4.05 -52.41 -14.22
N SER F 636 2.74 -52.63 -14.32
CA SER F 636 1.95 -52.14 -15.44
C SER F 636 1.35 -50.76 -15.20
N ASN F 637 1.64 -50.13 -14.06
CA ASN F 637 1.08 -48.81 -13.77
C ASN F 637 1.95 -47.69 -14.31
N VAL F 638 3.22 -47.65 -13.89
CA VAL F 638 4.06 -46.49 -14.16
C VAL F 638 4.35 -46.39 -15.64
N PHE F 639 4.05 -45.23 -16.22
CA PHE F 639 4.34 -44.92 -17.61
C PHE F 639 4.86 -43.50 -17.69
N GLN F 640 5.99 -43.31 -18.37
CA GLN F 640 6.65 -42.00 -18.44
C GLN F 640 6.18 -41.28 -19.68
N THR F 641 5.44 -40.19 -19.50
CA THR F 641 5.01 -39.32 -20.58
C THR F 641 5.91 -38.09 -20.61
N ARG F 642 5.69 -37.22 -21.59
CA ARG F 642 6.40 -35.96 -21.62
C ARG F 642 5.70 -34.87 -20.82
N ALA F 643 4.48 -35.13 -20.36
CA ALA F 643 3.80 -34.23 -19.44
C ALA F 643 4.06 -34.55 -17.98
N GLY F 644 4.69 -35.67 -17.70
CA GLY F 644 4.96 -36.09 -16.34
C GLY F 644 5.03 -37.60 -16.26
N CYS F 645 4.80 -38.12 -15.06
CA CYS F 645 4.79 -39.56 -14.81
C CYS F 645 3.35 -39.98 -14.53
N LEU F 646 2.83 -40.89 -15.34
CA LEU F 646 1.44 -41.31 -15.27
C LEU F 646 1.36 -42.68 -14.59
N ILE F 647 0.73 -42.73 -13.42
CA ILE F 647 0.64 -43.94 -12.62
C ILE F 647 -0.82 -44.34 -12.51
N GLY F 648 -1.09 -45.63 -12.68
CA GLY F 648 -2.44 -46.15 -12.59
C GLY F 648 -3.13 -46.36 -13.91
N ALA F 649 -2.47 -46.05 -15.03
CA ALA F 649 -3.01 -46.25 -16.35
C ALA F 649 -2.02 -47.05 -17.18
N GLU F 650 -2.54 -48.02 -17.94
CA GLU F 650 -1.72 -48.91 -18.75
C GLU F 650 -1.62 -48.38 -20.17
N TYR F 651 -0.39 -48.28 -20.69
CA TYR F 651 -0.17 -47.76 -22.02
C TYR F 651 -0.39 -48.86 -23.07
N VAL F 652 -1.17 -48.54 -24.09
CA VAL F 652 -1.43 -49.46 -25.19
C VAL F 652 -0.77 -48.91 -26.44
N ASN F 653 -0.58 -49.78 -27.42
CA ASN F 653 0.03 -49.39 -28.70
C ASN F 653 -0.99 -49.06 -29.76
N ASN F 654 -2.27 -49.07 -29.43
CA ASN F 654 -3.32 -48.70 -30.38
C ASN F 654 -3.66 -47.23 -30.22
N SER F 655 -3.88 -46.55 -31.33
CA SER F 655 -4.24 -45.15 -31.34
C SER F 655 -5.75 -45.01 -31.46
N TYR F 656 -6.34 -44.24 -30.56
CA TYR F 656 -7.78 -43.98 -30.54
C TYR F 656 -8.01 -42.48 -30.55
N GLU F 657 -9.28 -42.09 -30.67
CA GLU F 657 -9.65 -40.70 -30.50
C GLU F 657 -9.46 -40.29 -29.04
N CYS F 658 -9.17 -39.00 -28.84
CA CYS F 658 -8.90 -38.52 -27.49
C CYS F 658 -10.16 -38.49 -26.66
N ASP F 659 -10.07 -39.02 -25.44
CA ASP F 659 -11.16 -38.97 -24.47
C ASP F 659 -10.84 -38.06 -23.29
N ILE F 660 -9.73 -38.29 -22.62
CA ILE F 660 -9.28 -37.43 -21.52
C ILE F 660 -7.89 -36.90 -21.87
N PRO F 661 -7.76 -35.63 -22.24
CA PRO F 661 -6.46 -35.11 -22.70
C PRO F 661 -5.48 -34.98 -21.55
N ILE F 662 -4.36 -35.69 -21.65
CA ILE F 662 -3.31 -35.61 -20.65
C ILE F 662 -2.27 -34.56 -21.03
N GLY F 663 -1.78 -34.60 -22.25
CA GLY F 663 -0.81 -33.63 -22.72
C GLY F 663 0.31 -34.27 -23.51
N ALA F 664 0.92 -33.49 -24.40
CA ALA F 664 2.04 -33.93 -25.25
C ALA F 664 1.63 -35.09 -26.14
N GLY F 665 0.40 -35.06 -26.65
CA GLY F 665 -0.06 -36.06 -27.60
C GLY F 665 -0.58 -37.34 -26.99
N VAL F 666 -0.69 -37.42 -25.68
CA VAL F 666 -1.12 -38.63 -24.98
C VAL F 666 -2.47 -38.38 -24.35
N CYS F 667 -3.42 -39.27 -24.61
CA CYS F 667 -4.76 -39.19 -24.05
C CYS F 667 -5.00 -40.41 -23.18
N ALA F 668 -6.13 -40.40 -22.47
CA ALA F 668 -6.49 -41.52 -21.60
C ALA F 668 -7.99 -41.79 -21.75
N SER F 669 -8.38 -43.03 -21.47
CA SER F 669 -9.77 -43.43 -21.61
C SER F 669 -10.03 -44.67 -20.77
N TYR F 670 -11.30 -44.94 -20.53
CA TYR F 670 -11.74 -46.09 -19.75
C TYR F 670 -12.21 -47.18 -20.71
N GLN F 671 -11.44 -48.25 -20.79
CA GLN F 671 -11.77 -49.36 -21.69
C GLN F 671 -11.06 -50.63 -21.25
N GLN F 686 -12.09 -54.17 -17.40
CA GLN F 686 -12.18 -52.72 -17.52
C GLN F 686 -11.08 -52.05 -16.71
N SER F 687 -10.43 -51.07 -17.32
CA SER F 687 -9.37 -50.32 -16.66
C SER F 687 -9.18 -49.01 -17.41
N ILE F 688 -8.24 -48.19 -16.93
CA ILE F 688 -7.88 -46.93 -17.57
C ILE F 688 -6.66 -47.16 -18.44
N ILE F 689 -6.78 -46.80 -19.72
CA ILE F 689 -5.73 -47.02 -20.70
C ILE F 689 -5.23 -45.67 -21.20
N ALA F 690 -3.93 -45.56 -21.39
CA ALA F 690 -3.31 -44.38 -21.96
C ALA F 690 -2.76 -44.72 -23.34
N TYR F 691 -2.97 -43.82 -24.30
CA TYR F 691 -2.56 -44.08 -25.67
C TYR F 691 -2.17 -42.77 -26.31
N THR F 692 -1.64 -42.86 -27.53
CA THR F 692 -1.32 -41.69 -28.34
C THR F 692 -2.50 -41.44 -29.28
N MET F 693 -3.07 -40.24 -29.20
CA MET F 693 -4.28 -39.94 -29.94
C MET F 693 -4.03 -40.01 -31.44
N SER F 694 -5.01 -40.55 -32.16
CA SER F 694 -4.96 -40.65 -33.61
C SER F 694 -5.62 -39.44 -34.23
N LEU F 695 -5.00 -38.91 -35.29
CA LEU F 695 -5.51 -37.71 -35.94
C LEU F 695 -6.62 -37.99 -36.93
N GLY F 696 -6.82 -39.24 -37.32
CA GLY F 696 -7.86 -39.57 -38.27
C GLY F 696 -7.43 -40.73 -39.13
N ALA F 697 -8.34 -41.11 -40.04
CA ALA F 697 -8.10 -42.24 -40.92
C ALA F 697 -7.27 -41.82 -42.12
N GLU F 698 -6.17 -42.53 -42.36
CA GLU F 698 -5.34 -42.25 -43.53
C GLU F 698 -6.13 -42.53 -44.80
N ASN F 699 -6.01 -41.61 -45.77
CA ASN F 699 -6.80 -41.71 -46.98
C ASN F 699 -6.00 -41.12 -48.13
N SER F 700 -5.39 -41.98 -48.93
CA SER F 700 -4.72 -41.55 -50.15
C SER F 700 -5.75 -41.36 -51.26
N VAL F 701 -5.68 -40.22 -51.94
CA VAL F 701 -6.60 -39.92 -53.03
C VAL F 701 -5.94 -40.32 -54.34
N ALA F 702 -6.70 -41.02 -55.19
CA ALA F 702 -6.17 -41.57 -56.44
C ALA F 702 -5.94 -40.47 -57.46
N TYR F 703 -4.82 -39.76 -57.30
CA TYR F 703 -4.48 -38.68 -58.21
C TYR F 703 -3.85 -39.23 -59.48
N SER F 704 -4.36 -38.79 -60.63
CA SER F 704 -3.78 -39.12 -61.92
C SER F 704 -3.70 -37.87 -62.77
N ASN F 705 -3.00 -38.00 -63.91
CA ASN F 705 -2.89 -36.88 -64.83
C ASN F 705 -4.24 -36.54 -65.46
N ASN F 706 -5.06 -37.55 -65.72
CA ASN F 706 -6.29 -37.37 -66.49
C ASN F 706 -7.44 -38.16 -65.87
N SER F 707 -7.59 -38.08 -64.56
CA SER F 707 -8.69 -38.74 -63.88
C SER F 707 -9.40 -37.73 -62.99
N ILE F 708 -10.73 -37.75 -63.02
CA ILE F 708 -11.55 -36.86 -62.22
C ILE F 708 -12.71 -37.66 -61.64
N ALA F 709 -13.11 -37.31 -60.43
CA ALA F 709 -14.24 -37.95 -59.75
C ALA F 709 -15.38 -36.96 -59.64
N ILE F 710 -16.55 -37.35 -60.14
CA ILE F 710 -17.73 -36.49 -60.18
C ILE F 710 -18.86 -37.19 -59.44
N PRO F 711 -19.52 -36.52 -58.50
CA PRO F 711 -20.60 -37.17 -57.75
C PRO F 711 -21.79 -37.49 -58.64
N THR F 712 -22.46 -38.59 -58.31
CA THR F 712 -23.66 -39.00 -59.01
C THR F 712 -24.92 -38.83 -58.19
N ASN F 713 -24.80 -38.47 -56.92
CA ASN F 713 -25.93 -38.31 -56.01
C ASN F 713 -25.60 -37.19 -55.04
N PHE F 714 -26.44 -37.01 -54.03
CA PHE F 714 -26.18 -35.97 -53.04
C PHE F 714 -26.91 -36.31 -51.76
N THR F 715 -26.57 -35.57 -50.71
CA THR F 715 -27.18 -35.71 -49.40
C THR F 715 -27.51 -34.33 -48.86
N ILE F 716 -28.70 -34.21 -48.27
CA ILE F 716 -29.12 -32.97 -47.62
C ILE F 716 -28.93 -33.18 -46.12
N SER F 717 -28.01 -32.42 -45.54
CA SER F 717 -27.65 -32.58 -44.14
C SER F 717 -27.96 -31.30 -43.38
N VAL F 718 -28.51 -31.46 -42.18
CA VAL F 718 -28.84 -30.34 -41.31
C VAL F 718 -28.00 -30.47 -40.05
N THR F 719 -27.10 -29.51 -39.84
CA THR F 719 -26.26 -29.48 -38.65
C THR F 719 -26.77 -28.40 -37.70
N THR F 720 -26.12 -28.29 -36.54
CA THR F 720 -26.56 -27.38 -35.49
C THR F 720 -25.37 -26.61 -34.97
N GLU F 721 -25.52 -25.29 -34.85
CA GLU F 721 -24.50 -24.42 -34.28
C GLU F 721 -25.09 -23.62 -33.14
N ILE F 722 -24.40 -23.60 -32.01
CA ILE F 722 -24.88 -22.96 -30.80
C ILE F 722 -23.91 -21.85 -30.40
N LEU F 723 -24.43 -20.65 -30.19
CA LEU F 723 -23.62 -19.48 -29.90
C LEU F 723 -24.19 -18.74 -28.69
N PRO F 724 -23.40 -18.48 -27.65
CA PRO F 724 -23.87 -17.59 -26.58
C PRO F 724 -24.03 -16.16 -27.09
N VAL F 725 -25.08 -15.50 -26.63
CA VAL F 725 -25.47 -14.18 -27.12
C VAL F 725 -25.46 -13.15 -26.00
N SER F 726 -26.04 -13.48 -24.86
CA SER F 726 -26.18 -12.55 -23.75
C SER F 726 -25.65 -13.18 -22.48
N MET F 727 -25.72 -12.41 -21.40
CA MET F 727 -25.17 -12.80 -20.11
C MET F 727 -26.04 -12.21 -19.02
N THR F 728 -26.02 -12.82 -17.84
CA THR F 728 -26.85 -12.35 -16.74
C THR F 728 -26.42 -10.95 -16.32
N LYS F 729 -27.40 -10.05 -16.19
CA LYS F 729 -27.14 -8.68 -15.80
C LYS F 729 -27.22 -8.59 -14.29
N THR F 730 -26.09 -8.34 -13.64
CA THR F 730 -26.02 -8.24 -12.19
C THR F 730 -25.70 -6.81 -11.79
N SER F 731 -26.25 -6.39 -10.66
CA SER F 731 -25.91 -5.12 -10.05
C SER F 731 -25.55 -5.37 -8.60
N VAL F 732 -24.51 -4.68 -8.13
CA VAL F 732 -23.96 -4.90 -6.80
C VAL F 732 -24.05 -3.59 -6.03
N ASP F 733 -24.55 -3.67 -4.80
CA ASP F 733 -24.58 -2.53 -3.89
C ASP F 733 -23.27 -2.52 -3.12
N CYS F 734 -22.38 -1.59 -3.47
CA CYS F 734 -21.06 -1.56 -2.84
C CYS F 734 -21.16 -1.29 -1.35
N THR F 735 -22.00 -0.33 -0.97
CA THR F 735 -22.10 0.02 0.45
C THR F 735 -22.64 -1.12 1.28
N MET F 736 -23.68 -1.80 0.78
CA MET F 736 -24.25 -2.91 1.53
C MET F 736 -23.32 -4.11 1.55
N TYR F 737 -22.65 -4.38 0.44
CA TYR F 737 -21.72 -5.51 0.40
C TYR F 737 -20.54 -5.28 1.34
N ILE F 738 -19.96 -4.08 1.33
CA ILE F 738 -18.79 -3.82 2.13
C ILE F 738 -19.16 -3.51 3.58
N CYS F 739 -20.14 -2.61 3.78
CA CYS F 739 -20.45 -2.13 5.11
C CYS F 739 -21.76 -2.65 5.68
N GLY F 740 -22.67 -3.14 4.86
CA GLY F 740 -23.96 -3.53 5.39
C GLY F 740 -24.77 -2.30 5.78
N ASP F 741 -25.25 -2.29 7.02
CA ASP F 741 -26.04 -1.18 7.53
C ASP F 741 -25.33 -0.46 8.68
N SER F 742 -24.00 -0.41 8.65
CA SER F 742 -23.22 0.26 9.67
C SER F 742 -22.84 1.66 9.18
N THR F 743 -23.26 2.68 9.92
CA THR F 743 -22.89 4.05 9.56
C THR F 743 -21.44 4.36 9.93
N GLU F 744 -20.90 3.65 10.92
CA GLU F 744 -19.48 3.82 11.24
C GLU F 744 -18.60 3.35 10.10
N CYS F 745 -18.97 2.23 9.47
CA CYS F 745 -18.22 1.73 8.32
C CYS F 745 -18.44 2.62 7.10
N SER F 746 -19.66 3.13 6.92
CA SER F 746 -19.98 3.90 5.72
C SER F 746 -19.15 5.16 5.63
N ASN F 747 -18.94 5.84 6.76
CA ASN F 747 -18.11 7.04 6.75
C ASN F 747 -16.66 6.71 6.39
N LEU F 748 -16.14 5.59 6.88
CA LEU F 748 -14.78 5.21 6.55
C LEU F 748 -14.63 4.82 5.09
N LEU F 749 -15.71 4.42 4.43
CA LEU F 749 -15.65 4.03 3.03
C LEU F 749 -15.52 5.23 2.11
N LEU F 750 -15.87 6.43 2.58
CA LEU F 750 -15.77 7.62 1.74
C LEU F 750 -14.32 8.04 1.52
N GLN F 751 -13.44 7.74 2.48
CA GLN F 751 -12.05 8.13 2.37
C GLN F 751 -11.30 7.37 1.28
N TYR F 752 -11.90 6.32 0.71
CA TYR F 752 -11.27 5.52 -0.31
C TYR F 752 -11.62 5.98 -1.72
N GLY F 753 -11.98 7.24 -1.88
CA GLY F 753 -12.22 7.79 -3.20
C GLY F 753 -13.53 7.34 -3.79
N SER F 754 -13.68 7.63 -5.08
CA SER F 754 -14.88 7.26 -5.83
C SER F 754 -14.73 5.86 -6.42
N PHE F 755 -14.37 4.89 -5.58
CA PHE F 755 -14.28 3.51 -6.05
C PHE F 755 -15.66 2.90 -6.26
N CYS F 756 -16.62 3.22 -5.39
CA CYS F 756 -17.96 2.69 -5.54
C CYS F 756 -18.62 3.19 -6.81
N THR F 757 -18.39 4.47 -7.16
CA THR F 757 -19.00 5.01 -8.37
C THR F 757 -18.45 4.34 -9.62
N GLN F 758 -17.15 4.06 -9.65
CA GLN F 758 -16.57 3.37 -10.79
C GLN F 758 -17.08 1.94 -10.91
N LEU F 759 -17.18 1.23 -9.77
CA LEU F 759 -17.67 -0.13 -9.81
C LEU F 759 -19.13 -0.19 -10.23
N LYS F 760 -19.92 0.82 -9.85
CA LYS F 760 -21.33 0.84 -10.19
C LYS F 760 -21.55 1.19 -11.66
N ARG F 761 -20.77 2.13 -12.21
CA ARG F 761 -20.92 2.48 -13.61
C ARG F 761 -20.33 1.43 -14.53
N ALA F 762 -19.38 0.63 -14.04
CA ALA F 762 -18.83 -0.44 -14.87
C ALA F 762 -19.84 -1.57 -15.05
N LEU F 763 -20.58 -1.91 -14.00
CA LEU F 763 -21.58 -2.97 -14.11
C LEU F 763 -22.80 -2.52 -14.89
N THR F 764 -23.13 -1.23 -14.84
CA THR F 764 -24.25 -0.73 -15.64
C THR F 764 -23.92 -0.78 -17.13
N GLY F 765 -22.67 -0.51 -17.49
CA GLY F 765 -22.27 -0.61 -18.88
C GLY F 765 -22.37 -2.03 -19.40
N ILE F 766 -22.06 -3.01 -18.56
CA ILE F 766 -22.20 -4.41 -18.95
C ILE F 766 -23.67 -4.75 -19.17
N ALA F 767 -24.52 -4.31 -18.23
CA ALA F 767 -25.94 -4.68 -18.29
C ALA F 767 -26.62 -4.07 -19.52
N VAL F 768 -26.32 -2.81 -19.83
CA VAL F 768 -26.92 -2.18 -21.01
C VAL F 768 -26.44 -2.88 -22.27
N GLU F 769 -25.18 -3.33 -22.27
CA GLU F 769 -24.64 -4.06 -23.42
C GLU F 769 -25.39 -5.37 -23.64
N GLN F 770 -25.75 -6.07 -22.57
CA GLN F 770 -26.39 -7.38 -22.72
C GLN F 770 -27.75 -7.27 -23.39
N ASP F 771 -28.44 -6.14 -23.20
CA ASP F 771 -29.68 -5.90 -23.93
C ASP F 771 -29.42 -5.48 -25.37
N LYS F 772 -28.24 -4.92 -25.64
CA LYS F 772 -27.86 -4.58 -27.00
C LYS F 772 -27.43 -5.81 -27.80
N ASN F 773 -26.79 -6.77 -27.14
CA ASN F 773 -26.40 -8.00 -27.82
C ASN F 773 -27.61 -8.77 -28.31
N THR F 774 -28.66 -8.84 -27.49
CA THR F 774 -29.87 -9.56 -27.88
C THR F 774 -30.56 -8.88 -29.05
N GLN F 775 -30.60 -7.55 -29.05
CA GLN F 775 -31.33 -6.83 -30.08
C GLN F 775 -30.66 -6.94 -31.44
N GLU F 776 -29.33 -6.88 -31.47
CA GLU F 776 -28.61 -6.91 -32.74
C GLU F 776 -28.75 -8.25 -33.44
N VAL F 777 -28.90 -9.33 -32.68
CA VAL F 777 -29.03 -10.66 -33.28
C VAL F 777 -30.44 -10.87 -33.81
N PHE F 778 -31.45 -10.71 -32.93
CA PHE F 778 -32.82 -11.08 -33.26
C PHE F 778 -33.58 -9.96 -33.95
N ALA F 779 -33.52 -8.73 -33.43
CA ALA F 779 -34.28 -7.62 -33.99
C ALA F 779 -33.62 -7.12 -35.28
N GLN F 780 -33.64 -8.00 -36.28
CA GLN F 780 -33.14 -7.67 -37.60
C GLN F 780 -34.24 -7.59 -38.64
N VAL F 781 -35.50 -7.71 -38.23
CA VAL F 781 -36.65 -7.62 -39.12
C VAL F 781 -37.51 -6.45 -38.67
N LYS F 782 -37.87 -5.59 -39.61
CA LYS F 782 -38.72 -4.45 -39.28
C LYS F 782 -40.16 -4.88 -39.03
N GLN F 783 -40.60 -5.97 -39.65
CA GLN F 783 -41.97 -6.42 -39.54
C GLN F 783 -42.01 -7.85 -39.02
N ILE F 784 -43.17 -8.23 -38.50
CA ILE F 784 -43.41 -9.56 -37.98
C ILE F 784 -44.16 -10.35 -39.03
N TYR F 785 -43.47 -11.26 -39.71
CA TYR F 785 -44.11 -12.06 -40.73
C TYR F 785 -44.79 -13.28 -40.11
N LYS F 786 -45.87 -13.72 -40.74
CA LYS F 786 -46.64 -14.86 -40.29
C LYS F 786 -46.80 -15.85 -41.42
N THR F 787 -46.80 -17.13 -41.08
CA THR F 787 -46.96 -18.20 -42.05
C THR F 787 -48.42 -18.38 -42.45
N PRO F 788 -48.69 -18.87 -43.65
CA PRO F 788 -50.07 -19.05 -44.07
C PRO F 788 -50.75 -20.12 -43.24
N PRO F 789 -52.08 -20.06 -43.11
CA PRO F 789 -52.79 -21.11 -42.36
C PRO F 789 -52.66 -22.50 -42.95
N ILE F 790 -52.33 -22.61 -44.23
CA ILE F 790 -52.11 -23.90 -44.89
C ILE F 790 -50.60 -24.14 -44.93
N LYS F 791 -50.15 -25.18 -44.23
CA LYS F 791 -48.72 -25.45 -44.09
C LYS F 791 -48.30 -26.52 -45.10
N TYR F 792 -48.37 -26.15 -46.38
CA TYR F 792 -47.82 -26.97 -47.45
C TYR F 792 -46.76 -26.17 -48.18
N PHE F 793 -45.54 -26.69 -48.20
CA PHE F 793 -44.39 -26.02 -48.80
C PHE F 793 -43.67 -26.96 -49.76
N GLY F 794 -44.44 -27.61 -50.63
CA GLY F 794 -43.84 -28.48 -51.63
C GLY F 794 -43.34 -29.80 -51.11
N GLY F 795 -43.84 -30.26 -49.97
CA GLY F 795 -43.40 -31.50 -49.37
C GLY F 795 -42.42 -31.33 -48.23
N PHE F 796 -41.82 -30.15 -48.10
CA PHE F 796 -40.95 -29.88 -46.96
C PHE F 796 -41.80 -29.65 -45.73
N ASN F 797 -41.42 -30.30 -44.63
CA ASN F 797 -42.20 -30.32 -43.41
C ASN F 797 -41.44 -29.54 -42.35
N PHE F 798 -41.91 -28.33 -42.04
CA PHE F 798 -41.30 -27.46 -41.05
C PHE F 798 -42.04 -27.50 -39.71
N SER F 799 -42.62 -28.64 -39.35
CA SER F 799 -43.43 -28.71 -38.14
C SER F 799 -42.59 -28.52 -36.89
N GLN F 800 -41.36 -29.00 -36.88
CA GLN F 800 -40.54 -28.97 -35.68
C GLN F 800 -39.78 -27.68 -35.50
N ILE F 801 -39.86 -26.75 -36.45
CA ILE F 801 -39.24 -25.45 -36.29
C ILE F 801 -40.25 -24.31 -36.26
N LEU F 802 -41.44 -24.50 -36.82
CA LEU F 802 -42.47 -23.48 -36.74
C LEU F 802 -43.07 -23.43 -35.34
N PRO F 803 -43.55 -22.27 -34.90
CA PRO F 803 -44.10 -22.16 -33.55
C PRO F 803 -45.29 -23.07 -33.35
N ASP F 804 -45.41 -23.59 -32.12
CA ASP F 804 -46.45 -24.54 -31.79
C ASP F 804 -47.64 -23.79 -31.21
N PRO F 805 -48.79 -23.74 -31.89
CA PRO F 805 -49.94 -23.02 -31.33
C PRO F 805 -50.49 -23.64 -30.06
N SER F 806 -50.30 -24.95 -29.86
CA SER F 806 -50.86 -25.62 -28.69
C SER F 806 -50.21 -25.14 -27.39
N LYS F 807 -48.90 -24.92 -27.42
CA LYS F 807 -48.19 -24.55 -26.20
C LYS F 807 -48.62 -23.17 -25.72
N PRO F 808 -48.55 -22.91 -24.41
CA PRO F 808 -48.86 -21.57 -23.89
C PRO F 808 -47.95 -20.52 -24.50
N SER F 809 -46.64 -20.70 -24.34
CA SER F 809 -45.65 -19.91 -25.07
C SER F 809 -45.45 -20.57 -26.42
N LYS F 810 -45.80 -19.86 -27.49
CA LYS F 810 -45.80 -20.47 -28.81
C LYS F 810 -44.38 -20.69 -29.31
N ARG F 811 -43.67 -21.64 -28.71
CA ARG F 811 -42.33 -22.02 -29.14
C ARG F 811 -42.38 -23.32 -29.92
N SER F 812 -41.43 -23.47 -30.83
CA SER F 812 -41.38 -24.66 -31.66
C SER F 812 -41.01 -25.88 -30.81
N PRO F 813 -41.31 -27.08 -31.31
CA PRO F 813 -40.91 -28.29 -30.56
C PRO F 813 -39.42 -28.39 -30.29
N ILE F 814 -38.57 -27.92 -31.22
CA ILE F 814 -37.13 -27.93 -30.94
C ILE F 814 -36.78 -26.90 -29.89
N GLU F 815 -37.39 -25.71 -29.94
CA GLU F 815 -37.14 -24.70 -28.93
C GLU F 815 -37.62 -25.15 -27.55
N ASP F 816 -38.65 -25.99 -27.50
CA ASP F 816 -39.10 -26.51 -26.22
C ASP F 816 -38.08 -27.47 -25.61
N LEU F 817 -37.41 -28.25 -26.46
CA LEU F 817 -36.34 -29.12 -25.97
C LEU F 817 -35.15 -28.31 -25.49
N LEU F 818 -34.81 -27.22 -26.19
CA LEU F 818 -33.64 -26.44 -25.81
C LEU F 818 -33.83 -25.75 -24.47
N PHE F 819 -35.05 -25.28 -24.18
CA PHE F 819 -35.29 -24.60 -22.91
C PHE F 819 -35.30 -25.55 -21.72
N ASN F 820 -35.38 -26.85 -21.95
CA ASN F 820 -35.34 -27.84 -20.87
C ASN F 820 -33.96 -28.45 -20.68
N LYS F 821 -32.94 -27.95 -21.39
CA LYS F 821 -31.59 -28.47 -21.26
C LYS F 821 -30.63 -27.51 -20.58
N VAL F 822 -31.04 -26.26 -20.36
CA VAL F 822 -30.19 -25.28 -19.69
C VAL F 822 -30.84 -24.83 -18.40
N ASP F 844 -31.64 -20.83 0.74
CA ASP F 844 -31.04 -21.11 -0.56
C ASP F 844 -29.80 -20.25 -0.78
N LEU F 845 -29.20 -20.35 -1.97
CA LEU F 845 -28.03 -19.58 -2.32
C LEU F 845 -28.36 -18.34 -3.14
N ILE F 846 -29.34 -18.42 -4.03
CA ILE F 846 -29.76 -17.23 -4.77
C ILE F 846 -30.35 -16.20 -3.81
N CYS F 847 -30.98 -16.65 -2.73
CA CYS F 847 -31.47 -15.72 -1.71
C CYS F 847 -30.34 -15.21 -0.82
N ALA F 848 -29.31 -16.02 -0.58
CA ALA F 848 -28.18 -15.57 0.24
C ALA F 848 -27.41 -14.48 -0.46
N GLN F 849 -27.27 -14.56 -1.79
CA GLN F 849 -26.59 -13.51 -2.54
C GLN F 849 -27.39 -12.22 -2.52
N LYS F 850 -28.71 -12.32 -2.65
CA LYS F 850 -29.55 -11.12 -2.69
C LYS F 850 -29.45 -10.34 -1.38
N PHE F 851 -29.43 -11.03 -0.25
CA PHE F 851 -29.40 -10.37 1.04
C PHE F 851 -28.07 -9.66 1.30
N ASN F 852 -27.05 -9.89 0.49
CA ASN F 852 -25.76 -9.23 0.65
C ASN F 852 -25.48 -8.21 -0.45
N GLY F 853 -26.52 -7.69 -1.10
CA GLY F 853 -26.36 -6.65 -2.08
C GLY F 853 -26.10 -7.11 -3.50
N LEU F 854 -26.13 -8.41 -3.76
CA LEU F 854 -25.87 -8.96 -5.09
C LEU F 854 -27.20 -9.40 -5.68
N THR F 855 -27.70 -8.66 -6.68
CA THR F 855 -28.98 -8.95 -7.28
C THR F 855 -28.84 -9.02 -8.79
N VAL F 856 -29.80 -9.66 -9.44
CA VAL F 856 -29.78 -9.91 -10.88
C VAL F 856 -30.95 -9.17 -11.50
N LEU F 857 -30.66 -8.33 -12.49
CA LEU F 857 -31.68 -7.59 -13.22
C LEU F 857 -32.30 -8.46 -14.29
N PRO F 858 -33.58 -8.26 -14.61
CA PRO F 858 -34.23 -9.06 -15.64
C PRO F 858 -33.93 -8.51 -17.03
N PRO F 859 -33.82 -9.38 -18.02
CA PRO F 859 -33.57 -8.90 -19.38
C PRO F 859 -34.75 -8.12 -19.93
N LEU F 860 -34.46 -7.18 -20.83
CA LEU F 860 -35.50 -6.34 -21.39
C LEU F 860 -36.47 -7.13 -22.27
N LEU F 861 -35.94 -8.01 -23.12
CA LEU F 861 -36.78 -8.83 -23.99
C LEU F 861 -37.07 -10.16 -23.31
N THR F 862 -38.33 -10.46 -23.08
CA THR F 862 -38.70 -11.74 -22.48
C THR F 862 -38.45 -12.87 -23.46
N ASP F 863 -38.33 -14.08 -22.92
CA ASP F 863 -38.11 -15.24 -23.77
C ASP F 863 -39.26 -15.48 -24.74
N GLU F 864 -40.44 -14.92 -24.46
CA GLU F 864 -41.56 -15.01 -25.39
C GLU F 864 -41.51 -13.91 -26.44
N MET F 865 -40.72 -12.87 -26.23
CA MET F 865 -40.51 -11.86 -27.26
C MET F 865 -39.38 -12.22 -28.21
N ILE F 866 -38.36 -12.89 -27.71
CA ILE F 866 -37.31 -13.42 -28.58
C ILE F 866 -37.87 -14.54 -29.44
N ALA F 867 -38.80 -15.34 -28.90
CA ALA F 867 -39.39 -16.42 -29.67
C ALA F 867 -40.34 -15.91 -30.74
N GLN F 868 -40.82 -14.67 -30.64
CA GLN F 868 -41.61 -14.07 -31.71
C GLN F 868 -40.74 -13.42 -32.77
N TYR F 869 -39.56 -12.93 -32.39
CA TYR F 869 -38.59 -12.47 -33.37
C TYR F 869 -38.09 -13.62 -34.23
N THR F 870 -37.84 -14.77 -33.61
CA THR F 870 -37.36 -15.93 -34.36
C THR F 870 -38.40 -16.42 -35.35
N SER F 871 -39.68 -16.42 -34.95
CA SER F 871 -40.73 -16.88 -35.85
C SER F 871 -40.83 -15.98 -37.08
N ALA F 872 -40.62 -14.68 -36.91
CA ALA F 872 -40.63 -13.76 -38.05
C ALA F 872 -39.52 -14.08 -39.03
N LEU F 873 -38.33 -14.41 -38.51
CA LEU F 873 -37.24 -14.81 -39.40
C LEU F 873 -37.54 -16.13 -40.08
N LEU F 874 -38.15 -17.07 -39.36
CA LEU F 874 -38.52 -18.35 -39.96
C LEU F 874 -39.66 -18.17 -40.97
N ALA F 875 -40.65 -17.34 -40.64
CA ALA F 875 -41.80 -17.19 -41.52
C ALA F 875 -41.46 -16.37 -42.76
N GLY F 876 -40.55 -15.41 -42.63
CA GLY F 876 -40.15 -14.63 -43.78
C GLY F 876 -39.22 -15.38 -44.71
N THR F 877 -38.38 -16.25 -44.16
CA THR F 877 -37.47 -17.05 -44.98
C THR F 877 -38.22 -18.03 -45.85
N ILE F 878 -39.21 -18.71 -45.28
CA ILE F 878 -39.92 -19.76 -46.01
C ILE F 878 -40.79 -19.15 -47.11
N THR F 879 -41.49 -18.07 -46.79
CA THR F 879 -42.47 -17.50 -47.71
C THR F 879 -41.89 -16.46 -48.66
N SER F 880 -40.67 -15.97 -48.42
CA SER F 880 -40.08 -14.97 -49.31
C SER F 880 -38.63 -15.23 -49.68
N GLY F 881 -37.91 -16.10 -48.99
CA GLY F 881 -36.52 -16.38 -49.34
C GLY F 881 -35.58 -15.39 -48.70
N TRP F 882 -34.63 -14.89 -49.48
CA TRP F 882 -33.72 -13.86 -49.02
C TRP F 882 -34.20 -12.45 -49.33
N THR F 883 -35.35 -12.32 -49.99
CA THR F 883 -35.79 -11.01 -50.46
C THR F 883 -36.23 -10.10 -49.34
N PHE F 884 -36.62 -10.65 -48.19
CA PHE F 884 -37.13 -9.83 -47.10
C PHE F 884 -36.02 -9.17 -46.28
N GLY F 885 -34.78 -9.61 -46.42
CA GLY F 885 -33.67 -8.97 -45.76
C GLY F 885 -33.02 -7.85 -46.53
N ALA F 886 -33.50 -7.59 -47.75
CA ALA F 886 -32.92 -6.57 -48.62
C ALA F 886 -34.01 -5.69 -49.22
N GLY F 887 -35.04 -5.41 -48.44
CA GLY F 887 -36.15 -4.62 -48.92
C GLY F 887 -37.49 -5.25 -48.62
N PRO F 888 -38.45 -5.09 -49.53
CA PRO F 888 -39.77 -5.69 -49.32
C PRO F 888 -39.72 -7.21 -49.38
N ALA F 889 -40.67 -7.84 -48.72
CA ALA F 889 -40.78 -9.30 -48.76
C ALA F 889 -41.58 -9.67 -50.00
N LEU F 890 -40.93 -10.32 -50.95
CA LEU F 890 -41.55 -10.76 -52.19
C LEU F 890 -41.79 -12.26 -52.11
N GLN F 891 -43.04 -12.69 -52.27
CA GLN F 891 -43.36 -14.10 -52.13
C GLN F 891 -42.79 -14.90 -53.28
N ILE F 892 -42.53 -16.17 -53.02
CA ILE F 892 -42.03 -17.11 -54.03
C ILE F 892 -42.35 -18.52 -53.54
N PRO F 893 -42.78 -19.43 -54.41
CA PRO F 893 -43.03 -20.81 -53.97
C PRO F 893 -41.75 -21.44 -53.44
N PHE F 894 -41.88 -22.21 -52.37
CA PHE F 894 -40.69 -22.83 -51.76
C PHE F 894 -39.95 -23.76 -52.70
N PRO F 895 -40.59 -24.65 -53.47
CA PRO F 895 -39.81 -25.44 -54.42
C PRO F 895 -39.01 -24.59 -55.41
N MET F 896 -39.57 -23.46 -55.86
CA MET F 896 -38.81 -22.58 -56.74
C MET F 896 -37.74 -21.80 -55.98
N GLN F 897 -37.95 -21.56 -54.69
CA GLN F 897 -36.92 -20.94 -53.88
C GLN F 897 -35.69 -21.84 -53.75
N MET F 898 -35.90 -23.14 -53.58
CA MET F 898 -34.79 -24.07 -53.48
C MET F 898 -34.04 -24.20 -54.79
N ALA F 899 -34.73 -24.02 -55.93
CA ALA F 899 -34.03 -24.03 -57.22
C ALA F 899 -33.09 -22.84 -57.35
N TYR F 900 -33.46 -21.70 -56.77
CA TYR F 900 -32.53 -20.58 -56.69
C TYR F 900 -31.28 -20.96 -55.90
N ARG F 901 -31.49 -21.64 -54.76
CA ARG F 901 -30.39 -21.96 -53.87
C ARG F 901 -29.55 -23.12 -54.37
N PHE F 902 -30.07 -23.93 -55.29
CA PHE F 902 -29.26 -24.93 -55.97
C PHE F 902 -28.39 -24.29 -57.04
N ASN F 903 -28.91 -23.30 -57.76
CA ASN F 903 -28.10 -22.56 -58.71
C ASN F 903 -27.02 -21.74 -58.02
N GLY F 904 -27.16 -21.48 -56.73
CA GLY F 904 -26.15 -20.76 -55.99
C GLY F 904 -24.96 -21.58 -55.58
N ILE F 905 -25.03 -22.90 -55.73
CA ILE F 905 -23.92 -23.79 -55.39
C ILE F 905 -23.40 -24.51 -56.63
N GLY F 906 -23.75 -24.01 -57.81
CA GLY F 906 -23.24 -24.56 -59.05
C GLY F 906 -23.99 -25.75 -59.62
N VAL F 907 -25.14 -26.09 -59.05
CA VAL F 907 -25.96 -27.20 -59.54
C VAL F 907 -27.17 -26.61 -60.25
N THR F 908 -27.49 -27.16 -61.42
CA THR F 908 -28.62 -26.66 -62.18
C THR F 908 -29.92 -26.90 -61.43
N GLN F 909 -30.97 -26.22 -61.89
CA GLN F 909 -32.27 -26.28 -61.22
C GLN F 909 -33.12 -27.46 -61.68
N ASN F 910 -32.76 -28.11 -62.79
CA ASN F 910 -33.47 -29.33 -63.15
C ASN F 910 -33.08 -30.50 -62.28
N VAL F 911 -32.00 -30.38 -61.50
CA VAL F 911 -31.65 -31.39 -60.51
C VAL F 911 -32.69 -31.42 -59.40
N LEU F 912 -33.22 -30.26 -59.03
CA LEU F 912 -34.17 -30.17 -57.92
C LEU F 912 -35.56 -30.62 -58.34
N TYR F 913 -36.05 -30.13 -59.48
CA TYR F 913 -37.40 -30.45 -59.89
C TYR F 913 -37.57 -31.92 -60.22
N GLU F 914 -36.51 -32.57 -60.68
CA GLU F 914 -36.54 -33.99 -61.00
C GLU F 914 -36.19 -34.87 -59.82
N ASN F 915 -35.80 -34.29 -58.68
CA ASN F 915 -35.57 -35.03 -57.46
C ASN F 915 -36.29 -34.37 -56.28
N GLN F 916 -37.39 -33.66 -56.55
CA GLN F 916 -38.00 -32.85 -55.51
C GLN F 916 -38.54 -33.70 -54.37
N LYS F 917 -39.14 -34.84 -54.69
CA LYS F 917 -39.67 -35.70 -53.63
C LYS F 917 -38.55 -36.34 -52.81
N LEU F 918 -37.45 -36.72 -53.45
CA LEU F 918 -36.31 -37.26 -52.72
C LEU F 918 -35.69 -36.21 -51.81
N ILE F 919 -35.53 -34.99 -52.30
CA ILE F 919 -34.94 -33.92 -51.51
C ILE F 919 -35.86 -33.53 -50.36
N ALA F 920 -37.18 -33.57 -50.58
CA ALA F 920 -38.12 -33.27 -49.50
C ALA F 920 -38.02 -34.33 -48.40
N ASN F 921 -37.88 -35.60 -48.78
CA ASN F 921 -37.75 -36.67 -47.79
C ASN F 921 -36.41 -36.62 -47.05
N GLN F 922 -35.35 -36.19 -47.72
CA GLN F 922 -34.07 -36.08 -47.04
C GLN F 922 -34.07 -34.93 -46.03
N PHE F 923 -34.75 -33.83 -46.34
CA PHE F 923 -34.83 -32.73 -45.40
C PHE F 923 -35.65 -33.12 -44.17
N ASN F 924 -36.80 -33.76 -44.39
CA ASN F 924 -37.65 -34.15 -43.26
C ASN F 924 -36.93 -35.14 -42.36
N SER F 925 -36.25 -36.12 -42.94
CA SER F 925 -35.51 -37.09 -42.14
C SER F 925 -34.37 -36.43 -41.37
N ALA F 926 -33.66 -35.50 -42.01
CA ALA F 926 -32.56 -34.83 -41.35
C ALA F 926 -33.03 -33.91 -40.23
N ILE F 927 -34.21 -33.32 -40.37
CA ILE F 927 -34.75 -32.49 -39.30
C ILE F 927 -35.16 -33.33 -38.11
N GLY F 928 -35.76 -34.50 -38.36
CA GLY F 928 -36.18 -35.37 -37.29
C GLY F 928 -35.04 -35.98 -36.48
N LYS F 929 -33.83 -36.02 -37.06
CA LYS F 929 -32.67 -36.52 -36.34
C LYS F 929 -32.04 -35.50 -35.43
N ILE F 930 -32.42 -34.23 -35.53
CA ILE F 930 -31.86 -33.22 -34.64
C ILE F 930 -32.38 -33.41 -33.22
N GLN F 931 -33.68 -33.66 -33.08
CA GLN F 931 -34.24 -33.92 -31.75
C GLN F 931 -33.59 -35.13 -31.12
N ASP F 932 -33.38 -36.19 -31.90
CA ASP F 932 -32.73 -37.38 -31.38
C ASP F 932 -31.31 -37.08 -30.92
N SER F 933 -30.61 -36.22 -31.64
CA SER F 933 -29.25 -35.86 -31.26
C SER F 933 -29.20 -34.72 -30.25
N LEU F 934 -30.36 -34.20 -29.83
CA LEU F 934 -30.42 -33.22 -28.75
C LEU F 934 -31.19 -33.71 -27.54
N PHE F 935 -32.18 -34.57 -27.71
CA PHE F 935 -32.88 -35.16 -26.57
C PHE F 935 -32.13 -36.35 -25.97
N SER F 936 -31.04 -36.79 -26.59
CA SER F 936 -30.20 -37.87 -26.09
C SER F 936 -28.84 -37.39 -25.65
N THR F 937 -28.13 -36.66 -26.51
CA THR F 937 -26.80 -36.16 -26.16
C THR F 937 -26.92 -35.12 -25.06
N PRO F 938 -26.30 -35.32 -23.90
CA PRO F 938 -26.49 -34.38 -22.78
C PRO F 938 -25.62 -33.13 -22.89
N SER F 939 -24.40 -33.28 -23.39
CA SER F 939 -23.48 -32.15 -23.54
C SER F 939 -23.58 -31.53 -24.93
N ALA F 940 -24.79 -31.21 -25.35
CA ALA F 940 -25.02 -30.54 -26.62
C ALA F 940 -24.99 -29.04 -26.46
N LEU F 941 -25.75 -28.51 -25.50
CA LEU F 941 -25.76 -27.09 -25.18
C LEU F 941 -24.76 -26.78 -24.07
N GLY F 942 -23.52 -27.23 -24.27
CA GLY F 942 -22.46 -27.02 -23.31
C GLY F 942 -21.80 -25.66 -23.37
N LYS F 943 -22.10 -24.88 -24.40
CA LYS F 943 -21.59 -23.52 -24.49
C LYS F 943 -22.49 -22.53 -23.77
N LEU F 944 -23.81 -22.73 -23.84
CA LEU F 944 -24.72 -21.88 -23.10
C LEU F 944 -24.70 -22.22 -21.61
N GLN F 945 -24.61 -23.50 -21.28
CA GLN F 945 -24.57 -23.89 -19.87
C GLN F 945 -23.27 -23.48 -19.21
N ASP F 946 -22.17 -23.46 -19.96
CA ASP F 946 -20.90 -23.00 -19.40
C ASP F 946 -20.93 -21.51 -19.10
N VAL F 947 -21.67 -20.73 -19.88
CA VAL F 947 -21.83 -19.31 -19.59
C VAL F 947 -22.56 -19.12 -18.28
N VAL F 948 -23.60 -19.93 -18.04
CA VAL F 948 -24.35 -19.84 -16.79
C VAL F 948 -23.48 -20.24 -15.61
N ASN F 949 -22.66 -21.28 -15.78
CA ASN F 949 -21.83 -21.76 -14.69
C ASN F 949 -20.80 -20.72 -14.25
N HIS F 950 -20.16 -20.06 -15.21
CA HIS F 950 -19.10 -19.12 -14.87
C HIS F 950 -19.63 -17.91 -14.12
N ASN F 951 -20.80 -17.40 -14.52
CA ASN F 951 -21.36 -16.24 -13.84
C ASN F 951 -21.92 -16.61 -12.49
N ALA F 952 -22.48 -17.81 -12.34
CA ALA F 952 -22.99 -18.23 -11.05
C ALA F 952 -21.87 -18.63 -10.10
N GLN F 953 -20.72 -19.05 -10.63
CA GLN F 953 -19.59 -19.40 -9.79
C GLN F 953 -18.85 -18.18 -9.28
N ALA F 954 -18.88 -17.08 -10.04
CA ALA F 954 -18.21 -15.86 -9.60
C ALA F 954 -19.00 -15.14 -8.52
N LEU F 955 -20.31 -15.33 -8.47
CA LEU F 955 -21.11 -14.74 -7.41
C LEU F 955 -20.95 -15.50 -6.10
N ASN F 956 -20.79 -16.83 -6.16
CA ASN F 956 -20.55 -17.60 -4.96
C ASN F 956 -19.24 -17.20 -4.31
N THR F 957 -18.20 -16.98 -5.12
CA THR F 957 -16.92 -16.55 -4.58
C THR F 957 -17.01 -15.14 -4.01
N LEU F 958 -17.79 -14.27 -4.64
CA LEU F 958 -17.92 -12.90 -4.16
C LEU F 958 -18.61 -12.86 -2.81
N VAL F 959 -19.64 -13.68 -2.61
CA VAL F 959 -20.38 -13.68 -1.35
C VAL F 959 -19.75 -14.56 -0.30
N LYS F 960 -18.86 -15.48 -0.68
CA LYS F 960 -18.11 -16.26 0.29
C LYS F 960 -16.87 -15.54 0.78
N GLN F 961 -16.53 -14.40 0.20
CA GLN F 961 -15.42 -13.57 0.67
C GLN F 961 -15.83 -12.65 1.80
N LEU F 962 -17.10 -12.66 2.20
CA LEU F 962 -17.56 -11.91 3.36
C LEU F 962 -17.29 -12.64 4.66
N SER F 963 -16.96 -13.93 4.61
CA SER F 963 -16.62 -14.71 5.79
C SER F 963 -15.14 -14.62 6.14
N SER F 964 -14.33 -14.03 5.28
CA SER F 964 -12.90 -13.89 5.55
C SER F 964 -12.66 -12.73 6.51
N LYS F 965 -11.49 -12.75 7.15
CA LYS F 965 -11.13 -11.74 8.12
C LYS F 965 -10.15 -10.71 7.59
N PHE F 966 -9.25 -11.12 6.69
CA PHE F 966 -8.22 -10.24 6.12
C PHE F 966 -7.35 -9.63 7.22
N GLY F 967 -7.23 -10.32 8.35
CA GLY F 967 -6.42 -9.87 9.45
C GLY F 967 -7.18 -9.27 10.62
N ALA F 968 -8.46 -8.94 10.44
CA ALA F 968 -9.23 -8.39 11.53
C ALA F 968 -9.55 -9.48 12.56
N ILE F 969 -10.08 -9.04 13.71
CA ILE F 969 -10.43 -9.99 14.76
C ILE F 969 -11.69 -10.77 14.42
N SER F 970 -12.54 -10.24 13.55
CA SER F 970 -13.78 -10.90 13.18
C SER F 970 -14.18 -10.49 11.78
N SER F 971 -15.03 -11.29 11.17
CA SER F 971 -15.57 -11.01 9.84
C SER F 971 -16.94 -10.34 9.91
N VAL F 972 -17.41 -9.99 11.10
CA VAL F 972 -18.71 -9.34 11.28
C VAL F 972 -18.47 -7.94 11.81
N LEU F 973 -18.98 -6.94 11.09
CA LEU F 973 -18.81 -5.55 11.51
C LEU F 973 -19.52 -5.27 12.82
N ASN F 974 -20.62 -5.97 13.09
CA ASN F 974 -21.33 -5.78 14.35
C ASN F 974 -20.46 -6.21 15.54
N ASP F 975 -19.73 -7.32 15.38
CA ASP F 975 -18.85 -7.77 16.46
C ASP F 975 -17.73 -6.76 16.73
N ILE F 976 -17.13 -6.22 15.67
CA ILE F 976 -16.07 -5.25 15.86
C ILE F 976 -16.60 -3.95 16.46
N LEU F 977 -17.81 -3.55 16.05
CA LEU F 977 -18.38 -2.31 16.57
C LEU F 977 -18.86 -2.45 18.00
N SER F 978 -19.27 -3.65 18.41
CA SER F 978 -19.78 -3.89 19.75
C SER F 978 -18.75 -4.47 20.70
N ARG F 979 -17.48 -4.51 20.30
CA ARG F 979 -16.42 -5.00 21.16
C ARG F 979 -15.26 -4.03 21.34
N LEU F 980 -15.14 -3.00 20.50
CA LEU F 980 -13.97 -2.13 20.52
C LEU F 980 -14.39 -0.67 20.54
N ASP F 981 -13.52 0.16 21.10
CA ASP F 981 -13.74 1.59 21.10
C ASP F 981 -13.52 2.16 19.70
N PRO F 982 -14.14 3.29 19.39
CA PRO F 982 -14.01 3.87 18.05
C PRO F 982 -12.57 4.13 17.64
N PRO F 983 -11.68 4.57 18.55
CA PRO F 983 -10.27 4.69 18.13
C PRO F 983 -9.64 3.39 17.66
N GLU F 984 -10.04 2.26 18.24
CA GLU F 984 -9.49 0.97 17.85
C GLU F 984 -10.37 0.21 16.87
N ALA F 985 -11.65 0.54 16.76
CA ALA F 985 -12.52 -0.15 15.82
C ALA F 985 -12.15 0.21 14.38
N GLU F 986 -11.74 1.45 14.14
CA GLU F 986 -11.39 1.86 12.79
C GLU F 986 -10.16 1.12 12.27
N VAL F 987 -9.30 0.64 13.17
CA VAL F 987 -8.14 -0.12 12.75
C VAL F 987 -8.54 -1.48 12.22
N GLN F 988 -9.45 -2.17 12.92
CA GLN F 988 -9.91 -3.49 12.49
C GLN F 988 -10.84 -3.37 11.29
N ILE F 989 -11.68 -2.35 11.26
CA ILE F 989 -12.64 -2.19 10.16
C ILE F 989 -11.90 -1.93 8.85
N ASP F 990 -10.86 -1.11 8.89
CA ASP F 990 -10.12 -0.80 7.66
C ASP F 990 -9.48 -2.04 7.05
N ARG F 991 -9.21 -3.07 7.85
CA ARG F 991 -8.74 -4.33 7.29
C ARG F 991 -9.85 -5.05 6.53
N LEU F 992 -11.09 -4.92 6.98
CA LEU F 992 -12.21 -5.52 6.27
C LEU F 992 -12.51 -4.76 4.99
N ILE F 993 -12.47 -3.42 5.04
CA ILE F 993 -12.83 -2.63 3.88
C ILE F 993 -11.85 -2.86 2.74
N THR F 994 -10.55 -2.79 3.04
CA THR F 994 -9.54 -2.96 1.99
C THR F 994 -9.52 -4.37 1.43
N GLY F 995 -10.07 -5.34 2.16
CA GLY F 995 -10.13 -6.71 1.67
C GLY F 995 -11.40 -6.98 0.90
N ARG F 996 -12.51 -6.38 1.34
CA ARG F 996 -13.76 -6.48 0.61
C ARG F 996 -13.76 -5.59 -0.62
N LEU F 997 -13.05 -4.47 -0.57
CA LEU F 997 -12.94 -3.60 -1.73
C LEU F 997 -12.13 -4.28 -2.83
N GLN F 998 -11.09 -5.02 -2.45
CA GLN F 998 -10.30 -5.77 -3.43
C GLN F 998 -11.04 -6.99 -3.93
N SER F 999 -12.01 -7.50 -3.17
CA SER F 999 -12.82 -8.61 -3.64
C SER F 999 -13.85 -8.15 -4.66
N LEU F 1000 -14.30 -6.89 -4.57
CA LEU F 1000 -15.22 -6.34 -5.55
C LEU F 1000 -14.51 -5.98 -6.85
N GLN F 1001 -13.28 -5.45 -6.76
CA GLN F 1001 -12.55 -5.09 -7.96
C GLN F 1001 -12.21 -6.31 -8.79
N THR F 1002 -11.88 -7.42 -8.15
CA THR F 1002 -11.60 -8.65 -8.86
C THR F 1002 -12.83 -9.16 -9.61
N TYR F 1003 -14.00 -9.00 -9.00
CA TYR F 1003 -15.23 -9.45 -9.64
C TYR F 1003 -15.58 -8.59 -10.85
N VAL F 1004 -15.45 -7.27 -10.71
CA VAL F 1004 -15.81 -6.38 -11.81
C VAL F 1004 -14.83 -6.52 -12.97
N THR F 1005 -13.53 -6.58 -12.67
CA THR F 1005 -12.53 -6.68 -13.74
C THR F 1005 -12.71 -7.94 -14.56
N GLN F 1006 -12.92 -9.07 -13.90
CA GLN F 1006 -13.13 -10.32 -14.63
C GLN F 1006 -14.50 -10.37 -15.28
N GLN F 1007 -15.43 -9.53 -14.83
CA GLN F 1007 -16.74 -9.42 -15.49
C GLN F 1007 -16.63 -8.61 -16.76
N LEU F 1008 -15.80 -7.56 -16.76
CA LEU F 1008 -15.56 -6.79 -17.98
C LEU F 1008 -14.83 -7.63 -19.03
N ILE F 1009 -13.90 -8.47 -18.57
CA ILE F 1009 -13.18 -9.35 -19.49
C ILE F 1009 -14.14 -10.39 -20.08
N ARG F 1010 -15.00 -10.96 -19.24
CA ARG F 1010 -15.91 -12.00 -19.71
C ARG F 1010 -17.02 -11.45 -20.59
N ALA F 1011 -17.48 -10.22 -20.29
CA ALA F 1011 -18.50 -9.60 -21.13
C ALA F 1011 -17.98 -9.24 -22.50
N ALA F 1012 -16.67 -9.18 -22.68
CA ALA F 1012 -16.09 -8.93 -24.00
C ALA F 1012 -16.00 -10.18 -24.85
N GLU F 1013 -15.97 -11.37 -24.23
CA GLU F 1013 -16.11 -12.61 -24.98
C GLU F 1013 -17.53 -12.77 -25.48
N ILE F 1014 -18.51 -12.43 -24.65
CA ILE F 1014 -19.92 -12.56 -25.03
C ILE F 1014 -20.25 -11.63 -26.19
N ARG F 1015 -19.74 -10.40 -26.15
CA ARG F 1015 -20.01 -9.48 -27.24
C ARG F 1015 -19.31 -9.91 -28.52
N ALA F 1016 -18.17 -10.60 -28.41
CA ALA F 1016 -17.54 -11.18 -29.58
C ALA F 1016 -18.41 -12.27 -30.20
N SER F 1017 -19.04 -13.11 -29.37
CA SER F 1017 -19.95 -14.13 -29.85
C SER F 1017 -21.31 -13.56 -30.25
N ALA F 1018 -21.70 -12.42 -29.66
CA ALA F 1018 -22.93 -11.77 -30.07
C ALA F 1018 -22.77 -11.08 -31.41
N ASN F 1019 -21.58 -10.61 -31.74
CA ASN F 1019 -21.31 -10.05 -33.06
C ASN F 1019 -21.16 -11.14 -34.11
N LEU F 1020 -20.72 -12.32 -33.72
CA LEU F 1020 -20.64 -13.44 -34.66
C LEU F 1020 -22.02 -14.02 -34.94
N ALA F 1021 -22.88 -14.08 -33.92
CA ALA F 1021 -24.23 -14.57 -34.13
C ALA F 1021 -25.06 -13.60 -34.94
N ALA F 1022 -24.82 -12.30 -34.79
CA ALA F 1022 -25.52 -11.32 -35.62
C ALA F 1022 -25.05 -11.36 -37.06
N THR F 1023 -23.80 -11.78 -37.29
CA THR F 1023 -23.30 -11.94 -38.65
C THR F 1023 -23.88 -13.19 -39.30
N LYS F 1024 -23.99 -14.29 -38.53
CA LYS F 1024 -24.60 -15.49 -39.09
C LYS F 1024 -26.09 -15.30 -39.33
N MET F 1025 -26.76 -14.54 -38.47
CA MET F 1025 -28.19 -14.35 -38.63
C MET F 1025 -28.51 -13.56 -39.89
N SER F 1026 -27.60 -12.71 -40.34
CA SER F 1026 -27.85 -11.89 -41.52
C SER F 1026 -27.26 -12.47 -42.79
N GLU F 1027 -26.31 -13.38 -42.68
CA GLU F 1027 -25.66 -13.97 -43.85
C GLU F 1027 -26.04 -15.43 -44.09
N CYS F 1028 -26.07 -16.25 -43.05
CA CYS F 1028 -26.57 -17.61 -43.20
C CYS F 1028 -28.09 -17.63 -43.36
N VAL F 1029 -28.80 -16.85 -42.55
CA VAL F 1029 -30.26 -16.91 -42.52
C VAL F 1029 -30.89 -15.98 -43.53
N LEU F 1030 -30.54 -14.69 -43.51
CA LEU F 1030 -31.15 -13.73 -44.43
C LEU F 1030 -30.59 -13.81 -45.85
N GLY F 1031 -29.84 -14.84 -46.15
CA GLY F 1031 -29.31 -15.01 -47.49
C GLY F 1031 -28.66 -16.37 -47.64
N GLN F 1032 -27.87 -16.51 -48.69
CA GLN F 1032 -27.10 -17.72 -48.93
C GLN F 1032 -25.63 -17.35 -48.96
N SER F 1033 -24.82 -18.09 -48.22
CA SER F 1033 -23.41 -17.76 -48.03
C SER F 1033 -22.54 -18.60 -48.94
N LYS F 1034 -21.59 -17.95 -49.60
CA LYS F 1034 -20.57 -18.63 -50.39
C LYS F 1034 -19.30 -18.88 -49.59
N ARG F 1035 -19.22 -18.37 -48.37
CA ARG F 1035 -18.06 -18.58 -47.53
C ARG F 1035 -18.02 -20.03 -47.04
N VAL F 1036 -16.84 -20.63 -47.11
CA VAL F 1036 -16.70 -22.05 -46.80
C VAL F 1036 -16.70 -22.26 -45.29
N ASP F 1037 -17.50 -23.22 -44.83
CA ASP F 1037 -17.58 -23.66 -43.44
C ASP F 1037 -18.08 -22.57 -42.50
N PHE F 1038 -18.56 -21.45 -43.04
CA PHE F 1038 -19.15 -20.42 -42.18
C PHE F 1038 -20.53 -20.86 -41.70
N CYS F 1039 -21.32 -21.47 -42.59
CA CYS F 1039 -22.66 -21.91 -42.25
C CYS F 1039 -22.77 -23.43 -42.41
N GLY F 1040 -21.81 -24.17 -41.89
CA GLY F 1040 -21.86 -25.61 -41.85
C GLY F 1040 -20.91 -26.24 -42.86
N LYS F 1041 -20.73 -27.55 -42.70
CA LYS F 1041 -19.86 -28.33 -43.56
C LYS F 1041 -20.65 -28.82 -44.77
N GLY F 1042 -20.25 -28.38 -45.96
CA GLY F 1042 -20.96 -28.63 -47.19
C GLY F 1042 -21.26 -27.33 -47.88
N TYR F 1043 -22.08 -27.41 -48.92
CA TYR F 1043 -22.51 -26.24 -49.66
C TYR F 1043 -23.80 -25.70 -49.05
N HIS F 1044 -23.74 -24.49 -48.52
CA HIS F 1044 -24.89 -23.89 -47.80
C HIS F 1044 -26.09 -23.68 -48.69
N LEU F 1045 -27.24 -24.12 -48.21
CA LEU F 1045 -28.50 -23.85 -48.88
C LEU F 1045 -29.38 -22.92 -48.06
N MET F 1046 -29.73 -23.30 -46.83
CA MET F 1046 -30.60 -22.53 -45.98
C MET F 1046 -30.06 -22.57 -44.56
N SER F 1047 -30.74 -21.84 -43.66
CA SER F 1047 -30.39 -21.83 -42.26
C SER F 1047 -31.58 -21.28 -41.50
N PHE F 1048 -31.87 -21.86 -40.33
CA PHE F 1048 -33.06 -21.53 -39.57
C PHE F 1048 -32.67 -21.18 -38.14
N PRO F 1049 -33.03 -20.01 -37.63
CA PRO F 1049 -32.70 -19.68 -36.25
C PRO F 1049 -33.65 -20.35 -35.26
N GLN F 1050 -33.10 -20.69 -34.10
CA GLN F 1050 -33.90 -21.19 -32.99
C GLN F 1050 -33.41 -20.51 -31.72
N SER F 1051 -34.34 -20.01 -30.93
CA SER F 1051 -33.98 -19.32 -29.71
C SER F 1051 -33.59 -20.31 -28.63
N ALA F 1052 -32.68 -19.90 -27.77
CA ALA F 1052 -32.20 -20.72 -26.66
C ALA F 1052 -31.97 -19.80 -25.47
N PRO F 1053 -31.91 -20.34 -24.26
CA PRO F 1053 -31.63 -19.49 -23.09
C PRO F 1053 -30.25 -18.89 -23.16
N HIS F 1054 -30.20 -17.56 -23.26
CA HIS F 1054 -28.94 -16.81 -23.34
C HIS F 1054 -28.12 -17.20 -24.57
N GLY F 1055 -28.80 -17.45 -25.68
CA GLY F 1055 -28.09 -17.86 -26.87
C GLY F 1055 -29.03 -18.04 -28.03
N VAL F 1056 -28.46 -18.53 -29.14
CA VAL F 1056 -29.21 -18.79 -30.36
C VAL F 1056 -28.64 -20.04 -30.99
N VAL F 1057 -29.49 -20.81 -31.65
CA VAL F 1057 -29.14 -22.08 -32.27
C VAL F 1057 -29.52 -22.01 -33.74
N PHE F 1058 -28.54 -22.26 -34.61
CA PHE F 1058 -28.76 -22.26 -36.05
C PHE F 1058 -28.82 -23.69 -36.55
N LEU F 1059 -29.72 -23.95 -37.48
CA LEU F 1059 -29.85 -25.27 -38.11
C LEU F 1059 -29.45 -25.09 -39.57
N HIS F 1060 -28.19 -25.41 -39.87
CA HIS F 1060 -27.61 -25.15 -41.17
C HIS F 1060 -27.94 -26.30 -42.12
N VAL F 1061 -28.76 -26.02 -43.13
CA VAL F 1061 -29.07 -27.00 -44.17
C VAL F 1061 -28.02 -26.88 -45.26
N THR F 1062 -27.34 -27.99 -45.56
CA THR F 1062 -26.23 -27.98 -46.48
C THR F 1062 -26.37 -29.13 -47.48
N TYR F 1063 -25.73 -28.95 -48.63
CA TYR F 1063 -25.70 -29.93 -49.71
C TYR F 1063 -24.38 -30.67 -49.65
N VAL F 1064 -24.43 -32.00 -49.55
CA VAL F 1064 -23.24 -32.82 -49.46
C VAL F 1064 -23.25 -33.79 -50.64
N PRO F 1065 -22.23 -33.78 -51.49
CA PRO F 1065 -22.16 -34.74 -52.58
C PRO F 1065 -21.93 -36.16 -52.07
N ALA F 1066 -22.33 -37.14 -52.88
CA ALA F 1066 -22.16 -38.52 -52.48
C ALA F 1066 -22.14 -39.40 -53.72
N GLN F 1067 -21.57 -40.60 -53.57
CA GLN F 1067 -21.54 -41.63 -54.61
C GLN F 1067 -20.85 -41.13 -55.88
N GLU F 1068 -19.56 -40.83 -55.74
CA GLU F 1068 -18.78 -40.37 -56.87
C GLU F 1068 -18.31 -41.56 -57.71
N LYS F 1069 -17.84 -41.24 -58.92
CA LYS F 1069 -17.35 -42.23 -59.86
C LYS F 1069 -16.07 -41.75 -60.50
N ASN F 1070 -15.25 -42.69 -60.96
CA ASN F 1070 -14.01 -42.36 -61.64
C ASN F 1070 -14.29 -42.13 -63.12
N PHE F 1071 -13.79 -41.02 -63.64
CA PHE F 1071 -13.88 -40.71 -65.06
C PHE F 1071 -12.52 -40.25 -65.56
N THR F 1072 -12.34 -40.39 -66.87
CA THR F 1072 -11.16 -39.86 -67.55
C THR F 1072 -11.53 -38.52 -68.18
N THR F 1073 -10.71 -37.52 -67.97
CA THR F 1073 -11.02 -36.15 -68.35
C THR F 1073 -9.99 -35.63 -69.36
N ALA F 1074 -10.26 -34.42 -69.85
CA ALA F 1074 -9.39 -33.75 -70.80
C ALA F 1074 -9.64 -32.25 -70.70
N PRO F 1075 -8.62 -31.42 -70.93
CA PRO F 1075 -8.83 -29.97 -70.84
C PRO F 1075 -9.56 -29.39 -72.03
N ALA F 1076 -9.40 -29.98 -73.22
CA ALA F 1076 -10.00 -29.45 -74.42
C ALA F 1076 -10.23 -30.59 -75.41
N ILE F 1077 -11.09 -30.32 -76.39
CA ILE F 1077 -11.43 -31.29 -77.44
C ILE F 1077 -10.98 -30.70 -78.76
N CYS F 1078 -10.15 -31.43 -79.48
CA CYS F 1078 -9.60 -30.96 -80.75
C CYS F 1078 -10.46 -31.48 -81.88
N HIS F 1079 -11.47 -30.71 -82.26
CA HIS F 1079 -12.27 -31.00 -83.43
C HIS F 1079 -11.85 -30.06 -84.55
N ASP F 1080 -11.74 -30.60 -85.76
CA ASP F 1080 -11.17 -29.89 -86.91
C ASP F 1080 -9.75 -29.50 -86.50
N GLY F 1081 -9.36 -28.24 -86.63
CA GLY F 1081 -8.06 -27.83 -86.15
C GLY F 1081 -8.17 -26.78 -85.05
N LYS F 1082 -9.19 -26.90 -84.22
CA LYS F 1082 -9.48 -25.93 -83.18
C LYS F 1082 -9.60 -26.63 -81.84
N ALA F 1083 -9.41 -25.87 -80.78
CA ALA F 1083 -9.53 -26.37 -79.42
C ALA F 1083 -10.84 -25.88 -78.81
N HIS F 1084 -11.62 -26.81 -78.27
CA HIS F 1084 -12.93 -26.51 -77.70
C HIS F 1084 -12.88 -26.70 -76.20
N PHE F 1085 -13.24 -25.67 -75.47
CA PHE F 1085 -13.28 -25.77 -74.01
C PHE F 1085 -14.72 -25.73 -73.53
N PRO F 1086 -15.04 -26.42 -72.44
CA PRO F 1086 -16.41 -26.37 -71.94
C PRO F 1086 -16.74 -25.01 -71.37
N ARG F 1087 -18.00 -24.60 -71.54
CA ARG F 1087 -18.42 -23.32 -71.02
C ARG F 1087 -18.53 -23.35 -69.51
N GLU F 1088 -19.40 -24.21 -68.99
CA GLU F 1088 -19.66 -24.30 -67.55
C GLU F 1088 -19.71 -25.77 -67.12
N GLY F 1089 -18.74 -26.56 -67.56
CA GLY F 1089 -18.74 -27.95 -67.22
C GLY F 1089 -17.38 -28.58 -67.39
N VAL F 1090 -17.36 -29.90 -67.37
CA VAL F 1090 -16.13 -30.68 -67.54
C VAL F 1090 -16.31 -31.63 -68.71
N PHE F 1091 -15.21 -32.00 -69.34
CA PHE F 1091 -15.21 -33.06 -70.34
C PHE F 1091 -14.93 -34.38 -69.66
N VAL F 1092 -15.70 -35.40 -70.00
CA VAL F 1092 -15.71 -36.67 -69.27
C VAL F 1092 -15.88 -37.81 -70.27
N SER F 1093 -15.19 -38.92 -70.02
CA SER F 1093 -15.26 -40.10 -70.87
C SER F 1093 -15.59 -41.31 -70.01
N ASN F 1094 -16.61 -42.07 -70.41
CA ASN F 1094 -16.92 -43.33 -69.75
C ASN F 1094 -16.25 -44.50 -70.46
N GLY F 1095 -14.96 -44.37 -70.69
CA GLY F 1095 -14.21 -45.39 -71.40
C GLY F 1095 -14.15 -45.20 -72.90
N THR F 1096 -15.29 -44.97 -73.54
CA THR F 1096 -15.35 -44.86 -74.99
C THR F 1096 -15.76 -43.48 -75.48
N HIS F 1097 -16.90 -42.96 -75.01
CA HIS F 1097 -17.46 -41.73 -75.54
C HIS F 1097 -17.20 -40.56 -74.59
N TRP F 1098 -17.08 -39.37 -75.17
CA TRP F 1098 -16.82 -38.16 -74.42
C TRP F 1098 -18.10 -37.35 -74.24
N PHE F 1099 -18.34 -36.89 -73.02
CA PHE F 1099 -19.48 -36.06 -72.69
C PHE F 1099 -19.02 -34.82 -71.96
N VAL F 1100 -19.86 -33.79 -71.96
CA VAL F 1100 -19.65 -32.58 -71.17
C VAL F 1100 -20.69 -32.56 -70.08
N THR F 1101 -20.24 -32.54 -68.82
CA THR F 1101 -21.12 -32.59 -67.67
C THR F 1101 -20.79 -31.45 -66.73
N GLN F 1102 -21.77 -31.08 -65.91
CA GLN F 1102 -21.52 -30.09 -64.87
C GLN F 1102 -20.64 -30.69 -63.78
N ARG F 1103 -19.98 -29.81 -63.05
CA ARG F 1103 -18.91 -30.23 -62.15
C ARG F 1103 -19.41 -30.88 -60.86
N ASN F 1104 -20.55 -30.47 -60.34
CA ASN F 1104 -21.04 -30.91 -59.04
C ASN F 1104 -22.06 -32.03 -59.10
N PHE F 1105 -22.34 -32.56 -60.28
CA PHE F 1105 -23.38 -33.57 -60.42
C PHE F 1105 -23.20 -34.25 -61.76
N TYR F 1106 -23.14 -35.57 -61.76
CA TYR F 1106 -22.94 -36.29 -63.02
C TYR F 1106 -24.22 -36.25 -63.83
N GLU F 1107 -24.23 -35.42 -64.86
CA GLU F 1107 -25.35 -35.32 -65.80
C GLU F 1107 -24.78 -35.11 -67.19
N PRO F 1108 -24.36 -36.18 -67.85
CA PRO F 1108 -23.59 -36.02 -69.09
C PRO F 1108 -24.46 -35.58 -70.26
N GLN F 1109 -23.85 -34.77 -71.12
CA GLN F 1109 -24.51 -34.26 -72.32
C GLN F 1109 -23.58 -34.43 -73.51
N ILE F 1110 -24.17 -34.55 -74.70
CA ILE F 1110 -23.38 -34.63 -75.92
C ILE F 1110 -22.62 -33.33 -76.11
N ILE F 1111 -21.40 -33.42 -76.61
CA ILE F 1111 -20.57 -32.24 -76.85
C ILE F 1111 -21.04 -31.58 -78.13
N THR F 1112 -21.62 -30.40 -78.01
CA THR F 1112 -22.13 -29.62 -79.13
C THR F 1112 -21.39 -28.29 -79.19
N THR F 1113 -21.84 -27.41 -80.08
CA THR F 1113 -21.32 -26.05 -80.13
C THR F 1113 -22.02 -25.10 -79.18
N ASP F 1114 -23.12 -25.53 -78.56
CA ASP F 1114 -23.76 -24.77 -77.49
C ASP F 1114 -23.23 -25.14 -76.11
N ASN F 1115 -22.43 -26.20 -76.01
CA ASN F 1115 -21.78 -26.59 -74.77
C ASN F 1115 -20.36 -26.07 -74.63
N THR F 1116 -19.70 -25.78 -75.74
CA THR F 1116 -18.28 -25.47 -75.75
C THR F 1116 -18.04 -24.16 -76.50
N PHE F 1117 -16.88 -23.56 -76.23
CA PHE F 1117 -16.41 -22.40 -76.98
C PHE F 1117 -15.03 -22.69 -77.55
N VAL F 1118 -14.68 -21.98 -78.61
CA VAL F 1118 -13.46 -22.22 -79.37
C VAL F 1118 -12.46 -21.12 -79.08
N SER F 1119 -11.22 -21.51 -78.82
CA SER F 1119 -10.15 -20.53 -78.58
C SER F 1119 -8.82 -21.18 -78.94
N GLY F 1120 -8.23 -20.76 -80.04
CA GLY F 1120 -6.92 -21.25 -80.43
C GLY F 1120 -6.98 -22.49 -81.30
N ASN F 1121 -5.83 -23.09 -81.47
CA ASN F 1121 -5.69 -24.35 -82.21
C ASN F 1121 -5.18 -25.43 -81.25
N CYS F 1122 -4.91 -26.62 -81.81
CA CYS F 1122 -4.63 -27.79 -81.00
C CYS F 1122 -3.15 -27.97 -80.68
N ASP F 1123 -2.31 -27.00 -81.01
CA ASP F 1123 -0.88 -27.14 -80.84
C ASP F 1123 -0.36 -26.57 -79.54
N VAL F 1124 -1.22 -26.00 -78.69
CA VAL F 1124 -0.79 -25.29 -77.50
C VAL F 1124 -1.27 -25.97 -76.22
N VAL F 1125 -2.52 -26.44 -76.20
CA VAL F 1125 -3.06 -27.06 -74.99
C VAL F 1125 -2.38 -28.41 -74.77
N ILE F 1126 -2.01 -28.67 -73.53
CA ILE F 1126 -1.31 -29.91 -73.16
C ILE F 1126 -2.35 -30.92 -72.68
N GLY F 1127 -2.44 -32.04 -73.38
CA GLY F 1127 -3.44 -33.04 -73.06
C GLY F 1127 -4.72 -32.94 -73.85
N ILE F 1128 -4.72 -32.21 -74.97
CA ILE F 1128 -5.91 -32.03 -75.78
C ILE F 1128 -6.26 -33.33 -76.49
N VAL F 1129 -7.54 -33.64 -76.57
CA VAL F 1129 -8.02 -34.94 -77.00
C VAL F 1129 -8.84 -34.78 -78.27
N ASN F 1130 -8.55 -35.61 -79.27
CA ASN F 1130 -9.35 -35.63 -80.48
C ASN F 1130 -10.74 -36.20 -80.19
N ASN F 1131 -11.75 -35.57 -80.77
CA ASN F 1131 -13.13 -36.02 -80.64
C ASN F 1131 -13.98 -35.25 -81.66
N THR F 1132 -15.25 -35.62 -81.74
CA THR F 1132 -16.19 -35.02 -82.67
C THR F 1132 -17.12 -34.09 -81.90
N VAL F 1133 -17.26 -32.86 -82.38
CA VAL F 1133 -18.14 -31.85 -81.80
C VAL F 1133 -19.24 -31.55 -82.81
N TYR F 1134 -20.49 -31.73 -82.40
CA TYR F 1134 -21.62 -31.63 -83.31
C TYR F 1134 -22.16 -30.21 -83.35
N ASP F 1135 -22.40 -29.71 -84.56
CA ASP F 1135 -23.01 -28.40 -84.75
C ASP F 1135 -24.46 -28.58 -85.19
N PRO F 1136 -25.44 -28.20 -84.37
CA PRO F 1136 -26.84 -28.37 -84.78
C PRO F 1136 -27.22 -27.61 -86.04
N LEU F 1137 -26.59 -26.45 -86.29
CA LEU F 1137 -26.93 -25.69 -87.49
C LEU F 1137 -26.50 -26.43 -88.75
N GLN F 1138 -25.25 -26.92 -88.79
CA GLN F 1138 -24.78 -27.66 -89.95
C GLN F 1138 -25.42 -29.04 -90.05
N LEU F 1139 -25.93 -29.58 -88.93
CA LEU F 1139 -26.65 -30.84 -88.98
C LEU F 1139 -28.05 -30.69 -89.52
N GLU F 1140 -28.69 -29.54 -89.28
CA GLU F 1140 -30.03 -29.31 -89.81
C GLU F 1140 -29.99 -29.07 -91.32
N LEU F 1141 -29.05 -28.26 -91.79
CA LEU F 1141 -28.91 -28.00 -93.21
C LEU F 1141 -28.43 -29.23 -93.95
N CYS G 15 55.22 15.19 19.22
CA CYS G 15 55.43 16.26 18.26
C CYS G 15 56.89 16.31 17.82
N VAL G 16 57.15 15.93 16.58
CA VAL G 16 58.49 15.97 15.99
C VAL G 16 58.45 16.93 14.81
N MET G 17 59.39 17.87 14.78
CA MET G 17 59.46 18.85 13.71
C MET G 17 60.38 18.33 12.60
N PRO G 18 59.90 18.16 11.37
CA PRO G 18 60.70 17.69 10.24
C PRO G 18 61.27 18.84 9.41
N LEU G 22 59.93 21.28 4.34
CA LEU G 22 58.48 21.09 4.26
C LEU G 22 58.08 20.46 2.94
N ILE G 23 56.77 20.28 2.74
CA ILE G 23 56.22 19.71 1.52
C ILE G 23 55.36 20.75 0.83
N THR G 24 55.64 20.99 -0.45
CA THR G 24 54.86 21.92 -1.25
C THR G 24 53.93 21.12 -2.16
N THR G 25 52.62 21.38 -2.05
CA THR G 25 51.60 20.63 -2.76
C THR G 25 50.92 21.54 -3.77
N THR G 26 50.91 21.12 -5.04
CA THR G 26 50.21 21.81 -6.10
C THR G 26 48.91 21.07 -6.41
N GLN G 27 47.87 21.82 -6.75
CA GLN G 27 46.52 21.30 -6.85
C GLN G 27 45.93 21.64 -8.21
N SER G 28 45.95 20.68 -9.12
CA SER G 28 45.36 20.80 -10.45
C SER G 28 44.09 19.95 -10.51
N TYR G 29 43.50 19.87 -11.71
CA TYR G 29 42.29 19.09 -11.93
C TYR G 29 42.47 18.18 -13.13
N THR G 30 41.77 17.04 -13.12
CA THR G 30 41.80 16.09 -14.26
C THR G 30 40.41 15.48 -14.42
N ASN G 31 40.26 14.50 -15.31
CA ASN G 31 38.92 13.91 -15.59
C ASN G 31 38.91 12.43 -15.21
N SER G 32 37.95 12.00 -14.39
CA SER G 32 37.91 10.59 -13.92
C SER G 32 37.86 9.61 -15.10
N PHE G 33 37.05 9.91 -16.13
CA PHE G 33 36.86 8.96 -17.25
C PHE G 33 36.05 7.79 -16.72
N THR G 34 36.29 6.58 -17.20
CA THR G 34 35.61 5.39 -16.65
C THR G 34 36.48 4.79 -15.57
N ARG G 35 36.57 5.44 -14.40
CA ARG G 35 37.45 4.96 -13.30
C ARG G 35 36.68 4.97 -11.98
N GLY G 36 37.01 4.09 -11.04
CA GLY G 36 36.34 4.07 -9.76
C GLY G 36 35.20 3.10 -9.62
N VAL G 37 35.00 2.18 -10.57
CA VAL G 37 33.94 1.19 -10.47
C VAL G 37 34.43 0.05 -9.58
N TYR G 38 33.64 -0.30 -8.58
CA TYR G 38 34.01 -1.37 -7.67
C TYR G 38 32.90 -2.43 -7.65
N TYR G 39 33.12 -3.47 -6.86
CA TYR G 39 32.12 -4.51 -6.69
C TYR G 39 31.17 -4.12 -5.56
N PRO G 40 29.90 -3.84 -5.84
CA PRO G 40 28.99 -3.41 -4.77
C PRO G 40 28.78 -4.46 -3.69
N ASP G 41 28.84 -5.74 -4.03
CA ASP G 41 28.58 -6.79 -3.06
C ASP G 41 29.51 -7.96 -3.34
N LYS G 42 29.21 -9.09 -2.70
CA LYS G 42 30.04 -10.30 -2.79
C LYS G 42 29.08 -11.37 -3.30
N VAL G 43 28.60 -11.15 -4.51
CA VAL G 43 27.66 -12.05 -5.18
C VAL G 43 28.21 -12.37 -6.56
N PHE G 44 28.26 -13.65 -6.90
CA PHE G 44 28.73 -14.07 -8.22
C PHE G 44 27.60 -13.98 -9.23
N ARG G 45 27.85 -13.30 -10.33
CA ARG G 45 26.89 -13.22 -11.43
C ARG G 45 27.62 -13.51 -12.73
N SER G 46 27.03 -14.34 -13.57
CA SER G 46 27.68 -14.84 -14.77
C SER G 46 26.88 -14.40 -16.00
N SER G 47 27.54 -13.63 -16.87
CA SER G 47 26.96 -13.24 -18.16
C SER G 47 25.62 -12.53 -17.99
N VAL G 48 25.54 -11.63 -17.01
CA VAL G 48 24.34 -10.83 -16.80
C VAL G 48 24.74 -9.36 -16.78
N LEU G 49 23.73 -8.52 -16.98
CA LEU G 49 23.87 -7.06 -16.86
C LEU G 49 23.06 -6.62 -15.65
N HIS G 50 23.71 -6.00 -14.69
CA HIS G 50 23.12 -5.69 -13.40
C HIS G 50 22.97 -4.19 -13.24
N LEU G 51 21.78 -3.75 -12.83
CA LEU G 51 21.48 -2.34 -12.61
C LEU G 51 21.52 -2.09 -11.11
N THR G 52 22.59 -1.46 -10.65
CA THR G 52 22.82 -1.22 -9.22
C THR G 52 22.80 0.27 -8.94
N GLN G 53 22.11 0.66 -7.86
CA GLN G 53 22.09 2.03 -7.38
C GLN G 53 22.91 2.08 -6.08
N ASP G 54 24.03 2.78 -6.13
CA ASP G 54 24.96 2.79 -5.00
C ASP G 54 25.77 4.09 -5.08
N LEU G 55 26.81 4.18 -4.24
CA LEU G 55 27.69 5.34 -4.22
C LEU G 55 28.86 5.05 -5.17
N PHE G 56 28.81 5.62 -6.37
CA PHE G 56 29.85 5.41 -7.37
C PHE G 56 30.50 6.74 -7.72
N LEU G 57 31.66 6.65 -8.33
CA LEU G 57 32.33 7.83 -8.85
C LEU G 57 31.79 8.14 -10.24
N PRO G 58 31.11 9.27 -10.45
CA PRO G 58 30.47 9.53 -11.74
C PRO G 58 31.47 9.55 -12.87
N PHE G 59 31.04 9.06 -14.02
CA PHE G 59 31.90 9.03 -15.21
C PHE G 59 32.20 10.46 -15.67
N PHE G 60 33.42 10.66 -16.15
CA PHE G 60 33.86 11.94 -16.71
C PHE G 60 33.57 13.09 -15.74
N SER G 61 34.06 12.93 -14.51
CA SER G 61 33.90 13.94 -13.47
C SER G 61 35.24 14.61 -13.20
N ASN G 62 35.25 15.51 -12.22
CA ASN G 62 36.43 16.27 -11.87
C ASN G 62 37.08 15.65 -10.63
N VAL G 63 38.29 15.13 -10.80
CA VAL G 63 39.06 14.54 -9.72
C VAL G 63 40.26 15.45 -9.47
N THR G 64 40.30 16.05 -8.28
CA THR G 64 41.39 16.96 -7.94
C THR G 64 42.72 16.21 -7.96
N TRP G 65 43.74 16.83 -8.55
CA TRP G 65 45.07 16.25 -8.63
C TRP G 65 45.99 17.00 -7.69
N PHE G 66 46.53 16.28 -6.71
CA PHE G 66 47.48 16.83 -5.76
C PHE G 66 48.89 16.36 -6.11
N HIS G 67 49.87 17.25 -5.93
CA HIS G 67 51.27 16.94 -6.22
C HIS G 67 52.12 17.58 -5.13
N ALA G 68 52.40 16.81 -4.09
CA ALA G 68 53.24 17.28 -2.99
C ALA G 68 54.70 17.02 -3.30
N ILE G 69 55.52 18.06 -3.18
CA ILE G 69 56.94 17.99 -3.50
C ILE G 69 57.74 18.29 -2.24
N SER G 70 58.68 17.40 -1.91
CA SER G 70 59.53 17.57 -0.74
C SER G 70 60.80 16.73 -0.86
N PRO G 81 47.11 18.55 3.71
CA PRO G 81 45.79 19.05 3.25
C PRO G 81 44.67 18.18 3.82
N VAL G 82 44.02 18.61 4.92
CA VAL G 82 42.85 17.83 5.38
C VAL G 82 41.81 17.96 4.28
N LEU G 83 41.14 16.87 3.88
CA LEU G 83 40.18 16.92 2.74
C LEU G 83 38.87 16.32 3.24
N PRO G 84 37.68 16.82 2.91
CA PRO G 84 36.43 16.23 3.47
C PRO G 84 36.25 14.81 2.95
N PHE G 85 35.90 13.85 3.79
CA PHE G 85 35.59 12.49 3.29
C PHE G 85 34.37 12.57 2.46
N ASN G 86 33.38 13.30 2.94
CA ASN G 86 32.07 13.34 2.24
C ASN G 86 31.48 11.92 2.28
N ASP G 87 30.70 11.52 1.27
CA ASP G 87 30.10 10.15 1.19
C ASP G 87 31.13 9.03 1.06
N GLY G 88 32.13 9.23 0.22
CA GLY G 88 33.14 8.20 -0.02
C GLY G 88 34.29 8.93 -0.62
N VAL G 89 35.42 8.30 -0.75
CA VAL G 89 36.49 8.97 -1.47
C VAL G 89 37.10 7.93 -2.39
N TYR G 90 37.61 8.32 -3.53
CA TYR G 90 38.37 7.38 -4.35
C TYR G 90 39.70 7.99 -4.36
N PHE G 91 40.76 7.28 -4.05
CA PHE G 91 42.12 7.82 -4.14
C PHE G 91 42.89 6.97 -5.06
N ALA G 92 43.85 7.51 -5.76
CA ALA G 92 44.73 6.82 -6.68
C ALA G 92 46.09 7.51 -6.69
N SER G 93 47.14 6.71 -6.85
CA SER G 93 48.49 7.24 -6.81
C SER G 93 49.38 6.44 -7.75
N THR G 94 50.47 7.06 -8.18
CA THR G 94 51.46 6.33 -9.03
C THR G 94 52.82 6.83 -8.60
N GLU G 95 52.98 7.13 -7.31
CA GLU G 95 54.24 7.69 -6.77
C GLU G 95 55.41 6.75 -7.04
N LYS G 96 56.51 7.27 -7.56
CA LYS G 96 57.73 6.44 -7.78
C LYS G 96 58.27 5.99 -6.43
N SER G 97 58.74 4.74 -6.35
CA SER G 97 59.33 4.22 -5.08
C SER G 97 58.32 4.31 -3.94
N ASN G 98 58.75 4.85 -2.79
CA ASN G 98 57.86 4.93 -1.61
C ASN G 98 57.69 6.39 -1.20
N ILE G 99 56.45 6.82 -0.95
CA ILE G 99 56.21 8.20 -0.45
C ILE G 99 54.90 8.19 0.33
N ILE G 100 53.81 7.61 -0.19
CA ILE G 100 52.46 7.68 0.48
C ILE G 100 52.21 6.43 1.36
N ARG G 101 52.43 6.53 2.68
CA ARG G 101 52.29 5.35 3.57
C ARG G 101 50.90 5.11 4.18
N GLY G 102 49.94 6.03 4.10
CA GLY G 102 48.67 5.77 4.80
C GLY G 102 47.80 6.99 4.98
N TRP G 103 46.64 6.85 5.63
CA TRP G 103 45.68 7.93 5.74
C TRP G 103 45.21 8.06 7.18
N ILE G 104 44.57 9.18 7.47
CA ILE G 104 43.98 9.42 8.79
C ILE G 104 42.55 9.89 8.58
N PHE G 105 41.61 9.21 9.23
CA PHE G 105 40.19 9.52 9.09
C PHE G 105 39.62 9.88 10.45
N GLY G 106 38.77 10.90 10.48
CA GLY G 106 38.14 11.29 11.72
C GLY G 106 37.34 12.57 11.54
N THR G 107 36.84 13.08 12.65
CA THR G 107 36.06 14.31 12.67
C THR G 107 36.83 15.49 13.23
N THR G 108 37.39 15.36 14.43
CA THR G 108 38.16 16.43 15.04
C THR G 108 39.66 16.26 14.88
N LEU G 109 40.12 15.05 14.51
CA LEU G 109 41.54 14.76 14.29
C LEU G 109 42.37 15.04 15.53
N ASP G 110 41.76 14.92 16.71
CA ASP G 110 42.45 15.14 17.97
C ASP G 110 41.96 14.13 18.99
N SER G 111 42.48 14.23 20.22
CA SER G 111 42.13 13.30 21.28
C SER G 111 40.68 13.43 21.74
N LYS G 112 39.99 14.52 21.37
CA LYS G 112 38.63 14.73 21.84
C LYS G 112 37.64 13.75 21.21
N THR G 113 38.02 13.07 20.13
CA THR G 113 37.12 12.13 19.48
C THR G 113 37.93 10.97 18.92
N GLN G 114 37.27 9.83 18.77
CA GLN G 114 37.92 8.66 18.20
C GLN G 114 38.26 8.88 16.74
N SER G 115 39.43 8.42 16.34
CA SER G 115 39.92 8.59 14.97
C SER G 115 40.49 7.28 14.46
N LEU G 116 40.54 7.16 13.15
CA LEU G 116 41.05 5.97 12.48
C LEU G 116 42.40 6.28 11.85
N LEU G 117 43.37 5.41 12.07
CA LEU G 117 44.71 5.58 11.54
C LEU G 117 45.10 4.34 10.76
N ILE G 118 45.52 4.52 9.52
CA ILE G 118 46.04 3.45 8.68
C ILE G 118 47.48 3.79 8.33
N VAL G 119 48.39 2.86 8.57
CA VAL G 119 49.79 3.02 8.20
C VAL G 119 50.25 1.73 7.56
N ASN G 120 50.76 1.82 6.33
CA ASN G 120 51.21 0.64 5.60
C ASN G 120 52.71 0.48 5.76
N ASN G 121 53.12 -0.64 6.36
CA ASN G 121 54.51 -0.95 6.60
C ASN G 121 55.18 -1.42 5.31
N ALA G 122 56.45 -1.81 5.43
CA ALA G 122 57.12 -2.47 4.32
C ALA G 122 56.80 -3.95 4.25
N THR G 123 56.22 -4.53 5.32
CA THR G 123 55.89 -5.94 5.32
C THR G 123 54.53 -6.22 5.97
N ASN G 124 53.75 -5.20 6.29
CA ASN G 124 52.44 -5.39 6.90
C ASN G 124 51.62 -4.12 6.69
N VAL G 125 50.41 -4.11 7.26
CA VAL G 125 49.52 -2.96 7.22
C VAL G 125 48.89 -2.82 8.60
N PHE G 126 49.31 -1.84 9.36
CA PHE G 126 48.87 -1.66 10.74
C PHE G 126 47.71 -0.67 10.78
N ILE G 127 46.56 -1.14 11.25
CA ILE G 127 45.37 -0.31 11.41
C ILE G 127 45.07 -0.21 12.89
N LYS G 128 44.92 1.02 13.37
CA LYS G 128 44.65 1.28 14.78
C LYS G 128 43.56 2.32 14.90
N VAL G 129 42.67 2.15 15.87
CA VAL G 129 41.62 3.12 16.14
C VAL G 129 41.79 3.53 17.60
N CYS G 130 42.55 4.59 17.83
CA CYS G 130 42.78 5.17 19.15
C CYS G 130 42.44 6.65 19.09
N GLU G 131 42.46 7.31 20.24
CA GLU G 131 42.24 8.75 20.30
C GLU G 131 43.59 9.47 20.13
N PHE G 132 44.03 9.52 18.88
CA PHE G 132 45.34 10.09 18.56
C PHE G 132 45.28 11.61 18.69
N GLN G 133 46.26 12.18 19.41
CA GLN G 133 46.45 13.63 19.40
C GLN G 133 47.50 14.04 18.37
N PHE G 134 47.10 13.94 17.10
CA PHE G 134 48.03 14.10 15.99
C PHE G 134 48.73 15.45 16.10
N CYS G 135 50.06 15.46 16.04
CA CYS G 135 50.77 16.73 16.15
C CYS G 135 50.54 17.60 14.92
N ASN G 136 50.85 18.89 15.04
CA ASN G 136 50.89 19.75 13.86
C ASN G 136 51.65 19.17 12.68
N ASP G 137 51.01 19.15 11.51
CA ASP G 137 51.58 18.49 10.34
C ASP G 137 51.91 17.02 10.61
N PRO G 138 50.92 16.15 10.76
CA PRO G 138 51.24 14.74 11.01
C PRO G 138 52.03 14.15 9.85
N PHE G 139 52.98 13.28 10.17
CA PHE G 139 53.81 12.63 9.18
C PHE G 139 54.47 11.41 9.80
N LEU G 140 55.00 10.55 8.94
CA LEU G 140 55.74 9.37 9.36
C LEU G 140 57.22 9.60 9.11
N ASP G 141 58.05 9.34 10.12
CA ASP G 141 59.48 9.56 10.05
C ASP G 141 60.20 8.21 9.94
N VAL G 142 61.07 8.09 8.94
CA VAL G 142 61.85 6.88 8.71
C VAL G 142 63.32 7.24 8.75
N TYR G 143 64.09 6.51 9.55
CA TYR G 143 65.52 6.77 9.69
C TYR G 143 66.31 6.00 8.65
N GLU G 152 64.79 2.04 9.82
CA GLU G 152 63.76 2.00 10.84
C GLU G 152 62.80 3.18 10.72
N SER G 153 61.61 3.03 11.29
CA SER G 153 60.58 4.06 11.25
C SER G 153 60.14 4.39 12.67
N GLU G 154 59.61 5.60 12.82
CA GLU G 154 59.15 6.09 14.11
C GLU G 154 57.78 6.72 13.96
N SER G 155 56.99 6.67 15.05
CA SER G 155 55.64 7.21 15.04
C SER G 155 55.69 8.66 15.49
N GLY G 156 55.87 9.56 14.54
CA GLY G 156 55.86 10.99 14.78
C GLY G 156 54.57 11.69 14.41
N VAL G 157 53.60 10.96 13.86
CA VAL G 157 52.32 11.58 13.50
C VAL G 157 51.57 12.00 14.76
N TYR G 158 51.51 11.13 15.75
CA TYR G 158 50.76 11.38 16.98
C TYR G 158 51.72 11.34 18.17
N SER G 159 51.45 12.20 19.14
CA SER G 159 52.20 12.21 20.38
C SER G 159 51.62 11.26 21.42
N SER G 160 50.29 11.27 21.58
CA SER G 160 49.62 10.43 22.56
C SER G 160 48.40 9.78 21.93
N ALA G 161 48.10 8.56 22.38
CA ALA G 161 46.93 7.82 21.95
C ALA G 161 46.23 7.25 23.17
N ASN G 162 44.92 7.04 23.05
CA ASN G 162 44.15 6.60 24.21
C ASN G 162 42.87 5.88 23.77
N ASN G 163 42.54 4.83 24.53
CA ASN G 163 41.26 4.13 24.54
C ASN G 163 41.15 3.11 23.42
N CYS G 164 41.91 3.29 22.33
CA CYS G 164 42.37 2.24 21.43
C CYS G 164 41.32 1.16 21.18
N THR G 165 40.09 1.57 20.87
CA THR G 165 38.98 0.61 20.84
C THR G 165 39.18 -0.54 19.86
N PHE G 166 39.94 -0.33 18.79
CA PHE G 166 40.07 -1.33 17.73
C PHE G 166 41.51 -1.38 17.25
N GLU G 167 41.91 -2.54 16.73
CA GLU G 167 43.18 -2.68 16.05
C GLU G 167 43.08 -3.82 15.04
N TYR G 168 43.97 -3.79 14.06
CA TYR G 168 43.92 -4.75 12.95
C TYR G 168 45.28 -4.77 12.27
N VAL G 169 45.79 -5.96 11.99
CA VAL G 169 47.07 -6.12 11.31
C VAL G 169 46.91 -7.21 10.25
N SER G 170 47.38 -6.93 9.03
CA SER G 170 47.25 -7.88 7.94
C SER G 170 48.40 -7.65 6.96
N GLN G 171 48.25 -8.20 5.75
CA GLN G 171 49.23 -7.99 4.70
C GLN G 171 49.16 -6.54 4.21
N PRO G 172 50.22 -6.05 3.57
CA PRO G 172 50.21 -4.66 3.10
C PRO G 172 49.12 -4.41 2.07
N PHE G 173 48.54 -3.22 2.11
CA PHE G 173 47.59 -2.79 1.10
C PHE G 173 48.26 -2.33 -0.19
N LEU G 174 49.56 -2.20 -0.17
CA LEU G 174 50.32 -1.69 -1.33
C LEU G 174 51.38 -2.74 -1.66
N ASN G 186 52.29 1.14 -12.16
CA ASN G 186 52.03 0.82 -10.76
C ASN G 186 50.98 1.76 -10.15
N LEU G 187 49.81 1.80 -10.77
CA LEU G 187 48.72 2.63 -10.27
C LEU G 187 47.96 1.89 -9.18
N ARG G 188 47.84 2.51 -8.02
CA ARG G 188 47.16 1.92 -6.87
C ARG G 188 45.93 2.75 -6.55
N GLU G 189 44.75 2.17 -6.77
CA GLU G 189 43.49 2.88 -6.62
C GLU G 189 42.70 2.30 -5.45
N PHE G 190 42.14 3.18 -4.63
CA PHE G 190 41.39 2.79 -3.45
C PHE G 190 40.05 3.49 -3.43
N VAL G 191 39.07 2.84 -2.82
CA VAL G 191 37.78 3.44 -2.50
C VAL G 191 37.55 3.26 -1.02
N PHE G 192 37.32 4.36 -0.30
CA PHE G 192 37.05 4.32 1.12
C PHE G 192 35.60 4.72 1.35
N LYS G 193 34.84 3.86 2.02
CA LYS G 193 33.41 4.17 2.18
C LYS G 193 32.97 3.69 3.56
N ASN G 194 32.27 4.53 4.33
CA ASN G 194 31.76 4.03 5.62
C ASN G 194 30.24 3.87 5.49
N ILE G 195 29.73 2.65 5.62
CA ILE G 195 28.25 2.44 5.62
C ILE G 195 27.88 1.63 6.87
N ASP G 196 26.91 2.10 7.65
CA ASP G 196 26.42 1.32 8.82
C ASP G 196 27.59 0.98 9.73
N GLY G 197 28.52 1.91 9.93
CA GLY G 197 29.65 1.68 10.86
C GLY G 197 30.68 0.72 10.30
N TYR G 198 30.54 0.27 9.05
CA TYR G 198 31.61 -0.56 8.51
C TYR G 198 32.43 0.29 7.56
N PHE G 199 33.73 0.38 7.82
CA PHE G 199 34.66 1.10 6.96
C PHE G 199 35.15 0.13 5.89
N LYS G 200 34.63 0.26 4.69
CA LYS G 200 34.91 -0.67 3.61
C LYS G 200 35.98 -0.09 2.70
N ILE G 201 36.97 -0.90 2.36
CA ILE G 201 38.08 -0.49 1.50
C ILE G 201 38.10 -1.41 0.29
N TYR G 202 38.13 -0.82 -0.90
CA TYR G 202 38.30 -1.54 -2.15
C TYR G 202 39.62 -1.12 -2.76
N SER G 203 40.27 -2.03 -3.47
CA SER G 203 41.60 -1.74 -3.98
C SER G 203 41.85 -2.49 -5.27
N LYS G 204 42.78 -1.95 -6.06
CA LYS G 204 43.19 -2.56 -7.32
C LYS G 204 44.54 -1.97 -7.70
N HIS G 205 45.37 -2.80 -8.33
CA HIS G 205 46.71 -2.38 -8.77
C HIS G 205 46.86 -2.66 -10.25
N THR G 206 47.18 -1.64 -11.02
CA THR G 206 47.35 -1.74 -12.46
C THR G 206 48.79 -1.41 -12.83
N PRO G 207 49.47 -2.22 -13.67
CA PRO G 207 50.78 -1.83 -14.18
C PRO G 207 50.61 -0.71 -15.23
N ILE G 208 51.38 0.37 -15.15
CA ILE G 208 51.31 1.54 -16.07
C ILE G 208 50.09 2.40 -15.71
N PHE G 213 45.33 10.11 -15.34
CA PHE G 213 44.42 8.98 -15.29
C PHE G 213 44.52 8.14 -16.57
N PRO G 214 45.05 6.93 -16.44
CA PRO G 214 45.14 6.03 -17.60
C PRO G 214 43.76 5.69 -18.14
N GLN G 215 43.67 5.57 -19.46
CA GLN G 215 42.45 5.12 -20.09
C GLN G 215 42.27 3.62 -19.89
N GLY G 216 41.02 3.18 -19.87
CA GLY G 216 40.68 1.79 -19.71
C GLY G 216 39.69 1.58 -18.59
N PHE G 217 39.34 0.31 -18.37
CA PHE G 217 38.37 -0.07 -17.35
C PHE G 217 38.96 -1.16 -16.47
N SER G 218 38.94 -0.94 -15.17
CA SER G 218 39.35 -1.95 -14.20
C SER G 218 38.53 -1.77 -12.94
N ALA G 219 37.92 -2.85 -12.47
CA ALA G 219 37.05 -2.81 -11.31
C ALA G 219 37.85 -3.08 -10.04
N LEU G 220 37.35 -2.53 -8.93
CA LEU G 220 38.02 -2.61 -7.64
C LEU G 220 37.33 -3.64 -6.77
N GLU G 221 38.09 -4.60 -6.26
CA GLU G 221 37.61 -5.73 -5.47
C GLU G 221 37.76 -5.44 -3.99
N PRO G 222 36.78 -5.80 -3.17
CA PRO G 222 36.82 -5.44 -1.75
C PRO G 222 38.03 -6.01 -1.04
N LEU G 223 38.54 -5.25 -0.08
CA LEU G 223 39.78 -5.59 0.61
C LEU G 223 39.57 -5.89 2.08
N VAL G 224 39.01 -4.97 2.85
CA VAL G 224 38.82 -5.18 4.28
C VAL G 224 37.61 -4.38 4.74
N ASP G 225 36.66 -5.06 5.39
CA ASP G 225 35.49 -4.41 5.97
C ASP G 225 35.68 -4.34 7.48
N LEU G 226 36.07 -3.17 7.98
CA LEU G 226 36.38 -3.01 9.39
C LEU G 226 35.15 -2.53 10.15
N PRO G 227 34.87 -3.12 11.32
CA PRO G 227 33.74 -2.70 12.15
C PRO G 227 34.08 -1.55 13.09
N ILE G 228 34.66 -0.48 12.53
CA ILE G 228 35.07 0.66 13.36
C ILE G 228 33.86 1.32 14.00
N GLY G 229 32.81 1.56 13.22
CA GLY G 229 31.61 2.19 13.74
C GLY G 229 31.81 3.60 14.23
N ILE G 230 32.75 4.34 13.64
CA ILE G 230 33.03 5.71 14.05
C ILE G 230 32.60 6.66 12.94
N ASN G 231 32.47 7.93 13.31
CA ASN G 231 32.14 8.96 12.33
C ASN G 231 33.40 9.34 11.56
N ILE G 232 33.27 9.40 10.23
CA ILE G 232 34.35 9.84 9.36
C ILE G 232 33.85 11.05 8.59
N THR G 233 34.47 12.21 8.81
CA THR G 233 34.10 13.44 8.14
C THR G 233 35.27 14.21 7.57
N ARG G 234 36.50 13.90 7.97
CA ARG G 234 37.68 14.51 7.38
C ARG G 234 38.72 13.42 7.15
N PHE G 235 39.58 13.65 6.17
CA PHE G 235 40.55 12.64 5.76
C PHE G 235 41.81 13.35 5.30
N GLN G 236 42.97 12.72 5.53
CA GLN G 236 44.26 13.37 5.17
C GLN G 236 45.35 12.33 4.94
N THR G 237 46.02 12.38 3.79
CA THR G 237 47.09 11.41 3.48
C THR G 237 48.27 11.62 4.39
N LEU G 238 48.98 10.55 4.77
CA LEU G 238 50.20 10.65 5.63
C LEU G 238 51.39 10.11 4.82
N LEU G 239 52.51 10.84 4.78
CA LEU G 239 53.64 10.42 3.91
C LEU G 239 54.90 10.03 4.73
N ALA G 240 55.91 9.48 4.07
CA ALA G 240 57.13 9.02 4.73
C ALA G 240 58.30 9.90 4.29
N LEU G 241 58.92 10.58 5.26
CA LEU G 241 60.07 11.46 4.99
C LEU G 241 61.33 10.69 5.33
N ASN G 242 61.97 10.12 4.30
CA ASN G 242 63.20 9.36 4.49
C ASN G 242 64.35 10.32 4.76
N ARG G 243 64.99 10.18 5.92
CA ARG G 243 66.09 11.06 6.28
C ARG G 243 67.32 10.82 5.40
N SER G 244 67.50 9.59 4.93
CA SER G 244 68.65 9.25 4.09
C SER G 244 68.57 9.94 2.74
N ALA G 259 58.72 13.46 -4.73
CA ALA G 259 57.41 14.10 -4.97
C ALA G 259 56.31 13.04 -5.04
N ALA G 260 55.13 13.35 -4.51
CA ALA G 260 54.00 12.39 -4.53
C ALA G 260 52.84 12.98 -5.36
N ASP G 261 52.33 12.19 -6.30
CA ASP G 261 51.19 12.66 -7.15
C ASP G 261 49.99 11.72 -6.92
N TYR G 262 48.92 12.22 -6.33
CA TYR G 262 47.75 11.40 -6.07
C TYR G 262 46.48 12.16 -6.39
N TYR G 263 45.48 11.43 -6.90
CA TYR G 263 44.20 12.00 -7.30
C TYR G 263 43.13 11.63 -6.29
N VAL G 264 42.22 12.56 -6.02
CA VAL G 264 41.15 12.35 -5.05
C VAL G 264 39.83 12.70 -5.70
N GLY G 265 38.93 11.72 -5.79
CA GLY G 265 37.57 11.93 -6.22
C GLY G 265 36.60 11.87 -5.04
N TYR G 266 35.32 11.82 -5.39
CA TYR G 266 34.28 11.69 -4.38
C TYR G 266 33.14 10.87 -4.96
N LEU G 267 32.56 10.03 -4.12
CA LEU G 267 31.47 9.16 -4.54
C LEU G 267 30.13 9.87 -4.34
N GLN G 268 29.20 9.64 -5.25
CA GLN G 268 27.86 10.18 -5.19
C GLN G 268 26.87 9.07 -5.47
N PRO G 269 25.64 9.17 -4.97
CA PRO G 269 24.64 8.15 -5.29
C PRO G 269 24.25 8.16 -6.76
N ARG G 270 24.67 7.14 -7.50
CA ARG G 270 24.47 7.06 -8.93
C ARG G 270 23.99 5.66 -9.30
N THR G 271 23.49 5.53 -10.52
CA THR G 271 23.01 4.25 -11.05
C THR G 271 23.90 3.83 -12.20
N PHE G 272 24.49 2.64 -12.10
CA PHE G 272 25.38 2.10 -13.10
C PHE G 272 24.80 0.78 -13.61
N LEU G 273 25.08 0.47 -14.87
CA LEU G 273 24.69 -0.80 -15.47
C LEU G 273 25.93 -1.66 -15.61
N LEU G 274 26.23 -2.44 -14.58
CA LEU G 274 27.43 -3.25 -14.55
C LEU G 274 27.25 -4.49 -15.42
N LYS G 275 28.33 -4.87 -16.11
CA LYS G 275 28.33 -6.01 -17.01
C LYS G 275 29.28 -7.07 -16.48
N TYR G 276 28.75 -8.25 -16.19
CA TYR G 276 29.53 -9.36 -15.69
C TYR G 276 29.78 -10.35 -16.84
N ASN G 277 31.03 -10.79 -16.97
CA ASN G 277 31.36 -11.77 -18.00
C ASN G 277 31.06 -13.17 -17.47
N GLU G 278 31.54 -14.19 -18.19
CA GLU G 278 31.24 -15.57 -17.82
C GLU G 278 31.83 -15.96 -16.47
N ASN G 279 32.91 -15.30 -16.05
CA ASN G 279 33.61 -15.66 -14.83
C ASN G 279 33.29 -14.72 -13.67
N GLY G 280 32.29 -13.86 -13.80
CA GLY G 280 31.85 -13.03 -12.71
C GLY G 280 32.60 -11.74 -12.50
N THR G 281 33.46 -11.34 -13.45
CA THR G 281 34.17 -10.07 -13.34
C THR G 281 33.41 -8.99 -14.09
N ILE G 282 33.45 -7.78 -13.55
CA ILE G 282 32.80 -6.63 -14.18
C ILE G 282 33.67 -6.20 -15.36
N THR G 283 33.13 -6.35 -16.57
CA THR G 283 33.90 -6.02 -17.77
C THR G 283 33.66 -4.62 -18.28
N ASP G 284 32.49 -4.04 -18.02
CA ASP G 284 32.17 -2.69 -18.47
C ASP G 284 31.09 -2.11 -17.56
N ALA G 285 30.70 -0.87 -17.84
CA ALA G 285 29.66 -0.19 -17.07
C ALA G 285 29.13 0.97 -17.91
N VAL G 286 27.89 1.36 -17.62
CA VAL G 286 27.24 2.49 -18.28
C VAL G 286 26.64 3.37 -17.21
N ASP G 287 27.12 4.62 -17.12
CA ASP G 287 26.59 5.57 -16.14
C ASP G 287 25.25 6.10 -16.63
N CYS G 288 24.19 5.79 -15.90
CA CYS G 288 22.82 6.02 -16.39
C CYS G 288 22.38 7.48 -16.31
N ALA G 289 23.29 8.41 -16.01
CA ALA G 289 22.93 9.82 -16.01
C ALA G 289 24.03 10.67 -16.63
N LEU G 290 24.80 10.09 -17.55
CA LEU G 290 25.88 10.82 -18.21
C LEU G 290 25.37 11.56 -19.44
N ASP G 291 24.79 10.84 -20.39
CA ASP G 291 24.29 11.43 -21.62
C ASP G 291 22.98 10.74 -21.98
N PRO G 292 22.20 11.26 -22.93
CA PRO G 292 20.93 10.61 -23.27
C PRO G 292 21.08 9.17 -23.75
N LEU G 293 22.17 8.83 -24.43
CA LEU G 293 22.32 7.47 -24.94
C LEU G 293 22.47 6.47 -23.79
N SER G 294 23.18 6.85 -22.74
CA SER G 294 23.36 5.94 -21.60
C SER G 294 22.04 5.66 -20.89
N GLU G 295 21.20 6.69 -20.72
CA GLU G 295 19.90 6.47 -20.11
C GLU G 295 19.03 5.55 -20.93
N THR G 296 19.17 5.58 -22.26
CA THR G 296 18.47 4.63 -23.10
C THR G 296 18.94 3.20 -22.85
N LYS G 297 20.25 3.01 -22.67
CA LYS G 297 20.79 1.69 -22.43
C LYS G 297 20.31 1.12 -21.09
N CYS G 298 20.26 1.96 -20.05
CA CYS G 298 19.82 1.48 -18.75
C CYS G 298 18.33 1.19 -18.72
N THR G 299 17.55 1.90 -19.54
CA THR G 299 16.13 1.58 -19.66
C THR G 299 15.92 0.20 -20.27
N LEU G 300 16.67 -0.11 -21.32
CA LEU G 300 16.59 -1.42 -21.96
C LEU G 300 17.43 -2.47 -21.26
N LYS G 301 18.30 -2.07 -20.33
CA LYS G 301 19.23 -2.96 -19.64
C LYS G 301 20.08 -3.75 -20.64
N SER G 302 20.60 -3.02 -21.64
CA SER G 302 21.45 -3.62 -22.66
C SER G 302 22.49 -2.61 -23.10
N PHE G 303 23.63 -3.10 -23.54
CA PHE G 303 24.69 -2.26 -24.08
C PHE G 303 24.53 -2.00 -25.57
N THR G 304 23.57 -2.64 -26.22
CA THR G 304 23.29 -2.44 -27.64
C THR G 304 21.87 -1.91 -27.77
N VAL G 305 21.72 -0.83 -28.53
CA VAL G 305 20.43 -0.18 -28.73
C VAL G 305 20.05 -0.31 -30.19
N GLU G 306 18.82 -0.75 -30.44
CA GLU G 306 18.31 -0.90 -31.79
C GLU G 306 17.72 0.42 -32.28
N LYS G 307 17.48 0.49 -33.58
CA LYS G 307 16.93 1.70 -34.19
C LYS G 307 15.50 1.92 -33.71
N GLY G 308 15.21 3.13 -33.27
CA GLY G 308 13.88 3.46 -32.81
C GLY G 308 13.91 4.68 -31.92
N ILE G 309 12.76 4.95 -31.30
CA ILE G 309 12.58 6.06 -30.36
C ILE G 309 12.12 5.47 -29.04
N TYR G 310 12.85 5.77 -27.97
CA TYR G 310 12.63 5.17 -26.66
C TYR G 310 12.26 6.26 -25.66
N GLN G 311 11.22 6.01 -24.86
CA GLN G 311 10.82 6.91 -23.79
C GLN G 311 11.65 6.57 -22.56
N THR G 312 12.56 7.46 -22.19
CA THR G 312 13.54 7.16 -21.15
C THR G 312 13.13 7.70 -19.78
N SER G 313 12.94 9.01 -19.67
CA SER G 313 12.69 9.63 -18.37
C SER G 313 11.69 10.75 -18.54
N ASN G 314 11.57 11.59 -17.51
CA ASN G 314 10.70 12.75 -17.54
C ASN G 314 11.49 13.98 -17.13
N PHE G 315 11.22 15.11 -17.77
CA PHE G 315 11.92 16.34 -17.48
C PHE G 315 11.03 17.25 -16.65
N ARG G 316 11.62 17.90 -15.65
CA ARG G 316 10.92 18.83 -14.79
C ARG G 316 11.72 20.11 -14.67
N VAL G 317 11.03 21.25 -14.75
CA VAL G 317 11.66 22.54 -14.56
C VAL G 317 11.70 22.81 -13.05
N GLN G 318 12.91 22.87 -12.49
CA GLN G 318 13.05 23.02 -11.05
C GLN G 318 12.73 24.46 -10.63
N PRO G 319 12.28 24.64 -9.39
CA PRO G 319 11.98 26.00 -8.92
C PRO G 319 13.24 26.85 -8.82
N THR G 320 13.07 28.16 -9.06
CA THR G 320 14.18 29.09 -8.98
C THR G 320 14.34 29.67 -7.58
N GLU G 321 13.30 30.33 -7.07
CA GLU G 321 13.33 30.95 -5.75
C GLU G 321 11.99 30.76 -5.07
N SER G 322 11.98 30.93 -3.76
CA SER G 322 10.76 30.83 -2.96
C SER G 322 10.21 32.22 -2.67
N ILE G 323 8.88 32.33 -2.65
CA ILE G 323 8.20 33.59 -2.39
C ILE G 323 7.15 33.32 -1.32
N VAL G 324 7.40 33.80 -0.10
CA VAL G 324 6.48 33.66 1.02
C VAL G 324 5.86 35.02 1.28
N ARG G 325 4.53 35.09 1.22
CA ARG G 325 3.81 36.32 1.48
C ARG G 325 2.76 36.08 2.55
N PHE G 326 2.71 36.97 3.53
CA PHE G 326 1.83 36.86 4.69
C PHE G 326 1.03 38.14 4.84
N PRO G 327 -0.08 38.10 5.57
CA PRO G 327 -0.91 39.31 5.72
C PRO G 327 -0.13 40.46 6.33
N ASN G 328 -0.64 41.67 6.09
CA ASN G 328 0.00 42.88 6.57
C ASN G 328 0.20 42.84 8.08
N VAL G 329 1.39 43.21 8.53
CA VAL G 329 1.66 43.31 9.96
C VAL G 329 1.12 44.65 10.46
N THR G 330 0.18 44.59 11.39
CA THR G 330 -0.49 45.78 11.89
C THR G 330 -0.65 45.64 13.40
N ASN G 331 -1.45 46.53 14.00
CA ASN G 331 -1.66 46.58 15.44
C ASN G 331 -0.34 46.74 16.17
N LEU G 332 0.38 47.81 15.82
CA LEU G 332 1.69 48.07 16.40
C LEU G 332 1.56 48.36 17.89
N CYS G 333 2.49 47.81 18.66
CA CYS G 333 2.46 47.97 20.11
C CYS G 333 2.91 49.38 20.49
N PRO G 334 2.38 49.91 21.59
CA PRO G 334 2.81 51.25 22.08
C PRO G 334 4.16 51.21 22.77
N PHE G 335 5.18 50.76 22.04
CA PHE G 335 6.53 50.71 22.59
C PHE G 335 7.08 52.10 22.85
N HIS G 336 6.78 53.06 21.96
CA HIS G 336 7.25 54.42 22.14
C HIS G 336 6.58 55.11 23.33
N GLU G 337 5.41 54.64 23.75
CA GLU G 337 4.74 55.22 24.91
C GLU G 337 5.47 54.92 26.21
N VAL G 338 6.41 53.98 26.20
CA VAL G 338 7.22 53.66 27.38
C VAL G 338 8.68 54.02 27.14
N PHE G 339 9.27 53.55 26.04
CA PHE G 339 10.68 53.83 25.76
C PHE G 339 10.92 55.30 25.51
N ASN G 340 10.02 55.98 24.81
CA ASN G 340 10.18 57.38 24.43
C ASN G 340 9.31 58.30 25.28
N ALA G 341 9.16 57.98 26.56
CA ALA G 341 8.38 58.83 27.45
C ALA G 341 9.13 60.12 27.76
N THR G 342 8.36 61.20 27.91
CA THR G 342 8.96 62.50 28.23
C THR G 342 9.42 62.57 29.69
N ARG G 343 8.73 61.86 30.58
CA ARG G 343 9.08 61.83 31.99
C ARG G 343 9.19 60.39 32.47
N PHE G 344 10.19 60.12 33.30
CA PHE G 344 10.42 58.80 33.86
C PHE G 344 10.18 58.84 35.36
N ALA G 345 9.52 57.80 35.88
CA ALA G 345 9.22 57.74 37.30
C ALA G 345 10.48 57.47 38.11
N SER G 346 10.39 57.70 39.41
CA SER G 346 11.51 57.46 40.30
C SER G 346 11.76 55.97 40.46
N VAL G 347 12.98 55.64 40.88
CA VAL G 347 13.34 54.24 41.08
C VAL G 347 12.56 53.63 42.24
N TYR G 348 12.23 54.43 43.26
CA TYR G 348 11.47 53.91 44.39
C TYR G 348 10.08 53.46 43.96
N ALA G 349 9.43 54.21 43.07
CA ALA G 349 8.11 53.87 42.55
C ALA G 349 8.21 53.90 41.02
N TRP G 350 8.54 52.76 40.44
CA TRP G 350 8.72 52.67 39.00
C TRP G 350 7.39 52.45 38.29
N ASN G 351 7.35 52.81 37.01
CA ASN G 351 6.17 52.62 36.18
C ASN G 351 6.29 51.29 35.45
N ARG G 352 5.47 50.32 35.86
CA ARG G 352 5.49 48.99 35.27
C ARG G 352 4.34 48.88 34.27
N THR G 353 4.68 48.66 33.01
CA THR G 353 3.71 48.53 31.93
C THR G 353 3.75 47.10 31.38
N ARG G 354 2.61 46.43 31.42
CA ARG G 354 2.50 45.06 30.92
C ARG G 354 2.23 45.07 29.42
N ILE G 355 2.69 44.03 28.73
CA ILE G 355 2.51 43.87 27.30
C ILE G 355 1.66 42.62 27.06
N SER G 356 0.53 42.80 26.38
CA SER G 356 -0.34 41.69 26.04
C SER G 356 -0.94 41.94 24.67
N ASN G 357 -0.99 40.89 23.84
CA ASN G 357 -1.47 40.98 22.46
C ASN G 357 -0.66 42.03 21.68
N CYS G 358 0.64 41.77 21.57
CA CYS G 358 1.56 42.71 20.96
C CYS G 358 2.38 42.01 19.88
N VAL G 359 2.81 42.78 18.89
CA VAL G 359 3.72 42.30 17.86
C VAL G 359 5.13 42.68 18.30
N ALA G 360 5.86 41.69 18.82
CA ALA G 360 7.15 41.96 19.46
C ALA G 360 8.23 42.27 18.43
N ASP G 361 8.17 43.46 17.84
CA ASP G 361 9.18 43.93 16.90
C ASP G 361 10.17 44.80 17.69
N TYR G 362 11.33 44.23 17.99
CA TYR G 362 12.35 44.92 18.78
C TYR G 362 13.35 45.68 17.92
N SER G 363 13.20 45.66 16.59
CA SER G 363 14.13 46.39 15.73
C SER G 363 13.98 47.90 15.86
N VAL G 364 12.84 48.38 16.36
CA VAL G 364 12.64 49.81 16.54
C VAL G 364 13.56 50.35 17.63
N LEU G 365 13.77 49.56 18.69
CA LEU G 365 14.62 50.01 19.79
C LEU G 365 16.09 49.72 19.51
N TYR G 366 16.41 48.54 19.00
CA TYR G 366 17.79 48.17 18.71
C TYR G 366 18.11 48.38 17.24
N PRO G 370 22.45 54.85 20.40
CA PRO G 370 23.51 54.68 21.41
C PRO G 370 22.94 54.37 22.79
N PHE G 371 23.20 53.16 23.29
CA PHE G 371 22.71 52.72 24.58
C PHE G 371 23.89 52.55 25.54
N PHE G 372 23.72 53.06 26.77
CA PHE G 372 24.79 52.92 27.76
C PHE G 372 25.05 51.46 28.09
N ALA G 373 23.99 50.67 28.24
CA ALA G 373 24.12 49.25 28.52
C ALA G 373 22.89 48.53 28.01
N PHE G 374 23.09 47.33 27.47
CA PHE G 374 21.98 46.53 26.95
C PHE G 374 22.41 45.06 27.03
N LYS G 375 21.91 44.36 28.04
CA LYS G 375 22.25 42.95 28.23
C LYS G 375 21.02 42.27 28.82
N CYS G 376 20.41 41.37 28.06
CA CYS G 376 19.24 40.63 28.50
C CYS G 376 19.60 39.16 28.66
N TYR G 377 18.99 38.52 29.67
CA TYR G 377 19.26 37.12 29.99
C TYR G 377 18.02 36.29 29.76
N GLY G 378 18.23 35.03 29.38
CA GLY G 378 17.15 34.11 29.10
C GLY G 378 16.63 34.13 27.69
N VAL G 379 17.12 35.04 26.84
CA VAL G 379 16.69 35.13 25.45
C VAL G 379 17.86 35.60 24.62
N SER G 380 17.79 35.36 23.32
CA SER G 380 18.84 35.79 22.40
C SER G 380 18.69 37.28 22.11
N PRO G 381 19.74 38.08 22.30
CA PRO G 381 19.63 39.52 21.98
C PRO G 381 19.30 39.80 20.53
N THR G 382 19.78 38.98 19.60
CA THR G 382 19.54 39.19 18.18
C THR G 382 18.34 38.40 17.65
N LYS G 383 17.66 37.64 18.50
CA LYS G 383 16.51 36.83 18.10
C LYS G 383 15.36 37.02 19.08
N LEU G 384 15.08 38.27 19.42
CA LEU G 384 13.98 38.56 20.34
C LEU G 384 12.61 38.36 19.69
N ASN G 385 12.54 38.45 18.36
CA ASN G 385 11.26 38.28 17.69
C ASN G 385 10.81 36.82 17.70
N ASP G 386 11.74 35.90 17.39
CA ASP G 386 11.39 34.49 17.34
C ASP G 386 11.13 33.93 18.73
N LEU G 387 12.03 34.21 19.68
CA LEU G 387 11.92 33.70 21.04
C LEU G 387 11.03 34.65 21.84
N CYS G 388 9.75 34.33 21.90
CA CYS G 388 8.75 35.15 22.58
C CYS G 388 8.18 34.40 23.78
N PHE G 389 7.47 35.15 24.63
CA PHE G 389 6.85 34.60 25.82
C PHE G 389 5.37 34.95 25.85
N THR G 390 4.70 34.65 26.96
CA THR G 390 3.27 34.92 27.05
C THR G 390 2.98 36.40 27.27
N ASN G 391 3.69 37.02 28.21
CA ASN G 391 3.48 38.43 28.53
C ASN G 391 4.79 39.04 28.97
N VAL G 392 4.89 40.36 28.80
CA VAL G 392 6.10 41.11 29.13
C VAL G 392 5.69 42.35 29.93
N TYR G 393 6.43 42.63 31.00
CA TYR G 393 6.22 43.82 31.82
C TYR G 393 7.46 44.69 31.75
N ALA G 394 7.26 45.97 31.47
CA ALA G 394 8.35 46.93 31.33
C ALA G 394 8.32 47.91 32.50
N ASP G 395 9.36 47.87 33.33
CA ASP G 395 9.48 48.75 34.48
C ASP G 395 10.39 49.93 34.13
N SER G 396 9.83 51.14 34.17
CA SER G 396 10.55 52.35 33.81
C SER G 396 10.90 53.13 35.08
N PHE G 397 12.17 53.53 35.19
CA PHE G 397 12.62 54.29 36.34
C PHE G 397 13.83 55.12 35.94
N VAL G 398 14.16 56.10 36.78
CA VAL G 398 15.31 56.97 36.57
C VAL G 398 16.29 56.74 37.70
N ILE G 399 17.52 56.37 37.35
CA ILE G 399 18.57 56.10 38.33
C ILE G 399 19.86 56.76 37.87
N LYS G 400 20.77 56.95 38.82
CA LYS G 400 22.06 57.53 38.50
C LYS G 400 22.93 56.54 37.74
N GLY G 401 23.96 57.07 37.08
CA GLY G 401 24.86 56.22 36.32
C GLY G 401 25.64 55.26 37.21
N ASN G 402 25.99 55.69 38.42
CA ASN G 402 26.74 54.84 39.34
C ASN G 402 25.92 53.65 39.83
N GLU G 403 24.60 53.72 39.71
CA GLU G 403 23.71 52.62 40.11
C GLU G 403 23.22 51.81 38.93
N VAL G 404 23.78 52.04 37.73
CA VAL G 404 23.33 51.32 36.55
C VAL G 404 23.69 49.84 36.65
N SER G 405 24.85 49.53 37.22
CA SER G 405 25.29 48.15 37.36
C SER G 405 24.50 47.38 38.41
N GLN G 406 23.71 48.08 39.25
CA GLN G 406 22.96 47.43 40.31
C GLN G 406 21.67 46.79 39.83
N ILE G 407 21.20 47.12 38.63
CA ILE G 407 19.95 46.58 38.10
C ILE G 407 20.31 45.33 37.30
N ALA G 408 20.38 44.21 38.00
CA ALA G 408 20.73 42.93 37.39
C ALA G 408 20.29 41.81 38.32
N PRO G 409 20.02 40.62 37.80
CA PRO G 409 19.70 39.50 38.69
C PRO G 409 20.89 39.13 39.56
N GLY G 410 20.61 38.89 40.84
CA GLY G 410 21.69 38.56 41.76
C GLY G 410 22.58 39.71 42.13
N GLN G 411 22.17 40.94 41.87
CA GLN G 411 22.99 42.11 42.14
C GLN G 411 22.72 42.65 43.55
N THR G 412 23.60 43.55 43.99
CA THR G 412 23.48 44.16 45.31
C THR G 412 23.77 45.64 45.21
N GLY G 413 23.26 46.39 46.18
CA GLY G 413 23.49 47.82 46.23
C GLY G 413 22.43 48.50 47.07
N ASN G 414 22.59 49.82 47.19
CA ASN G 414 21.62 50.62 47.93
C ASN G 414 20.26 50.62 47.24
N ILE G 415 20.26 50.70 45.90
CA ILE G 415 19.02 50.67 45.15
C ILE G 415 18.65 49.26 44.68
N ALA G 416 19.63 48.36 44.55
CA ALA G 416 19.34 47.01 44.09
C ALA G 416 18.51 46.24 45.10
N ASP G 417 18.84 46.38 46.39
CA ASP G 417 18.17 45.62 47.44
C ASP G 417 17.01 46.36 48.09
N TYR G 418 16.88 47.67 47.86
CA TYR G 418 15.85 48.46 48.52
C TYR G 418 14.91 49.20 47.57
N ASN G 419 15.33 49.47 46.34
CA ASN G 419 14.51 50.24 45.40
C ASN G 419 13.97 49.37 44.27
N TYR G 420 14.84 48.68 43.54
CA TYR G 420 14.43 47.82 42.44
C TYR G 420 15.28 46.55 42.46
N LYS G 421 14.64 45.41 42.63
CA LYS G 421 15.32 44.12 42.70
C LYS G 421 14.98 43.29 41.48
N LEU G 422 16.01 42.74 40.84
CA LEU G 422 15.84 41.91 39.65
C LEU G 422 16.45 40.53 39.84
N GLY G 428 14.48 39.01 31.95
CA GLY G 428 14.04 39.98 30.97
C GLY G 428 15.18 40.80 30.40
N CYS G 429 14.97 42.12 30.30
CA CYS G 429 15.95 43.04 29.76
C CYS G 429 16.24 44.15 30.76
N VAL G 430 17.49 44.61 30.74
CA VAL G 430 17.93 45.74 31.55
C VAL G 430 18.49 46.78 30.59
N ILE G 431 17.67 47.76 30.24
CA ILE G 431 18.01 48.78 29.26
C ILE G 431 18.22 50.10 29.98
N ALA G 432 19.39 50.70 29.78
CA ALA G 432 19.72 52.01 30.33
C ALA G 432 20.27 52.89 29.23
N TRP G 433 19.85 54.15 29.21
CA TRP G 433 20.27 55.10 28.19
C TRP G 433 20.54 56.45 28.84
N ASN G 434 21.44 57.20 28.22
CA ASN G 434 21.83 58.51 28.76
C ASN G 434 20.66 59.49 28.64
N SER G 435 20.49 60.30 29.68
CA SER G 435 19.45 61.32 29.72
C SER G 435 20.01 62.62 30.28
N ASN G 436 21.27 62.93 29.97
CA ASN G 436 21.89 64.13 30.50
C ASN G 436 21.21 65.39 30.00
N LYS G 437 20.90 65.45 28.70
CA LYS G 437 20.24 66.61 28.14
C LYS G 437 18.75 66.65 28.46
N LEU G 438 18.19 65.57 29.01
CA LEU G 438 16.75 65.47 29.26
C LEU G 438 16.39 65.63 30.73
N ASP G 439 17.21 65.11 31.65
CA ASP G 439 16.86 65.10 33.06
C ASP G 439 17.78 65.96 33.94
N SER G 440 18.98 66.29 33.47
CA SER G 440 19.93 67.08 34.26
C SER G 440 19.58 68.57 34.10
N LYS G 441 18.61 69.01 34.90
CA LYS G 441 18.17 70.40 34.85
C LYS G 441 19.26 71.33 35.36
N HIS G 442 19.31 72.53 34.78
CA HIS G 442 20.34 73.50 35.16
C HIS G 442 20.19 73.90 36.62
N SER G 443 18.96 74.13 37.09
CA SER G 443 18.73 74.48 38.47
C SER G 443 18.85 73.28 39.41
N GLY G 444 18.93 72.06 38.87
CA GLY G 444 19.01 70.88 39.69
C GLY G 444 17.70 70.13 39.76
N ASN G 445 17.67 68.91 39.25
CA ASN G 445 16.45 68.10 39.22
C ASN G 445 16.40 67.22 40.46
N TYR G 446 15.34 67.37 41.25
CA TYR G 446 15.13 66.55 42.44
C TYR G 446 13.82 65.78 42.36
N ASP G 447 13.26 65.63 41.17
CA ASP G 447 12.01 64.89 41.02
C ASP G 447 12.22 63.40 41.31
N TYR G 448 13.37 62.86 40.93
CA TYR G 448 13.67 61.46 41.17
C TYR G 448 14.07 61.26 42.62
N TRP G 449 13.49 60.24 43.25
CA TRP G 449 13.77 59.92 44.65
C TRP G 449 14.10 58.44 44.77
N TYR G 450 15.06 58.13 45.64
CA TYR G 450 15.52 56.77 45.84
C TYR G 450 15.47 56.42 47.32
N ARG G 451 15.10 55.17 47.61
CA ARG G 451 15.05 54.70 48.98
C ARG G 451 16.45 54.37 49.47
N LEU G 452 16.74 54.72 50.72
CA LEU G 452 18.04 54.49 51.33
C LEU G 452 18.02 53.41 52.40
N PHE G 453 16.96 53.35 53.20
CA PHE G 453 16.84 52.35 54.26
C PHE G 453 15.45 51.73 54.22
N ARG G 454 15.38 50.43 54.52
CA ARG G 454 14.13 49.70 54.50
C ARG G 454 14.13 48.67 55.63
N LYS G 455 12.93 48.31 56.07
CA LYS G 455 12.80 47.34 57.16
C LYS G 455 13.28 45.96 56.72
N SER G 456 12.98 45.57 55.49
CA SER G 456 13.35 44.25 54.98
C SER G 456 13.79 44.39 53.53
N LYS G 457 14.56 43.39 53.08
CA LYS G 457 15.01 43.36 51.70
C LYS G 457 13.83 43.19 50.75
N LEU G 458 13.85 43.94 49.65
CA LEU G 458 12.75 43.92 48.70
C LEU G 458 12.78 42.66 47.85
N LYS G 459 11.60 42.08 47.62
CA LYS G 459 11.50 40.93 46.75
C LYS G 459 11.75 41.33 45.29
N PRO G 460 12.24 40.40 44.47
CA PRO G 460 12.44 40.72 43.05
C PRO G 460 11.13 41.11 42.37
N PHE G 461 11.23 42.11 41.47
CA PHE G 461 10.09 42.62 40.72
C PHE G 461 8.98 43.14 41.65
N GLU G 462 9.35 43.59 42.85
CA GLU G 462 8.41 44.11 43.82
C GLU G 462 8.80 45.54 44.17
N ARG G 463 7.81 46.43 44.17
CA ARG G 463 8.02 47.84 44.48
C ARG G 463 7.05 48.28 45.57
N ASP G 464 7.54 49.14 46.46
CA ASP G 464 6.72 49.69 47.53
C ASP G 464 6.81 51.21 47.49
N ILE G 465 5.66 51.88 47.42
CA ILE G 465 5.58 53.33 47.33
C ILE G 465 5.04 53.85 48.66
N SER G 466 5.82 54.73 49.29
CA SER G 466 5.42 55.30 50.57
C SER G 466 6.07 56.67 50.73
N THR G 467 5.37 57.56 51.44
CA THR G 467 5.87 58.91 51.69
C THR G 467 5.97 59.22 53.18
N GLU G 468 5.87 58.21 54.04
CA GLU G 468 5.93 58.42 55.48
C GLU G 468 7.38 58.59 55.94
N ILE G 469 7.53 59.15 57.13
CA ILE G 469 8.82 59.38 57.75
C ILE G 469 9.01 58.36 58.87
N TYR G 470 10.13 57.65 58.85
CA TYR G 470 10.38 56.64 59.87
C TYR G 470 10.74 57.30 61.20
N GLN G 471 10.11 56.84 62.27
CA GLN G 471 10.36 57.33 63.62
C GLN G 471 11.03 56.25 64.44
N ALA G 472 12.16 56.58 65.05
CA ALA G 472 12.91 55.62 65.84
C ALA G 472 12.52 55.71 67.31
N ASN G 483 15.61 62.15 65.54
CA ASN G 483 15.16 60.76 65.61
C ASN G 483 14.23 60.45 64.44
N CYS G 484 14.12 61.38 63.50
CA CYS G 484 13.29 61.23 62.32
C CYS G 484 14.17 61.02 61.10
N TYR G 485 13.87 59.97 60.33
CA TYR G 485 14.64 59.63 59.14
C TYR G 485 13.69 59.42 57.97
N PHE G 486 14.03 60.02 56.82
CA PHE G 486 13.22 59.88 55.63
C PHE G 486 13.80 58.79 54.75
N PRO G 487 13.10 57.68 54.53
CA PRO G 487 13.67 56.60 53.71
C PRO G 487 13.99 57.02 52.29
N LEU G 488 13.21 57.93 51.70
CA LEU G 488 13.37 58.32 50.31
C LEU G 488 14.20 59.59 50.23
N GLN G 489 15.22 59.58 49.37
CA GLN G 489 16.10 60.72 49.17
C GLN G 489 16.16 61.06 47.69
N SER G 490 16.22 62.36 47.39
CA SER G 490 16.23 62.81 46.01
C SER G 490 17.64 62.70 45.41
N TYR G 491 17.68 62.43 44.11
CA TYR G 491 18.93 62.35 43.36
C TYR G 491 19.14 63.67 42.62
N GLY G 492 20.11 64.45 43.08
CA GLY G 492 20.35 65.77 42.52
C GLY G 492 21.20 65.78 41.27
N PHE G 493 20.61 65.40 40.14
CA PHE G 493 21.33 65.46 38.87
C PHE G 493 21.57 66.90 38.47
N ARG G 494 22.79 67.17 38.00
CA ARG G 494 23.21 68.51 37.62
C ARG G 494 23.98 68.46 36.31
N PRO G 495 23.94 69.54 35.52
CA PRO G 495 24.73 69.55 34.28
C PRO G 495 26.23 69.49 34.51
N THR G 496 26.71 69.87 35.68
CA THR G 496 28.12 69.81 36.01
C THR G 496 28.53 68.46 36.58
N TYR G 497 27.59 67.54 36.74
CA TYR G 497 27.90 66.23 37.28
C TYR G 497 28.64 65.38 36.25
N GLY G 498 29.30 64.34 36.73
CA GLY G 498 30.06 63.45 35.89
C GLY G 498 29.20 62.37 35.26
N VAL G 499 29.88 61.40 34.64
CA VAL G 499 29.19 60.29 34.00
C VAL G 499 28.44 59.46 35.03
N GLY G 500 29.08 59.18 36.17
CA GLY G 500 28.43 58.40 37.20
C GLY G 500 27.23 59.10 37.81
N HIS G 501 27.31 60.43 37.95
CA HIS G 501 26.22 61.20 38.53
C HIS G 501 25.26 61.75 37.48
N GLN G 502 25.51 61.49 36.20
CA GLN G 502 24.59 61.94 35.16
C GLN G 502 23.32 61.09 35.20
N PRO G 503 22.16 61.69 34.96
CA PRO G 503 20.92 60.91 34.92
C PRO G 503 20.89 59.97 33.73
N TYR G 504 20.21 58.84 33.93
CA TYR G 504 20.07 57.83 32.88
C TYR G 504 18.68 57.22 32.98
N ARG G 505 18.01 57.12 31.84
CA ARG G 505 16.69 56.49 31.78
C ARG G 505 16.85 54.98 31.80
N VAL G 506 16.24 54.33 32.79
CA VAL G 506 16.38 52.89 33.00
C VAL G 506 15.05 52.21 32.73
N VAL G 507 15.07 51.21 31.86
CA VAL G 507 13.90 50.40 31.54
C VAL G 507 14.23 48.96 31.86
N VAL G 508 13.38 48.32 32.67
CA VAL G 508 13.56 46.94 33.07
C VAL G 508 12.39 46.13 32.51
N LEU G 509 12.71 45.11 31.73
CA LEU G 509 11.72 44.25 31.11
C LEU G 509 11.58 42.95 31.89
N SER G 510 10.35 42.44 31.95
CA SER G 510 10.03 41.20 32.66
C SER G 510 9.62 40.14 31.67
N PHE G 511 10.22 38.96 31.80
CA PHE G 511 9.93 37.83 30.93
C PHE G 511 9.04 36.83 31.66
N GLU G 512 7.96 36.42 31.00
CA GLU G 512 7.01 35.48 31.59
C GLU G 512 6.68 34.35 30.62
N THR G 519 2.42 34.93 23.71
CA THR G 519 1.25 35.58 23.12
C THR G 519 1.65 36.90 22.46
N VAL G 520 2.88 37.33 22.72
CA VAL G 520 3.42 38.57 22.16
C VAL G 520 4.69 38.18 21.42
N CYS G 521 4.57 37.94 20.12
CA CYS G 521 5.68 37.48 19.30
C CYS G 521 5.95 38.47 18.18
N GLY G 522 7.08 38.27 17.50
CA GLY G 522 7.48 39.14 16.42
C GLY G 522 6.60 39.00 15.20
N PRO G 523 6.68 39.99 14.31
CA PRO G 523 5.87 39.93 13.08
C PRO G 523 6.32 38.81 12.16
N LYS G 524 5.37 38.29 11.39
CA LYS G 524 5.68 37.22 10.44
C LYS G 524 6.48 37.76 9.27
N LYS G 525 7.54 37.06 8.91
CA LYS G 525 8.40 37.47 7.82
C LYS G 525 7.73 37.21 6.47
N SER G 526 8.07 38.04 5.48
CA SER G 526 7.55 37.90 4.13
C SER G 526 8.66 38.19 3.14
N THR G 527 8.54 37.59 1.96
CA THR G 527 9.49 37.76 0.87
C THR G 527 8.85 38.58 -0.24
N ASN G 528 9.61 38.77 -1.32
CA ASN G 528 9.13 39.53 -2.46
C ASN G 528 8.29 38.65 -3.37
N LEU G 529 7.60 39.29 -4.31
CA LEU G 529 6.73 38.59 -5.26
C LEU G 529 7.44 38.47 -6.60
N VAL G 530 7.51 37.25 -7.12
CA VAL G 530 8.14 36.95 -8.41
C VAL G 530 7.09 36.32 -9.31
N LYS G 531 6.96 36.86 -10.52
CA LYS G 531 5.96 36.39 -11.48
C LYS G 531 6.64 35.83 -12.72
N ASN G 532 5.91 34.97 -13.42
CA ASN G 532 6.34 34.34 -14.67
C ASN G 532 7.59 33.49 -14.51
N LYS G 533 7.88 33.05 -13.28
CA LYS G 533 9.01 32.18 -13.02
C LYS G 533 8.57 31.07 -12.07
N CYS G 534 9.08 29.87 -12.29
CA CYS G 534 8.68 28.72 -11.48
C CYS G 534 9.21 28.94 -10.07
N VAL G 535 8.31 29.34 -9.17
CA VAL G 535 8.67 29.68 -7.81
C VAL G 535 8.14 28.60 -6.87
N ASN G 536 8.53 28.71 -5.61
CA ASN G 536 8.04 27.82 -4.55
C ASN G 536 7.29 28.72 -3.57
N PHE G 537 6.02 28.95 -3.84
CA PHE G 537 5.25 29.97 -3.14
C PHE G 537 4.68 29.43 -1.83
N ASN G 538 4.30 30.37 -0.96
CA ASN G 538 3.60 30.05 0.28
C ASN G 538 2.72 31.25 0.60
N PHE G 539 1.45 31.17 0.23
CA PHE G 539 0.49 32.26 0.41
C PHE G 539 -0.35 31.99 1.66
N ASN G 540 0.07 32.56 2.77
CA ASN G 540 -0.69 32.50 4.03
C ASN G 540 -1.01 31.06 4.42
N GLY G 541 -0.03 30.19 4.28
CA GLY G 541 -0.20 28.79 4.62
C GLY G 541 -0.59 27.90 3.46
N LEU G 542 -0.92 28.46 2.30
CA LEU G 542 -1.22 27.67 1.11
C LEU G 542 0.09 27.50 0.34
N THR G 543 0.69 26.32 0.45
CA THR G 543 2.01 26.06 -0.09
C THR G 543 1.92 25.26 -1.39
N GLY G 544 2.97 25.35 -2.18
CA GLY G 544 3.04 24.63 -3.44
C GLY G 544 4.14 25.20 -4.32
N THR G 545 4.17 24.70 -5.55
CA THR G 545 5.11 25.18 -6.55
C THR G 545 4.36 25.45 -7.85
N GLY G 546 4.70 26.55 -8.50
CA GLY G 546 4.03 26.90 -9.74
C GLY G 546 4.51 28.24 -10.24
N VAL G 547 3.90 28.67 -11.34
CA VAL G 547 4.23 29.92 -12.01
C VAL G 547 3.08 30.90 -11.76
N LEU G 548 3.39 32.02 -11.12
CA LEU G 548 2.39 33.01 -10.77
C LEU G 548 2.24 34.04 -11.89
N THR G 549 1.01 34.43 -12.16
CA THR G 549 0.72 35.40 -13.20
C THR G 549 -0.55 36.14 -12.86
N LYS G 550 -0.74 37.28 -13.52
CA LYS G 550 -1.97 38.05 -13.33
C LYS G 550 -3.14 37.33 -13.96
N SER G 551 -4.23 37.20 -13.21
CA SER G 551 -5.41 36.46 -13.63
C SER G 551 -6.58 37.41 -13.84
N ASN G 552 -7.40 37.12 -14.85
CA ASN G 552 -8.59 37.90 -15.14
C ASN G 552 -9.79 37.50 -14.29
N LYS G 553 -9.64 36.46 -13.45
CA LYS G 553 -10.74 36.03 -12.60
C LYS G 553 -11.10 37.11 -11.59
N LYS G 554 -12.38 37.22 -11.30
CA LYS G 554 -12.90 38.22 -10.37
C LYS G 554 -13.39 37.51 -9.12
N PHE G 555 -12.54 37.48 -8.10
CA PHE G 555 -12.92 36.90 -6.81
C PHE G 555 -13.97 37.77 -6.13
N LEU G 556 -14.91 37.13 -5.45
CA LEU G 556 -15.75 37.86 -4.52
C LEU G 556 -14.91 38.30 -3.32
N PRO G 557 -15.24 39.44 -2.72
CA PRO G 557 -14.31 40.06 -1.76
C PRO G 557 -14.12 39.30 -0.46
N PHE G 558 -14.68 38.11 -0.33
CA PHE G 558 -14.50 37.32 0.87
C PHE G 558 -13.77 36.00 0.64
N GLN G 559 -13.33 35.74 -0.59
CA GLN G 559 -12.71 34.47 -0.95
C GLN G 559 -11.19 34.57 -0.87
N GLN G 560 -10.55 33.42 -0.61
CA GLN G 560 -9.10 33.36 -0.45
C GLN G 560 -8.37 32.76 -1.62
N PHE G 561 -8.92 31.74 -2.28
CA PHE G 561 -8.27 31.13 -3.43
C PHE G 561 -9.32 30.46 -4.30
N GLY G 562 -8.86 29.75 -5.33
CA GLY G 562 -9.76 29.13 -6.29
C GLY G 562 -9.41 27.66 -6.47
N ARG G 563 -10.36 26.94 -7.08
CA ARG G 563 -10.20 25.52 -7.34
C ARG G 563 -10.69 25.20 -8.75
N ASP G 564 -10.15 24.13 -9.32
CA ASP G 564 -10.56 23.67 -10.64
C ASP G 564 -11.66 22.64 -10.52
N ILE G 565 -12.11 22.11 -11.66
CA ILE G 565 -13.13 21.06 -11.65
C ILE G 565 -12.63 19.79 -11.00
N VAL G 566 -11.31 19.62 -10.89
CA VAL G 566 -10.73 18.45 -10.25
C VAL G 566 -10.19 18.78 -8.86
N ASP G 567 -10.69 19.85 -8.24
CA ASP G 567 -10.29 20.26 -6.89
C ASP G 567 -8.80 20.56 -6.80
N THR G 568 -8.25 21.19 -7.84
CA THR G 568 -6.87 21.63 -7.87
C THR G 568 -6.84 23.16 -7.87
N THR G 569 -5.84 23.72 -7.19
CA THR G 569 -5.76 25.17 -7.05
C THR G 569 -5.44 25.83 -8.39
N ASP G 570 -6.20 26.86 -8.73
CA ASP G 570 -6.00 27.59 -9.97
C ASP G 570 -5.70 29.08 -9.77
N ALA G 571 -5.84 29.60 -8.56
CA ALA G 571 -5.61 31.01 -8.30
C ALA G 571 -5.39 31.20 -6.82
N VAL G 572 -5.01 32.42 -6.44
CA VAL G 572 -4.80 32.77 -5.05
C VAL G 572 -4.80 34.29 -4.94
N ARG G 573 -5.21 34.78 -3.78
CA ARG G 573 -5.22 36.21 -3.50
C ARG G 573 -4.02 36.56 -2.63
N ASP G 574 -3.26 37.55 -3.05
CA ASP G 574 -2.07 37.96 -2.31
C ASP G 574 -2.48 38.62 -1.00
N PRO G 575 -2.02 38.12 0.15
CA PRO G 575 -2.47 38.69 1.42
C PRO G 575 -2.05 40.13 1.65
N GLN G 576 -1.05 40.63 0.91
CA GLN G 576 -0.57 41.99 1.09
C GLN G 576 -0.92 42.91 -0.08
N THR G 577 -1.48 42.38 -1.17
CA THR G 577 -1.83 43.20 -2.32
C THR G 577 -3.28 43.05 -2.76
N LEU G 578 -3.99 42.03 -2.29
CA LEU G 578 -5.39 41.80 -2.65
C LEU G 578 -5.58 41.69 -4.17
N GLU G 579 -4.69 40.94 -4.80
CA GLU G 579 -4.77 40.68 -6.23
C GLU G 579 -4.83 39.17 -6.47
N ILE G 580 -5.58 38.78 -7.51
CA ILE G 580 -5.77 37.38 -7.84
C ILE G 580 -4.66 36.93 -8.78
N LEU G 581 -3.88 35.95 -8.34
CA LEU G 581 -2.72 35.46 -9.08
C LEU G 581 -3.02 34.05 -9.58
N ASP G 582 -3.08 33.88 -10.90
CA ASP G 582 -3.24 32.56 -11.48
C ASP G 582 -2.02 31.71 -11.17
N ILE G 583 -2.24 30.41 -10.96
CA ILE G 583 -1.18 29.46 -10.66
C ILE G 583 -1.16 28.41 -11.76
N THR G 584 -0.02 28.28 -12.43
CA THR G 584 0.19 27.24 -13.41
C THR G 584 1.36 26.36 -12.98
N PRO G 585 1.22 25.03 -13.11
CA PRO G 585 2.29 24.14 -12.66
C PRO G 585 3.55 24.33 -13.50
N CYS G 586 4.70 24.11 -12.87
CA CYS G 586 5.97 24.19 -13.59
C CYS G 586 6.04 23.07 -14.62
N SER G 587 6.63 23.40 -15.77
CA SER G 587 6.53 22.54 -16.94
C SER G 587 7.12 21.15 -16.67
N PHE G 588 6.47 20.13 -17.21
CA PHE G 588 6.95 18.77 -17.14
C PHE G 588 6.55 18.05 -18.42
N GLY G 589 7.02 16.82 -18.56
CA GLY G 589 6.69 16.03 -19.73
C GLY G 589 7.60 14.83 -19.82
N GLY G 590 7.49 14.13 -20.95
CA GLY G 590 8.35 13.00 -21.20
C GLY G 590 9.61 13.41 -21.94
N VAL G 591 10.52 12.45 -22.07
CA VAL G 591 11.75 12.63 -22.83
C VAL G 591 11.98 11.37 -23.65
N SER G 592 12.00 11.51 -24.97
CA SER G 592 12.20 10.39 -25.87
C SER G 592 13.51 10.58 -26.63
N VAL G 593 14.27 9.50 -26.78
CA VAL G 593 15.59 9.54 -27.40
C VAL G 593 15.53 8.79 -28.71
N ILE G 594 15.81 9.47 -29.81
CA ILE G 594 15.79 8.88 -31.14
C ILE G 594 17.19 8.35 -31.43
N THR G 595 17.30 7.05 -31.69
CA THR G 595 18.57 6.39 -31.88
C THR G 595 18.63 5.74 -33.25
N PRO G 596 19.63 6.04 -34.07
CA PRO G 596 19.86 5.25 -35.30
C PRO G 596 20.25 3.82 -35.01
N GLY G 597 20.70 3.53 -33.79
CA GLY G 597 21.19 2.22 -33.41
C GLY G 597 22.65 2.32 -33.05
N THR G 598 23.07 1.68 -31.96
CA THR G 598 24.48 1.72 -31.59
C THR G 598 25.36 0.99 -32.59
N ASN G 599 24.78 0.17 -33.45
CA ASN G 599 25.59 -0.49 -34.50
C ASN G 599 25.99 0.51 -35.56
N THR G 600 25.28 1.61 -35.66
CA THR G 600 25.53 2.58 -36.71
C THR G 600 26.24 3.82 -36.17
N SER G 601 25.66 4.49 -35.17
CA SER G 601 26.26 5.69 -34.62
C SER G 601 25.85 5.85 -33.17
N ASN G 602 26.63 6.64 -32.44
CA ASN G 602 26.32 7.00 -31.06
C ASN G 602 25.59 8.33 -30.95
N GLN G 603 25.24 8.94 -32.08
CA GLN G 603 24.46 10.17 -32.04
C GLN G 603 23.02 9.86 -31.65
N VAL G 604 22.41 10.78 -30.91
CA VAL G 604 21.01 10.69 -30.53
C VAL G 604 20.35 12.04 -30.69
N ALA G 605 19.03 12.02 -30.81
CA ALA G 605 18.20 13.22 -30.80
C ALA G 605 17.20 13.10 -29.66
N VAL G 606 16.98 14.18 -28.94
CA VAL G 606 16.18 14.17 -27.73
C VAL G 606 14.91 14.97 -27.97
N LEU G 607 13.77 14.37 -27.66
CA LEU G 607 12.47 15.01 -27.83
C LEU G 607 11.88 15.30 -26.45
N TYR G 608 11.69 16.58 -26.15
CA TYR G 608 11.04 17.01 -24.92
C TYR G 608 9.55 17.15 -25.21
N GLN G 609 8.78 16.13 -24.87
CA GLN G 609 7.39 16.05 -25.28
C GLN G 609 6.56 17.12 -24.59
N GLY G 610 5.76 17.84 -25.36
CA GLY G 610 4.84 18.82 -24.81
C GLY G 610 5.50 20.02 -24.15
N VAL G 611 6.59 20.51 -24.73
CA VAL G 611 7.30 21.67 -24.20
C VAL G 611 7.61 22.61 -25.34
N ASN G 612 7.40 23.90 -25.11
CA ASN G 612 7.83 24.91 -26.07
C ASN G 612 9.33 25.06 -26.03
N CYS G 613 9.95 25.18 -27.20
CA CYS G 613 11.41 25.31 -27.26
C CYS G 613 11.88 26.55 -26.53
N THR G 614 11.04 27.59 -26.45
CA THR G 614 11.43 28.82 -25.79
C THR G 614 11.60 28.64 -24.29
N GLU G 615 10.93 27.66 -23.69
CA GLU G 615 11.05 27.43 -22.26
C GLU G 615 12.10 26.36 -21.91
N VAL G 616 12.39 25.45 -22.84
CA VAL G 616 13.50 24.54 -22.62
C VAL G 616 14.83 25.28 -22.70
N SER G 617 14.99 26.15 -23.70
CA SER G 617 16.21 26.93 -23.83
C SER G 617 16.40 27.87 -22.65
N VAL G 618 15.32 28.43 -22.12
CA VAL G 618 15.41 29.29 -20.95
C VAL G 618 15.85 28.48 -19.73
N ALA G 619 15.25 27.31 -19.52
CA ALA G 619 15.61 26.49 -18.37
C ALA G 619 16.99 25.87 -18.53
N ILE G 620 17.40 25.55 -19.76
CA ILE G 620 18.73 25.01 -19.98
C ILE G 620 19.79 26.05 -19.65
N HIS G 621 19.59 27.29 -20.08
CA HIS G 621 20.53 28.36 -19.75
C HIS G 621 20.62 28.60 -18.24
N ALA G 622 19.47 28.60 -17.57
CA ALA G 622 19.44 28.80 -16.13
C ALA G 622 19.74 27.53 -15.34
N ASP G 623 19.91 26.39 -16.04
CA ASP G 623 20.25 25.12 -15.41
C ASP G 623 19.21 24.71 -14.35
N GLN G 624 17.99 24.50 -14.83
CA GLN G 624 16.91 24.05 -13.95
C GLN G 624 16.07 22.96 -14.58
N LEU G 625 16.70 22.13 -15.43
CA LEU G 625 15.96 20.99 -16.04
C LEU G 625 16.34 19.71 -15.31
N THR G 626 15.35 18.97 -14.81
CA THR G 626 15.62 17.70 -14.07
C THR G 626 16.70 16.89 -14.75
N PRO G 627 16.60 16.50 -16.05
CA PRO G 627 17.62 15.62 -16.65
C PRO G 627 18.85 16.52 -16.79
N THR G 628 19.86 16.22 -15.99
CA THR G 628 21.07 17.06 -15.96
C THR G 628 21.76 17.00 -17.30
N TRP G 629 21.78 15.83 -17.94
CA TRP G 629 22.54 15.73 -19.20
C TRP G 629 21.93 16.69 -20.20
N ARG G 630 22.77 17.40 -20.96
CA ARG G 630 22.22 18.40 -21.90
C ARG G 630 22.67 18.06 -23.33
N VAL G 631 21.74 17.95 -24.27
CA VAL G 631 22.12 17.74 -25.69
C VAL G 631 22.77 19.03 -26.20
N TYR G 632 23.80 18.94 -27.05
CA TYR G 632 24.38 20.17 -27.64
C TYR G 632 23.33 20.83 -28.53
N SER G 633 23.23 22.17 -28.46
CA SER G 633 22.24 22.91 -29.28
C SER G 633 22.97 23.90 -30.19
N THR G 634 23.06 23.59 -31.48
CA THR G 634 23.81 24.47 -32.41
C THR G 634 22.85 25.37 -33.16
N GLY G 635 21.70 25.70 -32.54
CA GLY G 635 20.75 26.61 -33.18
C GLY G 635 20.09 26.03 -34.41
N SER G 636 20.86 25.40 -35.29
CA SER G 636 20.32 24.74 -36.47
C SER G 636 19.76 23.36 -36.17
N ASN G 637 20.03 22.80 -34.99
CA ASN G 637 19.58 21.46 -34.65
C ASN G 637 18.41 21.46 -33.66
N VAL G 638 17.82 22.62 -33.37
CA VAL G 638 16.67 22.72 -32.49
C VAL G 638 15.46 23.04 -33.35
N PHE G 639 14.44 22.19 -33.26
CA PHE G 639 13.24 22.29 -34.09
C PHE G 639 12.02 22.14 -33.20
N GLN G 640 10.98 22.91 -33.50
CA GLN G 640 9.74 22.90 -32.72
C GLN G 640 8.70 22.10 -33.47
N THR G 641 8.54 20.84 -33.08
CA THR G 641 7.50 19.99 -33.63
C THR G 641 6.20 20.21 -32.88
N ARG G 642 5.12 19.61 -33.38
CA ARG G 642 3.85 19.69 -32.68
C ARG G 642 3.76 18.73 -31.51
N ALA G 643 4.76 17.85 -31.35
CA ALA G 643 4.84 16.93 -30.22
C ALA G 643 5.75 17.43 -29.11
N GLY G 644 6.66 18.34 -29.41
CA GLY G 644 7.58 18.86 -28.42
C GLY G 644 8.75 19.56 -29.10
N CYS G 645 9.82 19.75 -28.34
CA CYS G 645 11.02 20.39 -28.82
C CYS G 645 12.04 19.33 -29.16
N LEU G 646 12.43 19.25 -30.44
CA LEU G 646 13.33 18.23 -30.93
C LEU G 646 14.73 18.80 -31.06
N ILE G 647 15.68 18.25 -30.30
CA ILE G 647 17.05 18.73 -30.25
C ILE G 647 17.96 17.64 -30.77
N GLY G 648 18.89 18.01 -31.66
CA GLY G 648 19.85 17.07 -32.20
C GLY G 648 19.55 16.58 -33.60
N ALA G 649 18.39 16.92 -34.14
CA ALA G 649 17.99 16.51 -35.48
C ALA G 649 17.78 17.74 -36.34
N GLU G 650 18.38 17.73 -37.54
CA GLU G 650 18.27 18.85 -38.46
C GLU G 650 17.06 18.66 -39.36
N TYR G 651 16.13 19.61 -39.33
CA TYR G 651 14.91 19.51 -40.11
C TYR G 651 15.20 19.79 -41.58
N VAL G 652 14.66 18.93 -42.45
CA VAL G 652 14.80 19.09 -43.89
C VAL G 652 13.43 19.30 -44.50
N ASN G 653 13.40 20.00 -45.63
CA ASN G 653 12.15 20.31 -46.32
C ASN G 653 11.71 19.21 -47.28
N ASN G 654 12.48 18.13 -47.39
CA ASN G 654 12.11 17.01 -48.23
C ASN G 654 11.12 16.12 -47.50
N SER G 655 10.68 15.06 -48.17
CA SER G 655 9.74 14.11 -47.58
C SER G 655 10.11 12.70 -48.02
N TYR G 656 10.14 11.77 -47.07
CA TYR G 656 10.45 10.39 -47.35
C TYR G 656 9.46 9.51 -46.58
N GLU G 657 9.54 8.20 -46.82
CA GLU G 657 8.77 7.27 -46.02
C GLU G 657 9.25 7.28 -44.58
N CYS G 658 8.33 7.05 -43.66
CA CYS G 658 8.64 7.20 -42.24
C CYS G 658 9.56 6.08 -41.77
N ASP G 659 10.67 6.46 -41.14
CA ASP G 659 11.59 5.51 -40.53
C ASP G 659 11.39 5.41 -39.02
N ILE G 660 11.51 6.53 -38.32
CA ILE G 660 11.30 6.61 -36.89
C ILE G 660 10.16 7.58 -36.62
N PRO G 661 8.98 7.09 -36.28
CA PRO G 661 7.83 7.99 -36.06
C PRO G 661 8.02 8.81 -34.79
N ILE G 662 7.99 10.14 -34.95
CA ILE G 662 8.08 11.05 -33.82
C ILE G 662 6.72 11.51 -33.34
N GLY G 663 5.84 11.87 -34.26
CA GLY G 663 4.48 12.28 -33.94
C GLY G 663 4.03 13.50 -34.72
N ALA G 664 2.72 13.60 -34.91
CA ALA G 664 2.09 14.73 -35.59
C ALA G 664 2.62 14.89 -37.01
N GLY G 665 2.86 13.78 -37.69
CA GLY G 665 3.29 13.80 -39.07
C GLY G 665 4.77 13.95 -39.29
N VAL G 666 5.56 14.10 -38.24
CA VAL G 666 7.01 14.29 -38.33
C VAL G 666 7.69 12.98 -38.02
N CYS G 667 8.64 12.60 -38.87
CA CYS G 667 9.45 11.40 -38.70
C CYS G 667 10.91 11.78 -38.63
N ALA G 668 11.78 10.79 -38.42
CA ALA G 668 13.21 11.04 -38.35
C ALA G 668 13.95 9.87 -38.96
N SER G 669 15.18 10.12 -39.41
CA SER G 669 16.01 9.10 -40.01
C SER G 669 17.47 9.49 -39.85
N TYR G 670 18.36 8.60 -40.28
CA TYR G 670 19.79 8.84 -40.23
C TYR G 670 20.32 8.91 -41.66
N GLN G 671 20.75 10.10 -42.06
CA GLN G 671 21.32 10.29 -43.40
C GLN G 671 22.10 11.59 -43.47
N GLN G 686 27.34 11.67 -41.94
CA GLN G 686 25.88 11.65 -41.89
C GLN G 686 25.37 12.30 -40.61
N SER G 687 24.05 12.45 -40.50
CA SER G 687 23.44 13.04 -39.32
C SER G 687 22.00 12.57 -39.24
N ILE G 688 21.28 13.07 -38.25
CA ILE G 688 19.88 12.72 -38.02
C ILE G 688 19.02 13.85 -38.59
N ILE G 689 18.09 13.49 -39.47
CA ILE G 689 17.22 14.46 -40.14
C ILE G 689 15.79 14.18 -39.70
N ALA G 690 15.04 15.26 -39.48
CA ALA G 690 13.62 15.18 -39.17
C ALA G 690 12.83 15.79 -40.32
N TYR G 691 11.82 15.07 -40.80
CA TYR G 691 11.07 15.49 -41.96
C TYR G 691 9.59 15.18 -41.74
N THR G 692 8.75 15.73 -42.61
CA THR G 692 7.34 15.41 -42.62
C THR G 692 7.11 14.23 -43.56
N MET G 693 6.49 13.18 -43.04
CA MET G 693 6.38 11.93 -43.78
C MET G 693 5.55 12.10 -45.04
N SER G 694 5.95 11.39 -46.10
CA SER G 694 5.24 11.40 -47.37
C SER G 694 4.33 10.19 -47.43
N LEU G 695 3.05 10.44 -47.75
CA LEU G 695 2.07 9.36 -47.74
C LEU G 695 2.25 8.40 -48.90
N GLY G 696 2.84 8.83 -50.00
CA GLY G 696 3.06 7.95 -51.13
C GLY G 696 3.25 8.74 -52.40
N ALA G 697 3.50 8.00 -53.47
CA ALA G 697 3.74 8.61 -54.78
C ALA G 697 2.43 9.12 -55.35
N GLU G 698 2.41 10.39 -55.77
CA GLU G 698 1.21 10.96 -56.35
C GLU G 698 0.91 10.31 -57.68
N ASN G 699 -0.37 10.03 -57.92
CA ASN G 699 -0.82 9.38 -59.13
C ASN G 699 -2.09 10.06 -59.61
N SER G 700 -2.28 10.09 -60.92
CA SER G 700 -3.46 10.70 -61.53
C SER G 700 -3.91 9.79 -62.67
N VAL G 701 -4.96 9.01 -62.43
CA VAL G 701 -5.49 8.12 -63.45
C VAL G 701 -6.14 8.96 -64.54
N ALA G 702 -5.96 8.55 -65.79
CA ALA G 702 -6.44 9.32 -66.94
C ALA G 702 -7.90 8.98 -67.22
N TYR G 703 -8.76 9.47 -66.34
CA TYR G 703 -10.20 9.25 -66.51
C TYR G 703 -10.69 10.00 -67.74
N SER G 704 -11.57 9.34 -68.49
CA SER G 704 -12.16 9.94 -69.69
C SER G 704 -13.53 9.32 -69.91
N ASN G 705 -14.34 10.01 -70.71
CA ASN G 705 -15.70 9.57 -70.95
C ASN G 705 -15.76 8.19 -71.61
N ASN G 706 -14.82 7.92 -72.52
CA ASN G 706 -14.87 6.70 -73.31
C ASN G 706 -13.49 6.06 -73.43
N SER G 707 -12.78 5.97 -72.32
CA SER G 707 -11.45 5.37 -72.32
C SER G 707 -11.37 4.35 -71.20
N ILE G 708 -10.91 3.15 -71.53
CA ILE G 708 -10.77 2.07 -70.56
C ILE G 708 -9.38 1.46 -70.73
N ALA G 709 -8.82 0.96 -69.64
CA ALA G 709 -7.54 0.29 -69.64
C ALA G 709 -7.72 -1.17 -69.25
N ILE G 710 -7.24 -2.08 -70.10
CA ILE G 710 -7.41 -3.51 -69.91
C ILE G 710 -6.03 -4.14 -69.85
N PRO G 711 -5.74 -4.98 -68.86
CA PRO G 711 -4.43 -5.64 -68.81
C PRO G 711 -4.26 -6.65 -69.93
N THR G 712 -3.03 -6.73 -70.45
CA THR G 712 -2.70 -7.65 -71.52
C THR G 712 -1.81 -8.79 -71.04
N ASN G 713 -1.56 -8.89 -69.74
CA ASN G 713 -0.71 -9.92 -69.16
C ASN G 713 -1.15 -10.12 -67.72
N PHE G 714 -0.33 -10.83 -66.95
CA PHE G 714 -0.64 -11.07 -65.54
C PHE G 714 0.62 -11.48 -64.81
N THR G 715 0.48 -11.66 -63.50
CA THR G 715 1.59 -12.04 -62.64
C THR G 715 1.04 -12.86 -61.48
N ILE G 716 1.64 -14.02 -61.24
CA ILE G 716 1.26 -14.87 -60.12
C ILE G 716 2.17 -14.53 -58.95
N SER G 717 1.60 -13.99 -57.88
CA SER G 717 2.36 -13.54 -56.72
C SER G 717 1.98 -14.35 -55.51
N VAL G 718 2.98 -14.67 -54.68
CA VAL G 718 2.79 -15.41 -53.45
C VAL G 718 3.19 -14.51 -52.29
N THR G 719 2.28 -14.32 -51.34
CA THR G 719 2.51 -13.50 -50.17
C THR G 719 2.33 -14.35 -48.92
N THR G 720 3.01 -13.98 -47.86
CA THR G 720 3.02 -14.74 -46.62
C THR G 720 2.35 -13.94 -45.51
N GLU G 721 1.47 -14.60 -44.76
CA GLU G 721 0.78 -14.00 -43.63
C GLU G 721 1.02 -14.85 -42.40
N ILE G 722 1.35 -14.21 -41.28
CA ILE G 722 1.72 -14.89 -40.05
C ILE G 722 0.72 -14.52 -38.96
N LEU G 723 0.14 -15.53 -38.31
CA LEU G 723 -0.91 -15.33 -37.33
C LEU G 723 -0.60 -16.12 -36.08
N PRO G 724 -0.53 -15.50 -34.91
CA PRO G 724 -0.43 -16.27 -33.67
C PRO G 724 -1.71 -17.05 -33.43
N VAL G 725 -1.56 -18.24 -32.84
CA VAL G 725 -2.67 -19.15 -32.61
C VAL G 725 -2.83 -19.46 -31.13
N SER G 726 -1.74 -19.78 -30.44
CA SER G 726 -1.82 -20.19 -29.05
C SER G 726 -0.73 -19.54 -28.23
N MET G 727 -1.00 -19.40 -26.94
CA MET G 727 -0.08 -18.85 -25.95
C MET G 727 0.73 -19.97 -25.31
N THR G 728 1.43 -19.65 -24.24
CA THR G 728 2.13 -20.64 -23.43
C THR G 728 1.33 -20.91 -22.17
N LYS G 729 1.03 -22.18 -21.92
CA LYS G 729 0.23 -22.57 -20.78
C LYS G 729 1.09 -22.55 -19.51
N THR G 730 0.58 -21.92 -18.46
CA THR G 730 1.28 -21.85 -17.19
C THR G 730 0.34 -22.19 -16.06
N SER G 731 0.88 -22.82 -15.02
CA SER G 731 0.16 -23.09 -13.79
C SER G 731 0.98 -22.57 -12.63
N VAL G 732 0.32 -21.94 -11.67
CA VAL G 732 0.99 -21.28 -10.56
C VAL G 732 0.42 -21.81 -9.25
N ASP G 733 1.30 -22.18 -8.34
CA ASP G 733 0.91 -22.53 -6.98
C ASP G 733 1.01 -21.29 -6.10
N CYS G 734 -0.12 -20.84 -5.54
CA CYS G 734 -0.11 -19.59 -4.79
C CYS G 734 0.65 -19.74 -3.48
N THR G 735 0.43 -20.84 -2.76
CA THR G 735 1.05 -21.01 -1.45
C THR G 735 2.56 -21.08 -1.57
N MET G 736 3.07 -21.82 -2.55
CA MET G 736 4.52 -21.93 -2.71
C MET G 736 5.12 -20.62 -3.22
N TYR G 737 4.35 -19.85 -3.98
CA TYR G 737 4.85 -18.56 -4.44
C TYR G 737 4.82 -17.52 -3.33
N ILE G 738 3.65 -17.32 -2.72
CA ILE G 738 3.50 -16.27 -1.71
C ILE G 738 4.28 -16.62 -0.44
N CYS G 739 4.16 -17.85 0.02
CA CYS G 739 4.82 -18.28 1.26
C CYS G 739 6.02 -19.17 1.00
N GLY G 740 5.84 -20.28 0.29
CA GLY G 740 6.94 -21.20 0.06
C GLY G 740 6.84 -22.41 0.97
N ASP G 741 7.75 -22.52 1.93
CA ASP G 741 7.75 -23.61 2.88
C ASP G 741 7.48 -23.13 4.31
N SER G 742 7.18 -21.86 4.49
CA SER G 742 6.92 -21.32 5.81
C SER G 742 5.56 -21.78 6.32
N THR G 743 5.53 -22.29 7.55
CA THR G 743 4.26 -22.71 8.16
C THR G 743 3.54 -21.53 8.80
N GLU G 744 4.28 -20.53 9.27
CA GLU G 744 3.65 -19.35 9.85
C GLU G 744 2.97 -18.52 8.76
N CYS G 745 3.60 -18.39 7.60
CA CYS G 745 3.00 -17.63 6.50
C CYS G 745 1.73 -18.32 5.99
N SER G 746 1.76 -19.65 5.88
CA SER G 746 0.61 -20.38 5.33
C SER G 746 -0.63 -20.22 6.19
N ASN G 747 -0.46 -20.08 7.51
CA ASN G 747 -1.60 -19.89 8.39
C ASN G 747 -2.22 -18.52 8.20
N LEU G 748 -1.39 -17.50 7.93
CA LEU G 748 -1.92 -16.17 7.68
C LEU G 748 -2.54 -16.05 6.30
N LEU G 749 -2.20 -16.95 5.37
CA LEU G 749 -2.76 -16.91 4.04
C LEU G 749 -4.19 -17.42 3.98
N LEU G 750 -4.64 -18.15 5.00
CA LEU G 750 -6.02 -18.63 5.02
C LEU G 750 -7.01 -17.51 5.31
N GLN G 751 -6.56 -16.41 5.91
CA GLN G 751 -7.46 -15.31 6.24
C GLN G 751 -7.86 -14.48 5.04
N TYR G 752 -7.26 -14.72 3.87
CA TYR G 752 -7.62 -14.02 2.66
C TYR G 752 -8.62 -14.81 1.81
N GLY G 753 -9.10 -15.95 2.31
CA GLY G 753 -10.22 -16.63 1.70
C GLY G 753 -9.86 -17.42 0.46
N SER G 754 -10.70 -17.28 -0.58
CA SER G 754 -10.55 -18.03 -1.82
C SER G 754 -9.83 -17.24 -2.89
N PHE G 755 -8.87 -16.39 -2.49
CA PHE G 755 -8.11 -15.63 -3.47
C PHE G 755 -7.25 -16.54 -4.33
N CYS G 756 -6.69 -17.60 -3.74
CA CYS G 756 -5.85 -18.51 -4.51
C CYS G 756 -6.67 -19.36 -5.47
N THR G 757 -7.84 -19.82 -5.03
CA THR G 757 -8.65 -20.68 -5.89
C THR G 757 -9.13 -19.94 -7.12
N GLN G 758 -9.43 -18.64 -6.98
CA GLN G 758 -9.80 -17.84 -8.14
C GLN G 758 -8.67 -17.77 -9.15
N LEU G 759 -7.44 -17.55 -8.67
CA LEU G 759 -6.30 -17.48 -9.57
C LEU G 759 -6.04 -18.82 -10.24
N LYS G 760 -6.20 -19.91 -9.51
CA LYS G 760 -6.02 -21.24 -10.08
C LYS G 760 -7.08 -21.52 -11.14
N ARG G 761 -8.32 -21.09 -10.91
CA ARG G 761 -9.36 -21.29 -11.92
C ARG G 761 -9.08 -20.47 -13.18
N ALA G 762 -8.63 -19.23 -13.01
CA ALA G 762 -8.40 -18.36 -14.17
C ALA G 762 -7.30 -18.91 -15.06
N LEU G 763 -6.20 -19.36 -14.45
CA LEU G 763 -5.09 -19.89 -15.24
C LEU G 763 -5.43 -21.22 -15.88
N THR G 764 -6.35 -21.98 -15.28
CA THR G 764 -6.78 -23.23 -15.88
C THR G 764 -7.72 -23.02 -17.05
N GLY G 765 -8.54 -21.98 -17.00
CA GLY G 765 -9.38 -21.66 -18.14
C GLY G 765 -8.58 -21.23 -19.35
N ILE G 766 -7.50 -20.47 -19.12
CA ILE G 766 -6.62 -20.07 -20.21
C ILE G 766 -5.93 -21.28 -20.82
N ALA G 767 -5.39 -22.16 -19.98
CA ALA G 767 -4.63 -23.30 -20.47
C ALA G 767 -5.52 -24.23 -21.29
N VAL G 768 -6.73 -24.50 -20.82
CA VAL G 768 -7.66 -25.34 -21.57
C VAL G 768 -8.06 -24.66 -22.88
N GLU G 769 -8.17 -23.34 -22.88
CA GLU G 769 -8.53 -22.62 -24.09
C GLU G 769 -7.46 -22.74 -25.16
N GLN G 770 -6.18 -22.68 -24.78
CA GLN G 770 -5.11 -22.71 -25.76
C GLN G 770 -5.10 -24.01 -26.56
N ASP G 771 -5.63 -25.09 -25.99
CA ASP G 771 -5.74 -26.33 -26.72
C ASP G 771 -6.87 -26.28 -27.73
N LYS G 772 -7.91 -25.48 -27.48
CA LYS G 772 -8.99 -25.32 -28.43
C LYS G 772 -8.60 -24.41 -29.59
N ASN G 773 -7.75 -23.40 -29.34
CA ASN G 773 -7.30 -22.54 -30.41
C ASN G 773 -6.52 -23.32 -31.47
N THR G 774 -5.63 -24.22 -31.03
CA THR G 774 -4.87 -25.02 -31.97
C THR G 774 -5.73 -26.05 -32.67
N GLN G 775 -6.74 -26.58 -31.98
CA GLN G 775 -7.58 -27.60 -32.60
C GLN G 775 -8.48 -27.02 -33.66
N GLU G 776 -9.08 -25.85 -33.40
CA GLU G 776 -10.03 -25.30 -34.36
C GLU G 776 -9.35 -24.77 -35.61
N VAL G 777 -8.05 -24.50 -35.56
CA VAL G 777 -7.34 -24.02 -36.73
C VAL G 777 -6.94 -25.17 -37.64
N PHE G 778 -6.19 -26.14 -37.09
CA PHE G 778 -5.61 -27.21 -37.88
C PHE G 778 -6.55 -28.39 -38.06
N ALA G 779 -7.22 -28.81 -36.98
CA ALA G 779 -8.06 -30.01 -37.02
C ALA G 779 -9.39 -29.67 -37.71
N GLN G 780 -9.29 -29.47 -39.02
CA GLN G 780 -10.46 -29.25 -39.87
C GLN G 780 -10.61 -30.32 -40.93
N VAL G 781 -9.85 -31.42 -40.83
CA VAL G 781 -9.92 -32.53 -41.76
C VAL G 781 -10.33 -33.77 -41.00
N LYS G 782 -11.38 -34.44 -41.47
CA LYS G 782 -11.77 -35.71 -40.88
C LYS G 782 -10.72 -36.79 -41.14
N GLN G 783 -10.17 -36.82 -42.35
CA GLN G 783 -9.17 -37.80 -42.75
C GLN G 783 -7.78 -37.18 -42.72
N ILE G 784 -6.79 -38.03 -42.92
CA ILE G 784 -5.40 -37.60 -43.03
C ILE G 784 -4.94 -37.99 -44.43
N TYR G 785 -4.96 -37.04 -45.35
CA TYR G 785 -4.67 -37.30 -46.74
C TYR G 785 -3.17 -37.47 -46.96
N LYS G 786 -2.82 -37.90 -48.16
CA LYS G 786 -1.45 -38.29 -48.46
C LYS G 786 -1.21 -38.14 -49.95
N THR G 787 -0.10 -37.48 -50.31
CA THR G 787 0.20 -37.25 -51.71
C THR G 787 0.69 -38.53 -52.38
N PRO G 788 0.50 -38.66 -53.68
CA PRO G 788 0.98 -39.85 -54.40
C PRO G 788 2.49 -39.90 -54.42
N PRO G 789 3.08 -41.08 -54.58
CA PRO G 789 4.55 -41.17 -54.66
C PRO G 789 5.12 -40.39 -55.83
N ILE G 790 4.42 -40.32 -56.96
CA ILE G 790 4.88 -39.59 -58.14
C ILE G 790 4.44 -38.14 -57.99
N LYS G 791 5.40 -37.26 -57.72
CA LYS G 791 5.11 -35.84 -57.49
C LYS G 791 5.24 -35.07 -58.81
N TYR G 792 4.22 -35.19 -59.64
CA TYR G 792 4.09 -34.37 -60.83
C TYR G 792 2.69 -33.74 -60.83
N PHE G 793 2.64 -32.42 -60.71
CA PHE G 793 1.36 -31.72 -60.65
C PHE G 793 1.25 -30.69 -61.76
N GLY G 794 1.59 -31.08 -62.98
CA GLY G 794 1.41 -30.22 -64.13
C GLY G 794 2.51 -29.21 -64.36
N GLY G 795 3.67 -29.37 -63.73
CA GLY G 795 4.75 -28.43 -63.82
C GLY G 795 4.92 -27.57 -62.58
N PHE G 796 3.93 -27.53 -61.70
CA PHE G 796 4.05 -26.80 -60.45
C PHE G 796 4.88 -27.62 -59.47
N ASN G 797 5.83 -26.96 -58.82
CA ASN G 797 6.81 -27.62 -57.96
C ASN G 797 6.50 -27.25 -56.52
N PHE G 798 5.90 -28.18 -55.79
CA PHE G 798 5.57 -27.99 -54.37
C PHE G 798 6.62 -28.58 -53.45
N SER G 799 7.88 -28.62 -53.89
CA SER G 799 8.94 -29.19 -53.07
C SER G 799 9.17 -28.38 -51.81
N GLN G 800 9.10 -27.05 -51.92
CA GLN G 800 9.26 -26.19 -50.75
C GLN G 800 8.09 -26.27 -49.79
N ILE G 801 6.98 -26.90 -50.19
CA ILE G 801 5.77 -26.93 -49.40
C ILE G 801 5.48 -28.31 -48.84
N LEU G 802 5.66 -29.35 -49.65
CA LEU G 802 5.36 -30.70 -49.22
C LEU G 802 6.38 -31.16 -48.18
N PRO G 803 6.00 -32.13 -47.33
CA PRO G 803 6.91 -32.58 -46.28
C PRO G 803 8.16 -33.23 -46.86
N ASP G 804 9.25 -33.12 -46.10
CA ASP G 804 10.53 -33.67 -46.52
C ASP G 804 10.73 -35.00 -45.83
N PRO G 805 10.69 -36.13 -46.55
CA PRO G 805 10.85 -37.43 -45.87
C PRO G 805 12.20 -37.61 -45.20
N SER G 806 13.26 -36.99 -45.73
CA SER G 806 14.59 -37.14 -45.18
C SER G 806 14.82 -36.19 -44.01
N LYS G 807 13.89 -36.17 -43.06
CA LYS G 807 14.00 -35.37 -41.85
C LYS G 807 13.37 -36.14 -40.71
N PRO G 808 13.79 -35.90 -39.47
CA PRO G 808 13.16 -36.63 -38.35
C PRO G 808 11.71 -36.24 -38.12
N SER G 809 11.38 -34.96 -38.18
CA SER G 809 10.03 -34.49 -37.91
C SER G 809 9.17 -34.37 -39.16
N LYS G 810 9.74 -34.62 -40.34
CA LYS G 810 9.00 -34.60 -41.60
C LYS G 810 8.30 -33.25 -41.82
N ARG G 811 9.08 -32.19 -41.73
CA ARG G 811 8.58 -30.84 -41.98
C ARG G 811 9.11 -30.34 -43.32
N SER G 812 8.35 -29.43 -43.93
CA SER G 812 8.71 -28.90 -45.23
C SER G 812 9.98 -28.07 -45.12
N PRO G 813 10.70 -27.90 -46.24
CA PRO G 813 11.88 -27.00 -46.21
C PRO G 813 11.55 -25.60 -45.74
N ILE G 814 10.41 -25.04 -46.14
CA ILE G 814 9.99 -23.76 -45.59
C ILE G 814 9.56 -23.91 -44.14
N GLU G 815 8.83 -24.99 -43.84
CA GLU G 815 8.31 -25.20 -42.50
C GLU G 815 9.41 -25.46 -41.49
N ASP G 816 10.63 -25.80 -41.94
CA ASP G 816 11.75 -25.98 -41.03
C ASP G 816 12.56 -24.71 -40.83
N LEU G 817 12.44 -23.73 -41.72
CA LEU G 817 13.08 -22.44 -41.50
C LEU G 817 12.33 -21.63 -40.46
N LEU G 818 11.02 -21.83 -40.33
CA LEU G 818 10.23 -21.11 -39.34
C LEU G 818 10.47 -21.61 -37.93
N PHE G 819 11.01 -22.82 -37.76
CA PHE G 819 11.29 -23.36 -36.44
C PHE G 819 12.68 -23.03 -35.93
N ASN G 820 13.63 -22.75 -36.83
CA ASN G 820 14.95 -22.31 -36.41
C ASN G 820 15.02 -20.80 -36.23
N LYS G 821 14.18 -20.04 -36.94
CA LYS G 821 14.14 -18.60 -36.84
C LYS G 821 13.17 -18.10 -35.77
N VAL G 822 12.54 -18.98 -35.02
CA VAL G 822 11.60 -18.59 -33.99
C VAL G 822 11.61 -19.60 -32.86
N PHE G 851 10.71 -20.88 -11.15
CA PHE G 851 10.49 -22.13 -10.43
C PHE G 851 10.20 -21.90 -8.96
N ASN G 852 9.28 -20.99 -8.68
CA ASN G 852 8.77 -20.73 -7.35
C ASN G 852 7.30 -21.08 -7.27
N GLY G 853 6.93 -22.22 -7.86
CA GLY G 853 5.55 -22.57 -8.04
C GLY G 853 5.02 -22.33 -9.42
N LEU G 854 5.86 -21.85 -10.34
CA LEU G 854 5.45 -21.54 -11.70
C LEU G 854 5.85 -22.71 -12.61
N THR G 855 4.87 -23.34 -13.23
CA THR G 855 5.10 -24.50 -14.08
C THR G 855 4.46 -24.27 -15.44
N VAL G 856 5.15 -24.72 -16.48
CA VAL G 856 4.69 -24.57 -17.86
C VAL G 856 4.25 -25.93 -18.35
N LEU G 857 2.98 -26.05 -18.71
CA LEU G 857 2.35 -27.30 -19.16
C LEU G 857 2.57 -27.49 -20.65
N PRO G 858 2.88 -28.71 -21.08
CA PRO G 858 3.09 -28.93 -22.51
C PRO G 858 1.78 -28.88 -23.26
N PRO G 859 1.79 -28.45 -24.52
CA PRO G 859 0.56 -28.44 -25.32
C PRO G 859 0.08 -29.84 -25.62
N LEU G 860 -1.24 -29.97 -25.81
CA LEU G 860 -1.83 -31.27 -26.08
C LEU G 860 -1.37 -31.84 -27.41
N LEU G 861 -1.31 -31.01 -28.45
CA LEU G 861 -0.86 -31.44 -29.77
C LEU G 861 0.62 -31.12 -29.92
N THR G 862 1.43 -32.14 -30.13
CA THR G 862 2.85 -31.94 -30.33
C THR G 862 3.10 -31.25 -31.67
N ASP G 863 4.31 -30.69 -31.81
CA ASP G 863 4.68 -30.07 -33.06
C ASP G 863 4.76 -31.07 -34.20
N GLU G 864 4.93 -32.36 -33.89
CA GLU G 864 4.90 -33.40 -34.90
C GLU G 864 3.49 -33.87 -35.23
N MET G 865 2.49 -33.44 -34.45
CA MET G 865 1.10 -33.69 -34.80
C MET G 865 0.48 -32.52 -35.55
N ILE G 866 0.92 -31.30 -35.27
CA ILE G 866 0.50 -30.15 -36.05
C ILE G 866 1.07 -30.24 -37.47
N ALA G 867 2.27 -30.79 -37.61
CA ALA G 867 2.85 -30.95 -38.95
C ALA G 867 2.18 -32.05 -39.75
N GLN G 868 1.45 -32.95 -39.09
CA GLN G 868 0.65 -33.94 -39.82
C GLN G 868 -0.70 -33.37 -40.23
N TYR G 869 -1.27 -32.50 -39.40
CA TYR G 869 -2.49 -31.79 -39.79
C TYR G 869 -2.24 -30.88 -40.97
N THR G 870 -1.13 -30.15 -40.95
CA THR G 870 -0.79 -29.26 -42.05
C THR G 870 -0.54 -30.04 -43.33
N SER G 871 0.15 -31.17 -43.23
CA SER G 871 0.43 -31.98 -44.42
C SER G 871 -0.82 -32.65 -44.97
N ALA G 872 -1.84 -32.86 -44.14
CA ALA G 872 -3.10 -33.42 -44.64
C ALA G 872 -3.92 -32.37 -45.38
N LEU G 873 -3.74 -31.10 -45.01
CA LEU G 873 -4.41 -30.02 -45.74
C LEU G 873 -3.72 -29.74 -47.07
N LEU G 874 -2.39 -29.83 -47.09
CA LEU G 874 -1.65 -29.63 -48.33
C LEU G 874 -1.92 -30.75 -49.33
N ALA G 875 -1.98 -31.99 -48.84
CA ALA G 875 -2.19 -33.12 -49.75
C ALA G 875 -3.61 -33.15 -50.29
N GLY G 876 -4.59 -32.71 -49.50
CA GLY G 876 -5.95 -32.64 -49.99
C GLY G 876 -6.16 -31.52 -50.99
N THR G 877 -5.54 -30.36 -50.74
CA THR G 877 -5.73 -29.21 -51.62
C THR G 877 -5.15 -29.47 -52.99
N ILE G 878 -3.94 -30.03 -53.05
CA ILE G 878 -3.29 -30.29 -54.33
C ILE G 878 -4.04 -31.38 -55.09
N THR G 879 -4.50 -32.40 -54.40
CA THR G 879 -5.11 -33.56 -55.04
C THR G 879 -6.59 -33.37 -55.32
N SER G 880 -7.35 -32.82 -54.37
CA SER G 880 -8.79 -32.71 -54.50
C SER G 880 -9.26 -31.31 -54.89
N GLY G 881 -8.69 -30.27 -54.27
CA GLY G 881 -9.15 -28.92 -54.51
C GLY G 881 -9.95 -28.39 -53.34
N TRP G 882 -11.12 -27.84 -53.60
CA TRP G 882 -12.05 -27.50 -52.54
C TRP G 882 -13.05 -28.62 -52.27
N THR G 883 -12.96 -29.72 -53.01
CA THR G 883 -13.90 -30.82 -52.83
C THR G 883 -13.73 -31.50 -51.50
N PHE G 884 -12.52 -31.47 -50.93
CA PHE G 884 -12.27 -32.20 -49.69
C PHE G 884 -12.78 -31.47 -48.46
N GLY G 885 -13.07 -30.17 -48.58
CA GLY G 885 -13.58 -29.41 -47.47
C GLY G 885 -15.08 -29.31 -47.38
N ALA G 886 -15.79 -29.85 -48.37
CA ALA G 886 -17.24 -29.76 -48.44
C ALA G 886 -17.86 -31.12 -48.75
N GLY G 887 -17.27 -32.17 -48.22
CA GLY G 887 -17.74 -33.51 -48.47
C GLY G 887 -16.60 -34.46 -48.77
N PRO G 888 -16.87 -35.52 -49.55
CA PRO G 888 -15.80 -36.44 -49.92
C PRO G 888 -14.78 -35.77 -50.82
N ALA G 889 -13.54 -36.22 -50.71
CA ALA G 889 -12.45 -35.66 -51.50
C ALA G 889 -12.47 -36.31 -52.89
N LEU G 890 -12.74 -35.50 -53.90
CA LEU G 890 -12.76 -35.95 -55.29
C LEU G 890 -11.51 -35.47 -55.99
N GLN G 891 -10.77 -36.38 -56.60
CA GLN G 891 -9.52 -36.00 -57.24
C GLN G 891 -9.80 -35.22 -58.53
N ILE G 892 -8.83 -34.40 -58.91
CA ILE G 892 -8.91 -33.59 -60.12
C ILE G 892 -7.50 -33.17 -60.51
N PRO G 893 -7.13 -33.22 -61.79
CA PRO G 893 -5.78 -32.82 -62.18
C PRO G 893 -5.51 -31.37 -61.83
N PHE G 894 -4.30 -31.09 -61.35
CA PHE G 894 -3.94 -29.73 -60.97
C PHE G 894 -4.05 -28.74 -62.12
N PRO G 895 -3.61 -29.02 -63.34
CA PRO G 895 -3.88 -28.08 -64.44
C PRO G 895 -5.35 -27.79 -64.63
N MET G 896 -6.22 -28.77 -64.41
CA MET G 896 -7.66 -28.52 -64.50
C MET G 896 -8.25 -27.99 -63.21
N GLN G 897 -7.49 -27.99 -62.12
CA GLN G 897 -7.94 -27.34 -60.89
C GLN G 897 -7.65 -25.85 -60.92
N MET G 898 -6.52 -25.45 -61.50
CA MET G 898 -6.21 -24.03 -61.64
C MET G 898 -7.08 -23.36 -62.68
N ALA G 899 -7.69 -24.13 -63.58
CA ALA G 899 -8.65 -23.55 -64.52
C ALA G 899 -9.97 -23.23 -63.82
N TYR G 900 -10.33 -24.00 -62.79
CA TYR G 900 -11.49 -23.65 -61.99
C TYR G 900 -11.27 -22.36 -61.23
N ARG G 901 -10.06 -22.18 -60.68
CA ARG G 901 -9.74 -21.00 -59.90
C ARG G 901 -9.51 -19.77 -60.77
N PHE G 902 -9.29 -19.95 -62.07
CA PHE G 902 -9.25 -18.83 -62.98
C PHE G 902 -10.65 -18.31 -63.30
N ASN G 903 -11.62 -19.21 -63.42
CA ASN G 903 -13.01 -18.79 -63.60
C ASN G 903 -13.57 -18.12 -62.35
N GLY G 904 -12.99 -18.40 -61.19
CA GLY G 904 -13.45 -17.75 -59.97
C GLY G 904 -13.14 -16.28 -59.92
N ILE G 905 -12.12 -15.83 -60.64
CA ILE G 905 -11.75 -14.42 -60.69
C ILE G 905 -12.21 -13.74 -61.96
N GLY G 906 -12.83 -14.46 -62.87
CA GLY G 906 -13.37 -13.87 -64.08
C GLY G 906 -12.53 -14.04 -65.32
N VAL G 907 -11.51 -14.88 -65.29
CA VAL G 907 -10.65 -15.11 -66.45
C VAL G 907 -10.99 -16.48 -67.01
N THR G 908 -11.09 -16.56 -68.34
CA THR G 908 -11.56 -17.78 -68.98
C THR G 908 -10.58 -18.93 -68.78
N GLN G 909 -11.06 -20.14 -69.06
CA GLN G 909 -10.21 -21.33 -68.95
C GLN G 909 -9.09 -21.29 -69.98
N ASN G 910 -9.37 -20.78 -71.18
CA ASN G 910 -8.37 -20.76 -72.24
C ASN G 910 -7.11 -20.05 -71.78
N VAL G 911 -7.24 -19.01 -70.97
CA VAL G 911 -6.09 -18.21 -70.57
C VAL G 911 -5.06 -19.06 -69.82
N LEU G 912 -5.52 -20.06 -69.07
CA LEU G 912 -4.59 -20.90 -68.33
C LEU G 912 -3.89 -21.90 -69.23
N TYR G 913 -4.66 -22.65 -70.03
CA TYR G 913 -4.07 -23.73 -70.81
C TYR G 913 -3.09 -23.21 -71.85
N GLU G 914 -3.43 -22.09 -72.50
CA GLU G 914 -2.50 -21.51 -73.45
C GLU G 914 -1.24 -20.98 -72.79
N ASN G 915 -1.29 -20.66 -71.50
CA ASN G 915 -0.16 -20.12 -70.76
C ASN G 915 0.18 -21.00 -69.57
N GLN G 916 0.09 -22.31 -69.73
CA GLN G 916 0.31 -23.21 -68.59
C GLN G 916 1.78 -23.24 -68.18
N LYS G 917 2.69 -23.22 -69.14
CA LYS G 917 4.12 -23.23 -68.81
C LYS G 917 4.55 -21.90 -68.20
N LEU G 918 3.99 -20.79 -68.69
CA LEU G 918 4.32 -19.49 -68.12
C LEU G 918 3.85 -19.38 -66.68
N ILE G 919 2.63 -19.84 -66.40
CA ILE G 919 2.08 -19.73 -65.05
C ILE G 919 2.82 -20.64 -64.08
N ALA G 920 3.18 -21.84 -64.53
CA ALA G 920 3.93 -22.75 -63.66
C ALA G 920 5.30 -22.19 -63.33
N ASN G 921 5.96 -21.55 -64.29
CA ASN G 921 7.25 -20.93 -64.03
C ASN G 921 7.13 -19.78 -63.05
N GLN G 922 6.07 -18.97 -63.17
CA GLN G 922 5.87 -17.86 -62.26
C GLN G 922 5.52 -18.33 -60.85
N PHE G 923 4.84 -19.46 -60.72
CA PHE G 923 4.57 -20.00 -59.38
C PHE G 923 5.84 -20.55 -58.74
N ASN G 924 6.62 -21.33 -59.49
CA ASN G 924 7.85 -21.90 -58.94
C ASN G 924 8.82 -20.81 -58.54
N SER G 925 8.94 -19.76 -59.36
CA SER G 925 9.82 -18.65 -59.04
C SER G 925 9.33 -17.88 -57.83
N ALA G 926 8.01 -17.75 -57.66
CA ALA G 926 7.48 -16.98 -56.54
C ALA G 926 7.60 -17.74 -55.23
N ILE G 927 7.38 -19.05 -55.24
CA ILE G 927 7.52 -19.85 -54.03
C ILE G 927 8.98 -19.96 -53.62
N GLY G 928 9.90 -19.86 -54.57
CA GLY G 928 11.31 -19.92 -54.23
C GLY G 928 11.81 -18.70 -53.48
N LYS G 929 11.20 -17.55 -53.73
CA LYS G 929 11.60 -16.31 -53.06
C LYS G 929 10.97 -16.15 -51.69
N ILE G 930 10.11 -17.08 -51.27
CA ILE G 930 9.55 -17.02 -49.93
C ILE G 930 10.61 -17.33 -48.89
N GLN G 931 11.46 -18.33 -49.17
CA GLN G 931 12.53 -18.66 -48.24
C GLN G 931 13.52 -17.52 -48.08
N ASP G 932 13.86 -16.85 -49.18
CA ASP G 932 14.87 -15.80 -49.16
C ASP G 932 14.35 -14.50 -48.56
N SER G 933 13.04 -14.26 -48.58
CA SER G 933 12.45 -13.02 -48.10
C SER G 933 11.88 -13.15 -46.70
N LEU G 934 10.97 -14.11 -46.49
CA LEU G 934 10.35 -14.28 -45.19
C LEU G 934 11.37 -14.70 -44.14
N PHE G 935 12.23 -15.66 -44.47
CA PHE G 935 13.08 -16.30 -43.47
C PHE G 935 14.41 -15.59 -43.28
N SER G 936 15.03 -15.13 -44.37
CA SER G 936 16.34 -14.49 -44.29
C SER G 936 16.26 -12.97 -44.23
N THR G 937 15.05 -12.42 -44.07
CA THR G 937 14.88 -10.98 -44.00
C THR G 937 13.58 -10.63 -43.28
N SER G 939 12.81 -10.90 -38.91
CA SER G 939 12.11 -9.62 -38.78
C SER G 939 10.69 -9.73 -39.29
N ALA G 940 10.40 -10.84 -39.98
CA ALA G 940 9.06 -11.08 -40.49
C ALA G 940 8.17 -11.81 -39.50
N LEU G 941 8.75 -12.54 -38.55
CA LEU G 941 8.00 -13.28 -37.54
C LEU G 941 7.89 -12.52 -36.23
N GLY G 942 7.82 -11.19 -36.29
CA GLY G 942 7.69 -10.40 -35.08
C GLY G 942 6.38 -10.62 -34.35
N LYS G 943 5.36 -11.14 -35.04
CA LYS G 943 4.10 -11.44 -34.37
C LYS G 943 4.21 -12.68 -33.51
N LEU G 944 4.88 -13.72 -34.00
CA LEU G 944 5.10 -14.92 -33.19
C LEU G 944 6.17 -14.69 -32.14
N GLN G 945 7.21 -13.94 -32.47
CA GLN G 945 8.29 -13.70 -31.52
C GLN G 945 7.81 -12.86 -30.35
N ASP G 946 6.93 -11.90 -30.60
CA ASP G 946 6.41 -11.07 -29.51
C ASP G 946 5.55 -11.89 -28.55
N VAL G 947 4.88 -12.92 -29.04
CA VAL G 947 4.12 -13.81 -28.16
C VAL G 947 5.06 -14.51 -27.19
N VAL G 948 6.18 -15.02 -27.69
CA VAL G 948 7.13 -15.71 -26.83
C VAL G 948 7.79 -14.74 -25.85
N ASN G 949 8.16 -13.55 -26.33
CA ASN G 949 8.86 -12.60 -25.47
C ASN G 949 7.97 -12.10 -24.34
N HIS G 950 6.69 -11.85 -24.62
CA HIS G 950 5.81 -11.33 -23.58
C HIS G 950 5.47 -12.39 -22.54
N ASN G 951 5.49 -13.66 -22.92
CA ASN G 951 5.25 -14.73 -21.96
C ASN G 951 6.45 -14.97 -21.07
N ALA G 952 7.66 -14.88 -21.63
CA ALA G 952 8.86 -15.03 -20.83
C ALA G 952 9.15 -13.80 -19.99
N GLN G 953 8.69 -12.63 -20.43
CA GLN G 953 8.89 -11.41 -19.66
C GLN G 953 7.96 -11.37 -18.45
N ALA G 954 6.73 -11.88 -18.60
CA ALA G 954 5.79 -11.88 -17.49
C ALA G 954 6.24 -12.79 -16.38
N LEU G 955 6.78 -13.97 -16.71
CA LEU G 955 7.27 -14.88 -15.68
C LEU G 955 8.48 -14.31 -14.96
N ASN G 956 9.43 -13.74 -15.71
CA ASN G 956 10.61 -13.15 -15.07
C ASN G 956 10.23 -11.98 -14.18
N THR G 957 9.28 -11.17 -14.61
CA THR G 957 8.81 -10.07 -13.78
C THR G 957 8.13 -10.60 -12.52
N LEU G 958 7.40 -11.70 -12.64
CA LEU G 958 6.73 -12.28 -11.47
C LEU G 958 7.75 -12.80 -10.46
N VAL G 959 8.82 -13.44 -10.94
CA VAL G 959 9.85 -13.96 -10.04
C VAL G 959 10.60 -12.81 -9.38
N LYS G 960 10.85 -11.73 -10.12
CA LYS G 960 11.51 -10.58 -9.53
C LYS G 960 10.48 -9.73 -8.79
N GLN G 961 9.69 -10.38 -7.94
CA GLN G 961 8.83 -9.73 -6.98
C GLN G 961 8.93 -10.41 -5.62
N LEU G 962 9.61 -11.54 -5.54
CA LEU G 962 9.97 -12.18 -4.28
C LEU G 962 11.24 -11.58 -3.69
N SER G 963 11.88 -10.66 -4.41
CA SER G 963 13.03 -9.92 -3.91
C SER G 963 12.67 -8.53 -3.40
N SER G 964 11.48 -8.03 -3.72
CA SER G 964 11.03 -6.74 -3.21
C SER G 964 10.59 -6.89 -1.75
N LYS G 965 10.63 -5.77 -1.03
CA LYS G 965 10.31 -5.76 0.39
C LYS G 965 8.89 -5.27 0.68
N PHE G 966 8.33 -4.42 -0.16
CA PHE G 966 6.99 -3.88 0.02
C PHE G 966 6.83 -3.19 1.37
N GLY G 967 7.90 -2.53 1.82
CA GLY G 967 7.88 -1.81 3.08
C GLY G 967 8.21 -2.65 4.30
N ALA G 968 8.44 -3.94 4.15
CA ALA G 968 8.80 -4.79 5.28
C ALA G 968 10.29 -4.63 5.60
N ILE G 969 10.72 -5.30 6.67
CA ILE G 969 12.14 -5.24 7.05
C ILE G 969 13.00 -5.90 6.00
N SER G 970 12.58 -7.06 5.50
CA SER G 970 13.36 -7.80 4.51
C SER G 970 12.40 -8.65 3.68
N SER G 971 12.93 -9.18 2.57
CA SER G 971 12.15 -9.96 1.64
C SER G 971 12.28 -11.46 1.89
N VAL G 972 12.87 -11.86 3.00
CA VAL G 972 13.03 -13.27 3.36
C VAL G 972 12.20 -13.55 4.59
N LEU G 973 11.35 -14.58 4.52
CA LEU G 973 10.50 -14.91 5.65
C LEU G 973 11.31 -15.43 6.83
N ASN G 974 12.33 -16.24 6.57
CA ASN G 974 13.15 -16.77 7.65
C ASN G 974 13.95 -15.67 8.33
N ASP G 975 14.31 -14.62 7.61
CA ASP G 975 15.01 -13.49 8.20
C ASP G 975 14.10 -12.59 9.02
N ILE G 976 12.77 -12.75 8.90
CA ILE G 976 11.81 -11.99 9.68
C ILE G 976 11.33 -12.78 10.88
N LEU G 977 10.97 -14.05 10.68
CA LEU G 977 10.48 -14.87 11.77
C LEU G 977 11.55 -15.12 12.82
N SER G 978 12.79 -15.31 12.39
CA SER G 978 13.88 -15.67 13.28
C SER G 978 14.58 -14.47 13.90
N ARG G 979 14.11 -13.25 13.63
CA ARG G 979 14.68 -12.06 14.24
C ARG G 979 13.69 -11.29 15.10
N LEU G 980 12.45 -11.16 14.65
CA LEU G 980 11.45 -10.36 15.35
C LEU G 980 10.53 -11.25 16.19
N ASP G 981 9.81 -10.59 17.10
CA ASP G 981 8.84 -11.28 17.94
C ASP G 981 7.66 -11.76 17.10
N PRO G 982 6.92 -12.74 17.59
CA PRO G 982 5.74 -13.23 16.86
C PRO G 982 4.74 -12.12 16.54
N PRO G 983 4.48 -11.18 17.46
CA PRO G 983 3.61 -10.06 17.07
C PRO G 983 4.26 -9.12 16.07
N GLU G 984 5.57 -8.90 16.18
CA GLU G 984 6.25 -8.00 15.25
C GLU G 984 6.44 -8.66 13.88
N ALA G 985 6.59 -9.98 13.85
CA ALA G 985 6.75 -10.67 12.58
C ALA G 985 5.44 -10.72 11.80
N GLU G 986 4.32 -10.96 12.50
CA GLU G 986 3.04 -11.06 11.81
C GLU G 986 2.66 -9.75 11.15
N VAL G 987 3.12 -8.61 11.70
CA VAL G 987 2.83 -7.33 11.08
C VAL G 987 3.60 -7.18 9.77
N GLN G 988 4.86 -7.59 9.76
CA GLN G 988 5.70 -7.44 8.57
C GLN G 988 5.61 -8.62 7.62
N ILE G 989 4.82 -9.65 7.95
CA ILE G 989 4.56 -10.72 7.01
C ILE G 989 3.35 -10.40 6.13
N ASP G 990 2.31 -9.81 6.72
CA ASP G 990 1.17 -9.37 5.94
C ASP G 990 1.54 -8.35 4.89
N ARG G 991 2.65 -7.62 5.08
CA ARG G 991 3.13 -6.73 4.04
C ARG G 991 3.70 -7.52 2.86
N LEU G 992 4.25 -8.70 3.12
CA LEU G 992 4.73 -9.56 2.05
C LEU G 992 3.63 -10.42 1.44
N ILE G 993 2.62 -10.79 2.23
CA ILE G 993 1.50 -11.52 1.68
C ILE G 993 0.65 -10.63 0.79
N THR G 994 0.36 -9.41 1.26
CA THR G 994 -0.40 -8.47 0.45
C THR G 994 0.40 -8.00 -0.76
N GLY G 995 1.71 -7.87 -0.61
CA GLY G 995 2.53 -7.45 -1.73
C GLY G 995 2.59 -8.48 -2.84
N ARG G 996 2.66 -9.75 -2.48
CA ARG G 996 2.74 -10.81 -3.47
C ARG G 996 1.39 -11.28 -3.98
N LEU G 997 0.32 -11.07 -3.21
CA LEU G 997 -1.01 -11.32 -3.73
C LEU G 997 -1.37 -10.34 -4.84
N GLN G 998 -1.03 -9.06 -4.66
CA GLN G 998 -1.23 -8.09 -5.72
C GLN G 998 -0.24 -8.29 -6.85
N SER G 999 0.85 -9.00 -6.61
CA SER G 999 1.77 -9.35 -7.69
C SER G 999 1.28 -10.52 -8.51
N LEU G 1000 0.49 -11.41 -7.90
CA LEU G 1000 -0.10 -12.52 -8.64
C LEU G 1000 -1.36 -12.08 -9.38
N GLN G 1001 -2.19 -11.25 -8.74
CA GLN G 1001 -3.40 -10.76 -9.41
C GLN G 1001 -3.05 -9.92 -10.62
N THR G 1002 -2.04 -9.07 -10.52
CA THR G 1002 -1.61 -8.26 -11.66
C THR G 1002 -1.10 -9.14 -12.79
N TYR G 1003 -0.55 -10.32 -12.47
CA TYR G 1003 -0.09 -11.24 -13.49
C TYR G 1003 -1.25 -11.95 -14.17
N VAL G 1004 -2.19 -12.47 -13.38
CA VAL G 1004 -3.31 -13.23 -13.93
C VAL G 1004 -4.24 -12.32 -14.71
N THR G 1005 -4.44 -11.08 -14.23
CA THR G 1005 -5.31 -10.15 -14.94
C THR G 1005 -4.75 -9.83 -16.33
N GLN G 1006 -3.43 -9.72 -16.45
CA GLN G 1006 -2.82 -9.43 -17.75
C GLN G 1006 -2.82 -10.65 -18.66
N GLN G 1007 -2.74 -11.86 -18.10
CA GLN G 1007 -2.83 -13.06 -18.91
C GLN G 1007 -4.22 -13.23 -19.51
N LEU G 1008 -5.25 -12.85 -18.75
CA LEU G 1008 -6.60 -12.91 -19.29
C LEU G 1008 -6.79 -11.92 -20.43
N ILE G 1009 -6.15 -10.75 -20.36
CA ILE G 1009 -6.24 -9.78 -21.44
C ILE G 1009 -5.45 -10.25 -22.65
N ARG G 1010 -4.26 -10.81 -22.43
CA ARG G 1010 -3.48 -11.32 -23.55
C ARG G 1010 -4.16 -12.50 -24.23
N ALA G 1011 -4.73 -13.42 -23.45
CA ALA G 1011 -5.38 -14.59 -24.03
C ALA G 1011 -6.66 -14.21 -24.76
N ALA G 1012 -7.22 -13.04 -24.49
CA ALA G 1012 -8.39 -12.59 -25.22
C ALA G 1012 -8.04 -12.10 -26.61
N GLU G 1013 -6.81 -11.64 -26.82
CA GLU G 1013 -6.36 -11.22 -28.13
C GLU G 1013 -5.70 -12.34 -28.91
N ILE G 1014 -5.18 -13.37 -28.23
CA ILE G 1014 -4.73 -14.57 -28.93
C ILE G 1014 -5.93 -15.34 -29.47
N ARG G 1015 -7.01 -15.41 -28.69
CA ARG G 1015 -8.23 -16.05 -29.18
C ARG G 1015 -8.81 -15.28 -30.35
N ALA G 1016 -8.70 -13.95 -30.33
CA ALA G 1016 -9.17 -13.16 -31.46
C ALA G 1016 -8.36 -13.44 -32.71
N SER G 1017 -7.04 -13.61 -32.56
CA SER G 1017 -6.18 -13.94 -33.68
C SER G 1017 -6.18 -15.42 -34.01
N ALA G 1018 -6.74 -16.26 -33.14
CA ALA G 1018 -6.90 -17.68 -33.44
C ALA G 1018 -8.24 -17.98 -34.07
N ASN G 1019 -9.24 -17.13 -33.85
CA ASN G 1019 -10.50 -17.24 -34.57
C ASN G 1019 -10.36 -16.75 -36.00
N LEU G 1020 -9.45 -15.80 -36.23
CA LEU G 1020 -9.18 -15.32 -37.58
C LEU G 1020 -8.38 -16.31 -38.39
N ALA G 1021 -7.42 -16.99 -37.76
CA ALA G 1021 -6.63 -17.99 -38.47
C ALA G 1021 -7.46 -19.21 -38.81
N ALA G 1022 -8.47 -19.52 -38.03
CA ALA G 1022 -9.38 -20.61 -38.35
C ALA G 1022 -10.35 -20.22 -39.45
N THR G 1023 -10.61 -18.92 -39.63
CA THR G 1023 -11.42 -18.44 -40.73
C THR G 1023 -10.63 -18.39 -42.03
N LYS G 1024 -9.36 -17.99 -41.96
CA LYS G 1024 -8.51 -18.02 -43.15
C LYS G 1024 -8.30 -19.45 -43.63
N MET G 1025 -8.13 -20.39 -42.71
CA MET G 1025 -7.97 -21.78 -43.11
C MET G 1025 -9.22 -22.32 -43.78
N SER G 1026 -10.39 -21.97 -43.25
CA SER G 1026 -11.63 -22.48 -43.82
C SER G 1026 -11.92 -21.86 -45.18
N GLU G 1027 -11.58 -20.59 -45.36
CA GLU G 1027 -11.99 -19.86 -46.57
C GLU G 1027 -10.87 -19.68 -47.59
N CYS G 1028 -9.68 -19.27 -47.15
CA CYS G 1028 -8.56 -19.15 -48.09
C CYS G 1028 -8.05 -20.52 -48.51
N VAL G 1029 -7.86 -21.44 -47.56
CA VAL G 1029 -7.23 -22.72 -47.86
C VAL G 1029 -8.26 -23.72 -48.39
N LEU G 1030 -9.35 -23.92 -47.65
CA LEU G 1030 -10.38 -24.88 -48.05
C LEU G 1030 -11.40 -24.26 -48.98
N GLY G 1031 -10.94 -23.62 -50.05
CA GLY G 1031 -11.83 -22.96 -50.98
C GLY G 1031 -11.13 -21.80 -51.64
N GLN G 1032 -11.91 -20.99 -52.36
CA GLN G 1032 -11.42 -19.78 -52.98
C GLN G 1032 -12.28 -18.61 -52.53
N SER G 1033 -11.63 -17.52 -52.13
CA SER G 1033 -12.30 -16.40 -51.48
C SER G 1033 -12.56 -15.30 -52.50
N LYS G 1034 -13.80 -14.81 -52.52
CA LYS G 1034 -14.15 -13.63 -53.30
C LYS G 1034 -13.99 -12.33 -52.52
N ARG G 1035 -13.73 -12.43 -51.21
CA ARG G 1035 -13.53 -11.24 -50.39
C ARG G 1035 -12.23 -10.56 -50.77
N VAL G 1036 -12.22 -9.25 -50.73
CA VAL G 1036 -11.08 -8.46 -51.19
C VAL G 1036 -10.08 -8.32 -50.05
N ASP G 1037 -8.81 -8.55 -50.35
CA ASP G 1037 -7.68 -8.40 -49.45
C ASP G 1037 -7.77 -9.27 -48.20
N PHE G 1038 -8.70 -10.23 -48.17
CA PHE G 1038 -8.77 -11.15 -47.04
C PHE G 1038 -7.67 -12.20 -47.12
N CYS G 1039 -7.38 -12.68 -48.33
CA CYS G 1039 -6.35 -13.68 -48.54
C CYS G 1039 -5.24 -13.11 -49.41
N GLY G 1040 -4.80 -11.89 -49.10
CA GLY G 1040 -3.68 -11.27 -49.77
C GLY G 1040 -4.12 -10.30 -50.85
N LYS G 1041 -3.17 -9.49 -51.29
CA LYS G 1041 -3.44 -8.47 -52.29
C LYS G 1041 -3.48 -9.09 -53.69
N GLY G 1042 -4.54 -8.81 -54.42
CA GLY G 1042 -4.74 -9.37 -55.74
C GLY G 1042 -6.01 -10.17 -55.81
N TYR G 1043 -6.16 -11.01 -56.83
CA TYR G 1043 -7.29 -11.90 -56.97
C TYR G 1043 -6.88 -13.28 -56.47
N HIS G 1044 -7.56 -13.75 -55.43
CA HIS G 1044 -7.18 -15.02 -54.78
C HIS G 1044 -7.29 -16.22 -55.68
N LEU G 1045 -6.26 -17.07 -55.67
CA LEU G 1045 -6.30 -18.35 -56.35
C LEU G 1045 -6.29 -19.51 -55.35
N MET G 1046 -5.27 -19.58 -54.49
CA MET G 1046 -5.19 -20.64 -53.50
C MET G 1046 -4.20 -20.24 -52.43
N SER G 1047 -4.28 -20.93 -51.29
CA SER G 1047 -3.37 -20.68 -50.17
C SER G 1047 -2.91 -22.01 -49.61
N PHE G 1048 -1.73 -22.00 -48.98
CA PHE G 1048 -1.12 -23.21 -48.43
C PHE G 1048 -0.71 -22.95 -46.98
N PRO G 1049 -1.17 -23.75 -46.03
CA PRO G 1049 -0.79 -23.52 -44.64
C PRO G 1049 0.58 -24.11 -44.32
N GLN G 1050 1.32 -23.41 -43.46
CA GLN G 1050 2.58 -23.90 -42.93
C GLN G 1050 2.58 -23.64 -41.43
N SER G 1051 2.88 -24.66 -40.64
CA SER G 1051 2.89 -24.47 -39.20
C SER G 1051 4.12 -23.68 -38.78
N ALA G 1052 4.02 -23.06 -37.62
CA ALA G 1052 5.11 -22.29 -37.04
C ALA G 1052 4.98 -22.37 -35.53
N PRO G 1053 6.05 -22.12 -34.78
CA PRO G 1053 5.95 -22.17 -33.32
C PRO G 1053 4.94 -21.19 -32.77
N HIS G 1054 3.88 -21.72 -32.17
CA HIS G 1054 2.81 -20.93 -31.57
C HIS G 1054 2.07 -20.08 -32.61
N GLY G 1055 1.92 -20.61 -33.81
CA GLY G 1055 1.25 -19.84 -34.84
C GLY G 1055 1.11 -20.64 -36.13
N VAL G 1056 0.71 -19.93 -37.18
CA VAL G 1056 0.48 -20.53 -38.49
C VAL G 1056 0.85 -19.50 -39.54
N VAL G 1057 1.35 -19.98 -40.68
CA VAL G 1057 1.77 -19.13 -41.79
C VAL G 1057 1.01 -19.56 -43.03
N PHE G 1058 0.45 -18.59 -43.74
CA PHE G 1058 -0.28 -18.83 -44.98
C PHE G 1058 0.51 -18.28 -46.15
N LEU G 1059 0.58 -19.03 -47.23
CA LEU G 1059 1.21 -18.58 -48.47
C LEU G 1059 0.08 -18.33 -49.46
N HIS G 1060 -0.34 -17.08 -49.58
CA HIS G 1060 -1.49 -16.71 -50.39
C HIS G 1060 -1.05 -16.52 -51.83
N VAL G 1061 -1.50 -17.39 -52.71
CA VAL G 1061 -1.21 -17.27 -54.14
C VAL G 1061 -2.32 -16.46 -54.78
N THR G 1062 -1.96 -15.35 -55.43
CA THR G 1062 -2.93 -14.42 -55.98
C THR G 1062 -2.56 -14.09 -57.41
N TYR G 1063 -3.53 -13.52 -58.12
CA TYR G 1063 -3.41 -13.13 -59.52
C TYR G 1063 -3.36 -11.62 -59.61
N VAL G 1064 -2.30 -11.09 -60.19
CA VAL G 1064 -2.10 -9.65 -60.30
C VAL G 1064 -2.03 -9.29 -61.78
N PRO G 1065 -2.88 -8.40 -62.27
CA PRO G 1065 -2.79 -7.99 -63.68
C PRO G 1065 -1.54 -7.14 -63.93
N ALA G 1066 -1.17 -7.07 -65.21
CA ALA G 1066 0.00 -6.31 -65.60
C ALA G 1066 -0.12 -5.91 -67.06
N GLN G 1067 0.67 -4.91 -67.45
CA GLN G 1067 0.76 -4.44 -68.83
C GLN G 1067 -0.58 -3.95 -69.35
N GLU G 1068 -1.13 -2.96 -68.67
CA GLU G 1068 -2.38 -2.35 -69.09
C GLU G 1068 -2.20 -1.59 -70.40
N LYS G 1069 -3.25 -1.55 -71.20
CA LYS G 1069 -3.22 -0.81 -72.47
C LYS G 1069 -4.48 0.03 -72.61
N ASN G 1070 -4.32 1.20 -73.21
CA ASN G 1070 -5.42 2.13 -73.42
C ASN G 1070 -6.31 1.67 -74.56
N PHE G 1071 -7.62 1.85 -74.38
CA PHE G 1071 -8.58 1.54 -75.43
C PHE G 1071 -9.72 2.56 -75.38
N THR G 1072 -10.47 2.61 -76.46
CA THR G 1072 -11.72 3.35 -76.51
C THR G 1072 -12.86 2.36 -76.35
N THR G 1073 -13.89 2.74 -75.60
CA THR G 1073 -14.95 1.83 -75.22
C THR G 1073 -16.31 2.47 -75.46
N ALA G 1074 -17.33 1.62 -75.53
CA ALA G 1074 -18.70 2.04 -75.75
C ALA G 1074 -19.61 1.25 -74.83
N PRO G 1075 -20.71 1.85 -74.37
CA PRO G 1075 -21.67 1.06 -73.58
C PRO G 1075 -22.45 0.06 -74.42
N ALA G 1076 -22.84 0.45 -75.63
CA ALA G 1076 -23.58 -0.43 -76.53
C ALA G 1076 -23.25 -0.03 -77.95
N ILE G 1077 -23.60 -0.89 -78.91
CA ILE G 1077 -23.42 -0.57 -80.32
C ILE G 1077 -24.76 -0.74 -81.04
N CYS G 1078 -25.02 0.15 -81.99
CA CYS G 1078 -26.29 0.19 -82.71
C CYS G 1078 -26.08 -0.42 -84.08
N HIS G 1079 -26.67 -1.59 -84.31
CA HIS G 1079 -26.49 -2.25 -85.61
C HIS G 1079 -27.47 -1.71 -86.64
N ASP G 1080 -28.76 -1.90 -86.42
CA ASP G 1080 -29.80 -1.46 -87.35
C ASP G 1080 -31.00 -0.93 -86.59
N GLY G 1081 -30.75 -0.13 -85.56
CA GLY G 1081 -31.81 0.37 -84.71
C GLY G 1081 -32.01 -0.40 -83.43
N LYS G 1082 -31.12 -1.33 -83.10
CA LYS G 1082 -31.20 -2.10 -81.87
C LYS G 1082 -29.88 -1.95 -81.11
N ALA G 1083 -29.99 -1.69 -79.81
CA ALA G 1083 -28.81 -1.51 -78.97
C ALA G 1083 -28.31 -2.87 -78.50
N HIS G 1084 -27.06 -3.19 -78.82
CA HIS G 1084 -26.45 -4.46 -78.45
C HIS G 1084 -25.51 -4.27 -77.27
N PHE G 1085 -25.72 -5.04 -76.21
CA PHE G 1085 -24.87 -5.00 -75.05
C PHE G 1085 -24.08 -6.30 -74.94
N PRO G 1086 -22.86 -6.25 -74.41
CA PRO G 1086 -22.07 -7.48 -74.29
C PRO G 1086 -22.61 -8.37 -73.19
N ARG G 1087 -22.62 -9.68 -73.44
CA ARG G 1087 -23.09 -10.62 -72.43
C ARG G 1087 -22.14 -10.64 -71.24
N GLU G 1088 -20.88 -10.99 -71.47
CA GLU G 1088 -19.84 -10.97 -70.44
C GLU G 1088 -18.58 -10.42 -71.08
N GLY G 1089 -18.39 -9.11 -70.94
CA GLY G 1089 -17.24 -8.47 -71.54
C GLY G 1089 -17.46 -6.98 -71.67
N VAL G 1090 -16.51 -6.33 -72.34
CA VAL G 1090 -16.55 -4.89 -72.57
C VAL G 1090 -16.25 -4.65 -74.04
N PHE G 1091 -17.03 -3.78 -74.67
CA PHE G 1091 -16.74 -3.37 -76.03
C PHE G 1091 -15.49 -2.51 -76.04
N VAL G 1092 -14.59 -2.78 -76.98
CA VAL G 1092 -13.28 -2.15 -77.01
C VAL G 1092 -12.88 -1.88 -78.46
N SER G 1093 -12.30 -0.71 -78.70
CA SER G 1093 -11.86 -0.30 -80.03
C SER G 1093 -10.36 -0.05 -80.02
N ASN G 1094 -9.65 -0.69 -80.96
CA ASN G 1094 -8.21 -0.49 -81.09
C ASN G 1094 -7.86 0.69 -81.98
N GLY G 1095 -8.80 1.61 -82.19
CA GLY G 1095 -8.59 2.76 -83.04
C GLY G 1095 -9.40 2.70 -84.31
N THR G 1096 -9.56 1.50 -84.88
CA THR G 1096 -10.27 1.35 -86.14
C THR G 1096 -11.42 0.36 -86.07
N HIS G 1097 -11.25 -0.76 -85.34
CA HIS G 1097 -12.25 -1.81 -85.30
C HIS G 1097 -12.79 -1.97 -83.88
N TRP G 1098 -14.01 -2.47 -83.78
CA TRP G 1098 -14.68 -2.66 -82.50
C TRP G 1098 -14.73 -4.14 -82.17
N PHE G 1099 -14.22 -4.51 -81.00
CA PHE G 1099 -14.19 -5.87 -80.52
C PHE G 1099 -14.97 -5.97 -79.21
N VAL G 1100 -15.06 -7.19 -78.69
CA VAL G 1100 -15.61 -7.44 -77.37
C VAL G 1100 -14.65 -8.39 -76.65
N THR G 1101 -14.03 -7.90 -75.58
CA THR G 1101 -13.07 -8.66 -74.83
C THR G 1101 -13.53 -8.83 -73.39
N GLN G 1102 -13.00 -9.85 -72.72
CA GLN G 1102 -13.26 -10.00 -71.30
C GLN G 1102 -12.59 -8.86 -70.54
N ARG G 1103 -13.07 -8.61 -69.34
CA ARG G 1103 -12.69 -7.43 -68.60
C ARG G 1103 -11.30 -7.53 -67.98
N ASN G 1104 -10.89 -8.73 -67.55
CA ASN G 1104 -9.66 -8.90 -66.77
C ASN G 1104 -8.47 -9.36 -67.59
N PHE G 1105 -8.61 -9.48 -68.92
CA PHE G 1105 -7.53 -9.94 -69.76
C PHE G 1105 -7.89 -9.58 -71.19
N TYR G 1106 -6.91 -9.09 -71.95
CA TYR G 1106 -7.19 -8.63 -73.30
C TYR G 1106 -7.18 -9.81 -74.26
N GLU G 1107 -8.37 -10.25 -74.66
CA GLU G 1107 -8.54 -11.25 -75.69
C GLU G 1107 -9.70 -10.81 -76.57
N PRO G 1108 -9.42 -10.12 -77.67
CA PRO G 1108 -10.49 -9.52 -78.47
C PRO G 1108 -11.12 -10.51 -79.43
N GLN G 1109 -12.43 -10.38 -79.59
CA GLN G 1109 -13.20 -11.21 -80.51
C GLN G 1109 -14.09 -10.33 -81.36
N ILE G 1110 -14.37 -10.79 -82.58
CA ILE G 1110 -15.28 -10.06 -83.44
C ILE G 1110 -16.67 -10.03 -82.81
N ILE G 1111 -17.33 -8.89 -82.91
CA ILE G 1111 -18.67 -8.75 -82.33
C ILE G 1111 -19.65 -9.59 -83.12
N THR G 1112 -20.42 -10.41 -82.40
CA THR G 1112 -21.35 -11.36 -83.00
C THR G 1112 -22.64 -11.31 -82.22
N THR G 1113 -23.70 -11.87 -82.79
CA THR G 1113 -24.94 -12.02 -82.04
C THR G 1113 -24.86 -13.11 -80.98
N ASP G 1114 -23.78 -13.89 -80.96
CA ASP G 1114 -23.59 -14.93 -79.97
C ASP G 1114 -22.94 -14.44 -78.68
N ASN G 1115 -22.32 -13.26 -78.69
CA ASN G 1115 -21.75 -12.67 -77.49
C ASN G 1115 -22.32 -11.30 -77.18
N THR G 1116 -23.43 -10.94 -77.82
CA THR G 1116 -24.09 -9.65 -77.53
C THR G 1116 -25.57 -9.89 -77.34
N PHE G 1117 -26.17 -9.23 -76.32
CA PHE G 1117 -27.64 -9.36 -76.10
C PHE G 1117 -28.31 -8.06 -76.53
N VAL G 1118 -29.38 -8.17 -77.34
CA VAL G 1118 -30.10 -6.96 -77.82
C VAL G 1118 -31.11 -6.53 -76.75
N SER G 1119 -31.26 -5.23 -76.52
CA SER G 1119 -32.23 -4.72 -75.52
C SER G 1119 -32.58 -3.25 -75.84
N GLY G 1120 -33.77 -3.01 -76.40
CA GLY G 1120 -34.18 -1.63 -76.64
C GLY G 1120 -33.79 -1.07 -77.97
N ASN G 1121 -33.96 0.23 -78.11
CA ASN G 1121 -33.60 0.93 -79.36
C ASN G 1121 -32.35 1.75 -79.08
N CYS G 1122 -31.88 2.50 -80.05
CA CYS G 1122 -30.62 3.23 -79.97
C CYS G 1122 -30.78 4.67 -79.53
N ASP G 1123 -31.97 5.10 -79.17
CA ASP G 1123 -32.22 6.48 -78.79
C ASP G 1123 -32.25 6.71 -77.29
N VAL G 1124 -31.96 5.68 -76.50
CA VAL G 1124 -32.06 5.79 -75.05
C VAL G 1124 -30.72 5.61 -74.34
N VAL G 1125 -29.73 5.00 -74.97
CA VAL G 1125 -28.42 4.81 -74.36
C VAL G 1125 -27.53 5.98 -74.74
N ILE G 1126 -26.82 6.53 -73.76
CA ILE G 1126 -25.95 7.69 -73.96
C ILE G 1126 -24.54 7.18 -74.22
N GLY G 1127 -24.01 7.49 -75.40
CA GLY G 1127 -22.71 7.00 -75.81
C GLY G 1127 -22.74 5.80 -76.74
N ILE G 1128 -23.90 5.47 -77.30
CA ILE G 1128 -24.00 4.31 -78.19
C ILE G 1128 -23.27 4.60 -79.50
N VAL G 1129 -22.64 3.57 -80.06
CA VAL G 1129 -21.72 3.71 -81.18
C VAL G 1129 -22.20 2.88 -82.35
N ASN G 1130 -22.25 3.48 -83.54
CA ASN G 1130 -22.60 2.73 -84.73
C ASN G 1130 -21.53 1.71 -85.08
N ASN G 1131 -21.93 0.49 -85.38
CA ASN G 1131 -21.01 -0.56 -85.78
C ASN G 1131 -21.83 -1.69 -86.39
N THR G 1132 -21.15 -2.79 -86.74
CA THR G 1132 -21.77 -3.93 -87.38
C THR G 1132 -21.69 -5.15 -86.47
N VAL G 1133 -22.79 -5.89 -86.39
CA VAL G 1133 -22.87 -7.14 -85.65
C VAL G 1133 -23.15 -8.25 -86.66
N TYR G 1134 -22.28 -9.25 -86.68
CA TYR G 1134 -22.37 -10.33 -87.66
C TYR G 1134 -23.25 -11.46 -87.14
N ASP G 1135 -24.15 -11.94 -87.98
CA ASP G 1135 -25.05 -13.03 -87.60
C ASP G 1135 -24.70 -14.28 -88.40
N PRO G 1136 -23.99 -15.24 -87.80
CA PRO G 1136 -23.65 -16.46 -88.56
C PRO G 1136 -24.87 -17.25 -88.98
N LEU G 1137 -25.93 -17.25 -88.18
CA LEU G 1137 -27.14 -17.98 -88.55
C LEU G 1137 -27.76 -17.41 -89.82
N GLN G 1138 -27.78 -16.08 -89.96
CA GLN G 1138 -28.35 -15.46 -91.14
C GLN G 1138 -27.42 -15.56 -92.34
N LEU G 1139 -26.11 -15.53 -92.12
CA LEU G 1139 -25.16 -15.63 -93.21
C LEU G 1139 -24.32 -16.90 -93.10
#